data_7P5V
#
_entry.id   7P5V
#
_cell.length_a   1.00
_cell.length_b   1.00
_cell.length_c   1.00
_cell.angle_alpha   90.00
_cell.angle_beta   90.00
_cell.angle_gamma   90.00
#
_symmetry.space_group_name_H-M   'P 1'
#
loop_
_entity.id
_entity.type
_entity.pdbx_description
1 polymer 'Volume-regulated anion channel subunit LRRC8A'
2 polymer 'Synthetic nanobody Sb1'
#
loop_
_entity_poly.entity_id
_entity_poly.type
_entity_poly.pdbx_seq_one_letter_code
_entity_poly.pdbx_strand_id
1 'polypeptide(L)'
;MIPVTELRYFADTQPAYRILKPWWDVFTDYISIVMLMIAVFGGTLQVTQDKMICLPCKWVTKDSCNDSFRGWAASSPEPT
YPNSTVLPTPDTGPTGIKYDLDRHQYNYVDAVCYENRLHWFAKYFPYLVLLHTLIFLACSNFWFKFPRTSSKLEHFVSIL
LKCFDSPWTTRALSETVVEESDPKPAFSKMNGSMDKKSSTVSEDVEATVPMLQRTKSRIEQGIVDRSETGVLDKKEGEQA
KALFEKVKKFRTHVEEGDIVYRLYMRQTIIKVIKFALIICYTVYYVHNIKFDVDCTVDIESLTGYRTYRCAHPLATLFKI
LASFYISLVIFYGLICMYTLWWMLRRSLKKYSFESIREESSYSDIPDVKNDFAFMLHLIDQYDPLYSKRFAVFLSEVSEN
KLRQLNLNNEWTLDKLRQRLTKNAQDKLELHLFMLSGIPDTVFDLVELEVLKLELIPDVTIPPSIAQLTGLKELWLYHTA
AKIEAPALAFLRENLRALHIKFTDIKEIPLWIYSLKTLEELHLTGNLSAENNRYIVIDGLRELKRLKVLRLKSNLSKLPQ
VVTDVGVHLQKLSINNEGTKLIVLNSLKKMVNLTELELIRCDLERIPHSIFSLHNLQEIDLKDNNLKTIEEIISFQHLHR
LTCLKLWYNHIAYIPIQIGNLTNLERLYLNRNKIEKIPTQLFYCRKLRYLDLSHNNLTFLPADIGLLQNLQNLAVTANRI
EALPPELFQCRKLRALHLGNNVLQSLPSRVGELTNLTQIELRGNRLECLPVELGECPLLKRSGLVVEEDLFSTLPPEVKE
RLWRADKEQA
;
A,B,C,D,E,F
2 'polypeptide(L)'
;GSSSQVQLVESGGGLVQAGGSLRLSCAASGFPVGRHFMYWYRQAPGKEREWVAAIYSYGEYTEYADSVKGRFTISRDNAK
NTVYLQMNSLKPEDTAVYYCYVYVGNEYWGQGTQVTVSAGRAGEQKLISEEDLNSAVDHHHHHH
;
G,H,I,J,K,L
#
# COMPACT_ATOMS: atom_id res chain seq x y z
N PRO A 15 1.64 -15.93 -39.63
CA PRO A 15 0.80 -16.27 -38.46
C PRO A 15 1.36 -17.45 -37.67
N ALA A 16 0.52 -18.45 -37.45
CA ALA A 16 0.94 -19.65 -36.73
C ALA A 16 0.67 -20.94 -37.49
N TYR A 17 0.11 -20.85 -38.70
CA TYR A 17 -0.17 -22.05 -39.49
C TYR A 17 1.06 -22.64 -40.13
N ARG A 18 2.23 -22.02 -39.98
CA ARG A 18 3.46 -22.58 -40.52
C ARG A 18 3.83 -23.89 -39.83
N ILE A 19 3.20 -24.22 -38.71
CA ILE A 19 3.50 -25.44 -37.99
C ILE A 19 2.62 -26.62 -38.41
N LEU A 20 1.46 -26.36 -39.01
CA LEU A 20 0.62 -27.44 -39.50
C LEU A 20 1.04 -27.93 -40.87
N LYS A 21 2.06 -27.33 -41.48
CA LYS A 21 2.55 -27.74 -42.78
C LYS A 21 3.78 -28.62 -42.60
N PRO A 22 3.73 -29.90 -42.97
CA PRO A 22 4.94 -30.72 -42.93
C PRO A 22 5.91 -30.30 -44.00
N TRP A 23 7.05 -30.99 -44.11
CA TRP A 23 7.99 -30.67 -45.17
C TRP A 23 7.37 -30.91 -46.54
N TRP A 24 6.57 -31.97 -46.67
CA TRP A 24 6.02 -32.31 -47.97
C TRP A 24 5.00 -31.28 -48.44
N ASP A 25 4.21 -30.70 -47.53
CA ASP A 25 3.28 -29.65 -47.94
C ASP A 25 4.03 -28.42 -48.42
N VAL A 26 5.14 -28.08 -47.78
CA VAL A 26 5.94 -26.96 -48.24
C VAL A 26 6.54 -27.25 -49.62
N PHE A 27 7.05 -28.46 -49.81
CA PHE A 27 7.60 -28.83 -51.10
C PHE A 27 6.55 -28.77 -52.19
N THR A 28 5.35 -29.28 -51.92
CA THR A 28 4.29 -29.24 -52.91
C THR A 28 3.84 -27.81 -53.17
N ASP A 29 3.84 -26.96 -52.15
CA ASP A 29 3.49 -25.55 -52.37
C ASP A 29 4.47 -24.89 -53.33
N TYR A 30 5.77 -25.12 -53.13
CA TYR A 30 6.75 -24.51 -54.04
C TYR A 30 6.69 -25.15 -55.42
N ILE A 31 6.43 -26.46 -55.49
CA ILE A 31 6.30 -27.13 -56.77
C ILE A 31 5.11 -26.57 -57.54
N SER A 32 3.99 -26.35 -56.86
CA SER A 32 2.83 -25.77 -57.50
C SER A 32 3.07 -24.34 -57.94
N ILE A 33 3.87 -23.59 -57.17
CA ILE A 33 4.22 -22.23 -57.61
C ILE A 33 5.03 -22.28 -58.89
N VAL A 34 5.99 -23.21 -58.98
CA VAL A 34 6.78 -23.33 -60.20
C VAL A 34 5.93 -23.80 -61.37
N MET A 35 5.03 -24.75 -61.11
CA MET A 35 4.12 -25.21 -62.17
C MET A 35 3.23 -24.08 -62.66
N LEU A 36 2.73 -23.25 -61.75
CA LEU A 36 1.92 -22.10 -62.14
C LEU A 36 2.74 -21.10 -62.92
N MET A 37 4.02 -20.95 -62.57
CA MET A 37 4.91 -20.07 -63.32
C MET A 37 5.05 -20.54 -64.76
N ILE A 38 5.28 -21.84 -64.96
CA ILE A 38 5.43 -22.31 -66.33
C ILE A 38 4.09 -22.29 -67.06
N ALA A 39 2.98 -22.43 -66.32
CA ALA A 39 1.66 -22.30 -66.93
C ALA A 39 1.45 -20.89 -67.47
N VAL A 40 1.79 -19.89 -66.67
CA VAL A 40 1.61 -18.50 -67.11
C VAL A 40 2.54 -18.17 -68.26
N PHE A 41 3.79 -18.66 -68.21
CA PHE A 41 4.73 -18.41 -69.29
C PHE A 41 4.25 -19.06 -70.59
N GLY A 42 3.86 -20.33 -70.54
CA GLY A 42 3.35 -20.98 -71.71
C GLY A 42 2.07 -20.35 -72.22
N GLY A 43 1.22 -19.89 -71.31
CA GLY A 43 -0.02 -19.25 -71.72
C GLY A 43 0.22 -17.93 -72.43
N THR A 44 1.13 -17.11 -71.90
CA THR A 44 1.42 -15.85 -72.58
C THR A 44 2.09 -16.09 -73.92
N LEU A 45 2.91 -17.14 -74.05
CA LEU A 45 3.47 -17.47 -75.35
C LEU A 45 2.39 -17.92 -76.32
N GLN A 46 1.51 -18.83 -75.88
CA GLN A 46 0.44 -19.34 -76.72
C GLN A 46 -0.56 -18.26 -77.08
N VAL A 47 -0.59 -17.17 -76.30
CA VAL A 47 -1.48 -16.07 -76.66
C VAL A 47 -0.80 -15.12 -77.62
N THR A 48 0.47 -14.79 -77.39
CA THR A 48 1.07 -13.71 -78.15
C THR A 48 1.76 -14.16 -79.43
N GLN A 49 2.33 -15.37 -79.50
CA GLN A 49 2.89 -15.82 -80.78
C GLN A 49 1.95 -16.74 -81.54
N ASP A 50 1.73 -17.95 -81.02
CA ASP A 50 0.78 -18.95 -81.53
C ASP A 50 0.63 -18.94 -83.06
N LYS A 51 1.74 -19.16 -83.75
CA LYS A 51 1.74 -19.14 -85.21
C LYS A 51 2.03 -20.51 -85.77
N MET A 52 1.38 -20.83 -86.89
CA MET A 52 1.86 -21.81 -87.84
C MET A 52 2.21 -21.08 -89.13
N ILE A 53 3.23 -21.56 -89.82
CA ILE A 53 3.67 -20.97 -91.07
C ILE A 53 3.60 -22.06 -92.13
N CYS A 54 2.59 -21.99 -92.99
CA CYS A 54 2.25 -23.06 -93.90
C CYS A 54 2.58 -22.66 -95.33
N LEU A 55 3.39 -23.48 -96.00
CA LEU A 55 3.67 -23.30 -97.40
C LEU A 55 3.04 -24.43 -98.20
N PRO A 56 2.38 -24.13 -99.32
CA PRO A 56 1.76 -25.20 -100.11
C PRO A 56 2.81 -26.09 -100.75
N CYS A 57 2.41 -27.33 -100.99
CA CYS A 57 3.24 -28.32 -101.66
C CYS A 57 2.70 -28.53 -103.07
N LYS A 58 3.55 -28.30 -104.07
CA LYS A 58 3.11 -28.44 -105.45
C LYS A 58 3.02 -29.91 -105.87
N TRP A 59 3.93 -30.74 -105.39
CA TRP A 59 3.95 -32.16 -105.72
C TRP A 59 3.54 -32.95 -104.49
N VAL A 60 2.37 -33.60 -104.56
CA VAL A 60 1.77 -34.30 -103.43
C VAL A 60 1.74 -35.79 -103.74
N THR A 61 2.26 -36.60 -102.81
CA THR A 61 2.26 -38.06 -102.94
C THR A 61 1.59 -38.66 -101.73
N LYS A 62 0.43 -39.29 -101.95
CA LYS A 62 -0.33 -39.96 -100.89
C LYS A 62 -0.67 -38.99 -99.76
N ASP A 63 -1.21 -37.83 -100.14
CA ASP A 63 -1.55 -36.76 -99.20
C ASP A 63 -0.34 -36.38 -98.34
N SER A 64 0.82 -36.30 -98.98
CA SER A 64 2.04 -35.87 -98.32
C SER A 64 2.95 -35.20 -99.33
N CYS A 65 3.77 -34.29 -98.84
CA CYS A 65 4.65 -33.52 -99.72
C CYS A 65 5.78 -34.40 -100.25
N ASN A 66 5.97 -34.39 -101.57
CA ASN A 66 6.92 -35.29 -102.21
C ASN A 66 8.36 -34.86 -102.02
N ASP A 67 8.60 -33.61 -101.65
CA ASP A 67 9.95 -33.10 -101.41
C ASP A 67 10.84 -33.20 -102.65
N SER A 68 10.22 -33.05 -103.82
CA SER A 68 10.97 -33.03 -105.07
C SER A 68 10.63 -31.78 -105.87
N THR A 92 20.94 -19.39 -114.98
CA THR A 92 20.59 -20.80 -114.93
C THR A 92 20.64 -21.33 -113.50
N GLY A 93 20.88 -20.43 -112.56
CA GLY A 93 20.94 -20.79 -111.16
C GLY A 93 19.57 -21.00 -110.57
N PRO A 94 19.50 -21.22 -109.26
CA PRO A 94 18.19 -21.44 -108.63
C PRO A 94 17.34 -20.19 -108.67
N THR A 95 16.02 -20.42 -108.70
CA THR A 95 15.04 -19.34 -108.58
C THR A 95 13.97 -19.78 -107.59
N GLY A 96 13.31 -18.80 -107.00
CA GLY A 96 12.28 -19.10 -106.03
C GLY A 96 11.03 -19.65 -106.65
N ILE A 97 10.34 -20.50 -105.90
CA ILE A 97 9.08 -21.09 -106.33
C ILE A 97 7.97 -20.09 -106.12
N LYS A 98 7.05 -19.99 -107.07
CA LYS A 98 5.94 -19.06 -107.02
C LYS A 98 4.65 -19.82 -106.79
N TYR A 99 3.95 -19.50 -105.71
CA TYR A 99 2.69 -20.15 -105.40
C TYR A 99 1.47 -19.32 -105.74
N ASP A 100 1.67 -18.06 -106.16
CA ASP A 100 0.58 -17.18 -106.55
C ASP A 100 -0.45 -17.01 -105.44
N LEU A 101 0.03 -16.91 -104.21
CA LEU A 101 -0.83 -16.71 -103.05
C LEU A 101 -0.48 -15.38 -102.39
N ASP A 102 -1.49 -14.65 -101.97
CA ASP A 102 -1.27 -13.39 -101.30
C ASP A 102 -1.17 -13.60 -99.80
N ARG A 103 -0.85 -12.51 -99.09
CA ARG A 103 -0.66 -12.59 -97.65
C ARG A 103 -1.89 -13.13 -96.94
N HIS A 104 -3.08 -12.78 -97.44
CA HIS A 104 -4.30 -13.22 -96.77
C HIS A 104 -4.63 -14.68 -97.04
N GLN A 105 -4.33 -15.19 -98.23
CA GLN A 105 -4.50 -16.62 -98.46
C GLN A 105 -3.58 -17.43 -97.58
N TYR A 106 -2.35 -16.96 -97.39
CA TYR A 106 -1.44 -17.60 -96.45
C TYR A 106 -1.97 -17.52 -95.01
N ASN A 107 -2.50 -16.37 -94.62
CA ASN A 107 -3.05 -16.25 -93.28
C ASN A 107 -4.22 -17.20 -93.08
N TYR A 108 -5.07 -17.32 -94.10
CA TYR A 108 -6.22 -18.21 -94.01
C TYR A 108 -5.77 -19.66 -93.89
N VAL A 109 -4.81 -20.09 -94.71
CA VAL A 109 -4.40 -21.48 -94.63
C VAL A 109 -3.65 -21.76 -93.34
N ASP A 110 -2.88 -20.79 -92.83
CA ASP A 110 -2.26 -20.97 -91.53
C ASP A 110 -3.29 -21.10 -90.44
N ALA A 111 -4.34 -20.28 -90.49
CA ALA A 111 -5.40 -20.37 -89.48
C ALA A 111 -6.12 -21.71 -89.55
N VAL A 112 -6.47 -22.16 -90.76
CA VAL A 112 -7.17 -23.43 -90.90
C VAL A 112 -6.30 -24.60 -90.47
N CYS A 113 -5.03 -24.59 -90.87
CA CYS A 113 -4.14 -25.69 -90.50
C CYS A 113 -3.80 -25.67 -89.02
N TYR A 114 -3.81 -24.50 -88.39
CA TYR A 114 -3.66 -24.43 -86.94
C TYR A 114 -4.89 -25.00 -86.25
N GLU A 115 -6.08 -24.63 -86.72
CA GLU A 115 -7.31 -25.10 -86.10
C GLU A 115 -7.47 -26.61 -86.26
N ASN A 116 -7.15 -27.14 -87.43
CA ASN A 116 -7.51 -28.52 -87.77
C ASN A 116 -6.39 -29.51 -87.50
N ARG A 117 -5.19 -29.26 -88.00
CA ARG A 117 -4.15 -30.29 -87.98
C ARG A 117 -3.15 -30.15 -86.84
N LEU A 118 -3.02 -28.98 -86.23
CA LEU A 118 -2.17 -28.90 -85.05
C LEU A 118 -2.83 -29.64 -83.89
N HIS A 119 -2.03 -30.42 -83.17
CA HIS A 119 -2.58 -31.26 -82.13
C HIS A 119 -3.09 -30.42 -80.96
N TRP A 120 -4.18 -30.88 -80.35
CA TRP A 120 -4.80 -30.12 -79.27
C TRP A 120 -3.86 -29.97 -78.08
N PHE A 121 -2.94 -30.93 -77.89
CA PHE A 121 -1.98 -30.80 -76.80
C PHE A 121 -1.02 -29.65 -77.05
N ALA A 122 -0.48 -29.55 -78.27
CA ALA A 122 0.46 -28.49 -78.57
C ALA A 122 -0.16 -27.11 -78.44
N LYS A 123 -1.48 -27.02 -78.55
CA LYS A 123 -2.16 -25.73 -78.42
C LYS A 123 -2.59 -25.44 -77.00
N TYR A 124 -3.15 -26.42 -76.30
CA TYR A 124 -3.78 -26.20 -75.01
C TYR A 124 -2.96 -26.72 -73.85
N PHE A 125 -1.68 -27.01 -74.06
CA PHE A 125 -0.83 -27.43 -72.95
C PHE A 125 -0.80 -26.43 -71.79
N PRO A 126 -0.56 -25.14 -71.99
CA PRO A 126 -0.53 -24.22 -70.83
C PRO A 126 -1.85 -24.13 -70.08
N TYR A 127 -2.98 -24.22 -70.76
CA TYR A 127 -4.26 -24.15 -70.06
C TYR A 127 -4.50 -25.41 -69.26
N LEU A 128 -4.11 -26.57 -69.78
CA LEU A 128 -4.16 -27.79 -68.99
C LEU A 128 -3.28 -27.68 -67.77
N VAL A 129 -2.08 -27.12 -67.92
CA VAL A 129 -1.19 -26.98 -66.77
C VAL A 129 -1.79 -26.05 -65.73
N LEU A 130 -2.37 -24.93 -66.17
CA LEU A 130 -3.02 -24.02 -65.23
C LEU A 130 -4.16 -24.69 -64.50
N LEU A 131 -4.98 -25.45 -65.22
CA LEU A 131 -6.10 -26.15 -64.59
C LEU A 131 -5.60 -27.16 -63.56
N HIS A 132 -4.56 -27.93 -63.91
CA HIS A 132 -4.04 -28.93 -62.97
C HIS A 132 -3.43 -28.27 -61.74
N THR A 133 -2.70 -27.16 -61.91
CA THR A 133 -2.14 -26.50 -60.74
C THR A 133 -3.22 -25.89 -59.87
N LEU A 134 -4.26 -25.33 -60.47
CA LEU A 134 -5.35 -24.78 -59.68
C LEU A 134 -6.04 -25.87 -58.88
N ILE A 135 -6.28 -27.03 -59.50
CA ILE A 135 -6.98 -28.07 -58.75
C ILE A 135 -6.06 -28.73 -57.73
N PHE A 136 -4.74 -28.72 -57.97
CA PHE A 136 -3.79 -29.16 -56.95
C PHE A 136 -3.81 -28.22 -55.74
N LEU A 137 -3.82 -26.91 -55.99
CA LEU A 137 -3.88 -25.96 -54.88
C LEU A 137 -5.21 -26.06 -54.14
N ALA A 138 -6.29 -26.36 -54.87
CA ALA A 138 -7.57 -26.60 -54.22
C ALA A 138 -7.49 -27.82 -53.31
N CYS A 139 -6.89 -28.90 -53.80
CA CYS A 139 -6.75 -30.10 -52.96
C CYS A 139 -5.86 -29.82 -51.76
N SER A 140 -4.87 -28.94 -51.91
CA SER A 140 -4.00 -28.63 -50.78
C SER A 140 -4.73 -27.83 -49.71
N ASN A 141 -5.43 -26.76 -50.10
CA ASN A 141 -5.99 -25.83 -49.14
C ASN A 141 -7.48 -26.04 -48.88
N PHE A 142 -8.05 -27.15 -49.35
CA PHE A 142 -9.46 -27.41 -49.10
C PHE A 142 -9.76 -27.48 -47.61
N TRP A 143 -8.92 -28.17 -46.85
CA TRP A 143 -9.14 -28.29 -45.42
C TRP A 143 -8.87 -26.98 -44.68
N PHE A 144 -8.04 -26.11 -45.24
CA PHE A 144 -7.81 -24.81 -44.62
C PHE A 144 -8.97 -23.86 -44.87
N LYS A 145 -9.63 -23.95 -46.02
CA LYS A 145 -10.76 -23.07 -46.31
C LYS A 145 -12.10 -23.65 -45.88
N PHE A 146 -12.17 -24.95 -45.66
CA PHE A 146 -13.41 -25.57 -45.20
C PHE A 146 -13.67 -25.15 -43.76
N PRO A 147 -14.75 -24.44 -43.47
CA PRO A 147 -14.93 -23.90 -42.11
C PRO A 147 -15.00 -24.97 -41.03
N ARG A 148 -15.61 -26.11 -41.35
CA ARG A 148 -15.81 -27.16 -40.34
C ARG A 148 -14.49 -27.63 -39.76
N THR A 149 -13.49 -27.83 -40.61
CA THR A 149 -12.17 -28.23 -40.16
C THR A 149 -11.24 -27.05 -39.90
N SER A 150 -11.51 -25.90 -40.51
CA SER A 150 -10.72 -24.72 -40.22
C SER A 150 -10.89 -24.30 -38.77
N SER A 151 -12.12 -24.37 -38.24
CA SER A 151 -12.35 -24.05 -36.85
C SER A 151 -11.57 -25.00 -35.94
N LYS A 152 -11.61 -26.30 -36.24
CA LYS A 152 -10.87 -27.27 -35.43
C LYS A 152 -9.38 -26.98 -35.46
N LEU A 153 -8.83 -26.72 -36.64
CA LEU A 153 -7.40 -26.46 -36.74
C LEU A 153 -7.00 -25.20 -35.99
N GLU A 154 -7.80 -24.13 -36.10
CA GLU A 154 -7.44 -22.90 -35.41
C GLU A 154 -7.56 -23.07 -33.90
N HIS A 155 -8.57 -23.79 -33.43
CA HIS A 155 -8.71 -24.07 -32.01
C HIS A 155 -7.52 -24.88 -31.50
N PHE A 156 -7.14 -25.93 -32.25
CA PHE A 156 -6.03 -26.76 -31.85
C PHE A 156 -4.73 -25.97 -31.79
N VAL A 157 -4.48 -25.13 -32.80
CA VAL A 157 -3.23 -24.39 -32.82
C VAL A 157 -3.22 -23.34 -31.72
N SER A 158 -4.38 -22.74 -31.41
CA SER A 158 -4.44 -21.78 -30.31
C SER A 158 -4.12 -22.45 -28.99
N ILE A 159 -4.74 -23.61 -28.73
CA ILE A 159 -4.51 -24.32 -27.48
C ILE A 159 -3.06 -24.76 -27.38
N LEU A 160 -2.51 -25.29 -28.48
CA LEU A 160 -1.11 -25.73 -28.45
C LEU A 160 -0.17 -24.55 -28.23
N LEU A 161 -0.49 -23.39 -28.80
CA LEU A 161 0.33 -22.20 -28.60
C LEU A 161 0.30 -21.76 -27.15
N LYS A 162 -0.89 -21.73 -26.54
CA LYS A 162 -0.96 -21.27 -25.16
C LYS A 162 -0.36 -22.29 -24.19
N CYS A 163 -0.33 -23.57 -24.57
CA CYS A 163 0.36 -24.57 -23.77
C CYS A 163 1.87 -24.46 -23.90
N PHE A 164 2.36 -24.22 -25.13
CA PHE A 164 3.80 -24.17 -25.35
C PHE A 164 4.43 -23.00 -24.61
N ASP A 165 3.74 -21.86 -24.56
CA ASP A 165 4.23 -20.68 -23.86
C ASP A 165 3.79 -20.62 -22.41
N SER A 166 3.08 -21.63 -21.93
CA SER A 166 2.60 -21.63 -20.55
C SER A 166 3.79 -21.67 -19.58
N PRO A 167 3.82 -20.80 -18.57
CA PRO A 167 4.93 -20.84 -17.60
C PRO A 167 5.00 -22.12 -16.79
N TRP A 168 3.88 -22.82 -16.60
CA TRP A 168 3.92 -24.06 -15.83
C TRP A 168 4.52 -25.21 -16.61
N THR A 169 4.48 -25.17 -17.94
CA THR A 169 5.06 -26.24 -18.74
C THR A 169 6.56 -26.36 -18.51
N THR A 170 7.28 -25.25 -18.62
CA THR A 170 8.73 -25.28 -18.42
C THR A 170 9.07 -25.67 -16.99
N ARG A 171 8.28 -25.19 -16.02
CA ARG A 171 8.53 -25.55 -14.62
C ARG A 171 8.38 -27.05 -14.40
N ALA A 172 7.26 -27.62 -14.88
CA ALA A 172 7.02 -29.04 -14.66
C ALA A 172 8.00 -29.91 -15.43
N LEU A 173 8.44 -29.48 -16.60
CA LEU A 173 9.41 -30.29 -17.34
C LEU A 173 10.81 -30.14 -16.77
N SER A 174 11.15 -28.97 -16.21
CA SER A 174 12.45 -28.81 -15.57
C SER A 174 12.53 -29.61 -14.27
N GLU A 175 11.49 -29.55 -13.45
CA GLU A 175 11.47 -30.34 -12.23
C GLU A 175 11.49 -31.83 -12.55
N THR A 176 10.71 -32.25 -13.55
CA THR A 176 10.67 -33.63 -14.02
C THR A 176 10.43 -34.63 -12.89
N GLY A 230 9.87 -23.76 -4.01
CA GLY A 230 9.00 -23.65 -5.17
C GLY A 230 7.69 -22.93 -4.87
N VAL A 231 7.58 -21.69 -5.32
CA VAL A 231 6.39 -20.87 -5.13
C VAL A 231 6.01 -20.24 -6.47
N LEU A 232 4.72 -20.25 -6.77
CA LEU A 232 4.19 -19.68 -8.00
C LEU A 232 3.12 -18.65 -7.67
N ASP A 233 2.81 -17.82 -8.66
CA ASP A 233 1.71 -16.87 -8.52
C ASP A 233 0.39 -17.62 -8.39
N LYS A 234 -0.52 -17.08 -7.57
CA LYS A 234 -1.87 -17.64 -7.52
C LYS A 234 -2.59 -17.45 -8.85
N LYS A 235 -2.40 -16.29 -9.48
CA LYS A 235 -3.05 -16.02 -10.75
C LYS A 235 -2.57 -16.98 -11.84
N GLU A 236 -1.26 -17.25 -11.88
CA GLU A 236 -0.76 -18.20 -12.88
C GLU A 236 -1.25 -19.60 -12.60
N GLY A 237 -1.45 -19.97 -11.33
CA GLY A 237 -2.05 -21.26 -11.03
C GLY A 237 -3.49 -21.35 -11.48
N GLU A 238 -4.25 -20.25 -11.32
CA GLU A 238 -5.60 -20.21 -11.86
C GLU A 238 -5.59 -20.31 -13.37
N GLN A 239 -4.61 -19.68 -14.01
CA GLN A 239 -4.45 -19.80 -15.46
C GLN A 239 -4.21 -21.24 -15.85
N ALA A 240 -3.33 -21.94 -15.14
CA ALA A 240 -3.02 -23.33 -15.46
C ALA A 240 -4.23 -24.23 -15.23
N LYS A 241 -5.01 -23.97 -14.17
CA LYS A 241 -6.21 -24.76 -13.93
C LYS A 241 -7.24 -24.53 -15.03
N ALA A 242 -7.42 -23.28 -15.44
CA ALA A 242 -8.30 -22.99 -16.57
C ALA A 242 -7.81 -23.68 -17.83
N LEU A 243 -6.49 -23.74 -18.01
CA LEU A 243 -5.92 -24.40 -19.18
C LEU A 243 -6.17 -25.90 -19.14
N PHE A 244 -6.09 -26.50 -17.96
CA PHE A 244 -6.43 -27.92 -17.83
C PHE A 244 -7.89 -28.17 -18.19
N GLU A 245 -8.78 -27.29 -17.71
CA GLU A 245 -10.19 -27.43 -18.07
C GLU A 245 -10.40 -27.25 -19.57
N LYS A 246 -9.70 -26.29 -20.17
CA LYS A 246 -9.80 -26.06 -21.60
C LYS A 246 -9.35 -27.28 -22.39
N VAL A 247 -8.24 -27.90 -21.97
CA VAL A 247 -7.76 -29.09 -22.66
C VAL A 247 -8.73 -30.23 -22.48
N LYS A 248 -9.37 -30.34 -21.32
CA LYS A 248 -10.42 -31.34 -21.14
C LYS A 248 -11.55 -31.14 -22.13
N LYS A 249 -12.03 -29.90 -22.25
CA LYS A 249 -13.11 -29.61 -23.19
C LYS A 249 -12.68 -29.90 -24.62
N PHE A 250 -11.44 -29.52 -24.96
CA PHE A 250 -10.94 -29.75 -26.32
C PHE A 250 -10.87 -31.24 -26.63
N ARG A 251 -10.37 -32.04 -25.69
CA ARG A 251 -10.29 -33.47 -25.92
C ARG A 251 -11.69 -34.07 -26.06
N THR A 252 -12.64 -33.60 -25.26
CA THR A 252 -14.00 -34.09 -25.37
C THR A 252 -14.61 -33.75 -26.73
N HIS A 253 -14.36 -32.53 -27.21
CA HIS A 253 -14.99 -32.06 -28.44
C HIS A 253 -14.34 -32.68 -29.67
N VAL A 254 -13.04 -32.95 -29.61
CA VAL A 254 -12.29 -33.33 -30.81
C VAL A 254 -12.30 -34.84 -31.04
N GLU A 255 -12.25 -35.66 -29.99
CA GLU A 255 -12.10 -37.09 -30.15
C GLU A 255 -13.26 -37.72 -30.90
N GLU A 256 -14.39 -37.04 -31.02
CA GLU A 256 -15.51 -37.55 -31.81
C GLU A 256 -15.45 -37.12 -33.27
N GLY A 257 -14.55 -36.19 -33.62
CA GLY A 257 -14.53 -35.57 -34.93
C GLY A 257 -14.44 -36.50 -36.12
N ASP A 258 -13.28 -37.15 -36.29
CA ASP A 258 -13.01 -38.00 -37.45
C ASP A 258 -13.20 -37.26 -38.77
N ILE A 259 -12.96 -35.95 -38.78
CA ILE A 259 -13.24 -35.13 -39.96
C ILE A 259 -11.96 -34.56 -40.56
N VAL A 260 -11.06 -34.04 -39.73
CA VAL A 260 -9.81 -33.50 -40.27
C VAL A 260 -8.98 -34.63 -40.90
N TYR A 261 -8.93 -35.78 -40.24
CA TYR A 261 -8.20 -36.91 -40.78
C TYR A 261 -8.80 -37.36 -42.11
N ARG A 262 -10.13 -37.45 -42.19
CA ARG A 262 -10.76 -37.86 -43.43
C ARG A 262 -10.52 -36.85 -44.54
N LEU A 263 -10.58 -35.56 -44.22
CA LEU A 263 -10.30 -34.54 -45.22
C LEU A 263 -8.88 -34.67 -45.76
N TYR A 264 -7.91 -34.83 -44.87
CA TYR A 264 -6.53 -34.96 -45.33
C TYR A 264 -6.34 -36.22 -46.17
N MET A 265 -6.95 -37.34 -45.75
CA MET A 265 -6.84 -38.57 -46.50
C MET A 265 -7.43 -38.43 -47.89
N ARG A 266 -8.61 -37.81 -47.99
CA ARG A 266 -9.24 -37.64 -49.29
C ARG A 266 -8.48 -36.68 -50.18
N GLN A 267 -7.93 -35.61 -49.59
CA GLN A 267 -7.09 -34.70 -50.37
C GLN A 267 -5.90 -35.43 -50.97
N THR A 268 -5.22 -36.24 -50.15
CA THR A 268 -4.04 -36.94 -50.66
C THR A 268 -4.41 -38.01 -51.68
N ILE A 269 -5.54 -38.69 -51.48
CA ILE A 269 -5.97 -39.67 -52.47
C ILE A 269 -6.28 -38.98 -53.80
N ILE A 270 -6.97 -37.85 -53.76
CA ILE A 270 -7.28 -37.13 -54.98
C ILE A 270 -6.01 -36.66 -55.65
N LYS A 271 -5.06 -36.13 -54.87
CA LYS A 271 -3.79 -35.72 -55.45
C LYS A 271 -3.09 -36.87 -56.15
N VAL A 272 -3.10 -38.05 -55.52
CA VAL A 272 -2.39 -39.19 -56.11
C VAL A 272 -3.06 -39.64 -57.40
N ILE A 273 -4.39 -39.76 -57.39
CA ILE A 273 -5.06 -40.22 -58.61
C ILE A 273 -4.90 -39.19 -59.73
N LYS A 274 -4.94 -37.91 -59.38
CA LYS A 274 -4.79 -36.87 -60.40
C LYS A 274 -3.39 -36.84 -60.96
N PHE A 275 -2.37 -37.01 -60.10
CA PHE A 275 -1.01 -37.09 -60.60
C PHE A 275 -0.85 -38.28 -61.54
N ALA A 276 -1.42 -39.42 -61.17
CA ALA A 276 -1.34 -40.59 -62.05
C ALA A 276 -1.97 -40.30 -63.40
N LEU A 277 -3.18 -39.71 -63.40
CA LEU A 277 -3.86 -39.44 -64.66
C LEU A 277 -3.10 -38.45 -65.53
N ILE A 278 -2.60 -37.36 -64.92
CA ILE A 278 -1.94 -36.35 -65.73
C ILE A 278 -0.59 -36.84 -66.23
N ILE A 279 0.14 -37.63 -65.43
CA ILE A 279 1.37 -38.23 -65.93
C ILE A 279 1.05 -39.15 -67.10
N CYS A 280 0.02 -39.96 -66.97
CA CYS A 280 -0.36 -40.87 -68.04
C CYS A 280 -0.60 -40.11 -69.34
N TYR A 281 -1.56 -39.18 -69.34
CA TYR A 281 -1.94 -38.55 -70.61
C TYR A 281 -0.85 -37.63 -71.13
N THR A 282 -0.17 -36.90 -70.24
CA THR A 282 0.89 -36.01 -70.70
C THR A 282 2.04 -36.78 -71.33
N VAL A 283 2.44 -37.90 -70.73
CA VAL A 283 3.50 -38.72 -71.33
C VAL A 283 3.03 -39.29 -72.66
N TYR A 284 1.76 -39.71 -72.74
CA TYR A 284 1.28 -40.28 -73.98
C TYR A 284 1.20 -39.26 -75.10
N TYR A 285 0.97 -37.98 -74.78
CA TYR A 285 0.72 -36.98 -75.80
C TYR A 285 1.84 -35.97 -76.02
N VAL A 286 2.91 -36.02 -75.24
CA VAL A 286 3.96 -35.03 -75.42
C VAL A 286 4.71 -35.20 -76.74
N HIS A 287 4.54 -36.33 -77.42
CA HIS A 287 5.28 -36.52 -78.67
C HIS A 287 4.62 -35.84 -79.86
N ASN A 288 3.39 -35.33 -79.70
CA ASN A 288 2.70 -34.65 -80.79
C ASN A 288 3.08 -33.18 -80.89
N ILE A 289 4.01 -32.70 -80.07
CA ILE A 289 4.49 -31.32 -80.16
C ILE A 289 5.69 -31.35 -81.10
N LYS A 290 5.42 -31.29 -82.39
CA LYS A 290 6.44 -31.32 -83.42
C LYS A 290 6.59 -29.94 -84.04
N PHE A 291 7.80 -29.63 -84.50
CA PHE A 291 8.01 -28.35 -85.17
C PHE A 291 7.37 -28.33 -86.55
N ASP A 292 7.61 -29.36 -87.35
CA ASP A 292 7.12 -29.41 -88.71
C ASP A 292 5.89 -30.30 -88.80
N VAL A 293 4.81 -29.73 -89.33
CA VAL A 293 3.51 -30.39 -89.39
C VAL A 293 3.06 -30.40 -90.85
N ASP A 294 2.20 -31.36 -91.18
CA ASP A 294 1.60 -31.45 -92.50
C ASP A 294 0.09 -31.41 -92.36
N CYS A 295 -0.58 -30.63 -93.20
CA CYS A 295 -2.04 -30.60 -93.21
C CYS A 295 -2.57 -30.79 -94.61
N THR A 296 -3.64 -31.57 -94.70
CA THR A 296 -4.45 -31.71 -95.91
C THR A 296 -5.85 -31.27 -95.48
N VAL A 297 -6.13 -29.97 -95.60
CA VAL A 297 -7.30 -29.39 -94.95
C VAL A 297 -8.48 -29.21 -95.89
N ASP A 298 -8.33 -29.57 -97.17
CA ASP A 298 -9.42 -29.47 -98.15
C ASP A 298 -9.95 -28.04 -98.25
N ILE A 299 -9.05 -27.13 -98.60
CA ILE A 299 -9.41 -25.77 -99.02
C ILE A 299 -8.72 -25.57 -100.36
N GLU A 300 -9.38 -25.95 -101.44
CA GLU A 300 -8.83 -25.77 -102.77
C GLU A 300 -9.61 -24.78 -103.60
N SER A 301 -10.91 -24.65 -103.34
CA SER A 301 -11.68 -23.58 -103.94
C SER A 301 -11.27 -22.22 -103.44
N LEU A 302 -10.48 -22.15 -102.36
CA LEU A 302 -10.04 -20.91 -101.78
C LEU A 302 -8.55 -20.63 -101.96
N THR A 303 -7.73 -21.66 -102.15
CA THR A 303 -6.30 -21.49 -102.38
C THR A 303 -5.78 -22.20 -103.62
N GLY A 304 -6.47 -23.21 -104.13
CA GLY A 304 -6.00 -23.95 -105.27
C GLY A 304 -5.04 -25.07 -104.96
N TYR A 305 -4.63 -25.21 -103.69
CA TYR A 305 -3.66 -26.22 -103.28
C TYR A 305 -4.32 -27.22 -102.35
N ARG A 306 -3.84 -28.46 -102.42
CA ARG A 306 -4.43 -29.54 -101.63
C ARG A 306 -3.82 -29.60 -100.24
N THR A 307 -2.51 -29.81 -100.15
CA THR A 307 -1.82 -30.01 -98.89
C THR A 307 -0.80 -28.91 -98.69
N TYR A 308 -0.35 -28.78 -97.44
CA TYR A 308 0.58 -27.74 -97.04
C TYR A 308 1.57 -28.31 -96.06
N ARG A 309 2.74 -27.69 -95.98
CA ARG A 309 3.75 -28.04 -95.00
C ARG A 309 3.95 -26.86 -94.08
N CYS A 310 3.84 -27.09 -92.78
CA CYS A 310 3.80 -26.01 -91.82
C CYS A 310 4.89 -26.16 -90.78
N ALA A 311 5.36 -25.02 -90.28
CA ALA A 311 6.27 -24.95 -89.16
C ALA A 311 5.53 -24.37 -87.96
N HIS A 312 5.70 -25.02 -86.81
CA HIS A 312 5.18 -24.52 -85.55
C HIS A 312 6.37 -24.01 -84.74
N PRO A 313 6.71 -22.73 -84.84
CA PRO A 313 7.96 -22.26 -84.21
C PRO A 313 8.01 -22.44 -82.71
N LEU A 314 6.88 -22.40 -82.01
CA LEU A 314 6.87 -22.58 -80.57
C LEU A 314 6.80 -24.03 -80.15
N ALA A 315 7.06 -24.98 -81.05
CA ALA A 315 6.93 -26.38 -80.70
C ALA A 315 8.08 -26.85 -79.81
N THR A 316 9.30 -26.36 -80.06
CA THR A 316 10.43 -26.83 -79.28
C THR A 316 10.41 -26.25 -77.88
N LEU A 317 10.08 -24.97 -77.75
CA LEU A 317 9.94 -24.38 -76.41
C LEU A 317 8.81 -25.06 -75.65
N PHE A 318 7.72 -25.38 -76.34
CA PHE A 318 6.61 -26.05 -75.66
C PHE A 318 6.98 -27.47 -75.26
N LYS A 319 7.79 -28.17 -76.06
CA LYS A 319 8.22 -29.50 -75.66
C LYS A 319 9.18 -29.43 -74.47
N ILE A 320 10.04 -28.42 -74.43
CA ILE A 320 10.89 -28.22 -73.26
C ILE A 320 10.05 -27.96 -72.03
N LEU A 321 9.05 -27.07 -72.13
CA LEU A 321 8.19 -26.76 -71.00
C LEU A 321 7.39 -27.98 -70.58
N ALA A 322 6.93 -28.79 -71.53
CA ALA A 322 6.16 -29.96 -71.19
C ALA A 322 7.02 -31.01 -70.49
N SER A 323 8.28 -31.18 -70.91
CA SER A 323 9.15 -32.11 -70.21
C SER A 323 9.48 -31.60 -68.81
N PHE A 324 9.70 -30.30 -68.68
CA PHE A 324 9.89 -29.71 -67.36
C PHE A 324 8.67 -29.93 -66.48
N TYR A 325 7.48 -29.84 -67.08
CA TYR A 325 6.25 -30.07 -66.34
C TYR A 325 6.08 -31.53 -65.94
N ILE A 326 6.46 -32.47 -66.80
CA ILE A 326 6.36 -33.87 -66.39
C ILE A 326 7.35 -34.15 -65.26
N SER A 327 8.52 -33.51 -65.27
CA SER A 327 9.43 -33.66 -64.15
C SER A 327 8.83 -33.12 -62.86
N LEU A 328 8.23 -31.92 -62.92
CA LEU A 328 7.62 -31.33 -61.74
C LEU A 328 6.48 -32.18 -61.22
N VAL A 329 5.65 -32.70 -62.13
CA VAL A 329 4.53 -33.54 -61.72
C VAL A 329 5.03 -34.85 -61.15
N ILE A 330 6.14 -35.39 -61.67
CA ILE A 330 6.72 -36.59 -61.08
C ILE A 330 7.16 -36.32 -59.64
N PHE A 331 7.82 -35.19 -59.40
CA PHE A 331 8.23 -34.87 -58.03
C PHE A 331 7.03 -34.69 -57.12
N TYR A 332 6.01 -33.96 -57.59
CA TYR A 332 4.79 -33.78 -56.81
C TYR A 332 4.13 -35.10 -56.49
N GLY A 333 4.05 -36.00 -57.48
CA GLY A 333 3.42 -37.29 -57.26
C GLY A 333 4.20 -38.18 -56.32
N LEU A 334 5.54 -38.14 -56.41
CA LEU A 334 6.34 -38.92 -55.47
C LEU A 334 6.13 -38.42 -54.05
N ILE A 335 6.11 -37.11 -53.86
CA ILE A 335 5.86 -36.54 -52.53
C ILE A 335 4.48 -36.94 -52.03
N CYS A 336 3.48 -36.90 -52.92
CA CYS A 336 2.12 -37.25 -52.50
C CYS A 336 1.98 -38.73 -52.21
N MET A 337 2.68 -39.60 -52.96
CA MET A 337 2.66 -41.01 -52.65
C MET A 337 3.35 -41.30 -51.32
N TYR A 338 4.42 -40.56 -51.02
CA TYR A 338 5.03 -40.68 -49.70
C TYR A 338 4.06 -40.28 -48.61
N THR A 339 3.35 -39.16 -48.80
CA THR A 339 2.37 -38.74 -47.81
C THR A 339 1.26 -39.77 -47.64
N LEU A 340 0.78 -40.32 -48.75
CA LEU A 340 -0.25 -41.34 -48.68
C LEU A 340 0.24 -42.58 -47.94
N TRP A 341 1.48 -43.00 -48.20
CA TRP A 341 2.02 -44.16 -47.50
C TRP A 341 2.20 -43.87 -46.02
N TRP A 342 2.67 -42.67 -45.66
CA TRP A 342 2.80 -42.29 -44.26
C TRP A 342 1.45 -42.36 -43.56
N MET A 343 0.42 -41.81 -44.19
CA MET A 343 -0.91 -41.83 -43.60
C MET A 343 -1.46 -43.25 -43.49
N LEU A 344 -1.25 -44.08 -44.52
CA LEU A 344 -1.77 -45.42 -44.51
C LEU A 344 -0.96 -46.35 -43.61
N ARG A 345 0.25 -45.93 -43.24
CA ARG A 345 1.14 -46.78 -42.45
C ARG A 345 0.99 -46.50 -40.96
N ARG A 346 1.07 -45.23 -40.56
CA ARG A 346 1.11 -44.92 -39.14
C ARG A 346 -0.18 -45.28 -38.43
N SER A 347 -1.32 -45.28 -39.14
CA SER A 347 -2.64 -45.45 -38.55
C SER A 347 -2.89 -44.37 -37.49
N LEU A 348 -2.91 -43.14 -37.98
CA LEU A 348 -2.90 -41.95 -37.14
C LEU A 348 -4.23 -41.65 -36.47
N LYS A 349 -5.15 -42.60 -36.43
CA LYS A 349 -6.33 -42.43 -35.59
C LYS A 349 -6.03 -42.64 -34.11
N LYS A 350 -4.83 -43.12 -33.78
CA LYS A 350 -4.45 -43.43 -32.42
C LYS A 350 -3.01 -42.99 -32.19
N TYR A 351 -2.82 -42.10 -31.20
CA TYR A 351 -1.51 -41.55 -30.88
C TYR A 351 -1.11 -42.09 -29.51
N SER A 352 0.00 -42.82 -29.46
CA SER A 352 0.35 -43.58 -28.26
C SER A 352 0.75 -42.67 -27.11
N PHE A 353 1.59 -41.67 -27.38
CA PHE A 353 1.96 -40.67 -26.39
C PHE A 353 2.78 -41.25 -25.24
N GLU A 354 3.04 -42.55 -25.29
CA GLU A 354 3.65 -43.23 -24.14
C GLU A 354 5.13 -42.93 -23.97
N SER A 355 5.81 -42.48 -25.03
CA SER A 355 7.25 -42.22 -24.92
C SER A 355 7.54 -41.12 -23.91
N ILE A 356 6.86 -39.98 -24.03
CA ILE A 356 7.07 -38.90 -23.07
C ILE A 356 6.52 -39.28 -21.70
N ARG A 357 5.40 -40.02 -21.67
CA ARG A 357 4.82 -40.41 -20.39
C ARG A 357 5.76 -41.36 -19.64
N GLU A 358 6.64 -42.05 -20.36
CA GLU A 358 7.64 -42.88 -19.71
C GLU A 358 8.90 -42.08 -19.38
N GLU A 359 9.26 -41.10 -20.22
CA GLU A 359 10.44 -40.29 -19.96
C GLU A 359 10.25 -39.40 -18.74
N SER A 360 9.10 -38.75 -18.64
CA SER A 360 8.80 -37.84 -17.55
C SER A 360 8.01 -38.51 -16.43
N SER A 361 7.74 -39.81 -16.54
CA SER A 361 7.06 -40.60 -15.53
C SER A 361 5.69 -40.00 -15.18
N TYR A 362 4.83 -39.94 -16.20
CA TYR A 362 3.41 -39.58 -16.04
C TYR A 362 2.61 -40.73 -16.65
N SER A 363 2.36 -41.77 -15.86
CA SER A 363 1.60 -42.90 -16.37
C SER A 363 0.15 -42.54 -16.66
N ASP A 364 -0.33 -41.41 -16.16
CA ASP A 364 -1.70 -40.95 -16.44
C ASP A 364 -1.73 -40.05 -17.68
N ILE A 365 -1.15 -40.55 -18.77
CA ILE A 365 -1.26 -39.93 -20.08
C ILE A 365 -1.79 -40.98 -21.05
N PRO A 366 -3.09 -41.00 -21.30
CA PRO A 366 -3.69 -42.06 -22.11
C PRO A 366 -3.49 -41.80 -23.60
N ASP A 367 -3.88 -42.79 -24.39
CA ASP A 367 -3.86 -42.64 -25.84
C ASP A 367 -5.01 -41.76 -26.29
N VAL A 368 -4.70 -40.79 -27.14
CA VAL A 368 -5.72 -39.93 -27.71
C VAL A 368 -6.32 -40.61 -28.93
N LYS A 369 -7.57 -40.29 -29.22
CA LYS A 369 -8.33 -40.99 -30.23
C LYS A 369 -8.29 -40.24 -31.56
N ASN A 370 -9.14 -40.67 -32.50
CA ASN A 370 -9.12 -40.17 -33.86
C ASN A 370 -9.41 -38.67 -33.90
N ASP A 371 -8.77 -38.00 -34.86
CA ASP A 371 -8.92 -36.57 -35.15
C ASP A 371 -8.26 -35.73 -34.08
N PHE A 372 -7.84 -36.36 -33.00
CA PHE A 372 -6.95 -35.78 -32.02
C PHE A 372 -5.57 -36.39 -32.08
N ALA A 373 -5.48 -37.66 -32.43
CA ALA A 373 -4.20 -38.27 -32.76
C ALA A 373 -3.60 -37.64 -34.00
N PHE A 374 -4.44 -37.29 -34.97
CA PHE A 374 -3.94 -36.85 -36.27
C PHE A 374 -3.24 -35.50 -36.19
N MET A 375 -3.84 -34.53 -35.50
CA MET A 375 -3.20 -33.22 -35.39
C MET A 375 -1.91 -33.32 -34.59
N LEU A 376 -1.89 -34.18 -33.58
CA LEU A 376 -0.66 -34.40 -32.83
C LEU A 376 0.41 -35.01 -33.72
N HIS A 377 0.02 -35.94 -34.61
CA HIS A 377 0.98 -36.49 -35.55
C HIS A 377 1.53 -35.42 -36.49
N LEU A 378 0.67 -34.53 -36.98
CA LEU A 378 1.12 -33.46 -37.86
C LEU A 378 2.11 -32.55 -37.14
N ILE A 379 1.79 -32.17 -35.91
CA ILE A 379 2.72 -31.36 -35.13
C ILE A 379 4.03 -32.11 -34.90
N ASP A 380 3.94 -33.40 -34.58
CA ASP A 380 5.11 -34.23 -34.41
C ASP A 380 5.99 -34.20 -35.64
N GLN A 381 5.37 -34.21 -36.83
CA GLN A 381 6.13 -34.02 -38.07
C GLN A 381 6.82 -32.66 -38.07
N TYR A 382 6.10 -31.61 -37.68
CA TYR A 382 6.78 -30.32 -37.55
C TYR A 382 7.77 -30.33 -36.38
N ASP A 383 7.31 -30.74 -35.20
CA ASP A 383 8.15 -30.72 -34.01
C ASP A 383 7.52 -31.57 -32.89
N PRO A 384 8.26 -32.51 -32.31
CA PRO A 384 7.73 -33.26 -31.16
C PRO A 384 7.68 -32.43 -29.88
N LEU A 385 8.38 -31.30 -29.83
CA LEU A 385 8.45 -30.50 -28.62
C LEU A 385 7.09 -29.94 -28.25
N TYR A 386 6.29 -29.54 -29.24
CA TYR A 386 4.95 -29.02 -28.96
C TYR A 386 4.06 -30.10 -28.36
N SER A 387 4.12 -31.32 -28.88
CA SER A 387 3.38 -32.42 -28.27
C SER A 387 3.89 -32.72 -26.87
N LYS A 388 5.19 -32.58 -26.64
CA LYS A 388 5.73 -32.75 -25.29
C LYS A 388 5.09 -31.74 -24.33
N ARG A 389 5.09 -30.46 -24.72
CA ARG A 389 4.49 -29.44 -23.86
C ARG A 389 2.98 -29.63 -23.70
N PHE A 390 2.34 -30.26 -24.67
CA PHE A 390 0.90 -30.50 -24.59
C PHE A 390 0.57 -31.68 -23.68
N ALA A 391 1.46 -32.68 -23.62
CA ALA A 391 1.19 -33.88 -22.85
C ALA A 391 0.98 -33.58 -21.37
N VAL A 392 1.78 -32.67 -20.81
CA VAL A 392 1.68 -32.39 -19.39
C VAL A 392 0.31 -31.81 -19.05
N PHE A 393 -0.20 -30.93 -19.89
CA PHE A 393 -1.56 -30.43 -19.70
C PHE A 393 -2.61 -31.50 -20.00
N LEU A 394 -2.23 -32.54 -20.73
CA LEU A 394 -3.19 -33.62 -20.96
C LEU A 394 -3.24 -34.64 -19.82
N SER A 395 -2.28 -34.61 -18.90
CA SER A 395 -2.19 -35.63 -17.86
C SER A 395 -3.03 -35.25 -16.65
N GLU A 396 -3.35 -36.27 -15.84
CA GLU A 396 -4.14 -36.11 -14.63
C GLU A 396 -3.29 -35.83 -13.40
N VAL A 397 -2.16 -36.53 -13.26
CA VAL A 397 -1.30 -36.34 -12.09
C VAL A 397 -0.74 -34.93 -12.04
N SER A 398 -0.39 -34.38 -13.20
CA SER A 398 0.10 -33.00 -13.23
C SER A 398 -0.96 -32.03 -12.73
N GLU A 399 -2.24 -32.32 -12.99
CA GLU A 399 -3.30 -31.48 -12.45
C GLU A 399 -3.32 -31.53 -10.93
N ASN A 400 -3.14 -32.71 -10.34
CA ASN A 400 -3.09 -32.83 -8.89
C ASN A 400 -1.90 -32.07 -8.33
N LYS A 401 -0.74 -32.18 -8.99
CA LYS A 401 0.43 -31.44 -8.54
C LYS A 401 0.20 -29.93 -8.63
N LEU A 402 -0.49 -29.49 -9.70
CA LEU A 402 -0.81 -28.06 -9.83
C LEU A 402 -1.73 -27.61 -8.70
N ARG A 403 -2.73 -28.43 -8.36
CA ARG A 403 -3.60 -28.11 -7.23
C ARG A 403 -2.79 -28.00 -5.95
N GLN A 404 -1.88 -28.96 -5.72
CA GLN A 404 -1.08 -28.93 -4.50
C GLN A 404 -0.19 -27.71 -4.44
N LEU A 405 0.40 -27.33 -5.57
CA LEU A 405 1.25 -26.13 -5.59
C LEU A 405 0.44 -24.87 -5.36
N ASN A 406 -0.76 -24.77 -5.94
CA ASN A 406 -1.62 -23.64 -5.66
C ASN A 406 -2.00 -23.60 -4.18
N LEU A 407 -2.26 -24.76 -3.59
CA LEU A 407 -2.60 -24.82 -2.17
C LEU A 407 -1.43 -24.35 -1.31
N ASN A 408 -0.22 -24.82 -1.61
CA ASN A 408 0.95 -24.38 -0.87
C ASN A 408 1.18 -22.89 -1.02
N ASN A 409 0.95 -22.34 -2.21
CA ASN A 409 0.98 -20.89 -2.38
C ASN A 409 -0.08 -20.22 -1.55
N GLU A 410 -1.24 -20.88 -1.37
CA GLU A 410 -2.34 -20.29 -0.63
C GLU A 410 -2.15 -20.41 0.87
N TRP A 411 -1.71 -21.58 1.34
CA TRP A 411 -1.52 -21.85 2.77
C TRP A 411 -0.06 -22.20 3.00
N THR A 412 0.76 -21.18 3.21
CA THR A 412 2.18 -21.38 3.44
C THR A 412 2.43 -21.78 4.90
N LEU A 413 3.68 -22.18 5.18
CA LEU A 413 4.05 -22.57 6.53
C LEU A 413 3.90 -21.40 7.50
N ASP A 414 4.27 -20.19 7.08
CA ASP A 414 4.15 -19.03 7.94
C ASP A 414 2.68 -18.74 8.28
N LYS A 415 1.82 -18.74 7.26
CA LYS A 415 0.40 -18.46 7.50
C LYS A 415 -0.23 -19.54 8.36
N LEU A 416 0.14 -20.80 8.13
CA LEU A 416 -0.39 -21.89 8.94
C LEU A 416 0.07 -21.76 10.39
N ARG A 417 1.35 -21.46 10.61
CA ARG A 417 1.85 -21.35 11.98
C ARG A 417 1.24 -20.16 12.70
N GLN A 418 1.05 -19.05 12.00
CA GLN A 418 0.35 -17.91 12.60
C GLN A 418 -1.10 -18.26 12.91
N ARG A 419 -1.75 -19.03 12.03
CA ARG A 419 -3.12 -19.47 12.24
C ARG A 419 -3.24 -20.55 13.31
N LEU A 420 -2.12 -21.10 13.78
CA LEU A 420 -2.16 -22.14 14.80
C LEU A 420 -2.73 -21.60 16.10
N THR A 421 -3.63 -22.37 16.71
CA THR A 421 -4.27 -21.99 17.96
C THR A 421 -4.22 -23.16 18.92
N LYS A 422 -4.76 -22.93 20.12
CA LYS A 422 -4.87 -23.95 21.16
C LYS A 422 -6.32 -24.13 21.54
N ASN A 423 -6.75 -25.38 21.68
CA ASN A 423 -8.11 -25.67 22.10
C ASN A 423 -8.22 -25.51 23.62
N ALA A 424 -9.36 -25.91 24.17
CA ALA A 424 -9.57 -25.81 25.60
C ALA A 424 -8.80 -26.88 26.39
N GLN A 425 -8.31 -27.92 25.73
CA GLN A 425 -7.61 -29.02 26.38
C GLN A 425 -6.12 -28.77 26.52
N ASP A 426 -5.67 -27.52 26.39
CA ASP A 426 -4.26 -27.17 26.47
C ASP A 426 -3.44 -27.96 25.45
N LYS A 427 -4.01 -28.14 24.26
CA LYS A 427 -3.36 -28.85 23.17
C LYS A 427 -3.19 -27.93 21.98
N LEU A 428 -2.11 -28.14 21.23
CA LEU A 428 -1.87 -27.40 20.00
C LEU A 428 -2.62 -28.07 18.87
N GLU A 429 -3.52 -27.33 18.22
CA GLU A 429 -4.40 -27.87 17.19
C GLU A 429 -4.43 -26.94 15.99
N LEU A 430 -4.61 -27.52 14.81
CA LEU A 430 -4.80 -26.79 13.57
C LEU A 430 -6.13 -27.19 12.95
N HIS A 431 -6.93 -26.20 12.58
CA HIS A 431 -8.25 -26.43 12.01
C HIS A 431 -8.22 -26.08 10.52
N LEU A 432 -8.49 -27.07 9.69
CA LEU A 432 -8.56 -26.89 8.24
C LEU A 432 -10.02 -27.06 7.83
N PHE A 433 -10.62 -25.98 7.35
CA PHE A 433 -12.04 -25.94 7.02
C PHE A 433 -12.21 -25.56 5.57
N MET A 434 -12.91 -26.40 4.82
CA MET A 434 -13.31 -26.14 3.43
C MET A 434 -12.10 -25.77 2.57
N LEU A 435 -11.20 -26.72 2.42
CA LEU A 435 -10.09 -26.62 1.49
C LEU A 435 -10.20 -27.72 0.45
N SER A 436 -9.59 -27.48 -0.71
CA SER A 436 -9.59 -28.48 -1.76
C SER A 436 -8.84 -29.74 -1.32
N GLY A 437 -7.73 -29.58 -0.62
CA GLY A 437 -6.98 -30.71 -0.12
C GLY A 437 -6.16 -30.31 1.08
N ILE A 438 -5.41 -31.27 1.61
CA ILE A 438 -4.50 -31.01 2.72
C ILE A 438 -3.23 -30.38 2.16
N PRO A 439 -2.88 -29.16 2.54
CA PRO A 439 -1.60 -28.59 2.10
C PRO A 439 -0.44 -29.46 2.56
N ASP A 440 0.54 -29.64 1.67
CA ASP A 440 1.68 -30.48 2.01
C ASP A 440 2.59 -29.87 3.07
N THR A 441 2.40 -28.59 3.38
CA THR A 441 3.25 -27.89 4.34
C THR A 441 2.72 -27.97 5.77
N VAL A 442 1.56 -28.58 6.00
CA VAL A 442 1.06 -28.73 7.36
C VAL A 442 1.89 -29.73 8.14
N PHE A 443 2.56 -30.66 7.46
CA PHE A 443 3.33 -31.70 8.11
C PHE A 443 4.75 -31.26 8.46
N ASP A 444 5.14 -30.04 8.07
CA ASP A 444 6.41 -29.48 8.49
C ASP A 444 6.32 -28.83 9.86
N LEU A 445 5.10 -28.68 10.41
CA LEU A 445 4.89 -28.24 11.78
C LEU A 445 4.83 -29.49 12.65
N VAL A 446 5.98 -29.87 13.23
CA VAL A 446 6.05 -31.05 14.07
C VAL A 446 5.49 -30.80 15.47
N GLU A 447 5.17 -29.56 15.80
CA GLU A 447 4.61 -29.21 17.10
C GLU A 447 3.14 -29.58 17.25
N LEU A 448 2.48 -29.97 16.16
CA LEU A 448 1.04 -30.22 16.19
C LEU A 448 0.73 -31.46 17.02
N GLU A 449 -0.46 -31.44 17.63
CA GLU A 449 -0.91 -32.57 18.44
C GLU A 449 -2.31 -33.01 18.01
N VAL A 450 -3.14 -32.06 17.58
CA VAL A 450 -4.50 -32.33 17.13
C VAL A 450 -4.68 -31.72 15.75
N LEU A 451 -5.18 -32.52 14.80
CA LEU A 451 -5.44 -32.05 13.44
C LEU A 451 -6.92 -32.20 13.13
N LYS A 452 -7.53 -31.11 12.66
CA LYS A 452 -8.95 -31.06 12.37
C LYS A 452 -9.14 -30.85 10.88
N LEU A 453 -9.73 -31.85 10.21
CA LEU A 453 -10.02 -31.78 8.78
C LEU A 453 -11.53 -31.77 8.61
N GLU A 454 -12.08 -30.59 8.32
CA GLU A 454 -13.52 -30.42 8.19
C GLU A 454 -13.85 -29.98 6.77
N LEU A 455 -14.68 -30.76 6.09
CA LEU A 455 -15.18 -30.44 4.75
C LEU A 455 -14.04 -30.25 3.75
N ILE A 456 -13.15 -31.24 3.69
CA ILE A 456 -12.08 -31.28 2.71
C ILE A 456 -12.33 -32.48 1.80
N PRO A 457 -12.81 -32.28 0.58
CA PRO A 457 -13.27 -33.41 -0.23
C PRO A 457 -12.15 -34.33 -0.66
N ASP A 458 -12.48 -35.62 -0.75
CA ASP A 458 -11.64 -36.69 -1.31
C ASP A 458 -10.17 -36.56 -0.87
N VAL A 459 -9.98 -36.60 0.44
CA VAL A 459 -8.63 -36.57 1.00
C VAL A 459 -8.03 -37.97 0.96
N THR A 460 -6.75 -38.02 0.61
CA THR A 460 -5.94 -39.22 0.78
C THR A 460 -4.91 -38.91 1.87
N ILE A 461 -4.86 -39.75 2.90
CA ILE A 461 -3.94 -39.54 4.00
C ILE A 461 -2.52 -39.75 3.48
N PRO A 462 -1.72 -38.69 3.33
CA PRO A 462 -0.40 -38.84 2.72
C PRO A 462 0.53 -39.60 3.65
N PRO A 463 1.55 -40.27 3.10
CA PRO A 463 2.56 -40.89 3.95
C PRO A 463 3.40 -39.89 4.72
N SER A 464 3.26 -38.60 4.42
CA SER A 464 3.99 -37.55 5.13
C SER A 464 3.50 -37.36 6.57
N ILE A 465 2.39 -37.99 6.96
CA ILE A 465 1.93 -37.88 8.34
C ILE A 465 2.92 -38.48 9.32
N ALA A 466 3.87 -39.27 8.84
CA ALA A 466 4.94 -39.74 9.72
C ALA A 466 5.78 -38.59 10.26
N GLN A 467 5.83 -37.46 9.56
CA GLN A 467 6.53 -36.29 10.07
C GLN A 467 5.87 -35.76 11.34
N LEU A 468 4.57 -35.96 11.51
CA LEU A 468 3.85 -35.52 12.70
C LEU A 468 4.08 -36.57 13.80
N THR A 469 5.23 -36.46 14.46
CA THR A 469 5.56 -37.38 15.53
C THR A 469 4.62 -37.23 16.71
N GLY A 470 4.29 -36.00 17.09
CA GLY A 470 3.48 -35.72 18.25
C GLY A 470 1.98 -35.66 18.01
N LEU A 471 1.52 -36.03 16.82
CA LEU A 471 0.09 -36.00 16.54
C LEU A 471 -0.61 -37.08 17.34
N LYS A 472 -1.62 -36.67 18.11
CA LYS A 472 -2.38 -37.58 18.95
C LYS A 472 -3.86 -37.67 18.58
N GLU A 473 -4.46 -36.59 18.11
CA GLU A 473 -5.87 -36.56 17.77
C GLU A 473 -6.05 -36.10 16.33
N LEU A 474 -6.97 -36.75 15.62
CA LEU A 474 -7.29 -36.39 14.24
C LEU A 474 -8.80 -36.28 14.14
N TRP A 475 -9.29 -35.12 13.70
CA TRP A 475 -10.71 -34.86 13.58
C TRP A 475 -11.11 -34.86 12.12
N LEU A 476 -12.02 -35.75 11.75
CA LEU A 476 -12.52 -35.89 10.38
C LEU A 476 -14.00 -35.52 10.40
N TYR A 477 -14.29 -34.24 10.23
CA TYR A 477 -15.65 -33.73 10.23
C TYR A 477 -16.13 -33.61 8.79
N HIS A 478 -17.08 -34.46 8.42
CA HIS A 478 -17.61 -34.51 7.05
C HIS A 478 -16.47 -34.62 6.04
N THR A 479 -15.51 -35.49 6.36
CA THR A 479 -14.31 -35.63 5.53
C THR A 479 -13.87 -37.08 5.63
N ALA A 480 -14.31 -37.91 4.67
CA ALA A 480 -13.88 -39.29 4.61
C ALA A 480 -12.45 -39.36 4.09
N ALA A 481 -11.61 -40.12 4.76
CA ALA A 481 -10.19 -40.19 4.45
C ALA A 481 -9.84 -41.54 3.86
N LYS A 482 -9.21 -41.52 2.69
CA LYS A 482 -8.63 -42.72 2.09
C LYS A 482 -7.18 -42.82 2.53
N ILE A 483 -6.80 -44.00 3.01
CA ILE A 483 -5.51 -44.15 3.67
C ILE A 483 -4.64 -45.09 2.86
N GLU A 484 -3.34 -44.99 3.09
CA GLU A 484 -2.32 -45.87 2.52
C GLU A 484 -1.76 -46.75 3.62
N ALA A 485 -1.06 -47.80 3.21
CA ALA A 485 -0.47 -48.74 4.17
C ALA A 485 0.51 -48.07 5.13
N PRO A 486 1.46 -47.24 4.69
CA PRO A 486 2.34 -46.59 5.67
C PRO A 486 1.60 -45.71 6.65
N ALA A 487 0.63 -44.92 6.16
CA ALA A 487 -0.14 -44.05 7.04
C ALA A 487 -0.95 -44.87 8.03
N LEU A 488 -1.57 -45.96 7.58
CA LEU A 488 -2.34 -46.81 8.48
C LEU A 488 -1.44 -47.42 9.54
N ALA A 489 -0.26 -47.89 9.16
CA ALA A 489 0.68 -48.45 10.13
C ALA A 489 1.10 -47.40 11.15
N PHE A 490 1.34 -46.16 10.70
CA PHE A 490 1.71 -45.10 11.63
C PHE A 490 0.58 -44.78 12.60
N LEU A 491 -0.65 -44.70 12.08
CA LEU A 491 -1.78 -44.37 12.94
C LEU A 491 -2.10 -45.50 13.92
N ARG A 492 -1.80 -46.74 13.54
CA ARG A 492 -2.01 -47.86 14.46
C ARG A 492 -1.12 -47.80 15.69
N GLU A 493 -0.08 -46.97 15.67
CA GLU A 493 0.83 -46.84 16.79
C GLU A 493 1.04 -45.40 17.25
N ASN A 494 0.34 -44.43 16.68
CA ASN A 494 0.53 -43.04 17.10
C ASN A 494 -0.77 -42.27 17.26
N LEU A 495 -1.94 -42.89 17.08
CA LEU A 495 -3.20 -42.19 17.18
C LEU A 495 -3.93 -42.67 18.42
N ARG A 496 -4.24 -41.74 19.32
CA ARG A 496 -4.89 -42.06 20.58
C ARG A 496 -6.35 -41.65 20.64
N ALA A 497 -6.75 -40.62 19.90
CA ALA A 497 -8.12 -40.13 19.91
C ALA A 497 -8.56 -39.82 18.49
N LEU A 498 -9.77 -40.26 18.13
CA LEU A 498 -10.31 -40.04 16.79
C LEU A 498 -11.74 -39.52 16.92
N HIS A 499 -12.02 -38.40 16.25
CA HIS A 499 -13.34 -37.79 16.26
C HIS A 499 -13.94 -37.87 14.86
N ILE A 500 -15.08 -38.53 14.74
CA ILE A 500 -15.74 -38.76 13.46
C ILE A 500 -17.12 -38.14 13.52
N LYS A 501 -17.37 -37.16 12.65
CA LYS A 501 -18.69 -36.54 12.49
C LYS A 501 -19.11 -36.73 11.04
N PHE A 502 -20.14 -37.53 10.82
CA PHE A 502 -20.54 -37.96 9.50
C PHE A 502 -22.01 -37.70 9.26
N THR A 503 -22.34 -37.35 8.01
CA THR A 503 -23.73 -37.21 7.61
C THR A 503 -24.30 -38.51 7.05
N ASP A 504 -23.49 -39.54 6.86
CA ASP A 504 -23.96 -40.78 6.25
C ASP A 504 -23.08 -41.93 6.72
N ILE A 505 -23.62 -43.14 6.58
CA ILE A 505 -22.87 -44.35 6.94
C ILE A 505 -21.61 -44.47 6.11
N LYS A 506 -21.71 -44.20 4.81
CA LYS A 506 -20.58 -44.35 3.90
C LYS A 506 -19.45 -43.37 4.21
N GLU A 507 -19.75 -42.29 4.91
CA GLU A 507 -18.72 -41.31 5.24
C GLU A 507 -17.80 -41.74 6.37
N ILE A 508 -18.09 -42.87 7.00
CA ILE A 508 -17.23 -43.43 8.03
C ILE A 508 -16.10 -44.22 7.37
N PRO A 509 -14.84 -43.85 7.60
CA PRO A 509 -13.73 -44.69 7.12
C PRO A 509 -13.80 -46.08 7.74
N LEU A 510 -13.43 -47.09 6.97
CA LEU A 510 -13.45 -48.46 7.46
C LEU A 510 -12.11 -48.87 8.07
N TRP A 511 -11.03 -48.15 7.76
CA TRP A 511 -9.72 -48.48 8.30
C TRP A 511 -9.51 -47.99 9.72
N ILE A 512 -10.38 -47.08 10.21
CA ILE A 512 -10.18 -46.52 11.54
C ILE A 512 -10.32 -47.59 12.62
N TYR A 513 -11.16 -48.60 12.36
CA TYR A 513 -11.30 -49.69 13.33
C TYR A 513 -10.04 -50.51 13.47
N SER A 514 -9.23 -50.62 12.41
CA SER A 514 -8.03 -51.43 12.44
C SER A 514 -6.98 -50.89 13.39
N LEU A 515 -7.09 -49.64 13.81
CA LEU A 515 -6.17 -49.09 14.80
C LEU A 515 -6.27 -49.86 16.10
N LYS A 516 -5.13 -50.03 16.77
CA LYS A 516 -5.08 -50.81 18.00
C LYS A 516 -4.72 -49.98 19.23
N THR A 517 -3.97 -48.90 19.06
CA THR A 517 -3.62 -48.02 20.17
C THR A 517 -4.66 -46.92 20.40
N LEU A 518 -5.75 -46.94 19.64
CA LEU A 518 -6.77 -45.90 19.76
C LEU A 518 -7.50 -46.04 21.09
N GLU A 519 -7.49 -44.98 21.89
CA GLU A 519 -8.15 -44.98 23.19
C GLU A 519 -9.46 -44.22 23.22
N GLU A 520 -9.63 -43.22 22.36
CA GLU A 520 -10.84 -42.40 22.34
C GLU A 520 -11.47 -42.47 20.95
N LEU A 521 -12.76 -42.79 20.90
CA LEU A 521 -13.53 -42.75 19.67
C LEU A 521 -14.75 -41.86 19.89
N HIS A 522 -14.85 -40.80 19.10
CA HIS A 522 -15.98 -39.86 19.17
C HIS A 522 -16.75 -39.95 17.87
N LEU A 523 -17.98 -40.46 17.95
CA LEU A 523 -18.88 -40.55 16.80
C LEU A 523 -19.98 -39.52 16.95
N THR A 524 -20.23 -38.76 15.88
CA THR A 524 -21.24 -37.71 15.89
C THR A 524 -22.04 -37.79 14.59
N GLY A 525 -23.13 -38.54 14.62
CA GLY A 525 -23.98 -38.65 13.46
C GLY A 525 -24.99 -39.78 13.56
N ASN A 526 -26.12 -39.64 12.89
CA ASN A 526 -27.17 -40.66 12.93
C ASN A 526 -26.73 -41.88 12.15
N LEU A 527 -26.66 -43.03 12.81
CA LEU A 527 -26.26 -44.28 12.17
C LEU A 527 -27.30 -45.37 12.33
N SER A 528 -28.49 -45.05 12.84
CA SER A 528 -29.55 -46.03 12.92
C SER A 528 -30.04 -46.40 11.52
N ALA A 529 -30.22 -47.70 11.29
CA ALA A 529 -30.60 -48.20 9.97
C ALA A 529 -31.69 -49.24 10.13
N GLU A 530 -32.48 -49.40 9.07
CA GLU A 530 -33.64 -50.29 9.08
C GLU A 530 -33.27 -51.63 8.46
N ASN A 531 -33.46 -52.70 9.22
CA ASN A 531 -33.20 -54.08 8.82
C ASN A 531 -31.70 -54.37 8.76
N ASN A 532 -30.88 -53.34 8.96
CA ASN A 532 -29.43 -53.49 9.06
C ASN A 532 -28.90 -52.55 10.14
N ARG A 533 -29.58 -52.55 11.28
CA ARG A 533 -29.16 -51.69 12.39
C ARG A 533 -27.84 -52.17 12.96
N TYR A 534 -26.94 -51.22 13.24
CA TYR A 534 -25.66 -51.48 13.90
C TYR A 534 -24.87 -52.56 13.15
N ILE A 535 -24.64 -52.30 11.87
CA ILE A 535 -23.89 -53.19 11.01
C ILE A 535 -22.56 -52.53 10.64
N VAL A 536 -22.60 -51.20 10.46
CA VAL A 536 -21.40 -50.47 10.06
C VAL A 536 -20.34 -50.52 11.15
N ILE A 537 -20.74 -50.44 12.41
CA ILE A 537 -19.80 -50.29 13.52
C ILE A 537 -19.52 -51.64 14.19
N ASP A 538 -19.72 -52.76 13.47
CA ASP A 538 -19.38 -54.06 14.03
C ASP A 538 -17.88 -54.18 14.31
N GLY A 539 -17.06 -53.46 13.56
CA GLY A 539 -15.63 -53.42 13.81
C GLY A 539 -15.22 -52.63 15.03
N LEU A 540 -16.16 -52.29 15.90
CA LEU A 540 -15.82 -51.53 17.09
C LEU A 540 -15.03 -52.36 18.09
N ARG A 541 -15.24 -53.68 18.10
CA ARG A 541 -14.54 -54.55 19.03
C ARG A 541 -13.03 -54.56 18.81
N GLU A 542 -12.56 -54.10 17.64
CA GLU A 542 -11.15 -54.17 17.30
C GLU A 542 -10.31 -53.14 18.04
N LEU A 543 -10.93 -52.21 18.76
CA LEU A 543 -10.19 -51.21 19.54
C LEU A 543 -9.94 -51.81 20.92
N LYS A 544 -8.83 -52.53 21.05
CA LYS A 544 -8.49 -53.17 22.31
C LYS A 544 -7.95 -52.20 23.35
N ARG A 545 -7.42 -51.05 22.93
CA ARG A 545 -6.90 -50.03 23.83
C ARG A 545 -7.93 -48.96 24.14
N LEU A 546 -9.15 -49.09 23.61
CA LEU A 546 -10.16 -48.06 23.75
C LEU A 546 -10.53 -47.84 25.21
N LYS A 547 -10.60 -46.58 25.62
CA LYS A 547 -10.98 -46.21 26.97
C LYS A 547 -12.12 -45.21 27.02
N VAL A 548 -12.19 -44.28 26.07
CA VAL A 548 -13.24 -43.27 26.01
C VAL A 548 -14.03 -43.50 24.74
N LEU A 549 -15.32 -43.75 24.87
CA LEU A 549 -16.21 -43.97 23.73
C LEU A 549 -17.45 -43.10 23.92
N ARG A 550 -17.54 -42.03 23.13
CA ARG A 550 -18.66 -41.11 23.18
C ARG A 550 -19.47 -41.23 21.90
N LEU A 551 -20.76 -41.55 22.04
CA LEU A 551 -21.66 -41.72 20.90
C LEU A 551 -22.73 -40.64 20.92
N LYS A 552 -22.88 -39.95 19.79
CA LYS A 552 -23.94 -38.98 19.57
C LYS A 552 -24.60 -39.40 18.27
N SER A 553 -25.53 -40.37 18.37
CA SER A 553 -25.89 -41.11 17.16
C SER A 553 -27.37 -41.47 17.06
N ASN A 554 -28.26 -40.77 17.77
CA ASN A 554 -29.71 -40.96 17.61
C ASN A 554 -30.09 -42.43 17.82
N LEU A 555 -29.47 -43.06 18.81
CA LEU A 555 -29.70 -44.48 19.07
C LEU A 555 -31.00 -44.68 19.84
N SER A 556 -31.75 -45.72 19.46
CA SER A 556 -32.95 -46.10 20.20
C SER A 556 -32.69 -47.22 21.20
N LYS A 557 -31.61 -47.95 21.04
CA LYS A 557 -31.20 -48.99 21.98
C LYS A 557 -29.69 -49.09 21.96
N LEU A 558 -29.11 -49.47 23.09
CA LEU A 558 -27.66 -49.61 23.16
C LEU A 558 -27.23 -50.84 22.35
N PRO A 559 -26.40 -50.68 21.32
CA PRO A 559 -26.09 -51.81 20.44
C PRO A 559 -25.31 -52.90 21.15
N GLN A 560 -25.49 -54.14 20.66
CA GLN A 560 -24.78 -55.28 21.23
C GLN A 560 -23.27 -55.18 21.03
N VAL A 561 -22.84 -54.65 19.89
CA VAL A 561 -21.41 -54.47 19.64
C VAL A 561 -20.81 -53.52 20.68
N VAL A 562 -21.55 -52.47 21.05
CA VAL A 562 -21.08 -51.56 22.09
C VAL A 562 -20.99 -52.29 23.43
N THR A 563 -21.97 -53.16 23.70
CA THR A 563 -21.92 -53.94 24.94
C THR A 563 -20.68 -54.83 24.97
N ASP A 564 -20.35 -55.45 23.84
CA ASP A 564 -19.13 -56.27 23.78
C ASP A 564 -17.89 -55.42 23.99
N VAL A 565 -17.80 -54.28 23.32
CA VAL A 565 -16.61 -53.45 23.39
C VAL A 565 -16.49 -52.74 24.75
N GLY A 566 -17.56 -52.71 25.53
CA GLY A 566 -17.52 -52.03 26.81
C GLY A 566 -16.80 -52.77 27.93
N VAL A 567 -16.34 -54.00 27.67
CA VAL A 567 -15.66 -54.76 28.71
C VAL A 567 -14.33 -54.12 29.10
N HIS A 568 -13.77 -53.26 28.24
CA HIS A 568 -12.51 -52.60 28.51
C HIS A 568 -12.62 -51.08 28.59
N LEU A 569 -13.84 -50.54 28.64
CA LEU A 569 -14.03 -49.10 28.61
C LEU A 569 -13.97 -48.51 30.01
N GLN A 570 -13.52 -47.26 30.07
CA GLN A 570 -13.53 -46.48 31.31
C GLN A 570 -14.62 -45.42 31.33
N LYS A 571 -14.88 -44.77 30.21
CA LYS A 571 -15.81 -43.65 30.12
C LYS A 571 -16.78 -43.87 28.97
N LEU A 572 -18.06 -43.64 29.23
CA LEU A 572 -19.10 -43.78 28.23
C LEU A 572 -19.94 -42.52 28.19
N SER A 573 -20.29 -42.07 26.99
CA SER A 573 -21.08 -40.85 26.81
C SER A 573 -22.04 -41.06 25.65
N ILE A 574 -23.33 -40.99 25.93
CA ILE A 574 -24.37 -41.16 24.91
C ILE A 574 -25.23 -39.89 24.89
N ASN A 575 -25.29 -39.24 23.74
CA ASN A 575 -26.04 -38.00 23.55
C ASN A 575 -27.00 -38.22 22.39
N ASN A 576 -28.23 -38.65 22.70
CA ASN A 576 -29.20 -39.01 21.68
C ASN A 576 -29.98 -37.82 21.15
N GLU A 577 -29.76 -36.62 21.69
CA GLU A 577 -30.47 -35.41 21.27
C GLU A 577 -31.99 -35.58 21.39
N GLY A 578 -32.43 -35.98 22.58
CA GLY A 578 -33.83 -36.08 22.90
C GLY A 578 -34.47 -37.40 22.56
N THR A 579 -33.84 -38.19 21.69
CA THR A 579 -34.41 -39.48 21.31
C THR A 579 -34.25 -40.47 22.45
N LYS A 580 -35.31 -41.22 22.73
CA LYS A 580 -35.28 -42.17 23.83
C LYS A 580 -34.28 -43.28 23.57
N LEU A 581 -33.61 -43.73 24.63
CA LEU A 581 -32.66 -44.83 24.57
C LEU A 581 -33.10 -45.91 25.55
N ILE A 582 -33.00 -47.16 25.14
CA ILE A 582 -33.43 -48.32 25.93
C ILE A 582 -32.20 -49.08 26.38
N VAL A 583 -32.12 -49.36 27.68
CA VAL A 583 -31.01 -50.10 28.23
C VAL A 583 -31.34 -51.60 28.25
N LEU A 584 -32.41 -51.97 28.96
CA LEU A 584 -32.90 -53.34 29.02
C LEU A 584 -31.78 -54.35 29.30
N ASN A 585 -31.06 -54.10 30.39
CA ASN A 585 -29.99 -54.98 30.86
C ASN A 585 -28.93 -55.19 29.78
N SER A 586 -28.52 -54.10 29.15
CA SER A 586 -27.43 -54.12 28.19
C SER A 586 -26.28 -53.22 28.64
N LEU A 587 -26.18 -52.92 29.93
CA LEU A 587 -25.23 -51.96 30.45
C LEU A 587 -24.38 -52.50 31.60
N LYS A 588 -24.79 -53.59 32.24
CA LYS A 588 -24.07 -54.07 33.41
C LYS A 588 -22.78 -54.79 33.09
N LYS A 589 -22.50 -55.07 31.81
CA LYS A 589 -21.26 -55.73 31.45
C LYS A 589 -20.05 -54.81 31.52
N MET A 590 -20.26 -53.51 31.62
CA MET A 590 -19.15 -52.55 31.68
C MET A 590 -18.81 -52.28 33.14
N VAL A 591 -18.41 -53.35 33.84
CA VAL A 591 -18.08 -53.23 35.24
C VAL A 591 -16.81 -52.40 35.46
N ASN A 592 -16.00 -52.22 34.44
CA ASN A 592 -14.83 -51.34 34.52
C ASN A 592 -15.16 -49.89 34.24
N LEU A 593 -16.39 -49.60 33.80
CA LEU A 593 -16.78 -48.22 33.50
C LEU A 593 -16.75 -47.38 34.77
N THR A 594 -16.10 -46.22 34.68
CA THR A 594 -15.99 -45.33 35.84
C THR A 594 -16.65 -43.98 35.63
N GLU A 595 -17.08 -43.64 34.41
CA GLU A 595 -17.77 -42.38 34.14
C GLU A 595 -18.82 -42.66 33.07
N LEU A 596 -20.09 -42.64 33.45
CA LEU A 596 -21.19 -42.90 32.53
C LEU A 596 -22.04 -41.64 32.38
N GLU A 597 -22.26 -41.24 31.12
CA GLU A 597 -23.04 -40.05 30.80
C GLU A 597 -24.16 -40.44 29.85
N LEU A 598 -25.39 -40.15 30.26
CA LEU A 598 -26.57 -40.36 29.42
C LEU A 598 -27.23 -39.01 29.25
N ILE A 599 -26.78 -38.26 28.26
CA ILE A 599 -27.23 -36.89 28.03
C ILE A 599 -28.31 -36.91 26.96
N ARG A 600 -29.44 -36.25 27.26
CA ARG A 600 -30.54 -36.11 26.31
C ARG A 600 -30.99 -37.47 25.77
N CYS A 601 -31.04 -38.46 26.66
CA CYS A 601 -31.45 -39.81 26.30
C CYS A 601 -32.93 -40.07 26.53
N ASP A 602 -33.66 -39.09 27.05
CA ASP A 602 -35.10 -39.20 27.28
C ASP A 602 -35.43 -40.44 28.13
N LEU A 603 -34.67 -40.62 29.20
CA LEU A 603 -34.87 -41.77 30.07
C LEU A 603 -36.23 -41.71 30.77
N GLU A 604 -36.61 -40.53 31.25
CA GLU A 604 -37.87 -40.29 31.96
C GLU A 604 -37.89 -40.98 33.32
N ARG A 605 -36.84 -41.73 33.62
CA ARG A 605 -36.67 -42.46 34.86
C ARG A 605 -35.29 -43.08 34.87
N ILE A 606 -34.64 -43.07 36.02
CA ILE A 606 -33.29 -43.63 36.11
C ILE A 606 -33.38 -45.14 35.95
N PRO A 607 -32.74 -45.72 34.96
CA PRO A 607 -32.77 -47.17 34.81
C PRO A 607 -32.03 -47.87 35.94
N HIS A 608 -32.46 -49.11 36.21
CA HIS A 608 -31.83 -49.88 37.28
C HIS A 608 -30.46 -50.42 36.89
N SER A 609 -30.11 -50.41 35.60
CA SER A 609 -28.83 -50.93 35.15
C SER A 609 -27.66 -50.08 35.64
N ILE A 610 -27.89 -48.82 35.99
CA ILE A 610 -26.79 -47.96 36.41
C ILE A 610 -26.20 -48.42 37.73
N PHE A 611 -27.00 -49.04 38.58
CA PHE A 611 -26.52 -49.46 39.89
C PHE A 611 -25.60 -50.67 39.82
N SER A 612 -25.54 -51.35 38.68
CA SER A 612 -24.70 -52.53 38.52
C SER A 612 -23.26 -52.18 38.14
N LEU A 613 -22.93 -50.91 38.01
CA LEU A 613 -21.57 -50.47 37.70
C LEU A 613 -20.95 -49.95 38.99
N HIS A 614 -20.36 -50.85 39.76
CA HIS A 614 -19.85 -50.49 41.08
C HIS A 614 -18.58 -49.65 41.02
N ASN A 615 -17.83 -49.72 39.91
CA ASN A 615 -16.64 -48.89 39.76
C ASN A 615 -16.96 -47.50 39.25
N LEU A 616 -18.22 -47.20 38.97
CA LEU A 616 -18.61 -45.90 38.44
C LEU A 616 -18.30 -44.81 39.46
N GLN A 617 -17.75 -43.69 38.96
CA GLN A 617 -17.35 -42.59 39.82
C GLN A 617 -18.06 -41.29 39.50
N GLU A 618 -18.51 -41.09 38.26
CA GLU A 618 -19.29 -39.92 37.88
C GLU A 618 -20.49 -40.36 37.09
N ILE A 619 -21.65 -39.77 37.38
CA ILE A 619 -22.89 -40.04 36.68
C ILE A 619 -23.47 -38.72 36.19
N ASP A 620 -23.63 -38.59 34.88
CA ASP A 620 -24.19 -37.39 34.27
C ASP A 620 -25.46 -37.77 33.53
N LEU A 621 -26.59 -37.23 33.99
CA LEU A 621 -27.89 -37.56 33.44
C LEU A 621 -28.61 -36.28 32.98
N LYS A 622 -27.85 -35.38 32.37
CA LYS A 622 -28.40 -34.09 31.94
C LYS A 622 -29.50 -34.28 30.90
N ASP A 623 -30.59 -33.55 31.09
CA ASP A 623 -31.63 -33.37 30.07
C ASP A 623 -32.32 -34.69 29.72
N ASN A 624 -32.67 -35.46 30.75
CA ASN A 624 -33.33 -36.74 30.56
C ASN A 624 -34.77 -36.76 31.04
N ASN A 625 -35.35 -35.59 31.32
CA ASN A 625 -36.74 -35.47 31.75
C ASN A 625 -36.99 -36.28 33.03
N LEU A 626 -36.00 -36.35 33.90
CA LEU A 626 -36.17 -37.02 35.19
C LEU A 626 -37.06 -36.17 36.09
N LYS A 627 -38.01 -36.82 36.75
CA LYS A 627 -38.90 -36.14 37.69
C LYS A 627 -38.82 -36.72 39.09
N THR A 628 -38.71 -38.04 39.21
CA THR A 628 -38.51 -38.71 40.49
C THR A 628 -37.14 -39.35 40.51
N ILE A 629 -36.33 -39.01 41.50
CA ILE A 629 -34.97 -39.54 41.60
C ILE A 629 -34.81 -40.28 42.93
N GLU A 630 -35.89 -40.89 43.41
CA GLU A 630 -35.80 -41.67 44.64
C GLU A 630 -34.97 -42.93 44.46
N GLU A 631 -34.64 -43.29 43.22
CA GLU A 631 -33.79 -44.44 42.96
C GLU A 631 -32.36 -44.24 43.43
N ILE A 632 -31.96 -43.01 43.78
CA ILE A 632 -30.60 -42.75 44.20
C ILE A 632 -30.24 -43.46 45.50
N ILE A 633 -31.24 -44.01 46.20
CA ILE A 633 -30.97 -44.80 47.39
C ILE A 633 -30.13 -46.03 47.02
N SER A 634 -30.25 -46.50 45.79
CA SER A 634 -29.45 -47.63 45.32
C SER A 634 -28.00 -47.25 45.02
N PHE A 635 -27.69 -45.95 44.97
CA PHE A 635 -26.33 -45.53 44.68
C PHE A 635 -25.35 -45.88 45.81
N GLN A 636 -25.85 -46.29 46.97
CA GLN A 636 -24.95 -46.77 48.02
C GLN A 636 -24.17 -48.00 47.57
N HIS A 637 -24.67 -48.74 46.57
CA HIS A 637 -23.90 -49.83 45.99
C HIS A 637 -22.61 -49.32 45.38
N LEU A 638 -22.68 -48.20 44.68
CA LEU A 638 -21.50 -47.58 44.06
C LEU A 638 -20.68 -46.93 45.16
N HIS A 639 -19.75 -47.69 45.74
CA HIS A 639 -18.92 -47.17 46.81
C HIS A 639 -17.93 -46.12 46.34
N ARG A 640 -17.72 -45.99 45.02
CA ARG A 640 -16.74 -45.06 44.48
C ARG A 640 -17.42 -43.91 43.73
N LEU A 641 -18.66 -43.61 44.06
CA LEU A 641 -19.40 -42.54 43.41
C LEU A 641 -19.08 -41.22 44.09
N THR A 642 -18.43 -40.31 43.35
CA THR A 642 -18.03 -39.02 43.89
C THR A 642 -18.70 -37.82 43.23
N CYS A 643 -19.22 -37.96 42.02
CA CYS A 643 -19.84 -36.86 41.30
C CYS A 643 -21.20 -37.30 40.78
N LEU A 644 -22.23 -36.50 41.08
CA LEU A 644 -23.59 -36.78 40.62
C LEU A 644 -24.14 -35.54 39.93
N LYS A 645 -24.44 -35.65 38.65
CA LYS A 645 -24.97 -34.55 37.85
C LYS A 645 -26.37 -34.92 37.38
N LEU A 646 -27.38 -34.50 38.15
CA LEU A 646 -28.78 -34.73 37.80
C LEU A 646 -29.44 -33.48 37.26
N TRP A 647 -28.65 -32.50 36.81
CA TRP A 647 -29.15 -31.21 36.40
C TRP A 647 -30.01 -31.32 35.13
N TYR A 648 -30.63 -30.20 34.77
CA TYR A 648 -31.43 -30.07 33.55
C TYR A 648 -32.52 -31.13 33.46
N ASN A 649 -33.17 -31.40 34.59
CA ASN A 649 -34.30 -32.30 34.63
C ASN A 649 -35.51 -31.55 35.19
N HIS A 650 -36.64 -32.26 35.27
CA HIS A 650 -37.85 -31.76 35.90
C HIS A 650 -37.98 -32.29 37.33
N ILE A 651 -36.85 -32.44 38.01
CA ILE A 651 -36.84 -32.99 39.36
C ILE A 651 -37.65 -32.08 40.28
N ALA A 652 -38.76 -32.60 40.80
CA ALA A 652 -39.61 -31.79 41.66
C ALA A 652 -39.05 -31.67 43.08
N TYR A 653 -38.41 -32.71 43.58
CA TYR A 653 -37.97 -32.72 44.97
C TYR A 653 -36.68 -33.51 45.11
N ILE A 654 -35.95 -33.24 46.19
CA ILE A 654 -34.75 -33.99 46.52
C ILE A 654 -35.12 -35.01 47.60
N PRO A 655 -35.07 -36.30 47.31
CA PRO A 655 -35.36 -37.29 48.36
C PRO A 655 -34.39 -37.15 49.51
N ILE A 656 -34.91 -37.35 50.73
CA ILE A 656 -34.04 -37.31 51.90
C ILE A 656 -33.08 -38.50 51.93
N GLN A 657 -33.31 -39.50 51.07
CA GLN A 657 -32.39 -40.62 50.96
C GLN A 657 -31.06 -40.20 50.36
N ILE A 658 -30.97 -38.98 49.81
CA ILE A 658 -29.71 -38.46 49.30
C ILE A 658 -28.68 -38.29 50.40
N GLY A 659 -29.10 -38.34 51.68
CA GLY A 659 -28.16 -38.29 52.77
C GLY A 659 -27.29 -39.51 52.89
N ASN A 660 -27.70 -40.64 52.31
CA ASN A 660 -26.94 -41.87 52.37
C ASN A 660 -25.79 -41.91 51.38
N LEU A 661 -25.74 -40.98 50.42
CA LEU A 661 -24.64 -40.91 49.47
C LEU A 661 -23.51 -40.10 50.11
N THR A 662 -22.81 -40.76 51.03
CA THR A 662 -21.79 -40.09 51.84
C THR A 662 -20.53 -39.74 51.05
N ASN A 663 -20.29 -40.39 49.91
CA ASN A 663 -19.09 -40.17 49.14
C ASN A 663 -19.20 -39.01 48.16
N LEU A 664 -20.35 -38.37 48.07
CA LEU A 664 -20.54 -37.31 47.08
C LEU A 664 -19.68 -36.10 47.41
N GLU A 665 -18.95 -35.62 46.41
CA GLU A 665 -18.18 -34.38 46.52
C GLU A 665 -18.69 -33.29 45.59
N ARG A 666 -19.15 -33.66 44.41
CA ARG A 666 -19.80 -32.73 43.49
C ARG A 666 -21.23 -33.18 43.27
N LEU A 667 -22.18 -32.30 43.57
CA LEU A 667 -23.60 -32.57 43.38
C LEU A 667 -24.18 -31.42 42.57
N TYR A 668 -24.52 -31.70 41.31
CA TYR A 668 -25.10 -30.72 40.41
C TYR A 668 -26.58 -31.02 40.26
N LEU A 669 -27.42 -30.02 40.54
CA LEU A 669 -28.86 -30.21 40.51
C LEU A 669 -29.59 -29.03 39.89
N ASN A 670 -28.90 -28.14 39.18
CA ASN A 670 -29.53 -26.93 38.70
C ASN A 670 -30.52 -27.23 37.58
N ARG A 671 -31.30 -26.20 37.22
CA ARG A 671 -32.32 -26.29 36.17
C ARG A 671 -33.33 -27.39 36.48
N ASN A 672 -33.80 -27.42 37.73
CA ASN A 672 -34.77 -28.41 38.18
C ASN A 672 -35.94 -27.69 38.86
N LYS A 673 -36.98 -28.47 39.16
CA LYS A 673 -38.19 -27.95 39.78
C LYS A 673 -38.15 -28.04 41.30
N ILE A 674 -36.97 -28.11 41.90
CA ILE A 674 -36.85 -28.25 43.33
C ILE A 674 -37.23 -26.95 44.01
N GLU A 675 -38.07 -27.03 45.04
CA GLU A 675 -38.54 -25.85 45.75
C GLU A 675 -37.97 -25.69 47.15
N LYS A 676 -37.46 -26.76 47.75
CA LYS A 676 -36.85 -26.65 49.08
C LYS A 676 -35.75 -27.69 49.20
N ILE A 677 -34.81 -27.41 50.10
CA ILE A 677 -33.63 -28.24 50.33
C ILE A 677 -33.90 -29.09 51.57
N PRO A 678 -34.01 -30.40 51.45
CA PRO A 678 -34.15 -31.24 52.65
C PRO A 678 -32.89 -31.21 53.49
N THR A 679 -33.06 -31.35 54.80
CA THR A 679 -31.92 -31.27 55.71
C THR A 679 -31.01 -32.48 55.58
N GLN A 680 -31.52 -33.61 55.08
CA GLN A 680 -30.69 -34.80 54.92
C GLN A 680 -29.59 -34.58 53.90
N LEU A 681 -29.77 -33.63 52.98
CA LEU A 681 -28.76 -33.36 51.96
C LEU A 681 -27.45 -32.85 52.56
N PHE A 682 -27.49 -32.31 53.76
CA PHE A 682 -26.31 -31.75 54.39
C PHE A 682 -25.52 -32.78 55.19
N TYR A 683 -25.92 -34.04 55.20
CA TYR A 683 -25.11 -35.09 55.79
C TYR A 683 -23.93 -35.49 54.92
N CYS A 684 -23.95 -35.11 53.65
CA CYS A 684 -22.83 -35.40 52.73
C CYS A 684 -21.72 -34.41 53.02
N ARG A 685 -20.95 -34.72 54.07
CA ARG A 685 -19.94 -33.77 54.56
C ARG A 685 -18.81 -33.58 53.56
N LYS A 686 -18.51 -34.59 52.75
CA LYS A 686 -17.42 -34.50 51.79
C LYS A 686 -17.73 -33.58 50.63
N LEU A 687 -18.97 -33.09 50.52
CA LEU A 687 -19.40 -32.29 49.39
C LEU A 687 -18.54 -31.06 49.22
N ARG A 688 -18.11 -30.81 47.98
CA ARG A 688 -17.32 -29.64 47.64
C ARG A 688 -17.99 -28.71 46.65
N TYR A 689 -18.61 -29.26 45.61
CA TYR A 689 -19.38 -28.49 44.65
C TYR A 689 -20.86 -28.74 44.88
N LEU A 690 -21.60 -27.69 45.17
CA LEU A 690 -23.05 -27.77 45.37
C LEU A 690 -23.69 -26.70 44.49
N ASP A 691 -24.24 -27.12 43.36
CA ASP A 691 -24.91 -26.22 42.43
C ASP A 691 -26.40 -26.50 42.47
N LEU A 692 -27.19 -25.50 42.83
CA LEU A 692 -28.64 -25.62 42.90
C LEU A 692 -29.30 -24.45 42.19
N SER A 693 -28.67 -23.97 41.12
CA SER A 693 -29.18 -22.80 40.42
C SER A 693 -30.49 -23.12 39.72
N HIS A 694 -31.19 -22.05 39.34
CA HIS A 694 -32.40 -22.14 38.51
C HIS A 694 -33.39 -23.15 39.07
N ASN A 695 -33.60 -23.10 40.38
CA ASN A 695 -34.59 -23.91 41.07
C ASN A 695 -35.59 -22.98 41.75
N ASN A 696 -36.64 -23.60 42.32
CA ASN A 696 -37.69 -22.86 43.00
C ASN A 696 -37.42 -22.69 44.49
N LEU A 697 -36.14 -22.69 44.88
CA LEU A 697 -35.80 -22.56 46.29
C LEU A 697 -36.13 -21.17 46.80
N THR A 698 -36.36 -21.08 48.11
CA THR A 698 -36.58 -19.81 48.79
C THR A 698 -35.68 -19.58 49.99
N PHE A 699 -35.13 -20.64 50.59
CA PHE A 699 -34.33 -20.49 51.79
C PHE A 699 -33.31 -21.62 51.86
N LEU A 700 -32.22 -21.35 52.59
CA LEU A 700 -31.19 -22.34 52.83
C LEU A 700 -31.32 -22.86 54.25
N PRO A 701 -31.48 -24.17 54.46
CA PRO A 701 -31.53 -24.70 55.83
C PRO A 701 -30.23 -24.39 56.58
N ALA A 702 -30.37 -24.25 57.90
CA ALA A 702 -29.23 -23.86 58.73
C ALA A 702 -28.13 -24.92 58.72
N ASP A 703 -28.45 -26.14 58.29
CA ASP A 703 -27.47 -27.22 58.29
C ASP A 703 -26.40 -27.06 57.22
N ILE A 704 -26.39 -25.93 56.49
CA ILE A 704 -25.35 -25.73 55.48
C ILE A 704 -24.00 -25.46 56.12
N GLY A 705 -23.98 -25.12 57.42
CA GLY A 705 -22.72 -24.94 58.12
C GLY A 705 -21.96 -26.23 58.37
N LEU A 706 -22.65 -27.37 58.29
CA LEU A 706 -21.99 -28.66 58.46
C LEU A 706 -21.01 -28.96 57.33
N LEU A 707 -21.19 -28.33 56.17
CA LEU A 707 -20.35 -28.60 55.00
C LEU A 707 -19.10 -27.74 55.08
N GLN A 708 -18.11 -28.24 55.84
CA GLN A 708 -16.85 -27.52 55.96
C GLN A 708 -16.05 -27.58 54.66
N ASN A 709 -16.26 -28.61 53.85
CA ASN A 709 -15.53 -28.79 52.60
C ASN A 709 -16.21 -28.10 51.42
N LEU A 710 -17.25 -27.30 51.67
CA LEU A 710 -17.91 -26.59 50.58
C LEU A 710 -16.93 -25.63 49.92
N GLN A 711 -16.89 -25.65 48.59
CA GLN A 711 -15.95 -24.83 47.86
C GLN A 711 -16.65 -24.02 46.78
N ASN A 712 -17.79 -24.49 46.32
CA ASN A 712 -18.63 -23.77 45.37
C ASN A 712 -20.08 -23.85 45.80
N LEU A 713 -20.79 -22.74 45.68
CA LEU A 713 -22.21 -22.67 46.02
C LEU A 713 -22.90 -21.81 44.97
N ALA A 714 -23.77 -22.43 44.18
CA ALA A 714 -24.50 -21.73 43.12
C ALA A 714 -25.99 -21.89 43.38
N VAL A 715 -26.64 -20.80 43.77
CA VAL A 715 -28.09 -20.77 43.95
C VAL A 715 -28.67 -19.71 43.02
N THR A 716 -28.03 -19.54 41.87
CA THR A 716 -28.43 -18.51 40.91
C THR A 716 -29.88 -18.71 40.47
N ALA A 717 -30.58 -17.59 40.29
CA ALA A 717 -31.97 -17.58 39.82
C ALA A 717 -32.87 -18.37 40.78
N ASN A 718 -32.90 -17.91 42.03
CA ASN A 718 -33.73 -18.49 43.07
C ASN A 718 -34.42 -17.37 43.83
N ARG A 719 -35.32 -17.74 44.73
CA ARG A 719 -36.07 -16.79 45.55
C ARG A 719 -35.50 -16.74 46.96
N ILE A 720 -34.17 -16.83 47.07
CA ILE A 720 -33.50 -16.79 48.37
C ILE A 720 -33.66 -15.38 48.94
N GLU A 721 -34.48 -15.26 49.98
CA GLU A 721 -34.73 -13.95 50.57
C GLU A 721 -33.49 -13.41 51.27
N ALA A 722 -32.86 -14.24 52.10
CA ALA A 722 -31.67 -13.83 52.82
C ALA A 722 -30.85 -15.06 53.18
N LEU A 723 -29.54 -14.89 53.17
CA LEU A 723 -28.62 -15.99 53.47
C LEU A 723 -28.53 -16.18 54.98
N PRO A 724 -28.79 -17.37 55.51
CA PRO A 724 -28.59 -17.61 56.93
C PRO A 724 -27.13 -17.41 57.30
N PRO A 725 -26.86 -16.85 58.48
CA PRO A 725 -25.46 -16.67 58.89
C PRO A 725 -24.70 -17.97 59.06
N GLU A 726 -25.41 -19.10 59.20
CA GLU A 726 -24.73 -20.39 59.28
C GLU A 726 -23.99 -20.73 58.00
N LEU A 727 -24.32 -20.04 56.89
CA LEU A 727 -23.61 -20.28 55.64
C LEU A 727 -22.13 -19.93 55.76
N PHE A 728 -21.81 -18.91 56.55
CA PHE A 728 -20.42 -18.44 56.65
C PHE A 728 -19.55 -19.35 57.51
N GLN A 729 -20.11 -20.41 58.09
CA GLN A 729 -19.30 -21.44 58.73
C GLN A 729 -18.49 -22.24 57.73
N CYS A 730 -18.80 -22.16 56.44
CA CYS A 730 -18.03 -22.83 55.39
C CYS A 730 -16.80 -21.97 55.13
N ARG A 731 -15.70 -22.30 55.82
CA ARG A 731 -14.52 -21.45 55.80
C ARG A 731 -13.88 -21.38 54.42
N LYS A 732 -13.78 -22.52 53.74
CA LYS A 732 -13.06 -22.60 52.47
C LYS A 732 -13.95 -22.38 51.26
N LEU A 733 -15.08 -21.71 51.43
CA LEU A 733 -15.97 -21.45 50.30
C LEU A 733 -15.30 -20.48 49.33
N ARG A 734 -14.88 -21.01 48.18
CA ARG A 734 -14.09 -20.24 47.23
C ARG A 734 -14.91 -19.53 46.16
N ALA A 735 -16.23 -19.75 46.13
CA ALA A 735 -17.08 -19.08 45.16
C ALA A 735 -18.49 -18.95 45.73
N LEU A 736 -19.25 -18.02 45.16
CA LEU A 736 -20.62 -17.79 45.59
C LEU A 736 -21.38 -17.20 44.41
N HIS A 737 -22.39 -17.92 43.94
CA HIS A 737 -23.21 -17.50 42.81
C HIS A 737 -24.61 -17.20 43.34
N LEU A 738 -24.82 -15.95 43.78
CA LEU A 738 -26.10 -15.50 44.29
C LEU A 738 -26.84 -14.64 43.29
N GLY A 739 -26.42 -14.62 42.03
CA GLY A 739 -27.01 -13.72 41.05
C GLY A 739 -28.46 -14.05 40.77
N ASN A 740 -29.18 -13.01 40.33
CA ASN A 740 -30.58 -13.13 39.92
C ASN A 740 -31.44 -13.69 41.04
N ASN A 741 -31.19 -13.26 42.26
CA ASN A 741 -31.97 -13.62 43.43
C ASN A 741 -32.76 -12.41 43.90
N VAL A 742 -33.42 -12.56 45.05
CA VAL A 742 -34.23 -11.48 45.63
C VAL A 742 -33.61 -11.07 46.95
N LEU A 743 -32.28 -11.16 47.04
CA LEU A 743 -31.57 -10.79 48.26
C LEU A 743 -31.87 -9.35 48.65
N GLN A 744 -32.23 -9.17 49.92
CA GLN A 744 -32.51 -7.84 50.45
C GLN A 744 -31.25 -7.17 50.95
N SER A 745 -30.54 -7.80 51.88
CA SER A 745 -29.29 -7.28 52.41
C SER A 745 -28.27 -8.41 52.51
N LEU A 746 -27.04 -8.10 52.12
CA LEU A 746 -25.94 -9.06 52.25
C LEU A 746 -25.52 -9.15 53.70
N PRO A 747 -25.54 -10.34 54.31
CA PRO A 747 -25.09 -10.46 55.70
C PRO A 747 -23.65 -10.01 55.85
N SER A 748 -23.36 -9.35 56.96
CA SER A 748 -22.06 -8.74 57.17
C SER A 748 -20.95 -9.76 57.43
N ARG A 749 -21.30 -11.02 57.68
CA ARG A 749 -20.30 -12.05 57.92
C ARG A 749 -19.61 -12.53 56.64
N VAL A 750 -19.82 -11.84 55.52
CA VAL A 750 -19.23 -12.25 54.25
C VAL A 750 -17.71 -12.19 54.27
N GLY A 751 -17.14 -11.29 55.09
CA GLY A 751 -15.69 -11.13 55.12
C GLY A 751 -14.95 -12.30 55.73
N GLU A 752 -15.63 -13.14 56.51
CA GLU A 752 -14.97 -14.30 57.12
C GLU A 752 -14.51 -15.30 56.07
N LEU A 753 -15.12 -15.29 54.88
CA LEU A 753 -14.74 -16.21 53.81
C LEU A 753 -13.44 -15.72 53.21
N THR A 754 -12.33 -16.12 53.83
CA THR A 754 -11.02 -15.67 53.38
C THR A 754 -10.57 -16.40 52.11
N ASN A 755 -11.13 -17.57 51.84
CA ASN A 755 -10.84 -18.29 50.61
C ASN A 755 -11.73 -17.86 49.45
N LEU A 756 -12.66 -16.93 49.68
CA LEU A 756 -13.57 -16.49 48.64
C LEU A 756 -12.81 -15.77 47.53
N THR A 757 -12.89 -16.30 46.31
CA THR A 757 -12.20 -15.73 45.16
C THR A 757 -13.14 -15.01 44.21
N GLN A 758 -14.27 -15.63 43.86
CA GLN A 758 -15.26 -15.04 42.97
C GLN A 758 -16.62 -15.03 43.66
N ILE A 759 -17.30 -13.89 43.59
CA ILE A 759 -18.63 -13.75 44.15
C ILE A 759 -19.51 -13.01 43.14
N GLU A 760 -20.68 -13.56 42.85
CA GLU A 760 -21.61 -12.99 41.90
C GLU A 760 -22.86 -12.53 42.62
N LEU A 761 -23.26 -11.28 42.39
CA LEU A 761 -24.42 -10.70 43.08
C LEU A 761 -25.33 -9.91 42.15
N ARG A 762 -25.08 -9.93 40.83
CA ARG A 762 -25.83 -9.08 39.92
C ARG A 762 -27.29 -9.51 39.84
N GLY A 763 -28.17 -8.55 39.61
CA GLY A 763 -29.59 -8.80 39.49
C GLY A 763 -30.36 -8.82 40.79
N ASN A 764 -29.72 -8.48 41.90
CA ASN A 764 -30.35 -8.53 43.21
C ASN A 764 -30.94 -7.19 43.59
N ARG A 765 -31.95 -7.23 44.46
CA ARG A 765 -32.49 -6.03 45.08
C ARG A 765 -31.69 -5.67 46.35
N LEU A 766 -30.38 -5.58 46.20
CA LEU A 766 -29.47 -5.36 47.32
C LEU A 766 -29.26 -3.87 47.48
N GLU A 767 -29.76 -3.32 48.58
CA GLU A 767 -29.72 -1.87 48.78
C GLU A 767 -28.32 -1.38 49.10
N CYS A 768 -27.62 -2.07 50.01
CA CYS A 768 -26.34 -1.60 50.51
C CYS A 768 -25.33 -2.73 50.52
N LEU A 769 -24.06 -2.37 50.41
CA LEU A 769 -22.98 -3.34 50.43
C LEU A 769 -22.27 -3.32 51.79
N PRO A 770 -21.85 -4.49 52.27
CA PRO A 770 -21.18 -4.53 53.58
C PRO A 770 -19.77 -3.98 53.51
N VAL A 771 -19.36 -3.35 54.61
CA VAL A 771 -17.97 -2.91 54.74
C VAL A 771 -17.03 -4.08 54.94
N GLU A 772 -17.56 -5.24 55.32
CA GLU A 772 -16.76 -6.44 55.52
C GLU A 772 -16.41 -7.13 54.21
N LEU A 773 -16.94 -6.67 53.08
CA LEU A 773 -16.51 -7.19 51.79
C LEU A 773 -15.06 -6.84 51.50
N GLY A 774 -14.51 -5.85 52.21
CA GLY A 774 -13.14 -5.40 52.04
C GLY A 774 -12.08 -6.19 52.75
N GLU A 775 -12.45 -7.22 53.52
CA GLU A 775 -11.48 -8.06 54.22
C GLU A 775 -11.45 -9.49 53.68
N CYS A 776 -11.61 -9.65 52.38
CA CYS A 776 -11.37 -10.94 51.73
C CYS A 776 -10.08 -10.86 50.96
N PRO A 777 -9.02 -11.56 51.38
CA PRO A 777 -7.70 -11.34 50.77
C PRO A 777 -7.64 -11.64 49.27
N LEU A 778 -8.36 -12.66 48.80
CA LEU A 778 -8.28 -13.08 47.42
C LEU A 778 -9.31 -12.40 46.52
N LEU A 779 -10.18 -11.58 47.08
CA LEU A 779 -11.24 -10.95 46.29
C LEU A 779 -10.68 -9.79 45.48
N LYS A 780 -11.02 -9.76 44.19
CA LYS A 780 -10.69 -8.66 43.30
C LYS A 780 -11.96 -8.05 42.74
N ARG A 781 -11.81 -6.90 42.08
CA ARG A 781 -12.97 -6.23 41.50
C ARG A 781 -13.60 -7.07 40.39
N SER A 782 -12.77 -7.77 39.62
CA SER A 782 -13.30 -8.72 38.64
C SER A 782 -14.01 -9.88 39.33
N GLY A 783 -13.44 -10.36 40.44
CA GLY A 783 -14.07 -11.46 41.17
C GLY A 783 -15.45 -11.09 41.69
N LEU A 784 -15.61 -9.88 42.19
CA LEU A 784 -16.90 -9.40 42.66
C LEU A 784 -17.75 -8.98 41.47
N VAL A 785 -18.94 -9.53 41.36
CA VAL A 785 -19.89 -9.17 40.31
C VAL A 785 -21.07 -8.50 40.98
N VAL A 786 -21.26 -7.20 40.69
CA VAL A 786 -22.32 -6.42 41.31
C VAL A 786 -22.52 -5.17 40.48
N GLU A 787 -23.69 -4.55 40.61
CA GLU A 787 -24.00 -3.33 39.87
C GLU A 787 -23.01 -2.23 40.22
N GLU A 788 -22.60 -1.47 39.21
CA GLU A 788 -21.61 -0.41 39.42
C GLU A 788 -22.13 0.66 40.38
N ASP A 789 -23.38 1.09 40.20
CA ASP A 789 -23.94 2.09 41.09
C ASP A 789 -24.06 1.56 42.52
N LEU A 790 -24.33 0.27 42.68
CA LEU A 790 -24.29 -0.33 44.01
C LEU A 790 -22.86 -0.41 44.53
N PHE A 791 -21.91 -0.73 43.65
CA PHE A 791 -20.50 -0.77 44.06
C PHE A 791 -20.01 0.60 44.48
N SER A 792 -20.66 1.67 44.02
CA SER A 792 -20.31 3.02 44.45
C SER A 792 -20.56 3.24 45.94
N THR A 793 -21.38 2.39 46.57
CA THR A 793 -21.68 2.53 47.99
C THR A 793 -20.55 2.02 48.89
N LEU A 794 -19.62 1.23 48.35
CA LEU A 794 -18.54 0.70 49.17
C LEU A 794 -17.58 1.81 49.59
N PRO A 795 -16.89 1.63 50.72
CA PRO A 795 -15.98 2.68 51.19
C PRO A 795 -14.86 2.92 50.20
N PRO A 796 -14.38 4.16 50.11
CA PRO A 796 -13.26 4.44 49.20
C PRO A 796 -12.00 3.67 49.51
N GLU A 797 -11.71 3.40 50.79
CA GLU A 797 -10.55 2.59 51.14
C GLU A 797 -10.71 1.17 50.60
N VAL A 798 -11.87 0.57 50.83
CA VAL A 798 -12.12 -0.79 50.35
C VAL A 798 -12.09 -0.83 48.83
N LYS A 799 -12.71 0.16 48.18
CA LYS A 799 -12.73 0.19 46.72
C LYS A 799 -11.32 0.34 46.16
N GLU A 800 -10.51 1.22 46.76
CA GLU A 800 -9.14 1.39 46.30
C GLU A 800 -8.32 0.12 46.50
N ARG A 801 -8.51 -0.55 47.64
CA ARG A 801 -7.79 -1.80 47.88
C ARG A 801 -8.18 -2.86 46.85
N LEU A 802 -9.48 -2.96 46.54
CA LEU A 802 -9.93 -3.91 45.53
C LEU A 802 -9.37 -3.57 44.16
N TRP A 803 -9.35 -2.29 43.80
CA TRP A 803 -8.78 -1.88 42.52
C TRP A 803 -7.30 -2.22 42.45
N ARG A 804 -6.58 -1.98 43.56
CA ARG A 804 -5.15 -2.31 43.58
C ARG A 804 -4.92 -3.81 43.45
N ALA A 805 -5.74 -4.62 44.13
CA ALA A 805 -5.59 -6.06 44.04
C ALA A 805 -5.92 -6.57 42.63
N ASP A 806 -6.97 -6.03 42.02
CA ASP A 806 -7.36 -6.49 40.69
C ASP A 806 -6.34 -6.05 39.64
N LYS A 807 -5.83 -4.82 39.75
CA LYS A 807 -4.80 -4.37 38.82
C LYS A 807 -3.54 -5.21 38.97
N GLU A 808 -3.14 -5.50 40.20
CA GLU A 808 -2.01 -6.37 40.47
C GLU A 808 -1.97 -6.74 41.96
N PRO B 15 -10.86 -9.81 -41.88
CA PRO B 15 -10.75 -9.79 -40.42
C PRO B 15 -11.52 -10.92 -39.75
N ALA B 16 -12.44 -10.56 -38.87
CA ALA B 16 -13.26 -11.53 -38.16
C ALA B 16 -14.54 -11.88 -38.91
N TYR B 17 -14.71 -11.40 -40.14
CA TYR B 17 -15.92 -11.70 -40.90
C TYR B 17 -15.96 -13.13 -41.42
N ARG B 18 -14.86 -13.87 -41.33
CA ARG B 18 -14.83 -15.23 -41.86
C ARG B 18 -15.81 -16.15 -41.16
N ILE B 19 -16.26 -15.78 -39.95
CA ILE B 19 -17.25 -16.58 -39.25
C ILE B 19 -18.60 -16.52 -39.95
N LEU B 20 -18.89 -15.41 -40.64
CA LEU B 20 -20.21 -15.23 -41.25
C LEU B 20 -20.42 -16.22 -42.40
N LYS B 21 -19.41 -16.42 -43.24
CA LYS B 21 -19.60 -17.13 -44.49
C LYS B 21 -19.58 -18.63 -44.27
N PRO B 22 -20.65 -19.34 -44.63
CA PRO B 22 -20.61 -20.82 -44.56
C PRO B 22 -19.74 -21.40 -45.67
N TRP B 23 -19.71 -22.72 -45.81
CA TRP B 23 -18.83 -23.29 -46.81
C TRP B 23 -19.33 -23.01 -48.22
N TRP B 24 -20.65 -22.98 -48.43
CA TRP B 24 -21.17 -22.63 -49.74
C TRP B 24 -20.82 -21.19 -50.10
N ASP B 25 -20.78 -20.29 -49.12
CA ASP B 25 -20.40 -18.92 -49.43
C ASP B 25 -18.95 -18.84 -49.91
N VAL B 26 -18.05 -19.58 -49.25
CA VAL B 26 -16.66 -19.61 -49.66
C VAL B 26 -16.53 -20.25 -51.04
N PHE B 27 -17.27 -21.33 -51.28
CA PHE B 27 -17.22 -21.99 -52.58
C PHE B 27 -17.69 -21.05 -53.68
N THR B 28 -18.79 -20.34 -53.45
CA THR B 28 -19.29 -19.40 -54.45
C THR B 28 -18.31 -18.25 -54.65
N ASP B 29 -17.66 -17.79 -53.59
CA ASP B 29 -16.68 -16.73 -53.74
C ASP B 29 -15.52 -17.17 -54.62
N TYR B 30 -15.04 -18.40 -54.41
CA TYR B 30 -13.92 -18.89 -55.20
C TYR B 30 -14.33 -19.17 -56.64
N ILE B 31 -15.50 -19.75 -56.84
CA ILE B 31 -16.00 -19.97 -58.20
C ILE B 31 -16.18 -18.64 -58.91
N SER B 32 -16.63 -17.62 -58.19
CA SER B 32 -16.76 -16.29 -58.79
C SER B 32 -15.40 -15.71 -59.14
N ILE B 33 -14.38 -15.97 -58.31
CA ILE B 33 -13.04 -15.52 -58.65
C ILE B 33 -12.56 -16.19 -59.93
N VAL B 34 -12.82 -17.49 -60.05
CA VAL B 34 -12.43 -18.22 -61.26
C VAL B 34 -13.16 -17.67 -62.48
N MET B 35 -14.46 -17.41 -62.34
CA MET B 35 -15.25 -16.91 -63.47
C MET B 35 -14.80 -15.51 -63.86
N LEU B 36 -14.48 -14.67 -62.88
CA LEU B 36 -13.92 -13.36 -63.20
C LEU B 36 -12.57 -13.48 -63.89
N MET B 37 -11.77 -14.47 -63.48
CA MET B 37 -10.49 -14.70 -64.12
C MET B 37 -10.67 -15.08 -65.59
N ILE B 38 -11.60 -15.98 -65.87
CA ILE B 38 -11.81 -16.36 -67.27
C ILE B 38 -12.47 -15.23 -68.05
N ALA B 39 -13.25 -14.39 -67.37
CA ALA B 39 -13.79 -13.20 -68.03
C ALA B 39 -12.68 -12.26 -68.46
N VAL B 40 -11.70 -12.03 -67.58
CA VAL B 40 -10.60 -11.13 -67.93
C VAL B 40 -9.73 -11.74 -69.02
N PHE B 41 -9.49 -13.05 -68.95
CA PHE B 41 -8.70 -13.72 -69.98
C PHE B 41 -9.40 -13.65 -71.33
N GLY B 42 -10.68 -14.01 -71.39
CA GLY B 42 -11.41 -13.90 -72.64
C GLY B 42 -11.52 -12.47 -73.12
N GLY B 43 -11.64 -11.52 -72.20
CA GLY B 43 -11.74 -10.13 -72.60
C GLY B 43 -10.47 -9.62 -73.24
N THR B 44 -9.32 -9.93 -72.64
CA THR B 44 -8.07 -9.50 -73.24
C THR B 44 -7.80 -10.24 -74.55
N LEU B 45 -8.21 -11.50 -74.66
CA LEU B 45 -8.09 -12.22 -75.92
C LEU B 45 -8.93 -11.57 -77.01
N GLN B 46 -10.17 -11.20 -76.68
CA GLN B 46 -11.07 -10.60 -77.65
C GLN B 46 -10.65 -9.18 -77.98
N VAL B 47 -10.02 -8.47 -77.05
CA VAL B 47 -9.52 -7.14 -77.35
C VAL B 47 -8.30 -7.21 -78.26
N THR B 48 -7.41 -8.15 -78.01
CA THR B 48 -6.11 -8.11 -78.68
C THR B 48 -6.03 -8.95 -79.95
N GLN B 49 -6.87 -9.97 -80.11
CA GLN B 49 -6.85 -10.71 -81.38
C GLN B 49 -8.00 -10.33 -82.30
N ASP B 50 -9.24 -10.59 -81.88
CA ASP B 50 -10.47 -10.17 -82.56
C ASP B 50 -10.36 -10.18 -84.08
N LYS B 51 -10.06 -11.35 -84.63
CA LYS B 51 -9.83 -11.46 -86.07
C LYS B 51 -10.88 -12.33 -86.73
N MET B 52 -11.19 -11.99 -87.98
CA MET B 52 -11.75 -12.91 -88.96
C MET B 52 -10.84 -12.87 -90.17
N ILE B 53 -10.48 -14.03 -90.68
CA ILE B 53 -9.65 -14.14 -91.87
C ILE B 53 -10.56 -14.61 -92.99
N CYS B 54 -10.82 -13.73 -93.95
CA CYS B 54 -11.86 -13.93 -94.95
C CYS B 54 -11.28 -14.01 -96.34
N LEU B 55 -11.71 -15.01 -97.11
CA LEU B 55 -11.36 -15.14 -98.50
C LEU B 55 -12.62 -15.19 -99.34
N PRO B 56 -12.66 -14.48 -100.47
CA PRO B 56 -13.86 -14.49 -101.30
C PRO B 56 -14.10 -15.84 -101.96
N CYS B 57 -15.36 -16.11 -102.26
CA CYS B 57 -15.77 -17.33 -102.95
C CYS B 57 -16.13 -16.97 -104.38
N LYS B 58 -15.38 -17.52 -105.33
CA LYS B 58 -15.63 -17.21 -106.73
C LYS B 58 -16.88 -17.93 -107.25
N TRP B 59 -17.07 -19.18 -106.86
CA TRP B 59 -18.23 -19.96 -107.24
C TRP B 59 -19.21 -19.97 -106.06
N VAL B 60 -20.37 -19.37 -106.26
CA VAL B 60 -21.35 -19.16 -105.19
C VAL B 60 -22.63 -19.91 -105.58
N THR B 61 -23.10 -20.76 -104.67
CA THR B 61 -24.31 -21.55 -104.88
C THR B 61 -25.31 -21.22 -103.80
N LYS B 62 -26.49 -20.74 -104.21
CA LYS B 62 -27.58 -20.38 -103.31
C LYS B 62 -27.10 -19.43 -102.21
N ASP B 63 -26.45 -18.34 -102.64
CA ASP B 63 -25.95 -17.30 -101.74
C ASP B 63 -24.96 -17.86 -100.72
N SER B 64 -24.18 -18.85 -101.14
CA SER B 64 -23.22 -19.49 -100.26
C SER B 64 -22.10 -20.10 -101.11
N CYS B 65 -20.99 -20.41 -100.45
CA CYS B 65 -19.81 -20.89 -101.15
C CYS B 65 -20.02 -22.30 -101.69
N ASN B 66 -19.50 -22.53 -102.90
CA ASN B 66 -19.66 -23.83 -103.55
C ASN B 66 -18.68 -24.87 -103.01
N ASP B 67 -17.49 -24.45 -102.61
CA ASP B 67 -16.44 -25.37 -102.14
C ASP B 67 -16.08 -26.40 -103.21
N SER B 68 -15.95 -25.95 -104.46
CA SER B 68 -15.53 -26.80 -105.55
C SER B 68 -14.88 -26.00 -106.67
N THR B 92 2.23 -29.26 -115.21
CA THR B 92 0.86 -28.81 -114.97
C THR B 92 0.37 -29.23 -113.60
N GLY B 93 0.94 -28.62 -112.55
CA GLY B 93 0.53 -28.89 -111.20
C GLY B 93 -0.47 -27.87 -110.71
N PRO B 94 -0.69 -27.82 -109.41
CA PRO B 94 -1.58 -26.79 -108.85
C PRO B 94 -0.95 -25.41 -108.92
N THR B 95 -1.82 -24.40 -108.99
CA THR B 95 -1.42 -23.01 -108.87
C THR B 95 -2.42 -22.31 -107.97
N GLY B 96 -1.98 -21.23 -107.35
CA GLY B 96 -2.85 -20.50 -106.45
C GLY B 96 -3.95 -19.75 -107.18
N ILE B 97 -5.04 -19.53 -106.48
CA ILE B 97 -6.17 -18.77 -107.01
C ILE B 97 -5.91 -17.30 -106.75
N LYS B 98 -6.09 -16.46 -107.77
CA LYS B 98 -5.83 -15.04 -107.67
C LYS B 98 -7.15 -14.29 -107.54
N TYR B 99 -7.29 -13.52 -106.47
CA TYR B 99 -8.49 -12.75 -106.22
C TYR B 99 -8.35 -11.28 -106.58
N ASP B 100 -7.14 -10.81 -106.86
CA ASP B 100 -6.89 -9.42 -107.23
C ASP B 100 -7.43 -8.45 -106.17
N LEU B 101 -7.19 -8.76 -104.91
CA LEU B 101 -7.60 -7.91 -103.81
C LEU B 101 -6.38 -7.37 -103.08
N ASP B 102 -6.46 -6.13 -102.64
CA ASP B 102 -5.42 -5.51 -101.84
C ASP B 102 -5.45 -6.04 -100.42
N ARG B 103 -4.36 -5.80 -99.68
CA ARG B 103 -4.38 -6.05 -98.25
C ARG B 103 -5.45 -5.23 -97.57
N HIS B 104 -5.68 -4.00 -98.05
CA HIS B 104 -6.70 -3.16 -97.44
C HIS B 104 -8.10 -3.61 -97.80
N GLN B 105 -8.31 -4.13 -99.01
CA GLN B 105 -9.61 -4.69 -99.34
C GLN B 105 -9.92 -5.89 -98.47
N TYR B 106 -8.92 -6.73 -98.20
CA TYR B 106 -9.10 -7.85 -97.28
C TYR B 106 -9.40 -7.36 -95.87
N ASN B 107 -8.69 -6.34 -95.40
CA ASN B 107 -8.97 -5.80 -94.07
C ASN B 107 -10.39 -5.26 -94.00
N TYR B 108 -10.85 -4.59 -95.05
CA TYR B 108 -12.19 -4.06 -95.06
C TYR B 108 -13.22 -5.17 -95.02
N VAL B 109 -13.05 -6.20 -95.86
CA VAL B 109 -14.07 -7.24 -95.90
C VAL B 109 -14.06 -8.03 -94.61
N ASP B 110 -12.90 -8.23 -94.00
CA ASP B 110 -12.86 -8.97 -92.75
C ASP B 110 -13.44 -8.14 -91.60
N ALA B 111 -13.24 -6.82 -91.63
CA ALA B 111 -13.88 -5.95 -90.64
C ALA B 111 -15.40 -6.00 -90.78
N VAL B 112 -15.90 -5.92 -92.01
CA VAL B 112 -17.34 -5.95 -92.24
C VAL B 112 -17.93 -7.29 -91.83
N CYS B 113 -17.26 -8.37 -92.21
CA CYS B 113 -17.76 -9.69 -91.86
C CYS B 113 -17.68 -9.96 -90.37
N TYR B 114 -16.69 -9.39 -89.68
CA TYR B 114 -16.64 -9.48 -88.23
C TYR B 114 -17.80 -8.71 -87.59
N GLU B 115 -18.06 -7.50 -88.08
CA GLU B 115 -19.11 -6.69 -87.50
C GLU B 115 -20.48 -7.30 -87.72
N ASN B 116 -20.76 -7.77 -88.92
CA ASN B 116 -22.12 -8.17 -89.28
C ASN B 116 -22.39 -9.65 -89.03
N ARG B 117 -21.62 -10.53 -89.65
CA ARG B 117 -21.99 -11.94 -89.65
C ARG B 117 -21.37 -12.74 -88.52
N LEU B 118 -20.52 -12.15 -87.68
CA LEU B 118 -20.09 -12.86 -86.48
C LEU B 118 -21.19 -12.79 -85.44
N HIS B 119 -21.47 -13.91 -84.80
CA HIS B 119 -22.57 -13.96 -83.84
C HIS B 119 -22.23 -13.10 -82.63
N TRP B 120 -23.24 -12.36 -82.15
CA TRP B 120 -23.02 -11.43 -81.04
C TRP B 120 -22.45 -12.13 -79.83
N PHE B 121 -22.82 -13.39 -79.62
CA PHE B 121 -22.33 -14.14 -78.47
C PHE B 121 -20.82 -14.33 -78.57
N ALA B 122 -20.32 -14.68 -79.76
CA ALA B 122 -18.88 -14.84 -79.93
C ALA B 122 -18.15 -13.54 -79.64
N LYS B 123 -18.71 -12.42 -80.09
CA LYS B 123 -18.04 -11.14 -79.87
C LYS B 123 -18.03 -10.74 -78.40
N TYR B 124 -19.17 -10.88 -77.71
CA TYR B 124 -19.35 -10.25 -76.42
C TYR B 124 -19.46 -11.23 -75.26
N PHE B 125 -19.08 -12.50 -75.45
CA PHE B 125 -19.13 -13.46 -74.36
C PHE B 125 -18.27 -13.07 -73.17
N PRO B 126 -17.00 -12.68 -73.31
CA PRO B 126 -16.24 -12.30 -72.10
C PRO B 126 -16.83 -11.11 -71.37
N TYR B 127 -17.41 -10.15 -72.09
CA TYR B 127 -18.00 -9.00 -71.42
C TYR B 127 -19.26 -9.40 -70.65
N LEU B 128 -20.05 -10.31 -71.21
CA LEU B 128 -21.20 -10.83 -70.47
C LEU B 128 -20.75 -11.56 -69.22
N VAL B 129 -19.68 -12.36 -69.33
CA VAL B 129 -19.17 -13.06 -68.15
C VAL B 129 -18.70 -12.07 -67.10
N LEU B 130 -17.98 -11.03 -67.52
CA LEU B 130 -17.54 -10.02 -66.58
C LEU B 130 -18.72 -9.34 -65.89
N LEU B 131 -19.77 -9.03 -66.65
CA LEU B 131 -20.95 -8.40 -66.07
C LEU B 131 -21.60 -9.31 -65.04
N HIS B 132 -21.76 -10.60 -65.38
CA HIS B 132 -22.41 -11.52 -64.46
C HIS B 132 -21.58 -11.76 -63.20
N THR B 133 -20.26 -11.86 -63.34
CA THR B 133 -19.43 -12.06 -62.16
C THR B 133 -19.41 -10.81 -61.28
N LEU B 134 -19.37 -9.63 -61.90
CA LEU B 134 -19.41 -8.41 -61.11
C LEU B 134 -20.72 -8.29 -60.35
N ILE B 135 -21.83 -8.63 -60.99
CA ILE B 135 -23.09 -8.52 -60.28
C ILE B 135 -23.21 -9.62 -59.21
N PHE B 136 -22.60 -10.78 -59.44
CA PHE B 136 -22.53 -11.79 -58.38
C PHE B 136 -21.77 -11.29 -57.17
N LEU B 137 -20.61 -10.65 -57.40
CA LEU B 137 -19.83 -10.10 -56.30
C LEU B 137 -20.58 -8.99 -55.57
N ALA B 138 -21.25 -8.12 -56.33
CA ALA B 138 -22.05 -7.07 -55.71
C ALA B 138 -23.17 -7.66 -54.86
N CYS B 139 -23.82 -8.71 -55.36
CA CYS B 139 -24.85 -9.38 -54.58
C CYS B 139 -24.27 -9.98 -53.31
N SER B 140 -23.07 -10.53 -53.38
CA SER B 140 -22.46 -11.09 -52.17
C SER B 140 -22.13 -10.00 -51.15
N ASN B 141 -21.59 -8.88 -51.60
CA ASN B 141 -21.02 -7.89 -50.69
C ASN B 141 -21.95 -6.73 -50.36
N PHE B 142 -23.17 -6.70 -50.89
CA PHE B 142 -24.07 -5.60 -50.59
C PHE B 142 -24.39 -5.52 -49.09
N TRP B 143 -24.65 -6.67 -48.45
CA TRP B 143 -25.01 -6.65 -47.04
C TRP B 143 -23.85 -6.21 -46.16
N PHE B 144 -22.62 -6.29 -46.66
CA PHE B 144 -21.46 -5.75 -45.94
C PHE B 144 -21.26 -4.27 -46.22
N LYS B 145 -21.54 -3.81 -47.44
CA LYS B 145 -21.31 -2.42 -47.78
C LYS B 145 -22.48 -1.51 -47.43
N PHE B 146 -23.69 -2.04 -47.32
CA PHE B 146 -24.84 -1.21 -47.01
C PHE B 146 -24.81 -0.84 -45.54
N PRO B 147 -24.75 0.45 -45.20
CA PRO B 147 -24.51 0.83 -43.79
C PRO B 147 -25.58 0.34 -42.82
N ARG B 148 -26.84 0.26 -43.26
CA ARG B 148 -27.91 -0.14 -42.34
C ARG B 148 -27.68 -1.55 -41.80
N THR B 149 -27.28 -2.48 -42.67
CA THR B 149 -26.95 -3.83 -42.23
C THR B 149 -25.48 -3.97 -41.83
N SER B 150 -24.61 -3.12 -42.37
CA SER B 150 -23.20 -3.16 -41.98
C SER B 150 -23.03 -2.85 -40.50
N SER B 151 -23.76 -1.85 -40.01
CA SER B 151 -23.67 -1.51 -38.59
C SER B 151 -24.14 -2.65 -37.71
N LYS B 152 -25.26 -3.29 -38.07
CA LYS B 152 -25.74 -4.41 -37.28
C LYS B 152 -24.75 -5.57 -37.29
N LEU B 153 -24.19 -5.89 -38.46
CA LEU B 153 -23.24 -6.99 -38.53
C LEU B 153 -21.98 -6.70 -37.73
N GLU B 154 -21.46 -5.47 -37.82
CA GLU B 154 -20.25 -5.15 -37.07
C GLU B 154 -20.51 -5.12 -35.57
N HIS B 155 -21.69 -4.64 -35.15
CA HIS B 155 -22.01 -4.64 -33.74
C HIS B 155 -22.13 -6.08 -33.21
N PHE B 156 -22.81 -6.94 -33.97
CA PHE B 156 -22.92 -8.33 -33.57
C PHE B 156 -21.56 -8.99 -33.48
N VAL B 157 -20.69 -8.75 -34.47
CA VAL B 157 -19.40 -9.43 -34.45
C VAL B 157 -18.53 -8.91 -33.31
N SER B 158 -18.60 -7.60 -33.03
CA SER B 158 -17.83 -7.06 -31.91
C SER B 158 -18.29 -7.65 -30.59
N ILE B 159 -19.60 -7.73 -30.39
CA ILE B 159 -20.11 -8.26 -29.12
C ILE B 159 -19.85 -9.76 -29.02
N LEU B 160 -19.98 -10.49 -30.14
CA LEU B 160 -19.68 -11.91 -30.12
C LEU B 160 -18.21 -12.17 -29.83
N LEU B 161 -17.33 -11.32 -30.36
CA LEU B 161 -15.90 -11.50 -30.10
C LEU B 161 -15.56 -11.18 -28.64
N LYS B 162 -16.13 -10.10 -28.10
CA LYS B 162 -15.84 -9.78 -26.71
C LYS B 162 -16.48 -10.77 -25.74
N CYS B 163 -17.58 -11.42 -26.14
CA CYS B 163 -18.12 -12.51 -25.33
C CYS B 163 -17.36 -13.81 -25.54
N PHE B 164 -16.64 -13.94 -26.65
CA PHE B 164 -15.78 -15.10 -26.85
C PHE B 164 -14.51 -14.98 -26.03
N ASP B 165 -14.01 -13.76 -25.85
CA ASP B 165 -12.78 -13.54 -25.10
C ASP B 165 -13.00 -13.44 -23.60
N SER B 166 -14.25 -13.36 -23.16
CA SER B 166 -14.52 -13.28 -21.73
C SER B 166 -14.34 -14.65 -21.07
N PRO B 167 -13.67 -14.72 -19.92
CA PRO B 167 -13.36 -16.03 -19.32
C PRO B 167 -14.49 -16.67 -18.54
N TRP B 168 -15.58 -15.95 -18.25
CA TRP B 168 -16.67 -16.53 -17.47
C TRP B 168 -17.30 -17.72 -18.18
N THR B 169 -17.13 -17.82 -19.50
CA THR B 169 -17.80 -18.86 -20.28
C THR B 169 -17.28 -20.25 -19.93
N THR B 170 -15.95 -20.41 -19.86
CA THR B 170 -15.39 -21.72 -19.56
C THR B 170 -15.71 -22.12 -18.13
N ARG B 171 -15.75 -21.16 -17.21
CA ARG B 171 -16.13 -21.48 -15.84
C ARG B 171 -17.57 -21.95 -15.77
N ALA B 172 -18.47 -21.28 -16.49
CA ALA B 172 -19.86 -21.70 -16.52
C ALA B 172 -20.00 -23.10 -17.13
N LEU B 173 -19.24 -23.38 -18.19
CA LEU B 173 -19.29 -24.70 -18.81
C LEU B 173 -18.77 -25.78 -17.86
N SER B 174 -17.70 -25.47 -17.12
CA SER B 174 -17.09 -26.47 -16.25
C SER B 174 -17.92 -26.73 -15.01
N GLU B 175 -18.76 -25.77 -14.60
CA GLU B 175 -19.52 -25.90 -13.36
C GLU B 175 -20.43 -27.12 -13.34
N THR B 176 -20.86 -27.59 -14.52
CA THR B 176 -21.77 -28.74 -14.63
C THR B 176 -23.04 -28.53 -13.83
N LYS B 216 -38.37 -39.64 -1.19
CA LYS B 216 -37.20 -39.76 -0.31
C LYS B 216 -37.27 -38.74 0.81
N SER B 217 -36.69 -39.09 1.96
CA SER B 217 -36.69 -38.18 3.10
C SER B 217 -35.81 -36.96 2.87
N ARG B 218 -34.69 -37.13 2.18
CA ARG B 218 -33.74 -36.02 2.03
C ARG B 218 -34.27 -34.95 1.08
N ILE B 219 -35.04 -35.34 0.06
CA ILE B 219 -35.50 -34.37 -0.92
C ILE B 219 -36.62 -33.51 -0.35
N GLU B 220 -37.52 -34.11 0.43
CA GLU B 220 -38.68 -33.39 0.96
C GLU B 220 -38.37 -32.65 2.26
N GLN B 221 -37.10 -32.43 2.59
CA GLN B 221 -36.72 -31.76 3.82
C GLN B 221 -35.72 -30.64 3.57
N GLY B 222 -35.81 -30.00 2.41
CA GLY B 222 -35.02 -28.81 2.14
C GLY B 222 -33.53 -29.03 2.10
N ILE B 223 -33.10 -30.28 2.04
CA ILE B 223 -31.68 -30.62 2.00
C ILE B 223 -31.25 -30.70 0.54
N VAL B 224 -30.30 -29.85 0.16
CA VAL B 224 -29.83 -29.77 -1.21
C VAL B 224 -28.38 -30.24 -1.26
N ASP B 225 -27.97 -30.67 -2.46
CA ASP B 225 -26.64 -31.25 -2.64
C ASP B 225 -25.58 -30.15 -2.65
N ARG B 226 -24.33 -30.57 -2.50
CA ARG B 226 -23.21 -29.65 -2.46
C ARG B 226 -23.00 -28.97 -3.80
N SER B 227 -22.66 -27.69 -3.74
CA SER B 227 -22.30 -26.91 -4.92
C SER B 227 -21.01 -26.16 -4.62
N GLU B 228 -20.09 -26.15 -5.57
CA GLU B 228 -18.79 -25.52 -5.38
C GLU B 228 -18.84 -24.03 -5.67
N THR B 229 -17.86 -23.31 -5.14
CA THR B 229 -17.76 -21.87 -5.32
C THR B 229 -16.29 -21.51 -5.55
N GLY B 230 -16.08 -20.33 -6.13
CA GLY B 230 -14.75 -19.82 -6.37
C GLY B 230 -14.66 -18.34 -6.05
N VAL B 231 -13.50 -17.78 -6.34
CA VAL B 231 -13.25 -16.35 -6.16
C VAL B 231 -12.80 -15.78 -7.51
N LEU B 232 -13.41 -14.66 -7.90
CA LEU B 232 -13.13 -14.03 -9.18
C LEU B 232 -12.78 -12.57 -8.97
N ASP B 233 -11.97 -12.03 -9.89
CA ASP B 233 -11.49 -10.66 -9.76
C ASP B 233 -12.65 -9.68 -9.80
N LYS B 234 -12.52 -8.61 -9.02
CA LYS B 234 -13.55 -7.56 -9.02
C LYS B 234 -13.60 -6.87 -10.37
N LYS B 235 -12.44 -6.56 -10.96
CA LYS B 235 -12.42 -5.89 -12.25
C LYS B 235 -13.07 -6.74 -13.32
N GLU B 236 -12.71 -8.02 -13.38
CA GLU B 236 -13.33 -8.91 -14.37
C GLU B 236 -14.81 -9.12 -14.07
N GLY B 237 -15.20 -9.08 -12.79
CA GLY B 237 -16.61 -9.17 -12.47
C GLY B 237 -17.39 -7.98 -12.98
N GLU B 238 -16.85 -6.77 -12.82
CA GLU B 238 -17.48 -5.59 -13.37
C GLU B 238 -17.53 -5.65 -14.89
N GLN B 239 -16.46 -6.15 -15.52
CA GLN B 239 -16.45 -6.29 -16.96
C GLN B 239 -17.54 -7.24 -17.42
N ALA B 240 -17.71 -8.36 -16.72
CA ALA B 240 -18.76 -9.32 -17.08
C ALA B 240 -20.14 -8.73 -16.85
N LYS B 241 -20.31 -7.93 -15.80
CA LYS B 241 -21.59 -7.27 -15.57
C LYS B 241 -21.92 -6.31 -16.72
N ALA B 242 -20.93 -5.50 -17.12
CA ALA B 242 -21.14 -4.59 -18.23
C ALA B 242 -21.40 -5.35 -19.52
N LEU B 243 -20.77 -6.51 -19.69
CA LEU B 243 -21.01 -7.31 -20.89
C LEU B 243 -22.41 -7.89 -20.91
N PHE B 244 -22.91 -8.35 -19.75
CA PHE B 244 -24.30 -8.77 -19.67
C PHE B 244 -25.24 -7.63 -20.04
N GLU B 245 -24.96 -6.43 -19.52
CA GLU B 245 -25.81 -5.28 -19.84
C GLU B 245 -25.79 -4.96 -21.33
N LYS B 246 -24.59 -4.96 -21.92
CA LYS B 246 -24.47 -4.65 -23.34
C LYS B 246 -25.14 -5.70 -24.21
N VAL B 247 -25.03 -6.99 -23.84
CA VAL B 247 -25.69 -8.03 -24.59
C VAL B 247 -27.21 -7.88 -24.49
N LYS B 248 -27.71 -7.51 -23.32
CA LYS B 248 -29.14 -7.22 -23.19
C LYS B 248 -29.56 -6.10 -24.14
N LYS B 249 -28.83 -4.98 -24.11
CA LYS B 249 -29.17 -3.85 -24.96
C LYS B 249 -29.12 -4.23 -26.44
N PHE B 250 -28.10 -4.99 -26.83
CA PHE B 250 -27.95 -5.35 -28.23
C PHE B 250 -29.04 -6.32 -28.67
N ARG B 251 -29.40 -7.28 -27.83
CA ARG B 251 -30.49 -8.18 -28.18
C ARG B 251 -31.79 -7.42 -28.32
N THR B 252 -32.04 -6.46 -27.44
CA THR B 252 -33.23 -5.63 -27.57
C THR B 252 -33.21 -4.85 -28.88
N HIS B 253 -32.05 -4.28 -29.24
CA HIS B 253 -31.94 -3.51 -30.47
C HIS B 253 -32.17 -4.38 -31.70
N VAL B 254 -31.66 -5.62 -31.68
CA VAL B 254 -31.68 -6.47 -32.86
C VAL B 254 -32.97 -7.27 -33.01
N GLU B 255 -33.68 -7.55 -31.90
CA GLU B 255 -34.87 -8.39 -31.96
C GLU B 255 -35.94 -7.84 -32.89
N GLU B 256 -35.93 -6.54 -33.17
CA GLU B 256 -37.00 -5.90 -33.93
C GLU B 256 -36.70 -5.74 -35.43
N GLY B 257 -35.43 -5.76 -35.82
CA GLY B 257 -35.06 -5.37 -37.17
C GLY B 257 -35.46 -6.30 -38.31
N ASP B 258 -34.87 -7.50 -38.34
CA ASP B 258 -35.06 -8.45 -39.43
C ASP B 258 -34.71 -7.82 -40.78
N ILE B 259 -33.65 -7.03 -40.80
CA ILE B 259 -33.18 -6.39 -42.03
C ILE B 259 -32.03 -7.15 -42.66
N VAL B 260 -31.07 -7.62 -41.85
CA VAL B 260 -29.97 -8.40 -42.39
C VAL B 260 -30.49 -9.69 -43.02
N TYR B 261 -31.43 -10.35 -42.35
CA TYR B 261 -32.00 -11.57 -42.89
C TYR B 261 -32.71 -11.32 -44.22
N ARG B 262 -33.49 -10.23 -44.30
CA ARG B 262 -34.17 -9.94 -45.55
C ARG B 262 -33.19 -9.65 -46.67
N LEU B 263 -32.15 -8.87 -46.40
CA LEU B 263 -31.16 -8.56 -47.43
C LEU B 263 -30.46 -9.83 -47.89
N TYR B 264 -30.10 -10.70 -46.96
CA TYR B 264 -29.43 -11.95 -47.32
C TYR B 264 -30.35 -12.84 -48.15
N MET B 265 -31.63 -12.90 -47.79
CA MET B 265 -32.58 -13.68 -48.56
C MET B 265 -32.71 -13.14 -49.99
N ARG B 266 -32.81 -11.81 -50.12
CA ARG B 266 -32.91 -11.21 -51.45
C ARG B 266 -31.65 -11.46 -52.27
N GLN B 267 -30.48 -11.38 -51.64
CA GLN B 267 -29.23 -11.64 -52.34
C GLN B 267 -29.20 -13.06 -52.87
N THR B 268 -29.58 -14.03 -52.03
CA THR B 268 -29.56 -15.42 -52.49
C THR B 268 -30.57 -15.67 -53.61
N ILE B 269 -31.76 -15.08 -53.50
CA ILE B 269 -32.75 -15.28 -54.53
C ILE B 269 -32.29 -14.68 -55.87
N ILE B 270 -31.68 -13.49 -55.81
CA ILE B 270 -31.14 -12.88 -57.03
C ILE B 270 -30.07 -13.77 -57.64
N LYS B 271 -29.18 -14.30 -56.79
CA LYS B 271 -28.14 -15.19 -57.31
C LYS B 271 -28.73 -16.40 -58.03
N VAL B 272 -29.74 -17.02 -57.43
CA VAL B 272 -30.30 -18.23 -58.05
C VAL B 272 -31.00 -17.92 -59.36
N ILE B 273 -31.81 -16.85 -59.40
CA ILE B 273 -32.52 -16.55 -60.64
C ILE B 273 -31.54 -16.15 -61.74
N LYS B 274 -30.49 -15.41 -61.37
CA LYS B 274 -29.48 -15.03 -62.34
C LYS B 274 -28.76 -16.26 -62.88
N PHE B 275 -28.47 -17.22 -62.01
CA PHE B 275 -27.87 -18.48 -62.47
C PHE B 275 -28.77 -19.16 -63.49
N ALA B 276 -30.06 -19.24 -63.19
CA ALA B 276 -30.97 -19.93 -64.11
C ALA B 276 -30.98 -19.26 -65.47
N LEU B 277 -31.11 -17.93 -65.48
CA LEU B 277 -31.14 -17.19 -66.74
C LEU B 277 -29.86 -17.41 -67.54
N ILE B 278 -28.70 -17.24 -66.89
CA ILE B 278 -27.44 -17.29 -67.63
C ILE B 278 -27.18 -18.70 -68.13
N ILE B 279 -27.48 -19.73 -67.32
CA ILE B 279 -27.29 -21.10 -67.80
C ILE B 279 -28.14 -21.34 -69.04
N CYS B 280 -29.41 -20.93 -69.00
CA CYS B 280 -30.30 -21.23 -70.11
C CYS B 280 -29.81 -20.56 -71.39
N TYR B 281 -29.57 -19.25 -71.34
CA TYR B 281 -29.22 -18.55 -72.58
C TYR B 281 -27.83 -18.95 -73.07
N THR B 282 -26.88 -19.15 -72.15
CA THR B 282 -25.53 -19.53 -72.57
C THR B 282 -25.53 -20.90 -73.24
N VAL B 283 -26.24 -21.88 -72.67
CA VAL B 283 -26.27 -23.18 -73.30
C VAL B 283 -26.98 -23.11 -74.64
N TYR B 284 -28.00 -22.26 -74.75
CA TYR B 284 -28.68 -22.14 -76.04
C TYR B 284 -27.74 -21.56 -77.11
N TYR B 285 -26.97 -20.54 -76.77
CA TYR B 285 -26.22 -19.78 -77.77
C TYR B 285 -24.77 -20.23 -77.94
N VAL B 286 -24.28 -21.17 -77.14
CA VAL B 286 -22.86 -21.53 -77.27
C VAL B 286 -22.56 -22.22 -78.59
N HIS B 287 -23.56 -22.74 -79.30
CA HIS B 287 -23.30 -23.45 -80.55
C HIS B 287 -22.95 -22.51 -81.70
N ASN B 288 -23.16 -21.21 -81.54
CA ASN B 288 -22.88 -20.25 -82.59
C ASN B 288 -21.42 -19.83 -82.65
N ILE B 289 -20.57 -20.35 -81.76
CA ILE B 289 -19.15 -20.05 -81.80
C ILE B 289 -18.49 -21.08 -82.72
N LYS B 290 -18.44 -20.77 -84.01
CA LYS B 290 -17.89 -21.68 -85.01
C LYS B 290 -16.60 -21.11 -85.56
N PHE B 291 -15.69 -22.00 -85.97
CA PHE B 291 -14.46 -21.54 -86.58
C PHE B 291 -14.70 -21.00 -87.99
N ASP B 292 -15.47 -21.71 -88.80
CA ASP B 292 -15.71 -21.32 -90.17
C ASP B 292 -17.05 -20.60 -90.28
N VAL B 293 -17.01 -19.39 -90.82
CA VAL B 293 -18.17 -18.53 -90.92
C VAL B 293 -18.35 -18.15 -92.39
N ASP B 294 -19.60 -18.12 -92.84
CA ASP B 294 -19.95 -17.65 -94.16
C ASP B 294 -20.65 -16.30 -94.04
N CYS B 295 -20.13 -15.29 -94.73
CA CYS B 295 -20.79 -14.00 -94.76
C CYS B 295 -21.10 -13.60 -96.19
N THR B 296 -22.33 -13.16 -96.42
CA THR B 296 -22.77 -12.52 -97.65
C THR B 296 -23.15 -11.11 -97.25
N VAL B 297 -22.16 -10.22 -97.24
CA VAL B 297 -22.31 -8.92 -96.60
C VAL B 297 -22.70 -7.81 -97.55
N ASP B 298 -22.78 -8.10 -98.85
CA ASP B 298 -23.17 -7.12 -99.86
C ASP B 298 -22.23 -5.91 -99.85
N ILE B 299 -20.97 -6.17 -100.16
CA ILE B 299 -20.02 -5.12 -100.55
C ILE B 299 -19.40 -5.61 -101.85
N GLU B 300 -20.04 -5.28 -102.98
CA GLU B 300 -19.49 -5.61 -104.28
C GLU B 300 -18.97 -4.40 -105.01
N SER B 301 -19.45 -3.21 -104.69
CA SER B 301 -18.89 -1.99 -105.24
C SER B 301 -17.49 -1.72 -104.72
N LEU B 302 -17.06 -2.42 -103.67
CA LEU B 302 -15.76 -2.20 -103.07
C LEU B 302 -14.81 -3.37 -103.21
N THR B 303 -15.30 -4.59 -103.45
CA THR B 303 -14.44 -5.73 -103.63
C THR B 303 -14.70 -6.52 -104.90
N GLY B 304 -15.90 -6.48 -105.46
CA GLY B 304 -16.22 -7.27 -106.64
C GLY B 304 -16.72 -8.66 -106.36
N TYR B 305 -16.81 -9.05 -105.09
CA TYR B 305 -17.24 -10.39 -104.72
C TYR B 305 -18.51 -10.32 -103.87
N ARG B 306 -19.34 -11.36 -104.00
CA ARG B 306 -20.61 -11.43 -103.29
C ARG B 306 -20.46 -12.02 -101.90
N THR B 307 -19.88 -13.21 -101.79
CA THR B 307 -19.81 -13.96 -100.55
C THR B 307 -18.36 -14.25 -100.21
N TYR B 308 -18.11 -14.49 -98.93
CA TYR B 308 -16.78 -14.77 -98.41
C TYR B 308 -16.87 -15.91 -97.41
N ARG B 309 -15.80 -16.67 -97.31
CA ARG B 309 -15.66 -17.71 -96.30
C ARG B 309 -14.58 -17.29 -95.31
N CYS B 310 -14.90 -17.31 -94.03
CA CYS B 310 -14.05 -16.70 -93.03
C CYS B 310 -13.67 -17.69 -91.95
N ALA B 311 -12.49 -17.47 -91.37
CA ALA B 311 -11.99 -18.22 -90.25
C ALA B 311 -12.03 -17.34 -89.02
N HIS B 312 -12.53 -17.88 -87.91
CA HIS B 312 -12.50 -17.19 -86.62
C HIS B 312 -11.51 -17.94 -85.73
N PRO B 313 -10.23 -17.57 -85.74
CA PRO B 313 -9.23 -18.38 -85.03
C PRO B 313 -9.44 -18.46 -83.53
N LEU B 314 -10.18 -17.54 -82.93
CA LEU B 314 -10.46 -17.59 -81.52
C LEU B 314 -11.75 -18.33 -81.19
N ALA B 315 -12.38 -18.96 -82.17
CA ALA B 315 -13.66 -19.61 -81.92
C ALA B 315 -13.50 -20.84 -81.04
N THR B 316 -12.49 -21.66 -81.28
CA THR B 316 -12.36 -22.89 -80.50
C THR B 316 -11.96 -22.60 -79.06
N LEU B 317 -11.06 -21.66 -78.85
CA LEU B 317 -10.73 -21.26 -77.48
C LEU B 317 -11.92 -20.64 -76.79
N PHE B 318 -12.68 -19.82 -77.50
CA PHE B 318 -13.88 -19.24 -76.88
C PHE B 318 -14.91 -20.30 -76.56
N LYS B 319 -14.99 -21.36 -77.37
CA LYS B 319 -15.89 -22.46 -77.04
C LYS B 319 -15.41 -23.21 -75.81
N ILE B 320 -14.10 -23.41 -75.70
CA ILE B 320 -13.53 -24.04 -74.50
C ILE B 320 -13.85 -23.20 -73.27
N LEU B 321 -13.63 -21.89 -73.37
CA LEU B 321 -13.92 -21.00 -72.25
C LEU B 321 -15.39 -20.99 -71.91
N ALA B 322 -16.26 -20.99 -72.92
CA ALA B 322 -17.69 -20.95 -72.67
C ALA B 322 -18.18 -22.23 -72.01
N SER B 323 -17.69 -23.39 -72.45
CA SER B 323 -18.11 -24.64 -71.84
C SER B 323 -17.54 -24.78 -70.43
N PHE B 324 -16.30 -24.34 -70.23
CA PHE B 324 -15.75 -24.26 -68.88
C PHE B 324 -16.62 -23.37 -68.00
N TYR B 325 -17.11 -22.27 -68.57
CA TYR B 325 -17.96 -21.35 -67.81
C TYR B 325 -19.31 -21.98 -67.49
N ILE B 326 -19.89 -22.72 -68.43
CA ILE B 326 -21.17 -23.35 -68.11
C ILE B 326 -20.98 -24.43 -67.04
N SER B 327 -19.85 -25.13 -67.05
CA SER B 327 -19.59 -26.09 -65.98
C SER B 327 -19.45 -25.38 -64.64
N LEU B 328 -18.71 -24.27 -64.61
CA LEU B 328 -18.57 -23.50 -63.38
C LEU B 328 -19.92 -23.00 -62.89
N VAL B 329 -20.75 -22.49 -63.80
CA VAL B 329 -22.05 -21.97 -63.39
C VAL B 329 -22.99 -23.10 -62.98
N ILE B 330 -22.84 -24.29 -63.56
CA ILE B 330 -23.60 -25.43 -63.09
C ILE B 330 -23.23 -25.75 -61.64
N PHE B 331 -21.92 -25.75 -61.34
CA PHE B 331 -21.51 -25.97 -59.96
C PHE B 331 -22.06 -24.88 -59.04
N TYR B 332 -21.96 -23.62 -59.48
CA TYR B 332 -22.47 -22.50 -58.69
C TYR B 332 -23.97 -22.62 -58.46
N GLY B 333 -24.70 -23.08 -59.48
CA GLY B 333 -26.14 -23.19 -59.35
C GLY B 333 -26.56 -24.34 -58.45
N LEU B 334 -25.86 -25.47 -58.54
CA LEU B 334 -26.14 -26.56 -57.61
C LEU B 334 -25.84 -26.13 -56.17
N ILE B 335 -24.73 -25.41 -55.98
CA ILE B 335 -24.40 -24.92 -54.64
C ILE B 335 -25.47 -23.96 -54.14
N CYS B 336 -25.93 -23.03 -54.98
CA CYS B 336 -26.94 -22.08 -54.55
C CYS B 336 -28.29 -22.75 -54.35
N MET B 337 -28.61 -23.78 -55.14
CA MET B 337 -29.84 -24.53 -54.92
C MET B 337 -29.80 -25.23 -53.57
N TYR B 338 -28.66 -25.85 -53.23
CA TYR B 338 -28.52 -26.46 -51.92
C TYR B 338 -28.63 -25.41 -50.81
N THR B 339 -28.04 -24.23 -51.03
CA THR B 339 -28.11 -23.17 -50.02
C THR B 339 -29.54 -22.70 -49.80
N LEU B 340 -30.30 -22.52 -50.89
CA LEU B 340 -31.68 -22.06 -50.74
C LEU B 340 -32.56 -23.16 -50.15
N TRP B 341 -32.29 -24.42 -50.51
CA TRP B 341 -32.99 -25.54 -49.89
C TRP B 341 -32.74 -25.55 -48.39
N TRP B 342 -31.51 -25.30 -47.98
CA TRP B 342 -31.19 -25.23 -46.55
C TRP B 342 -31.88 -24.06 -45.88
N MET B 343 -31.81 -22.87 -46.50
CA MET B 343 -32.39 -21.69 -45.88
C MET B 343 -33.91 -21.72 -45.85
N LEU B 344 -34.53 -22.59 -46.66
CA LEU B 344 -35.98 -22.74 -46.59
C LEU B 344 -36.38 -23.87 -45.65
N ARG B 345 -35.63 -24.97 -45.64
CA ARG B 345 -35.98 -26.10 -44.77
C ARG B 345 -35.68 -25.81 -43.31
N ARG B 346 -34.65 -24.98 -43.05
CA ARG B 346 -34.18 -24.79 -41.68
C ARG B 346 -35.16 -23.96 -40.84
N SER B 347 -35.77 -22.94 -41.45
CA SER B 347 -36.60 -21.97 -40.72
C SER B 347 -35.78 -21.27 -39.64
N LEU B 348 -34.73 -20.57 -40.09
CA LEU B 348 -33.73 -19.97 -39.21
C LEU B 348 -34.11 -18.57 -38.73
N LYS B 349 -35.40 -18.20 -38.76
CA LYS B 349 -35.81 -16.94 -38.15
C LYS B 349 -35.84 -17.02 -36.63
N LYS B 350 -35.80 -18.22 -36.06
CA LYS B 350 -35.81 -18.44 -34.63
C LYS B 350 -34.69 -19.42 -34.27
N TYR B 351 -34.03 -19.17 -33.14
CA TYR B 351 -32.93 -20.01 -32.67
C TYR B 351 -33.42 -20.89 -31.52
N SER B 352 -33.11 -22.17 -31.59
CA SER B 352 -33.72 -23.15 -30.69
C SER B 352 -32.96 -23.26 -29.37
N PHE B 353 -31.65 -23.47 -29.43
CA PHE B 353 -30.78 -23.59 -28.25
C PHE B 353 -31.14 -24.81 -27.39
N GLU B 354 -31.85 -25.79 -27.95
CA GLU B 354 -32.40 -26.85 -27.09
C GLU B 354 -31.34 -27.85 -26.66
N SER B 355 -30.35 -28.15 -27.51
CA SER B 355 -29.40 -29.20 -27.18
C SER B 355 -28.48 -28.79 -26.04
N ILE B 356 -27.93 -27.58 -26.10
CA ILE B 356 -26.96 -27.14 -25.11
C ILE B 356 -27.58 -27.13 -23.72
N ARG B 357 -28.76 -26.52 -23.58
CA ARG B 357 -29.39 -26.44 -22.27
C ARG B 357 -30.06 -27.75 -21.86
N GLU B 358 -30.48 -28.58 -22.82
CA GLU B 358 -31.04 -29.88 -22.49
C GLU B 358 -29.96 -30.82 -21.96
N GLU B 359 -28.70 -30.60 -22.35
CA GLU B 359 -27.61 -31.39 -21.77
C GLU B 359 -27.06 -30.75 -20.50
N SER B 360 -26.59 -29.52 -20.59
CA SER B 360 -25.85 -28.88 -19.50
C SER B 360 -26.74 -28.19 -18.48
N SER B 361 -28.06 -28.22 -18.65
CA SER B 361 -29.01 -27.74 -17.65
C SER B 361 -28.83 -26.24 -17.36
N TYR B 362 -29.02 -25.43 -18.40
CA TYR B 362 -29.18 -23.98 -18.24
C TYR B 362 -30.42 -23.56 -19.03
N SER B 363 -31.59 -23.72 -18.40
CA SER B 363 -32.85 -23.52 -19.11
C SER B 363 -33.26 -22.05 -19.22
N ASP B 364 -32.51 -21.14 -18.61
CA ASP B 364 -32.86 -19.72 -18.64
C ASP B 364 -32.23 -19.01 -19.82
N ILE B 365 -32.42 -19.60 -21.00
CA ILE B 365 -32.05 -18.98 -22.27
C ILE B 365 -33.26 -19.00 -23.18
N PRO B 366 -34.00 -17.90 -23.29
CA PRO B 366 -35.21 -17.91 -24.12
C PRO B 366 -34.86 -17.97 -25.60
N ASP B 367 -35.83 -18.47 -26.38
CA ASP B 367 -35.65 -18.55 -27.83
C ASP B 367 -35.49 -17.16 -28.43
N VAL B 368 -34.84 -17.11 -29.58
CA VAL B 368 -34.39 -15.86 -30.20
C VAL B 368 -35.32 -15.49 -31.34
N LYS B 369 -35.68 -14.21 -31.42
CA LYS B 369 -36.55 -13.71 -32.47
C LYS B 369 -35.72 -13.25 -33.67
N ASN B 370 -36.33 -12.50 -34.57
CA ASN B 370 -35.75 -12.21 -35.87
C ASN B 370 -34.47 -11.39 -35.77
N ASP B 371 -33.59 -11.59 -36.76
CA ASP B 371 -32.36 -10.83 -37.01
C ASP B 371 -31.28 -11.15 -35.99
N PHE B 372 -31.62 -11.91 -34.96
CA PHE B 372 -30.63 -12.38 -34.00
C PHE B 372 -30.49 -13.89 -33.99
N ALA B 373 -31.43 -14.62 -34.60
CA ALA B 373 -31.29 -16.05 -34.79
C ALA B 373 -30.58 -16.39 -36.11
N PHE B 374 -30.72 -15.51 -37.11
CA PHE B 374 -30.05 -15.75 -38.39
C PHE B 374 -28.53 -15.73 -38.23
N MET B 375 -28.02 -14.73 -37.50
CA MET B 375 -26.59 -14.63 -37.28
C MET B 375 -26.07 -15.82 -36.46
N LEU B 376 -26.87 -16.26 -35.48
CA LEU B 376 -26.47 -17.43 -34.71
C LEU B 376 -26.50 -18.70 -35.56
N HIS B 377 -27.43 -18.81 -36.50
CA HIS B 377 -27.41 -19.96 -37.41
C HIS B 377 -26.17 -19.94 -38.29
N LEU B 378 -25.79 -18.76 -38.79
CA LEU B 378 -24.53 -18.63 -39.52
C LEU B 378 -23.36 -19.11 -38.67
N ILE B 379 -23.30 -18.64 -37.42
CA ILE B 379 -22.23 -19.06 -36.53
C ILE B 379 -22.25 -20.57 -36.32
N ASP B 380 -23.43 -21.15 -36.15
CA ASP B 380 -23.54 -22.59 -35.94
C ASP B 380 -23.01 -23.35 -37.13
N GLN B 381 -23.28 -22.87 -38.35
CA GLN B 381 -22.68 -23.49 -39.52
C GLN B 381 -21.16 -23.37 -39.48
N TYR B 382 -20.65 -22.20 -39.07
CA TYR B 382 -19.20 -22.04 -38.94
C TYR B 382 -18.66 -22.82 -37.75
N ASP B 383 -19.09 -22.46 -36.53
CA ASP B 383 -18.59 -23.10 -35.32
C ASP B 383 -19.57 -22.96 -34.16
N PRO B 384 -20.12 -24.07 -33.64
CA PRO B 384 -21.02 -23.98 -32.48
C PRO B 384 -20.35 -23.45 -31.22
N LEU B 385 -19.02 -23.43 -31.18
CA LEU B 385 -18.32 -22.93 -30.01
C LEU B 385 -18.70 -21.49 -29.69
N TYR B 386 -18.74 -20.63 -30.71
CA TYR B 386 -19.19 -19.27 -30.50
C TYR B 386 -20.65 -19.23 -30.04
N SER B 387 -21.47 -20.16 -30.53
CA SER B 387 -22.86 -20.22 -30.09
C SER B 387 -22.95 -20.45 -28.59
N LYS B 388 -22.14 -21.36 -28.06
CA LYS B 388 -22.17 -21.60 -26.62
C LYS B 388 -21.54 -20.45 -25.84
N ARG B 389 -20.43 -19.89 -26.34
CA ARG B 389 -19.80 -18.75 -25.67
C ARG B 389 -20.70 -17.52 -25.64
N PHE B 390 -21.70 -17.46 -26.52
CA PHE B 390 -22.71 -16.42 -26.45
C PHE B 390 -23.91 -16.83 -25.61
N ALA B 391 -24.29 -18.11 -25.66
CA ALA B 391 -25.43 -18.59 -24.88
C ALA B 391 -25.18 -18.44 -23.39
N VAL B 392 -23.95 -18.65 -22.95
CA VAL B 392 -23.64 -18.46 -21.54
C VAL B 392 -23.90 -17.01 -21.12
N PHE B 393 -23.47 -16.05 -21.94
CA PHE B 393 -23.71 -14.65 -21.60
C PHE B 393 -25.15 -14.24 -21.78
N LEU B 394 -25.93 -14.98 -22.57
CA LEU B 394 -27.33 -14.65 -22.75
C LEU B 394 -28.23 -15.30 -21.71
N SER B 395 -27.71 -16.20 -20.90
CA SER B 395 -28.52 -16.87 -19.89
C SER B 395 -28.75 -15.96 -18.68
N GLU B 396 -29.79 -16.29 -17.93
CA GLU B 396 -30.12 -15.57 -16.70
C GLU B 396 -29.55 -16.23 -15.46
N VAL B 397 -29.44 -17.56 -15.43
CA VAL B 397 -28.78 -18.24 -14.34
C VAL B 397 -27.36 -17.73 -14.17
N SER B 398 -26.63 -17.63 -15.29
CA SER B 398 -25.28 -17.11 -15.24
C SER B 398 -25.24 -15.67 -14.77
N GLU B 399 -26.22 -14.86 -15.21
CA GLU B 399 -26.26 -13.48 -14.76
C GLU B 399 -26.45 -13.38 -13.26
N ASN B 400 -27.34 -14.21 -12.71
CA ASN B 400 -27.55 -14.19 -11.26
C ASN B 400 -26.32 -14.70 -10.52
N LYS B 401 -25.64 -15.71 -11.06
CA LYS B 401 -24.43 -16.20 -10.42
C LYS B 401 -23.32 -15.13 -10.43
N LEU B 402 -23.17 -14.44 -11.55
CA LEU B 402 -22.21 -13.34 -11.61
C LEU B 402 -22.62 -12.22 -10.66
N ARG B 403 -23.94 -12.01 -10.50
CA ARG B 403 -24.41 -11.06 -9.50
C ARG B 403 -24.02 -11.49 -8.10
N GLN B 404 -24.10 -12.79 -7.82
CA GLN B 404 -23.66 -13.32 -6.54
C GLN B 404 -22.18 -13.03 -6.32
N LEU B 405 -21.36 -13.25 -7.35
CA LEU B 405 -19.94 -12.99 -7.23
C LEU B 405 -19.66 -11.51 -7.00
N ASN B 406 -20.35 -10.64 -7.74
CA ASN B 406 -20.17 -9.20 -7.57
C ASN B 406 -20.62 -8.75 -6.18
N LEU B 407 -21.71 -9.32 -5.66
CA LEU B 407 -22.15 -9.00 -4.31
C LEU B 407 -21.14 -9.49 -3.28
N ASN B 408 -20.55 -10.66 -3.51
CA ASN B 408 -19.47 -11.13 -2.64
C ASN B 408 -18.33 -10.13 -2.62
N ASN B 409 -17.93 -9.64 -3.79
CA ASN B 409 -16.83 -8.69 -3.86
C ASN B 409 -17.21 -7.34 -3.23
N GLU B 410 -18.46 -6.93 -3.36
CA GLU B 410 -18.88 -5.64 -2.83
C GLU B 410 -18.96 -5.68 -1.30
N TRP B 411 -19.57 -6.72 -0.74
CA TRP B 411 -19.75 -6.83 0.70
C TRP B 411 -18.50 -7.45 1.35
N THR B 412 -17.43 -6.67 1.35
CA THR B 412 -16.20 -7.13 1.98
C THR B 412 -16.36 -7.16 3.49
N LEU B 413 -15.46 -7.91 4.14
CA LEU B 413 -15.55 -8.13 5.58
C LEU B 413 -15.59 -6.82 6.35
N ASP B 414 -14.82 -5.82 5.90
CA ASP B 414 -14.85 -4.51 6.54
C ASP B 414 -16.21 -3.87 6.39
N LYS B 415 -16.82 -3.96 5.21
CA LYS B 415 -18.14 -3.38 5.00
C LYS B 415 -19.19 -4.03 5.90
N LEU B 416 -19.16 -5.36 5.98
CA LEU B 416 -20.11 -6.07 6.84
C LEU B 416 -19.89 -5.72 8.31
N ARG B 417 -18.63 -5.66 8.74
CA ARG B 417 -18.35 -5.34 10.14
C ARG B 417 -18.80 -3.93 10.47
N GLN B 418 -18.62 -2.98 9.56
CA GLN B 418 -19.17 -1.65 9.76
C GLN B 418 -20.69 -1.68 9.76
N ARG B 419 -21.27 -2.61 9.01
CA ARG B 419 -22.72 -2.76 8.98
C ARG B 419 -23.26 -3.50 10.20
N LEU B 420 -22.40 -4.19 10.95
CA LEU B 420 -22.87 -4.91 12.13
C LEU B 420 -23.33 -3.94 13.20
N THR B 421 -24.50 -4.24 13.77
CA THR B 421 -25.05 -3.49 14.89
C THR B 421 -25.40 -4.46 16.00
N LYS B 422 -25.87 -3.91 17.12
CA LYS B 422 -26.27 -4.70 18.28
C LYS B 422 -27.76 -4.49 18.54
N ASN B 423 -28.50 -5.58 18.63
CA ASN B 423 -29.92 -5.50 18.92
C ASN B 423 -30.12 -5.14 20.39
N ALA B 424 -31.39 -5.14 20.82
CA ALA B 424 -31.71 -4.76 22.19
C ALA B 424 -31.06 -5.69 23.21
N GLN B 425 -30.84 -6.95 22.86
CA GLN B 425 -30.28 -7.94 23.77
C GLN B 425 -28.75 -7.93 23.78
N ASP B 426 -28.14 -6.83 23.31
CA ASP B 426 -26.68 -6.66 23.31
C ASP B 426 -25.99 -7.82 22.57
N LYS B 427 -26.59 -8.24 21.46
CA LYS B 427 -26.04 -9.27 20.60
C LYS B 427 -25.68 -8.65 19.26
N LEU B 428 -24.52 -9.04 18.72
CA LEU B 428 -24.09 -8.54 17.42
C LEU B 428 -25.04 -9.05 16.35
N GLU B 429 -25.56 -8.14 15.54
CA GLU B 429 -26.66 -8.40 14.63
C GLU B 429 -26.27 -8.00 13.21
N LEU B 430 -26.67 -8.82 12.24
CA LEU B 430 -26.53 -8.51 10.82
C LEU B 430 -27.88 -8.67 10.17
N HIS B 431 -28.46 -7.56 9.72
CA HIS B 431 -29.78 -7.56 9.09
C HIS B 431 -29.59 -7.30 7.59
N LEU B 432 -29.85 -8.32 6.79
CA LEU B 432 -29.73 -8.22 5.34
C LEU B 432 -31.11 -8.02 4.74
N PHE B 433 -31.27 -6.96 3.96
CA PHE B 433 -32.56 -6.61 3.37
C PHE B 433 -32.41 -6.45 1.86
N MET B 434 -33.25 -7.16 1.11
CA MET B 434 -33.35 -7.01 -0.34
C MET B 434 -31.99 -7.20 -1.02
N LEU B 435 -31.39 -8.36 -0.79
CA LEU B 435 -30.23 -8.80 -1.54
C LEU B 435 -30.58 -10.03 -2.37
N SER B 436 -29.89 -10.17 -3.50
CA SER B 436 -30.15 -11.30 -4.38
C SER B 436 -29.82 -12.63 -3.73
N GLY B 437 -29.01 -12.63 -2.69
CA GLY B 437 -28.69 -13.84 -1.96
C GLY B 437 -27.84 -13.51 -0.76
N ILE B 438 -27.56 -14.54 0.04
CA ILE B 438 -26.68 -14.37 1.19
C ILE B 438 -25.25 -14.26 0.69
N PRO B 439 -24.55 -13.16 0.94
CA PRO B 439 -23.15 -13.07 0.53
C PRO B 439 -22.33 -14.19 1.16
N ASP B 440 -21.41 -14.74 0.37
CA ASP B 440 -20.59 -15.84 0.86
C ASP B 440 -19.63 -15.41 1.96
N THR B 441 -19.40 -14.11 2.10
CA THR B 441 -18.45 -13.58 3.07
C THR B 441 -19.10 -13.15 4.38
N VAL B 442 -20.41 -13.31 4.53
CA VAL B 442 -21.02 -13.05 5.83
C VAL B 442 -20.62 -14.10 6.84
N PHE B 443 -20.12 -15.24 6.38
CA PHE B 443 -19.74 -16.34 7.26
C PHE B 443 -18.28 -16.29 7.66
N ASP B 444 -17.56 -15.25 7.26
CA ASP B 444 -16.23 -14.99 7.79
C ASP B 444 -16.26 -14.10 9.02
N LEU B 445 -17.44 -13.63 9.43
CA LEU B 445 -17.60 -12.83 10.64
C LEU B 445 -17.81 -13.80 11.80
N VAL B 446 -16.73 -14.09 12.54
CA VAL B 446 -16.84 -15.02 13.65
C VAL B 446 -17.62 -14.43 14.81
N GLU B 447 -17.73 -13.11 14.89
CA GLU B 447 -18.44 -12.45 16.00
C GLU B 447 -19.94 -12.33 15.77
N LEU B 448 -20.45 -12.80 14.64
CA LEU B 448 -21.88 -12.68 14.36
C LEU B 448 -22.68 -13.54 15.32
N GLU B 449 -23.75 -12.96 15.87
CA GLU B 449 -24.61 -13.63 16.82
C GLU B 449 -26.00 -13.90 16.27
N VAL B 450 -26.62 -12.91 15.63
CA VAL B 450 -27.95 -13.05 15.06
C VAL B 450 -27.88 -12.70 13.57
N LEU B 451 -28.43 -13.57 12.74
CA LEU B 451 -28.46 -13.37 11.29
C LEU B 451 -29.92 -13.20 10.86
N LYS B 452 -30.28 -11.99 10.44
CA LYS B 452 -31.62 -11.68 9.97
C LYS B 452 -31.63 -11.61 8.46
N LEU B 453 -32.51 -12.37 7.83
CA LEU B 453 -32.65 -12.41 6.38
C LEU B 453 -34.06 -11.99 6.02
N GLU B 454 -34.20 -10.89 5.28
CA GLU B 454 -35.50 -10.38 4.87
C GLU B 454 -35.51 -10.16 3.37
N LEU B 455 -36.50 -10.74 2.69
CA LEU B 455 -36.72 -10.53 1.26
C LEU B 455 -35.47 -10.88 0.45
N ILE B 456 -34.88 -12.03 0.76
CA ILE B 456 -33.77 -12.60 0.01
C ILE B 456 -34.28 -13.87 -0.66
N PRO B 457 -34.36 -13.92 -1.98
CA PRO B 457 -35.08 -15.01 -2.65
C PRO B 457 -34.19 -16.19 -3.02
N ASP B 458 -34.84 -17.35 -3.15
CA ASP B 458 -34.27 -18.58 -3.69
C ASP B 458 -32.82 -18.76 -3.26
N VAL B 459 -32.61 -18.78 -1.95
CA VAL B 459 -31.27 -18.75 -1.38
C VAL B 459 -30.98 -20.09 -0.72
N THR B 460 -29.70 -20.41 -0.64
CA THR B 460 -29.22 -21.68 -0.11
C THR B 460 -28.30 -21.40 1.08
N ILE B 461 -28.49 -22.14 2.16
CA ILE B 461 -27.60 -22.02 3.32
C ILE B 461 -26.36 -22.86 3.02
N PRO B 462 -25.20 -22.23 2.83
CA PRO B 462 -24.02 -22.96 2.41
C PRO B 462 -23.40 -23.71 3.58
N PRO B 463 -22.56 -24.70 3.32
CA PRO B 463 -21.83 -25.36 4.42
C PRO B 463 -20.86 -24.44 5.11
N SER B 464 -20.52 -23.31 4.51
CA SER B 464 -19.58 -22.37 5.13
C SER B 464 -20.19 -21.68 6.34
N ILE B 465 -21.49 -21.86 6.59
CA ILE B 465 -22.12 -21.27 7.76
C ILE B 465 -21.60 -21.89 9.05
N ALA B 466 -20.97 -23.06 8.95
CA ALA B 466 -20.40 -23.71 10.13
C ALA B 466 -19.28 -22.91 10.76
N GLN B 467 -18.72 -21.93 10.06
CA GLN B 467 -17.74 -21.03 10.66
C GLN B 467 -18.36 -20.08 11.67
N LEU B 468 -19.66 -19.85 11.59
CA LEU B 468 -20.36 -18.96 12.52
C LEU B 468 -20.55 -19.70 13.85
N THR B 469 -19.44 -19.86 14.57
CA THR B 469 -19.48 -20.58 15.83
C THR B 469 -20.37 -19.87 16.84
N GLY B 470 -20.34 -18.54 16.86
CA GLY B 470 -21.13 -17.75 17.77
C GLY B 470 -22.53 -17.42 17.32
N LEU B 471 -22.98 -17.99 16.20
CA LEU B 471 -24.33 -17.73 15.72
C LEU B 471 -25.35 -18.45 16.60
N LYS B 472 -26.36 -17.71 17.05
CA LYS B 472 -27.40 -18.26 17.92
C LYS B 472 -28.80 -18.14 17.35
N GLU B 473 -29.12 -17.06 16.66
CA GLU B 473 -30.46 -16.80 16.16
C GLU B 473 -30.42 -16.61 14.64
N LEU B 474 -31.43 -17.18 13.96
CA LEU B 474 -31.58 -17.03 12.52
C LEU B 474 -33.00 -16.56 12.24
N TRP B 475 -33.12 -15.38 11.65
CA TRP B 475 -34.42 -14.81 11.29
C TRP B 475 -34.62 -14.98 9.79
N LEU B 476 -35.68 -15.69 9.41
CA LEU B 476 -36.03 -15.90 8.02
C LEU B 476 -37.31 -15.12 7.73
N TYR B 477 -37.15 -13.88 7.29
CA TYR B 477 -38.28 -13.01 6.99
C TYR B 477 -38.65 -13.17 5.52
N HIS B 478 -39.76 -13.84 5.26
CA HIS B 478 -40.27 -14.05 3.90
C HIS B 478 -39.20 -14.69 3.01
N THR B 479 -38.43 -15.60 3.59
CA THR B 479 -37.31 -16.24 2.89
C THR B 479 -37.44 -17.75 3.02
N ALA B 480 -37.64 -18.42 1.90
CA ALA B 480 -37.55 -19.87 1.84
C ALA B 480 -36.12 -20.23 1.47
N ALA B 481 -35.38 -20.80 2.41
CA ALA B 481 -33.98 -21.13 2.23
C ALA B 481 -33.80 -22.63 2.30
N LYS B 482 -33.13 -23.19 1.29
CA LYS B 482 -32.72 -24.59 1.33
C LYS B 482 -31.34 -24.71 1.99
N ILE B 483 -31.09 -25.88 2.56
CA ILE B 483 -29.89 -26.10 3.34
C ILE B 483 -29.19 -27.35 2.82
N GLU B 484 -27.92 -27.47 3.17
CA GLU B 484 -27.11 -28.64 2.84
C GLU B 484 -26.80 -29.41 4.11
N ALA B 485 -26.48 -30.69 3.94
CA ALA B 485 -26.24 -31.56 5.09
C ALA B 485 -25.20 -31.02 6.08
N PRO B 486 -24.04 -30.49 5.65
CA PRO B 486 -23.12 -29.92 6.65
C PRO B 486 -23.72 -28.74 7.40
N ALA B 487 -24.33 -27.80 6.66
CA ALA B 487 -24.95 -26.65 7.31
C ALA B 487 -26.11 -27.08 8.18
N LEU B 488 -26.91 -28.05 7.73
CA LEU B 488 -28.01 -28.54 8.53
C LEU B 488 -27.51 -29.16 9.83
N ALA B 489 -26.45 -29.96 9.76
CA ALA B 489 -25.91 -30.55 10.98
C ALA B 489 -25.36 -29.48 11.92
N PHE B 490 -24.66 -28.49 11.38
CA PHE B 490 -24.13 -27.42 12.22
C PHE B 490 -25.25 -26.67 12.93
N LEU B 491 -26.29 -26.30 12.19
CA LEU B 491 -27.41 -25.59 12.81
C LEU B 491 -28.14 -26.47 13.81
N ARG B 492 -28.31 -27.75 13.50
CA ARG B 492 -28.92 -28.69 14.43
C ARG B 492 -28.12 -28.78 15.72
N GLU B 493 -26.80 -28.58 15.65
CA GLU B 493 -25.97 -28.63 16.84
C GLU B 493 -25.82 -27.29 17.54
N ASN B 494 -26.10 -26.17 16.86
CA ASN B 494 -25.73 -24.87 17.41
C ASN B 494 -26.89 -23.88 17.52
N LEU B 495 -27.81 -23.90 16.56
CA LEU B 495 -28.82 -22.85 16.48
C LEU B 495 -29.76 -22.91 17.69
N ARG B 496 -29.97 -21.76 18.32
CA ARG B 496 -30.78 -21.64 19.52
C ARG B 496 -32.18 -21.09 19.25
N ALA B 497 -32.28 -20.07 18.39
CA ALA B 497 -33.53 -19.38 18.11
C ALA B 497 -33.77 -19.32 16.62
N LEU B 498 -35.04 -19.39 16.22
CA LEU B 498 -35.44 -19.33 14.82
C LEU B 498 -36.67 -18.45 14.67
N HIS B 499 -36.56 -17.41 13.85
CA HIS B 499 -37.68 -16.52 13.55
C HIS B 499 -38.16 -16.80 12.14
N ILE B 500 -39.38 -17.33 12.01
CA ILE B 500 -39.97 -17.65 10.72
C ILE B 500 -41.18 -16.75 10.52
N LYS B 501 -41.08 -15.83 9.56
CA LYS B 501 -42.20 -14.98 9.16
C LYS B 501 -42.55 -15.31 7.71
N PHE B 502 -43.77 -15.75 7.49
CA PHE B 502 -44.14 -16.30 6.19
C PHE B 502 -45.55 -15.85 5.82
N THR B 503 -45.73 -15.49 4.55
CA THR B 503 -47.06 -15.30 3.99
C THR B 503 -47.58 -16.58 3.33
N ASP B 504 -46.81 -17.66 3.36
CA ASP B 504 -47.18 -18.91 2.71
C ASP B 504 -46.57 -20.06 3.49
N ILE B 505 -47.31 -21.18 3.55
CA ILE B 505 -46.82 -22.36 4.26
C ILE B 505 -45.53 -22.86 3.62
N LYS B 506 -45.47 -22.88 2.29
CA LYS B 506 -44.30 -23.41 1.60
C LYS B 506 -43.04 -22.60 1.88
N GLU B 507 -43.18 -21.35 2.32
CA GLU B 507 -42.01 -20.55 2.66
C GLU B 507 -41.37 -20.99 3.97
N ILE B 508 -42.05 -21.79 4.78
CA ILE B 508 -41.45 -22.40 5.96
C ILE B 508 -40.52 -23.50 5.49
N PRO B 509 -39.22 -23.42 5.78
CA PRO B 509 -38.34 -24.55 5.48
C PRO B 509 -38.76 -25.77 6.27
N LEU B 510 -38.68 -26.93 5.64
CA LEU B 510 -39.11 -28.16 6.29
C LEU B 510 -37.98 -28.85 7.04
N TRP B 511 -36.77 -28.31 6.99
CA TRP B 511 -35.66 -28.81 7.79
C TRP B 511 -35.60 -28.17 9.16
N ILE B 512 -36.51 -27.25 9.49
CA ILE B 512 -36.49 -26.60 10.79
C ILE B 512 -36.97 -27.50 11.91
N TYR B 513 -37.63 -28.62 11.58
CA TYR B 513 -38.06 -29.57 12.59
C TYR B 513 -36.97 -30.56 12.95
N SER B 514 -35.83 -30.51 12.26
CA SER B 514 -34.67 -31.34 12.55
C SER B 514 -33.60 -30.61 13.34
N LEU B 515 -33.88 -29.39 13.80
CA LEU B 515 -32.96 -28.65 14.67
C LEU B 515 -33.21 -29.10 16.09
N LYS B 516 -32.47 -30.10 16.54
CA LYS B 516 -32.76 -30.75 17.81
C LYS B 516 -32.15 -30.02 19.01
N THR B 517 -31.43 -28.92 18.79
CA THR B 517 -30.98 -28.08 19.89
C THR B 517 -31.72 -26.75 19.93
N LEU B 518 -32.78 -26.61 19.15
CA LEU B 518 -33.55 -25.37 19.13
C LEU B 518 -34.30 -25.17 20.45
N GLU B 519 -34.31 -23.94 20.93
CA GLU B 519 -34.97 -23.61 22.19
C GLU B 519 -36.07 -22.57 22.07
N GLU B 520 -36.04 -21.72 21.04
CA GLU B 520 -36.96 -20.59 20.92
C GLU B 520 -37.42 -20.47 19.49
N LEU B 521 -38.69 -20.72 19.24
CA LEU B 521 -39.28 -20.68 17.90
C LEU B 521 -40.35 -19.61 17.85
N HIS B 522 -40.23 -18.71 16.88
CA HIS B 522 -41.18 -17.63 16.67
C HIS B 522 -41.89 -17.86 15.33
N LEU B 523 -43.16 -18.29 15.39
CA LEU B 523 -43.95 -18.52 14.19
C LEU B 523 -44.80 -17.28 13.91
N THR B 524 -44.47 -16.58 12.83
CA THR B 524 -45.17 -15.36 12.42
C THR B 524 -45.81 -15.59 11.06
N GLY B 525 -47.12 -15.45 10.98
CA GLY B 525 -47.83 -15.62 9.73
C GLY B 525 -48.94 -16.63 9.89
N ASN B 526 -50.02 -16.42 9.13
CA ASN B 526 -51.18 -17.30 9.21
C ASN B 526 -50.83 -18.70 8.74
N LEU B 527 -51.17 -19.70 9.53
CA LEU B 527 -50.83 -21.08 9.21
C LEU B 527 -52.04 -21.99 9.01
N SER B 528 -53.17 -21.69 9.63
CA SER B 528 -54.32 -22.57 9.56
C SER B 528 -54.89 -22.59 8.15
N ALA B 529 -55.43 -23.74 7.75
CA ALA B 529 -56.07 -23.90 6.46
C ALA B 529 -57.23 -24.89 6.60
N GLU B 530 -58.01 -25.01 5.53
CA GLU B 530 -59.20 -25.84 5.55
C GLU B 530 -58.86 -27.30 5.31
N ASN B 531 -59.34 -28.17 6.19
CA ASN B 531 -59.27 -29.62 6.05
C ASN B 531 -57.86 -30.17 6.20
N ASN B 532 -56.87 -29.29 6.40
CA ASN B 532 -55.49 -29.73 6.59
C ASN B 532 -54.79 -28.89 7.66
N ARG B 533 -55.55 -28.33 8.59
CA ARG B 533 -55.00 -27.42 9.57
C ARG B 533 -54.08 -28.15 10.54
N TYR B 534 -53.04 -27.44 10.98
CA TYR B 534 -52.15 -27.90 12.05
C TYR B 534 -51.45 -29.21 11.68
N ILE B 535 -51.08 -29.33 10.40
CA ILE B 535 -50.32 -30.48 9.93
C ILE B 535 -48.89 -30.11 9.55
N VAL B 536 -48.64 -28.88 9.11
CA VAL B 536 -47.26 -28.45 8.89
C VAL B 536 -46.49 -28.40 10.20
N ILE B 537 -47.17 -28.08 11.30
CA ILE B 537 -46.51 -27.96 12.60
C ILE B 537 -46.61 -29.28 13.34
N ASP B 538 -46.98 -30.35 12.64
CA ASP B 538 -46.91 -31.69 13.23
C ASP B 538 -45.49 -32.08 13.60
N GLY B 539 -44.49 -31.45 12.97
CA GLY B 539 -43.09 -31.70 13.24
C GLY B 539 -42.52 -30.97 14.43
N LEU B 540 -43.34 -30.21 15.15
CA LEU B 540 -42.85 -29.52 16.35
C LEU B 540 -42.54 -30.48 17.48
N ARG B 541 -43.14 -31.67 17.48
CA ARG B 541 -42.85 -32.65 18.53
C ARG B 541 -41.38 -33.07 18.50
N GLU B 542 -40.76 -33.03 17.32
CA GLU B 542 -39.36 -33.40 17.21
C GLU B 542 -38.42 -32.35 17.80
N LEU B 543 -38.90 -31.14 18.04
CA LEU B 543 -38.12 -30.10 18.72
C LEU B 543 -38.19 -30.37 20.22
N LYS B 544 -37.34 -31.30 20.66
CA LYS B 544 -37.41 -31.79 22.04
C LYS B 544 -36.85 -30.80 23.05
N ARG B 545 -36.14 -29.76 22.60
CA ARG B 545 -35.55 -28.78 23.50
C ARG B 545 -36.20 -27.41 23.37
N LEU B 546 -37.41 -27.34 22.83
CA LEU B 546 -38.08 -26.06 22.63
C LEU B 546 -38.63 -25.56 23.96
N LYS B 547 -38.37 -24.28 24.26
CA LYS B 547 -38.85 -23.64 25.47
C LYS B 547 -39.75 -22.45 25.23
N VAL B 548 -39.41 -21.60 24.26
CA VAL B 548 -40.17 -20.38 23.97
C VAL B 548 -40.84 -20.56 22.62
N LEU B 549 -42.16 -20.55 22.61
CA LEU B 549 -42.94 -20.73 21.39
C LEU B 549 -43.87 -19.55 21.22
N ARG B 550 -43.64 -18.74 20.19
CA ARG B 550 -44.46 -17.59 19.89
C ARG B 550 -45.31 -17.88 18.67
N LEU B 551 -46.63 -17.85 18.86
CA LEU B 551 -47.59 -18.16 17.80
C LEU B 551 -48.37 -16.90 17.45
N LYS B 552 -47.98 -16.24 16.37
CA LYS B 552 -48.71 -15.10 15.82
C LYS B 552 -49.26 -15.54 14.46
N SER B 553 -50.40 -16.22 14.49
CA SER B 553 -50.92 -16.86 13.28
C SER B 553 -52.44 -16.78 13.12
N ASN B 554 -53.13 -15.95 13.90
CA ASN B 554 -54.58 -15.84 13.84
C ASN B 554 -55.25 -17.19 14.08
N LEU B 555 -54.81 -17.89 15.12
CA LEU B 555 -55.37 -19.19 15.44
C LEU B 555 -56.81 -19.04 15.93
N SER B 556 -57.71 -19.84 15.36
CA SER B 556 -59.08 -19.91 15.86
C SER B 556 -59.23 -20.98 16.94
N LYS B 557 -58.19 -21.75 17.19
CA LYS B 557 -58.18 -22.79 18.22
C LYS B 557 -56.74 -23.26 18.37
N LEU B 558 -56.31 -23.42 19.62
CA LEU B 558 -54.93 -23.80 19.89
C LEU B 558 -54.65 -25.17 19.30
N PRO B 559 -53.64 -25.31 18.45
CA PRO B 559 -53.38 -26.60 17.80
C PRO B 559 -53.04 -27.68 18.82
N GLN B 560 -53.40 -28.92 18.47
CA GLN B 560 -53.16 -30.04 19.37
C GLN B 560 -51.67 -30.25 19.59
N VAL B 561 -50.86 -30.09 18.54
CA VAL B 561 -49.43 -30.30 18.67
C VAL B 561 -48.82 -29.33 19.67
N VAL B 562 -49.34 -28.10 19.74
CA VAL B 562 -48.83 -27.14 20.70
C VAL B 562 -49.10 -27.63 22.12
N THR B 563 -50.30 -28.15 22.37
CA THR B 563 -50.59 -28.73 23.68
C THR B 563 -49.67 -29.91 23.99
N ASP B 564 -49.42 -30.75 22.98
CA ASP B 564 -48.58 -31.92 23.19
C ASP B 564 -47.14 -31.52 23.51
N VAL B 565 -46.62 -30.49 22.82
CA VAL B 565 -45.23 -30.07 23.00
C VAL B 565 -45.06 -29.11 24.16
N GLY B 566 -46.15 -28.59 24.72
CA GLY B 566 -46.04 -27.65 25.81
C GLY B 566 -45.75 -28.23 27.16
N VAL B 567 -45.65 -29.55 27.28
CA VAL B 567 -45.36 -30.16 28.58
C VAL B 567 -43.99 -29.72 29.09
N HIS B 568 -43.10 -29.30 28.19
CA HIS B 568 -41.79 -28.78 28.57
C HIS B 568 -41.59 -27.34 28.13
N LEU B 569 -42.59 -26.68 27.56
CA LEU B 569 -42.47 -25.27 27.22
C LEU B 569 -42.38 -24.44 28.50
N GLN B 570 -41.50 -23.44 28.47
CA GLN B 570 -41.38 -22.51 29.59
C GLN B 570 -42.04 -21.17 29.31
N LYS B 571 -42.38 -20.87 28.06
CA LYS B 571 -43.05 -19.63 27.72
C LYS B 571 -43.87 -19.82 26.45
N LEU B 572 -45.16 -19.52 26.52
CA LEU B 572 -46.05 -19.57 25.36
C LEU B 572 -46.59 -18.18 25.11
N SER B 573 -46.42 -17.70 23.88
CA SER B 573 -46.85 -16.37 23.49
C SER B 573 -47.73 -16.48 22.24
N ILE B 574 -48.95 -15.95 22.32
CA ILE B 574 -49.91 -16.01 21.23
C ILE B 574 -50.36 -14.60 20.90
N ASN B 575 -50.39 -14.27 19.60
CA ASN B 575 -50.83 -12.98 19.10
C ASN B 575 -51.75 -13.23 17.92
N ASN B 576 -53.05 -13.26 18.16
CA ASN B 576 -54.02 -13.47 17.09
C ASN B 576 -54.33 -12.20 16.29
N GLU B 577 -53.75 -11.07 16.68
CA GLU B 577 -53.93 -9.76 16.03
C GLU B 577 -55.39 -9.52 15.64
N GLY B 578 -56.30 -9.86 16.55
CA GLY B 578 -57.71 -9.59 16.39
C GLY B 578 -58.60 -10.80 16.27
N THR B 579 -58.04 -11.98 16.07
CA THR B 579 -58.83 -13.20 15.97
C THR B 579 -59.16 -13.71 17.36
N LYS B 580 -60.38 -14.20 17.53
CA LYS B 580 -60.77 -14.78 18.81
C LYS B 580 -60.14 -16.15 18.97
N LEU B 581 -59.52 -16.39 20.12
CA LEU B 581 -58.86 -17.65 20.41
C LEU B 581 -59.66 -18.42 21.46
N ILE B 582 -59.97 -19.67 21.17
CA ILE B 582 -60.71 -20.53 22.08
C ILE B 582 -59.74 -21.56 22.63
N VAL B 583 -59.40 -21.43 23.92
CA VAL B 583 -58.49 -22.41 24.53
C VAL B 583 -59.17 -23.76 24.64
N LEU B 584 -60.48 -23.77 24.94
CA LEU B 584 -61.33 -24.97 25.02
C LEU B 584 -60.61 -26.15 25.68
N ASN B 585 -60.18 -25.92 26.92
CA ASN B 585 -59.66 -26.97 27.79
C ASN B 585 -58.45 -27.67 27.17
N SER B 586 -57.51 -26.90 26.61
CA SER B 586 -56.31 -27.46 26.01
C SER B 586 -55.04 -26.86 26.60
N LEU B 587 -55.13 -26.14 27.72
CA LEU B 587 -54.00 -25.40 28.24
C LEU B 587 -53.52 -25.88 29.61
N LYS B 588 -54.19 -26.85 30.22
CA LYS B 588 -53.88 -27.25 31.59
C LYS B 588 -52.90 -28.41 31.66
N LYS B 589 -52.17 -28.69 30.58
CA LYS B 589 -51.15 -29.73 30.59
C LYS B 589 -49.73 -29.16 30.61
N MET B 590 -49.56 -27.87 30.36
CA MET B 590 -48.25 -27.25 30.32
C MET B 590 -47.87 -26.76 31.72
N VAL B 591 -47.63 -27.73 32.60
CA VAL B 591 -47.35 -27.41 33.99
C VAL B 591 -45.95 -26.85 34.19
N ASN B 592 -45.10 -26.91 33.18
CA ASN B 592 -43.77 -26.32 33.26
C ASN B 592 -43.74 -24.88 32.77
N LEU B 593 -44.87 -24.35 32.31
CA LEU B 593 -44.91 -22.99 31.78
C LEU B 593 -44.70 -21.98 32.90
N THR B 594 -43.96 -20.92 32.58
CA THR B 594 -43.73 -19.82 33.52
C THR B 594 -44.09 -18.45 32.98
N GLU B 595 -44.24 -18.29 31.68
CA GLU B 595 -44.71 -17.04 31.09
C GLU B 595 -45.77 -17.35 30.05
N LEU B 596 -46.93 -16.72 30.18
CA LEU B 596 -48.03 -16.89 29.25
C LEU B 596 -48.44 -15.53 28.73
N GLU B 597 -48.52 -15.40 27.41
CA GLU B 597 -48.88 -14.15 26.76
C GLU B 597 -50.00 -14.40 25.78
N LEU B 598 -51.09 -13.63 25.91
CA LEU B 598 -52.25 -13.72 25.02
C LEU B 598 -52.57 -12.31 24.55
N ILE B 599 -51.92 -11.87 23.48
CA ILE B 599 -52.03 -10.51 22.98
C ILE B 599 -53.01 -10.50 21.81
N ARG B 600 -54.01 -9.62 21.87
CA ARG B 600 -55.00 -9.46 20.81
C ARG B 600 -55.72 -10.76 20.53
N CYS B 601 -55.97 -11.55 21.58
CA CYS B 601 -56.74 -12.77 21.44
C CYS B 601 -58.24 -12.52 21.49
N ASP B 602 -58.67 -11.29 21.76
CA ASP B 602 -60.09 -10.93 21.82
C ASP B 602 -60.85 -11.85 22.76
N LEU B 603 -60.22 -12.15 23.90
CA LEU B 603 -60.81 -13.10 24.85
C LEU B 603 -62.11 -12.57 25.43
N GLU B 604 -62.13 -11.30 25.85
CA GLU B 604 -63.27 -10.66 26.49
C GLU B 604 -63.61 -11.34 27.81
N ARG B 605 -62.80 -12.33 28.20
CA ARG B 605 -63.01 -13.11 29.42
C ARG B 605 -61.76 -13.93 29.70
N ILE B 606 -61.28 -13.90 30.94
CA ILE B 606 -60.09 -14.66 31.32
C ILE B 606 -60.43 -16.14 31.34
N PRO B 607 -59.78 -16.96 30.53
CA PRO B 607 -60.07 -18.40 30.55
C PRO B 607 -59.62 -19.03 31.85
N HIS B 608 -60.40 -19.99 32.34
CA HIS B 608 -60.08 -20.60 33.63
C HIS B 608 -58.90 -21.56 33.54
N SER B 609 -58.45 -21.90 32.34
CA SER B 609 -57.32 -22.82 32.19
C SER B 609 -56.01 -22.22 32.69
N ILE B 610 -55.92 -20.90 32.76
CA ILE B 610 -54.67 -20.26 33.17
C ILE B 610 -54.32 -20.62 34.61
N PHE B 611 -55.31 -20.59 35.51
CA PHE B 611 -55.04 -20.77 36.92
C PHE B 611 -54.54 -22.17 37.28
N SER B 612 -54.64 -23.13 36.35
CA SER B 612 -54.13 -24.47 36.61
C SER B 612 -52.63 -24.59 36.38
N LEU B 613 -51.98 -23.56 35.84
CA LEU B 613 -50.55 -23.56 35.60
C LEU B 613 -49.85 -23.09 36.88
N HIS B 614 -49.57 -24.04 37.77
CA HIS B 614 -49.08 -23.70 39.10
C HIS B 614 -47.65 -23.17 39.09
N ASN B 615 -46.95 -23.23 37.95
CA ASN B 615 -45.60 -22.69 37.86
C ASN B 615 -45.54 -21.33 37.19
N LEU B 616 -46.68 -20.77 36.79
CA LEU B 616 -46.68 -19.51 36.06
C LEU B 616 -46.17 -18.38 36.95
N GLN B 617 -45.47 -17.45 36.33
CA GLN B 617 -44.96 -16.28 37.04
C GLN B 617 -45.34 -14.97 36.36
N GLU B 618 -45.35 -14.93 35.04
CA GLU B 618 -45.75 -13.74 34.29
C GLU B 618 -46.93 -14.11 33.39
N ILE B 619 -48.01 -13.34 33.48
CA ILE B 619 -49.17 -13.53 32.63
C ILE B 619 -49.53 -12.20 31.99
N ASP B 620 -49.52 -12.16 30.66
CA ASP B 620 -49.86 -10.97 29.91
C ASP B 620 -51.19 -11.22 29.20
N LEU B 621 -52.09 -10.25 29.30
CA LEU B 621 -53.42 -10.35 28.70
C LEU B 621 -53.75 -9.07 27.94
N LYS B 622 -52.78 -8.59 27.15
CA LYS B 622 -52.92 -7.34 26.44
C LYS B 622 -53.94 -7.46 25.30
N ASP B 623 -54.76 -6.42 25.14
CA ASP B 623 -55.67 -6.28 24.01
C ASP B 623 -56.67 -7.44 23.92
N ASN B 624 -57.07 -7.96 25.07
CA ASN B 624 -58.09 -9.00 25.10
C ASN B 624 -59.50 -8.44 25.24
N ASN B 625 -59.65 -7.11 25.24
CA ASN B 625 -60.95 -6.47 25.41
C ASN B 625 -61.62 -6.90 26.71
N LEU B 626 -60.81 -7.05 27.74
CA LEU B 626 -61.34 -7.45 29.05
C LEU B 626 -62.25 -6.36 29.61
N LYS B 627 -63.33 -6.78 30.24
CA LYS B 627 -64.28 -5.86 30.86
C LYS B 627 -64.27 -5.98 32.37
N THR B 628 -64.48 -7.19 32.90
CA THR B 628 -64.39 -7.47 34.32
C THR B 628 -63.25 -8.44 34.55
N ILE B 629 -62.38 -8.13 35.49
CA ILE B 629 -61.21 -8.96 35.77
C ILE B 629 -61.34 -9.54 37.17
N GLU B 630 -62.57 -9.79 37.60
CA GLU B 630 -62.79 -10.42 38.90
C GLU B 630 -62.29 -11.85 38.95
N GLU B 631 -61.92 -12.42 37.80
CA GLU B 631 -61.34 -13.76 37.78
C GLU B 631 -60.01 -13.84 38.53
N ILE B 632 -59.38 -12.69 38.80
CA ILE B 632 -58.07 -12.70 39.44
C ILE B 632 -58.10 -13.23 40.87
N ILE B 633 -59.27 -13.55 41.40
CA ILE B 633 -59.31 -14.23 42.69
C ILE B 633 -58.70 -15.61 42.59
N SER B 634 -58.91 -16.30 41.45
CA SER B 634 -58.32 -17.62 41.26
C SER B 634 -56.81 -17.57 41.11
N PHE B 635 -56.22 -16.40 40.90
CA PHE B 635 -54.76 -16.30 40.80
C PHE B 635 -54.07 -16.57 42.12
N GLN B 636 -54.81 -16.66 43.23
CA GLN B 636 -54.21 -17.06 44.49
C GLN B 636 -53.65 -18.48 44.44
N HIS B 637 -54.14 -19.31 43.50
CA HIS B 637 -53.56 -20.63 43.31
C HIS B 637 -52.10 -20.53 42.86
N LEU B 638 -51.82 -19.64 41.91
CA LEU B 638 -50.46 -19.41 41.44
C LEU B 638 -49.65 -18.80 42.58
N HIS B 639 -48.71 -19.56 43.12
CA HIS B 639 -47.97 -19.15 44.30
C HIS B 639 -46.67 -18.42 43.98
N ARG B 640 -46.39 -18.15 42.71
CA ARG B 640 -45.20 -17.39 42.33
C ARG B 640 -45.51 -16.32 41.28
N LEU B 641 -46.75 -15.83 41.23
CA LEU B 641 -47.18 -14.89 40.21
C LEU B 641 -46.64 -13.50 40.56
N THR B 642 -45.54 -13.12 39.93
CA THR B 642 -44.87 -11.85 40.23
C THR B 642 -45.29 -10.71 39.31
N CYS B 643 -45.40 -10.96 38.01
CA CYS B 643 -45.79 -9.93 37.05
C CYS B 643 -47.14 -10.30 36.48
N LEU B 644 -48.02 -9.30 36.35
CA LEU B 644 -49.36 -9.50 35.80
C LEU B 644 -49.75 -8.25 35.04
N LYS B 645 -49.74 -8.32 33.72
CA LYS B 645 -50.07 -7.20 32.87
C LYS B 645 -51.51 -7.34 32.39
N LEU B 646 -52.32 -6.31 32.63
CA LEU B 646 -53.69 -6.27 32.14
C LEU B 646 -53.94 -5.04 31.28
N TRP B 647 -52.87 -4.43 30.78
CA TRP B 647 -52.96 -3.18 30.03
C TRP B 647 -53.71 -3.37 28.72
N TYR B 648 -54.13 -2.25 28.14
CA TYR B 648 -54.81 -2.19 26.85
C TYR B 648 -56.06 -3.07 26.86
N ASN B 649 -57.00 -2.72 27.73
CA ASN B 649 -58.27 -3.40 27.81
C ASN B 649 -59.35 -2.36 28.08
N HIS B 650 -60.55 -2.84 28.39
CA HIS B 650 -61.67 -1.99 28.77
C HIS B 650 -62.03 -2.16 30.24
N ILE B 651 -61.02 -2.45 31.07
CA ILE B 651 -61.24 -2.78 32.46
C ILE B 651 -61.87 -1.58 33.17
N ALA B 652 -63.10 -1.75 33.64
CA ALA B 652 -63.82 -0.64 34.27
C ALA B 652 -63.34 -0.39 35.69
N TYR B 653 -62.90 -1.41 36.40
CA TYR B 653 -62.56 -1.25 37.81
C TYR B 653 -61.60 -2.35 38.22
N ILE B 654 -60.87 -2.09 39.30
CA ILE B 654 -59.96 -3.07 39.90
C ILE B 654 -60.73 -3.75 41.03
N PRO B 655 -61.01 -5.05 40.94
CA PRO B 655 -61.67 -5.73 42.06
C PRO B 655 -60.81 -5.69 43.31
N ILE B 656 -61.49 -5.62 44.46
CA ILE B 656 -60.79 -5.59 45.74
C ILE B 656 -60.06 -6.89 46.02
N GLN B 657 -60.37 -7.97 45.26
CA GLN B 657 -59.71 -9.25 45.46
C GLN B 657 -58.26 -9.22 45.04
N ILE B 658 -57.82 -8.16 44.35
CA ILE B 658 -56.43 -8.03 43.95
C ILE B 658 -55.49 -7.95 45.14
N GLY B 659 -56.03 -7.74 46.35
CA GLY B 659 -55.20 -7.74 47.54
C GLY B 659 -54.76 -9.12 47.98
N ASN B 660 -55.48 -10.17 47.58
CA ASN B 660 -55.11 -11.52 47.95
C ASN B 660 -53.82 -11.98 47.28
N LEU B 661 -53.36 -11.26 46.26
CA LEU B 661 -52.14 -11.63 45.54
C LEU B 661 -50.96 -10.88 46.16
N THR B 662 -50.58 -11.34 47.35
CA THR B 662 -49.52 -10.68 48.10
C THR B 662 -48.15 -10.84 47.46
N ASN B 663 -47.98 -11.83 46.59
CA ASN B 663 -46.68 -12.09 45.96
C ASN B 663 -46.46 -11.27 44.70
N LEU B 664 -47.44 -10.45 44.31
CA LEU B 664 -47.28 -9.59 43.14
C LEU B 664 -46.13 -8.62 43.34
N GLU B 665 -45.38 -8.37 42.28
CA GLU B 665 -44.33 -7.36 42.28
C GLU B 665 -44.50 -6.34 41.17
N ARG B 666 -44.91 -6.76 39.99
CA ARG B 666 -45.16 -5.85 38.87
C ARG B 666 -46.63 -5.96 38.48
N LEU B 667 -47.30 -4.82 38.37
CA LEU B 667 -48.71 -4.79 38.05
C LEU B 667 -48.94 -3.70 37.03
N TYR B 668 -49.49 -4.08 35.87
CA TYR B 668 -49.73 -3.14 34.77
C TYR B 668 -51.22 -3.10 34.51
N LEU B 669 -51.79 -1.88 34.52
CA LEU B 669 -53.22 -1.72 34.29
C LEU B 669 -53.50 -0.49 33.44
N ASN B 670 -52.52 -0.06 32.64
CA ASN B 670 -52.67 1.15 31.86
C ASN B 670 -53.64 0.94 30.70
N ARG B 671 -53.96 2.05 30.02
CA ARG B 671 -54.80 2.05 28.83
C ARG B 671 -56.13 1.34 29.08
N ASN B 672 -56.74 1.66 30.22
CA ASN B 672 -57.99 1.03 30.61
C ASN B 672 -59.07 2.06 30.90
N LYS B 673 -60.20 1.60 31.42
CA LYS B 673 -61.29 2.47 31.82
C LYS B 673 -61.43 2.50 33.35
N ILE B 674 -60.30 2.49 34.04
CA ILE B 674 -60.30 2.52 35.50
C ILE B 674 -60.62 3.94 35.96
N GLU B 675 -61.56 4.07 36.88
CA GLU B 675 -61.94 5.35 37.44
C GLU B 675 -61.49 5.55 38.88
N LYS B 676 -61.37 4.47 39.65
CA LYS B 676 -61.00 4.59 41.06
C LYS B 676 -60.08 3.43 41.42
N ILE B 677 -59.26 3.66 42.45
CA ILE B 677 -58.31 2.68 42.94
C ILE B 677 -58.79 2.18 44.29
N PRO B 678 -59.11 0.90 44.43
CA PRO B 678 -59.50 0.38 45.75
C PRO B 678 -58.34 0.42 46.72
N THR B 679 -58.68 0.59 48.00
CA THR B 679 -57.66 0.60 49.04
C THR B 679 -57.04 -0.78 49.25
N GLN B 680 -57.74 -1.84 48.85
CA GLN B 680 -57.21 -3.19 49.01
C GLN B 680 -56.03 -3.46 48.09
N LEU B 681 -55.91 -2.70 46.99
CA LEU B 681 -54.77 -2.86 46.11
C LEU B 681 -53.46 -2.60 46.83
N PHE B 682 -53.48 -1.73 47.84
CA PHE B 682 -52.28 -1.40 48.59
C PHE B 682 -52.02 -2.36 49.74
N TYR B 683 -52.61 -3.56 49.69
CA TYR B 683 -52.21 -4.63 50.59
C TYR B 683 -51.07 -5.46 50.02
N CYS B 684 -50.68 -5.22 48.76
CA CYS B 684 -49.58 -5.93 48.12
C CYS B 684 -48.30 -5.16 48.36
N ARG B 685 -47.70 -5.38 49.53
CA ARG B 685 -46.52 -4.63 49.92
C ARG B 685 -45.27 -5.06 49.14
N LYS B 686 -45.34 -6.16 48.40
CA LYS B 686 -44.24 -6.56 47.54
C LYS B 686 -44.28 -5.87 46.18
N LEU B 687 -45.32 -5.08 45.90
CA LEU B 687 -45.45 -4.43 44.62
C LEU B 687 -44.27 -3.49 44.37
N ARG B 688 -43.80 -3.47 43.12
CA ARG B 688 -42.65 -2.65 42.77
C ARG B 688 -42.94 -1.77 41.56
N TYR B 689 -43.82 -2.22 40.68
CA TYR B 689 -44.27 -1.44 39.54
C TYR B 689 -45.78 -1.36 39.59
N LEU B 690 -46.33 -0.15 39.49
CA LEU B 690 -47.77 0.07 39.42
C LEU B 690 -47.99 1.10 38.33
N ASP B 691 -48.21 0.64 37.11
CA ASP B 691 -48.44 1.53 35.98
C ASP B 691 -49.93 1.65 35.73
N LEU B 692 -50.46 2.86 35.87
CA LEU B 692 -51.89 3.13 35.69
C LEU B 692 -52.08 4.22 34.66
N SER B 693 -51.18 4.29 33.68
CA SER B 693 -51.19 5.35 32.69
C SER B 693 -52.47 5.31 31.87
N HIS B 694 -52.88 6.49 31.40
CA HIS B 694 -54.04 6.64 30.52
C HIS B 694 -55.29 6.00 31.13
N ASN B 695 -55.70 6.55 32.27
CA ASN B 695 -56.94 6.15 32.90
C ASN B 695 -57.73 7.38 33.33
N ASN B 696 -58.90 7.17 33.93
CA ASN B 696 -59.74 8.25 34.40
C ASN B 696 -59.62 8.45 35.91
N LEU B 697 -58.45 8.19 36.46
CA LEU B 697 -58.22 8.40 37.88
C LEU B 697 -58.24 9.90 38.21
N THR B 698 -58.85 10.24 39.33
CA THR B 698 -58.91 11.62 39.79
C THR B 698 -58.20 11.84 41.12
N PHE B 699 -57.86 10.79 41.84
CA PHE B 699 -57.16 10.93 43.12
C PHE B 699 -56.44 9.62 43.44
N LEU B 700 -55.48 9.71 44.36
CA LEU B 700 -54.72 8.56 44.80
C LEU B 700 -55.01 8.29 46.28
N PRO B 701 -55.47 7.09 46.63
CA PRO B 701 -55.73 6.78 48.03
C PRO B 701 -54.47 6.90 48.88
N ALA B 702 -54.67 7.24 50.15
CA ALA B 702 -53.55 7.51 51.06
C ALA B 702 -52.68 6.28 51.30
N ASP B 703 -53.22 5.08 51.11
CA ASP B 703 -52.44 3.87 51.33
C ASP B 703 -51.33 3.68 50.31
N ILE B 704 -51.20 4.60 49.34
CA ILE B 704 -50.18 4.46 48.31
C ILE B 704 -48.77 4.50 48.89
N GLY B 705 -48.59 5.17 50.03
CA GLY B 705 -47.29 5.20 50.67
C GLY B 705 -46.93 3.95 51.44
N LEU B 706 -47.88 3.02 51.60
CA LEU B 706 -47.57 1.77 52.30
C LEU B 706 -46.68 0.86 51.47
N LEU B 707 -46.76 0.95 50.15
CA LEU B 707 -45.95 0.13 49.25
C LEU B 707 -44.52 0.68 49.28
N GLN B 708 -43.77 0.26 50.29
CA GLN B 708 -42.44 0.81 50.52
C GLN B 708 -41.48 0.52 49.38
N ASN B 709 -41.72 -0.53 48.59
CA ASN B 709 -40.80 -0.95 47.56
C ASN B 709 -41.18 -0.48 46.17
N LEU B 710 -42.25 0.30 46.05
CA LEU B 710 -42.63 0.84 44.75
C LEU B 710 -41.49 1.67 44.17
N GLN B 711 -41.17 1.44 42.90
CA GLN B 711 -40.02 2.10 42.30
C GLN B 711 -40.38 2.87 41.04
N ASN B 712 -41.38 2.39 40.31
CA ASN B 712 -41.89 3.11 39.13
C ASN B 712 -43.39 3.26 39.27
N LEU B 713 -43.85 4.50 39.29
CA LEU B 713 -45.28 4.79 39.41
C LEU B 713 -45.66 5.77 38.31
N ALA B 714 -46.33 5.28 37.29
CA ALA B 714 -46.74 6.10 36.15
C ALA B 714 -48.25 6.26 36.20
N VAL B 715 -48.71 7.50 36.31
CA VAL B 715 -50.13 7.82 36.29
C VAL B 715 -50.38 8.79 35.16
N THR B 716 -49.60 8.68 34.08
CA THR B 716 -49.72 9.57 32.94
C THR B 716 -51.13 9.54 32.37
N ALA B 717 -51.59 10.71 31.91
CA ALA B 717 -52.89 10.87 31.25
C ALA B 717 -54.03 10.45 32.19
N ASN B 718 -54.16 11.17 33.29
CA ASN B 718 -55.22 10.95 34.26
C ASN B 718 -55.77 12.31 34.66
N ARG B 719 -56.59 12.34 35.70
CA ARG B 719 -57.16 13.56 36.24
C ARG B 719 -56.65 13.80 37.65
N ILE B 720 -55.36 13.54 37.87
CA ILE B 720 -54.73 13.76 39.17
C ILE B 720 -54.46 15.25 39.31
N GLU B 721 -55.31 15.96 40.04
CA GLU B 721 -55.07 17.38 40.28
C GLU B 721 -54.05 17.60 41.39
N ALA B 722 -53.92 16.65 42.31
CA ALA B 722 -52.98 16.78 43.41
C ALA B 722 -52.61 15.39 43.91
N LEU B 723 -51.38 15.27 44.38
CA LEU B 723 -50.78 14.05 44.92
C LEU B 723 -50.84 14.06 46.44
N PRO B 724 -51.20 12.94 47.06
CA PRO B 724 -51.21 12.89 48.52
C PRO B 724 -49.79 13.03 49.08
N PRO B 725 -49.64 13.70 50.21
CA PRO B 725 -48.30 13.78 50.83
C PRO B 725 -47.76 12.43 51.25
N GLU B 726 -48.63 11.46 51.56
CA GLU B 726 -48.17 10.14 51.93
C GLU B 726 -47.54 9.40 50.75
N LEU B 727 -47.78 9.85 49.52
CA LEU B 727 -47.16 9.24 48.36
C LEU B 727 -45.64 9.35 48.41
N PHE B 728 -45.13 10.36 49.10
CA PHE B 728 -43.70 10.59 49.18
C PHE B 728 -43.02 9.80 50.29
N GLN B 729 -43.78 8.94 50.99
CA GLN B 729 -43.16 7.99 51.91
C GLN B 729 -42.39 6.90 51.17
N CYS B 730 -42.69 6.66 49.90
CA CYS B 730 -41.98 5.67 49.10
C CYS B 730 -40.62 6.25 48.73
N ARG B 731 -39.66 6.11 49.66
CA ARG B 731 -38.39 6.80 49.51
C ARG B 731 -37.52 6.22 48.41
N LYS B 732 -37.78 5.00 47.96
CA LYS B 732 -37.01 4.38 46.89
C LYS B 732 -37.68 4.50 45.53
N LEU B 733 -38.61 5.45 45.39
CA LEU B 733 -39.31 5.64 44.13
C LEU B 733 -38.37 6.26 43.11
N ARG B 734 -37.71 5.40 42.33
CA ARG B 734 -36.65 5.86 41.43
C ARG B 734 -37.20 6.76 40.33
N ALA B 735 -38.34 6.41 39.76
CA ALA B 735 -38.89 7.15 38.63
C ALA B 735 -40.36 7.43 38.85
N LEU B 736 -40.81 8.53 38.29
CA LEU B 736 -42.21 8.92 38.30
C LEU B 736 -42.60 9.38 36.91
N HIS B 737 -43.90 9.32 36.62
CA HIS B 737 -44.43 9.82 35.36
C HIS B 737 -45.77 10.46 35.67
N LEU B 738 -45.74 11.76 35.96
CA LEU B 738 -46.93 12.52 36.29
C LEU B 738 -47.38 13.42 35.14
N GLY B 739 -46.90 13.15 33.94
CA GLY B 739 -47.24 13.97 32.80
C GLY B 739 -48.69 13.83 32.37
N ASN B 740 -49.12 14.79 31.55
CA ASN B 740 -50.45 14.81 30.95
C ASN B 740 -51.57 14.76 31.98
N ASN B 741 -51.31 15.23 33.19
CA ASN B 741 -52.30 15.27 34.25
C ASN B 741 -52.85 16.70 34.40
N VAL B 742 -53.64 16.91 35.45
CA VAL B 742 -54.17 18.24 35.75
C VAL B 742 -53.61 18.70 37.09
N LEU B 743 -52.38 18.30 37.40
CA LEU B 743 -51.73 18.68 38.64
C LEU B 743 -51.72 20.19 38.84
N GLN B 744 -52.41 20.66 39.89
CA GLN B 744 -52.47 22.09 40.16
C GLN B 744 -51.12 22.62 40.65
N SER B 745 -50.51 21.95 41.61
CA SER B 745 -49.23 22.38 42.15
C SER B 745 -48.49 21.17 42.70
N LEU B 746 -47.19 21.14 42.46
CA LEU B 746 -46.33 20.02 42.87
C LEU B 746 -46.08 20.10 44.37
N PRO B 747 -46.32 19.01 45.11
CA PRO B 747 -46.09 19.04 46.56
C PRO B 747 -44.63 19.31 46.89
N SER B 748 -44.43 20.01 48.02
CA SER B 748 -43.07 20.35 48.45
C SER B 748 -42.30 19.13 48.96
N ARG B 749 -42.99 18.03 49.27
CA ARG B 749 -42.32 16.83 49.74
C ARG B 749 -41.67 16.02 48.63
N VAL B 750 -41.54 16.59 47.43
CA VAL B 750 -40.91 15.88 46.32
C VAL B 750 -39.43 15.63 46.59
N GLY B 751 -38.80 16.44 47.44
CA GLY B 751 -37.40 16.23 47.75
C GLY B 751 -37.14 15.08 48.70
N GLU B 752 -38.18 14.56 49.35
CA GLU B 752 -37.99 13.42 50.24
C GLU B 752 -37.55 12.18 49.48
N LEU B 753 -37.96 12.04 48.22
CA LEU B 753 -37.59 10.90 47.41
C LEU B 753 -36.14 11.01 46.98
N THR B 754 -35.22 10.50 47.80
CA THR B 754 -33.80 10.66 47.54
C THR B 754 -33.38 9.94 46.26
N ASN B 755 -34.04 8.83 45.94
CA ASN B 755 -33.64 7.99 44.81
C ASN B 755 -34.32 8.37 43.51
N LEU B 756 -35.12 9.44 43.50
CA LEU B 756 -35.79 9.85 42.28
C LEU B 756 -34.78 10.17 41.19
N THR B 757 -35.02 9.64 40.00
CA THR B 757 -34.07 9.78 38.90
C THR B 757 -34.72 10.33 37.63
N GLN B 758 -35.96 9.95 37.33
CA GLN B 758 -36.61 10.37 36.10
C GLN B 758 -38.08 10.64 36.39
N ILE B 759 -38.47 11.91 36.34
CA ILE B 759 -39.85 12.32 36.64
C ILE B 759 -40.37 13.12 35.45
N GLU B 760 -41.51 12.70 34.92
CA GLU B 760 -42.13 13.36 33.78
C GLU B 760 -43.23 14.29 34.26
N LEU B 761 -43.24 15.52 33.75
CA LEU B 761 -44.16 16.54 34.22
C LEU B 761 -44.83 17.36 33.12
N ARG B 762 -44.56 17.07 31.85
CA ARG B 762 -45.17 17.84 30.77
C ARG B 762 -46.66 17.55 30.69
N GLY B 763 -47.45 18.60 30.44
CA GLY B 763 -48.88 18.48 30.24
C GLY B 763 -49.75 18.81 31.43
N ASN B 764 -49.18 19.19 32.57
CA ASN B 764 -49.94 19.52 33.75
C ASN B 764 -50.26 21.01 33.78
N ARG B 765 -51.21 21.37 34.65
CA ARG B 765 -51.55 22.77 34.89
C ARG B 765 -50.73 23.31 36.06
N LEU B 766 -49.41 23.26 35.89
CA LEU B 766 -48.48 23.78 36.88
C LEU B 766 -48.11 25.22 36.52
N GLU B 767 -47.83 26.02 37.55
CA GLU B 767 -47.43 27.41 37.36
C GLU B 767 -45.96 27.61 37.70
N CYS B 768 -45.52 27.09 38.84
CA CYS B 768 -44.14 27.23 39.27
C CYS B 768 -43.63 25.88 39.79
N LEU B 769 -42.39 25.56 39.44
CA LEU B 769 -41.81 24.33 39.97
C LEU B 769 -41.30 24.57 41.39
N PRO B 770 -41.44 23.57 42.27
CA PRO B 770 -40.96 23.74 43.65
C PRO B 770 -39.46 23.84 43.71
N VAL B 771 -38.98 24.63 44.68
CA VAL B 771 -37.54 24.71 44.93
C VAL B 771 -37.02 23.39 45.47
N GLU B 772 -37.85 22.66 46.21
CA GLU B 772 -37.45 21.38 46.79
C GLU B 772 -37.21 20.31 45.74
N LEU B 773 -37.60 20.55 44.48
CA LEU B 773 -37.33 19.58 43.43
C LEU B 773 -35.84 19.41 43.16
N GLY B 774 -35.03 20.41 43.46
CA GLY B 774 -33.61 20.36 43.15
C GLY B 774 -32.73 19.71 44.18
N GLU B 775 -33.27 19.33 45.33
CA GLU B 775 -32.47 18.71 46.39
C GLU B 775 -32.30 17.21 46.19
N CYS B 776 -32.87 16.66 45.12
CA CYS B 776 -32.72 15.23 44.84
C CYS B 776 -31.27 14.94 44.46
N PRO B 777 -30.58 14.06 45.18
CA PRO B 777 -29.15 13.84 44.89
C PRO B 777 -28.87 13.34 43.48
N LEU B 778 -29.77 12.54 42.90
CA LEU B 778 -29.50 11.88 41.63
C LEU B 778 -30.25 12.49 40.44
N LEU B 779 -31.28 13.30 40.68
CA LEU B 779 -32.09 13.82 39.58
C LEU B 779 -31.27 14.78 38.75
N LYS B 780 -31.29 14.59 37.43
CA LYS B 780 -30.54 15.41 36.49
C LYS B 780 -31.51 16.07 35.51
N ARG B 781 -30.97 16.94 34.65
CA ARG B 781 -31.80 17.61 33.66
C ARG B 781 -32.42 16.61 32.69
N SER B 782 -31.69 15.52 32.40
CA SER B 782 -32.26 14.47 31.57
C SER B 782 -33.46 13.81 32.24
N GLY B 783 -33.40 13.63 33.56
CA GLY B 783 -34.49 13.02 34.30
C GLY B 783 -35.62 13.95 34.68
N LEU B 784 -35.52 15.23 34.35
CA LEU B 784 -36.57 16.20 34.64
C LEU B 784 -37.22 16.59 33.32
N VAL B 785 -38.24 15.84 32.93
CA VAL B 785 -38.95 16.10 31.67
C VAL B 785 -40.09 17.07 31.98
N VAL B 786 -39.99 18.29 31.46
CA VAL B 786 -40.94 19.34 31.79
C VAL B 786 -40.81 20.42 30.72
N GLU B 787 -41.86 21.22 30.55
CA GLU B 787 -41.81 22.32 29.61
C GLU B 787 -40.82 23.38 30.08
N GLU B 788 -40.30 24.15 29.12
CA GLU B 788 -39.30 25.15 29.45
C GLU B 788 -39.89 26.31 30.24
N ASP B 789 -41.17 26.63 30.03
CA ASP B 789 -41.79 27.68 30.81
C ASP B 789 -41.84 27.32 32.28
N LEU B 790 -42.13 26.06 32.60
CA LEU B 790 -42.10 25.62 33.99
C LEU B 790 -40.67 25.45 34.48
N PHE B 791 -39.79 24.91 33.64
CA PHE B 791 -38.40 24.70 34.03
C PHE B 791 -37.68 26.00 34.30
N SER B 792 -38.16 27.12 33.74
CA SER B 792 -37.55 28.41 33.97
C SER B 792 -37.74 28.91 35.40
N THR B 793 -38.66 28.30 36.16
CA THR B 793 -38.96 28.77 37.51
C THR B 793 -37.98 28.25 38.56
N LEU B 794 -37.12 27.30 38.22
CA LEU B 794 -36.17 26.79 39.17
C LEU B 794 -35.15 27.86 39.54
N PRO B 795 -34.63 27.83 40.77
CA PRO B 795 -33.56 28.75 41.13
C PRO B 795 -32.34 28.51 40.27
N PRO B 796 -31.57 29.57 39.97
CA PRO B 796 -30.40 29.39 39.11
C PRO B 796 -29.37 28.41 39.65
N GLU B 797 -29.25 28.29 40.98
CA GLU B 797 -28.39 27.26 41.54
C GLU B 797 -28.89 25.88 41.15
N VAL B 798 -30.20 25.67 41.24
CA VAL B 798 -30.78 24.38 40.87
C VAL B 798 -30.57 24.11 39.39
N LYS B 799 -30.78 25.13 38.54
CA LYS B 799 -30.56 24.96 37.12
C LYS B 799 -29.11 24.59 36.82
N GLU B 800 -28.16 25.30 37.42
CA GLU B 800 -26.75 25.01 37.18
C GLU B 800 -26.39 23.62 37.66
N ARG B 801 -26.90 23.22 38.82
CA ARG B 801 -26.60 21.88 39.33
C ARG B 801 -27.17 20.80 38.41
N LEU B 802 -28.40 21.00 37.92
CA LEU B 802 -28.98 20.02 37.00
C LEU B 802 -28.18 19.96 35.70
N TRP B 803 -27.75 21.10 35.18
CA TRP B 803 -26.94 21.09 33.95
C TRP B 803 -25.61 20.38 34.17
N ARG B 804 -24.96 20.65 35.31
CA ARG B 804 -23.69 19.97 35.60
C ARG B 804 -23.88 18.48 35.74
N ALA B 805 -24.96 18.06 36.41
CA ALA B 805 -25.23 16.63 36.56
C ALA B 805 -25.51 15.98 35.21
N ASP B 806 -26.24 16.68 34.34
CA ASP B 806 -26.49 16.16 33.00
C ASP B 806 -25.21 16.04 32.20
N LYS B 807 -24.29 17.00 32.36
CA LYS B 807 -22.99 16.90 31.69
C LYS B 807 -22.18 15.72 32.20
N GLU B 808 -22.20 15.50 33.51
CA GLU B 808 -21.43 14.40 34.10
C GLU B 808 -22.35 13.30 34.62
N PRO C 15 -10.49 3.80 -41.17
CA PRO C 15 -10.52 4.84 -40.13
C PRO C 15 -11.90 5.01 -39.52
N ALA C 16 -12.35 6.25 -39.38
CA ALA C 16 -13.66 6.55 -38.82
C ALA C 16 -14.56 7.32 -39.78
N TYR C 17 -14.07 7.65 -40.98
CA TYR C 17 -14.86 8.40 -41.95
C TYR C 17 -15.91 7.55 -42.65
N ARG C 18 -15.95 6.24 -42.37
CA ARG C 18 -17.01 5.41 -42.92
C ARG C 18 -18.38 5.82 -42.40
N ILE C 19 -18.43 6.61 -41.33
CA ILE C 19 -19.70 7.03 -40.76
C ILE C 19 -20.21 8.34 -41.33
N LEU C 20 -19.34 9.17 -41.91
CA LEU C 20 -19.77 10.39 -42.55
C LEU C 20 -20.23 10.18 -43.98
N LYS C 21 -20.21 8.95 -44.47
CA LYS C 21 -20.66 8.63 -45.81
C LYS C 21 -22.06 8.03 -45.75
N PRO C 22 -23.08 8.72 -46.26
CA PRO C 22 -24.41 8.10 -46.34
C PRO C 22 -24.43 6.97 -47.35
N TRP C 23 -25.58 6.34 -47.55
CA TRP C 23 -25.68 5.30 -48.57
C TRP C 23 -25.44 5.89 -49.95
N TRP C 24 -25.93 7.10 -50.21
CA TRP C 24 -25.80 7.67 -51.54
C TRP C 24 -24.35 8.00 -51.88
N ASP C 25 -23.57 8.45 -50.91
CA ASP C 25 -22.16 8.72 -51.18
C ASP C 25 -21.41 7.44 -51.51
N VAL C 26 -21.72 6.35 -50.82
CA VAL C 26 -21.10 5.06 -51.13
C VAL C 26 -21.50 4.61 -52.53
N PHE C 27 -22.78 4.75 -52.86
CA PHE C 27 -23.24 4.35 -54.18
C PHE C 27 -22.57 5.15 -55.27
N THR C 28 -22.45 6.47 -55.08
CA THR C 28 -21.77 7.30 -56.07
C THR C 28 -20.29 6.97 -56.15
N ASP C 29 -19.65 6.62 -55.03
CA ASP C 29 -18.25 6.22 -55.09
C ASP C 29 -18.07 4.99 -55.95
N TYR C 30 -18.92 3.97 -55.76
CA TYR C 30 -18.80 2.77 -56.56
C TYR C 30 -19.18 3.03 -58.02
N ILE C 31 -20.19 3.86 -58.25
CA ILE C 31 -20.58 4.22 -59.60
C ILE C 31 -19.44 4.91 -60.32
N SER C 32 -18.76 5.84 -59.63
CA SER C 32 -17.64 6.53 -60.24
C SER C 32 -16.46 5.60 -60.46
N ILE C 33 -16.29 4.58 -59.61
CA ILE C 33 -15.24 3.60 -59.86
C ILE C 33 -15.53 2.83 -61.15
N VAL C 34 -16.80 2.43 -61.34
CA VAL C 34 -17.14 1.71 -62.56
C VAL C 34 -17.03 2.63 -63.79
N MET C 35 -17.41 3.90 -63.64
CA MET C 35 -17.27 4.84 -64.74
C MET C 35 -15.80 5.04 -65.10
N LEU C 36 -14.94 5.13 -64.10
CA LEU C 36 -13.50 5.23 -64.35
C LEU C 36 -12.98 3.97 -65.02
N MET C 37 -13.53 2.81 -64.65
CA MET C 37 -13.14 1.56 -65.28
C MET C 37 -13.48 1.56 -66.76
N ILE C 38 -14.70 1.98 -67.11
CA ILE C 38 -15.06 2.00 -68.53
C ILE C 38 -14.29 3.08 -69.25
N ALA C 39 -13.94 4.17 -68.57
CA ALA C 39 -13.10 5.19 -69.18
C ALA C 39 -11.72 4.64 -69.53
N VAL C 40 -11.13 3.88 -68.62
CA VAL C 40 -9.81 3.30 -68.88
C VAL C 40 -9.89 2.27 -69.99
N PHE C 41 -10.93 1.44 -69.98
CA PHE C 41 -11.09 0.42 -71.02
C PHE C 41 -11.26 1.08 -72.39
N GLY C 42 -12.15 2.06 -72.49
CA GLY C 42 -12.33 2.76 -73.75
C GLY C 42 -11.09 3.52 -74.18
N GLY C 43 -10.36 4.08 -73.23
CA GLY C 43 -9.14 4.79 -73.55
C GLY C 43 -8.05 3.89 -74.07
N THR C 44 -7.90 2.70 -73.47
CA THR C 44 -6.89 1.78 -73.96
C THR C 44 -7.27 1.22 -75.33
N LEU C 45 -8.57 1.00 -75.58
CA LEU C 45 -8.98 0.60 -76.93
C LEU C 45 -8.74 1.72 -77.93
N GLN C 46 -9.01 2.96 -77.55
CA GLN C 46 -8.82 4.09 -78.45
C GLN C 46 -7.35 4.34 -78.73
N VAL C 47 -6.48 4.08 -77.75
CA VAL C 47 -5.06 4.23 -77.98
C VAL C 47 -4.53 3.09 -78.84
N THR C 48 -5.00 1.87 -78.58
CA THR C 48 -4.40 0.68 -79.18
C THR C 48 -4.92 0.37 -80.58
N GLN C 49 -6.24 0.39 -80.81
CA GLN C 49 -6.76 0.05 -82.13
C GLN C 49 -7.00 1.27 -83.01
N ASP C 50 -7.92 2.16 -82.63
CA ASP C 50 -8.19 3.45 -83.28
C ASP C 50 -8.01 3.44 -84.80
N LYS C 51 -8.73 2.58 -85.51
CA LYS C 51 -8.52 2.41 -86.93
C LYS C 51 -9.75 2.84 -87.71
N MET C 52 -9.51 3.37 -88.91
CA MET C 52 -10.48 3.40 -89.98
C MET C 52 -9.93 2.58 -91.13
N ILE C 53 -10.80 1.81 -91.77
CA ILE C 53 -10.43 1.02 -92.93
C ILE C 53 -11.23 1.59 -94.10
N CYS C 54 -10.55 2.24 -95.02
CA CYS C 54 -11.20 3.06 -96.04
C CYS C 54 -10.91 2.52 -97.43
N LEU C 55 -11.96 2.26 -98.20
CA LEU C 55 -11.82 1.88 -99.58
C LEU C 55 -12.36 2.98 -100.49
N PRO C 56 -11.65 3.33 -101.54
CA PRO C 56 -12.17 4.36 -102.46
C PRO C 56 -13.41 3.87 -103.19
N CYS C 57 -14.24 4.82 -103.58
CA CYS C 57 -15.45 4.55 -104.33
C CYS C 57 -15.26 5.03 -105.76
N LYS C 58 -15.30 4.10 -106.71
CA LYS C 58 -15.07 4.46 -108.11
C LYS C 58 -16.26 5.19 -108.72
N TRP C 59 -17.47 4.81 -108.33
CA TRP C 59 -18.69 5.44 -108.83
C TRP C 59 -19.29 6.28 -107.72
N VAL C 60 -19.29 7.59 -107.91
CA VAL C 60 -19.69 8.55 -106.88
C VAL C 60 -20.94 9.28 -107.35
N THR C 61 -21.95 9.33 -106.49
CA THR C 61 -23.20 10.04 -106.78
C THR C 61 -23.50 11.01 -105.64
N LYS C 62 -23.50 12.31 -105.96
CA LYS C 62 -23.81 13.36 -104.98
C LYS C 62 -22.89 13.27 -103.75
N ASP C 63 -21.59 13.16 -104.01
CA ASP C 63 -20.58 13.01 -102.96
C ASP C 63 -20.90 11.81 -102.06
N SER C 64 -21.31 10.71 -102.67
CA SER C 64 -21.58 9.48 -101.94
C SER C 64 -21.37 8.30 -102.87
N CYS C 65 -21.08 7.15 -102.27
CA CYS C 65 -20.78 5.96 -103.04
C CYS C 65 -22.06 5.41 -103.68
N ASN C 66 -21.99 5.12 -104.97
CA ASN C 66 -23.17 4.71 -105.73
C ASN C 66 -23.60 3.28 -105.44
N ASP C 67 -22.70 2.46 -104.88
CA ASP C 67 -23.00 1.06 -104.56
C ASP C 67 -23.38 0.26 -105.80
N SER C 68 -22.72 0.58 -106.92
CA SER C 68 -22.92 -0.16 -108.16
C SER C 68 -21.64 -0.20 -108.98
N THR C 92 -15.11 -16.13 -116.47
CA THR C 92 -16.18 -15.15 -116.55
C THR C 92 -16.79 -14.88 -115.18
N GLY C 93 -16.19 -15.47 -114.15
CA GLY C 93 -16.67 -15.30 -112.80
C GLY C 93 -16.29 -13.95 -112.22
N PRO C 94 -16.56 -13.74 -110.94
CA PRO C 94 -16.21 -12.47 -110.32
C PRO C 94 -14.70 -12.28 -110.23
N THR C 95 -14.30 -11.01 -110.27
CA THR C 95 -12.91 -10.62 -110.07
C THR C 95 -12.87 -9.43 -109.13
N GLY C 96 -11.76 -9.29 -108.41
CA GLY C 96 -11.62 -8.19 -107.50
C GLY C 96 -11.50 -6.85 -108.21
N ILE C 97 -11.92 -5.81 -107.52
CA ILE C 97 -11.79 -4.45 -108.02
C ILE C 97 -10.39 -3.95 -107.72
N LYS C 98 -9.70 -3.47 -108.74
CA LYS C 98 -8.34 -2.96 -108.59
C LYS C 98 -8.38 -1.45 -108.40
N TYR C 99 -7.67 -0.97 -107.39
CA TYR C 99 -7.66 0.45 -107.06
C TYR C 99 -6.32 1.12 -107.31
N ASP C 100 -5.25 0.36 -107.53
CA ASP C 100 -3.92 0.92 -107.80
C ASP C 100 -3.47 1.88 -106.70
N LEU C 101 -3.67 1.49 -105.45
CA LEU C 101 -3.26 2.29 -104.32
C LEU C 101 -2.24 1.54 -103.48
N ASP C 102 -1.21 2.24 -103.03
CA ASP C 102 -0.22 1.66 -102.15
C ASP C 102 -0.82 1.41 -100.77
N ARG C 103 -0.14 0.58 -100.00
CA ARG C 103 -0.49 0.45 -98.60
C ARG C 103 -0.33 1.77 -97.87
N HIS C 104 0.63 2.59 -98.31
CA HIS C 104 0.82 3.90 -97.70
C HIS C 104 -0.24 4.89 -98.13
N GLN C 105 -0.72 4.82 -99.36
CA GLN C 105 -1.86 5.65 -99.74
C GLN C 105 -3.11 5.26 -98.97
N TYR C 106 -3.28 3.97 -98.72
CA TYR C 106 -4.38 3.53 -97.86
C TYR C 106 -4.20 4.03 -96.43
N ASN C 107 -2.98 3.98 -95.89
CA ASN C 107 -2.76 4.51 -94.56
C ASN C 107 -3.03 6.00 -94.50
N TYR C 108 -2.60 6.74 -95.52
CA TYR C 108 -2.82 8.18 -95.55
C TYR C 108 -4.30 8.50 -95.62
N VAL C 109 -5.06 7.78 -96.44
CA VAL C 109 -6.48 8.10 -96.54
C VAL C 109 -7.21 7.67 -95.26
N ASP C 110 -6.79 6.57 -94.63
CA ASP C 110 -7.35 6.22 -93.33
C ASP C 110 -7.08 7.31 -92.31
N ALA C 111 -5.86 7.86 -92.30
CA ALA C 111 -5.52 8.92 -91.36
C ALA C 111 -6.35 10.17 -91.60
N VAL C 112 -6.50 10.57 -92.87
CA VAL C 112 -7.23 11.79 -93.17
C VAL C 112 -8.71 11.62 -92.86
N CYS C 113 -9.29 10.49 -93.25
CA CYS C 113 -10.71 10.28 -92.99
C CYS C 113 -10.98 10.13 -91.50
N TYR C 114 -10.07 9.52 -90.75
CA TYR C 114 -10.21 9.47 -89.30
C TYR C 114 -10.14 10.87 -88.69
N GLU C 115 -9.22 11.70 -89.18
CA GLU C 115 -9.07 13.04 -88.62
C GLU C 115 -10.27 13.92 -88.92
N ASN C 116 -10.75 13.90 -90.16
CA ASN C 116 -11.70 14.90 -90.61
C ASN C 116 -13.15 14.45 -90.53
N ARG C 117 -13.45 13.21 -90.93
CA ARG C 117 -14.85 12.81 -91.06
C ARG C 117 -15.36 11.93 -89.93
N LEU C 118 -14.49 11.30 -89.14
CA LEU C 118 -14.97 10.59 -87.97
C LEU C 118 -15.40 11.60 -86.92
N HIS C 119 -16.57 11.37 -86.32
CA HIS C 119 -17.12 12.35 -85.41
C HIS C 119 -16.31 12.42 -84.12
N TRP C 120 -16.18 13.64 -83.58
CA TRP C 120 -15.32 13.84 -82.42
C TRP C 120 -15.79 13.03 -81.23
N PHE C 121 -17.08 12.72 -81.15
CA PHE C 121 -17.56 11.91 -80.03
C PHE C 121 -17.01 10.49 -80.11
N ALA C 122 -17.02 9.89 -81.30
CA ALA C 122 -16.54 8.53 -81.45
C ALA C 122 -15.04 8.42 -81.17
N LYS C 123 -14.31 9.53 -81.33
CA LYS C 123 -12.88 9.54 -81.07
C LYS C 123 -12.55 9.84 -79.62
N TYR C 124 -13.21 10.82 -79.03
CA TYR C 124 -12.84 11.34 -77.71
C TYR C 124 -13.83 10.98 -76.62
N PHE C 125 -14.67 9.98 -76.86
CA PHE C 125 -15.59 9.53 -75.81
C PHE C 125 -14.87 9.09 -74.53
N PRO C 126 -13.87 8.19 -74.56
CA PRO C 126 -13.24 7.78 -73.29
C PRO C 126 -12.58 8.91 -72.53
N TYR C 127 -11.99 9.88 -73.22
CA TYR C 127 -11.35 10.99 -72.53
C TYR C 127 -12.39 11.89 -71.87
N LEU C 128 -13.52 12.10 -72.54
CA LEU C 128 -14.62 12.84 -71.91
C LEU C 128 -15.14 12.10 -70.69
N VAL C 129 -15.26 10.78 -70.77
CA VAL C 129 -15.70 10.00 -69.61
C VAL C 129 -14.72 10.16 -68.46
N LEU C 130 -13.42 10.08 -68.75
CA LEU C 130 -12.43 10.24 -67.70
C LEU C 130 -12.51 11.62 -67.06
N LEU C 131 -12.65 12.67 -67.89
CA LEU C 131 -12.76 14.01 -67.34
C LEU C 131 -13.99 14.16 -66.45
N HIS C 132 -15.13 13.62 -66.90
CA HIS C 132 -16.35 13.73 -66.12
C HIS C 132 -16.26 12.97 -64.81
N THR C 133 -15.67 11.77 -64.81
CA THR C 133 -15.55 11.04 -63.56
C THR C 133 -14.55 11.71 -62.62
N LEU C 134 -13.49 12.28 -63.17
CA LEU C 134 -12.54 13.00 -62.32
C LEU C 134 -13.19 14.20 -61.66
N ILE C 135 -13.98 14.96 -62.41
CA ILE C 135 -14.61 16.12 -61.79
C ILE C 135 -15.74 15.70 -60.85
N PHE C 136 -16.38 14.55 -61.11
CA PHE C 136 -17.34 13.99 -60.15
C PHE C 136 -16.66 13.64 -58.84
N LEU C 137 -15.51 12.98 -58.91
CA LEU C 137 -14.79 12.62 -57.69
C LEU C 137 -14.27 13.87 -56.98
N ALA C 138 -13.88 14.89 -57.73
CA ALA C 138 -13.49 16.16 -57.14
C ALA C 138 -14.67 16.76 -56.37
N CYS C 139 -15.85 16.79 -56.98
CA CYS C 139 -17.03 17.29 -56.28
C CYS C 139 -17.36 16.46 -55.06
N SER C 140 -17.09 15.16 -55.11
CA SER C 140 -17.40 14.32 -53.95
C SER C 140 -16.45 14.61 -52.79
N ASN C 141 -15.15 14.68 -53.04
CA ASN C 141 -14.17 14.77 -51.96
C ASN C 141 -13.62 16.18 -51.75
N PHE C 142 -14.23 17.19 -52.35
CA PHE C 142 -13.76 18.55 -52.15
C PHE C 142 -13.81 18.95 -50.69
N TRP C 143 -14.89 18.58 -49.99
CA TRP C 143 -15.01 18.95 -48.58
C TRP C 143 -14.11 18.11 -47.70
N PHE C 144 -13.72 16.92 -48.13
CA PHE C 144 -12.76 16.12 -47.36
C PHE C 144 -11.35 16.64 -47.53
N LYS C 145 -11.04 17.27 -48.67
CA LYS C 145 -9.71 17.81 -48.87
C LYS C 145 -9.59 19.28 -48.48
N PHE C 146 -10.70 20.00 -48.49
CA PHE C 146 -10.70 21.41 -48.08
C PHE C 146 -10.38 21.49 -46.59
N PRO C 147 -9.23 22.06 -46.20
CA PRO C 147 -8.85 22.02 -44.77
C PRO C 147 -9.85 22.69 -43.86
N ARG C 148 -10.50 23.76 -44.32
CA ARG C 148 -11.42 24.51 -43.47
C ARG C 148 -12.54 23.62 -42.95
N THR C 149 -13.11 22.79 -43.82
CA THR C 149 -14.14 21.85 -43.41
C THR C 149 -13.59 20.50 -42.99
N SER C 150 -12.38 20.14 -43.46
CA SER C 150 -11.78 18.89 -43.01
C SER C 150 -11.49 18.93 -41.52
N SER C 151 -11.00 20.06 -41.01
CA SER C 151 -10.76 20.19 -39.58
C SER C 151 -12.06 20.03 -38.80
N LYS C 152 -13.13 20.69 -39.25
CA LYS C 152 -14.40 20.59 -38.55
C LYS C 152 -14.92 19.16 -38.55
N LEU C 153 -14.85 18.48 -39.69
CA LEU C 153 -15.35 17.12 -39.75
C LEU C 153 -14.54 16.19 -38.87
N GLU C 154 -13.20 16.34 -38.85
CA GLU C 154 -12.39 15.46 -38.04
C GLU C 154 -12.61 15.72 -36.55
N HIS C 155 -12.77 16.99 -36.16
CA HIS C 155 -13.09 17.32 -34.78
C HIS C 155 -14.43 16.74 -34.38
N PHE C 156 -15.44 16.89 -35.24
CA PHE C 156 -16.76 16.36 -34.95
C PHE C 156 -16.75 14.85 -34.80
N VAL C 157 -16.07 14.15 -35.70
CA VAL C 157 -16.05 12.69 -35.61
C VAL C 157 -15.26 12.24 -34.39
N SER C 158 -14.20 12.97 -34.02
CA SER C 158 -13.46 12.64 -32.81
C SER C 158 -14.33 12.76 -31.58
N ILE C 159 -15.04 13.89 -31.46
CA ILE C 159 -15.90 14.11 -30.30
C ILE C 159 -17.02 13.08 -30.25
N LEU C 160 -17.63 12.80 -31.41
CA LEU C 160 -18.70 11.81 -31.45
C LEU C 160 -18.18 10.43 -31.06
N LEU C 161 -16.97 10.09 -31.49
CA LEU C 161 -16.40 8.79 -31.14
C LEU C 161 -16.14 8.69 -29.64
N LYS C 162 -15.57 9.75 -29.05
CA LYS C 162 -15.29 9.68 -27.62
C LYS C 162 -16.54 9.76 -26.78
N CYS C 163 -17.63 10.33 -27.30
CA CYS C 163 -18.91 10.27 -26.61
C CYS C 163 -19.54 8.88 -26.73
N PHE C 164 -19.43 8.26 -27.90
CA PHE C 164 -20.06 6.95 -28.11
C PHE C 164 -19.43 5.88 -27.22
N ASP C 165 -18.12 5.96 -27.01
CA ASP C 165 -17.41 5.01 -26.18
C ASP C 165 -17.31 5.46 -24.73
N SER C 166 -17.90 6.60 -24.38
CA SER C 166 -17.81 7.11 -23.02
C SER C 166 -18.51 6.16 -22.05
N PRO C 167 -17.87 5.79 -20.94
CA PRO C 167 -18.54 4.90 -19.97
C PRO C 167 -19.77 5.51 -19.33
N TRP C 168 -19.85 6.85 -19.20
CA TRP C 168 -21.02 7.44 -18.58
C TRP C 168 -22.24 7.40 -19.49
N THR C 169 -22.05 7.31 -20.80
CA THR C 169 -23.19 7.29 -21.72
C THR C 169 -24.05 6.05 -21.51
N THR C 170 -23.42 4.87 -21.46
CA THR C 170 -24.18 3.64 -21.26
C THR C 170 -24.86 3.64 -19.90
N ARG C 171 -24.17 4.16 -18.88
CA ARG C 171 -24.77 4.22 -17.54
C ARG C 171 -26.01 5.12 -17.53
N ALA C 172 -25.88 6.32 -18.11
CA ALA C 172 -26.98 7.27 -18.09
C ALA C 172 -28.16 6.77 -18.93
N LEU C 173 -27.89 6.10 -20.05
CA LEU C 173 -28.98 5.59 -20.87
C LEU C 173 -29.59 4.33 -20.28
N SER C 174 -28.82 3.54 -19.52
CA SER C 174 -29.39 2.38 -18.84
C SER C 174 -30.29 2.81 -17.68
N GLU C 175 -29.81 3.75 -16.86
CA GLU C 175 -30.63 4.25 -15.77
C GLU C 175 -31.88 4.94 -16.30
N THR C 176 -31.73 5.75 -17.35
CA THR C 176 -32.85 6.43 -18.00
C THR C 176 -33.70 7.22 -17.02
N GLY C 230 -25.07 2.88 -7.08
CA GLY C 230 -24.16 3.19 -8.16
C GLY C 230 -23.00 4.07 -7.75
N VAL C 231 -21.79 3.60 -8.06
CA VAL C 231 -20.55 4.32 -7.75
C VAL C 231 -19.66 4.31 -8.98
N LEU C 232 -19.05 5.46 -9.28
CA LEU C 232 -18.17 5.62 -10.42
C LEU C 232 -16.78 6.05 -9.95
N ASP C 233 -15.79 5.83 -10.81
CA ASP C 233 -14.46 6.33 -10.52
C ASP C 233 -14.46 7.85 -10.51
N LYS C 234 -13.63 8.42 -9.62
CA LYS C 234 -13.46 9.88 -9.64
C LYS C 234 -12.80 10.33 -10.94
N LYS C 235 -11.81 9.58 -11.41
CA LYS C 235 -11.12 9.95 -12.64
C LYS C 235 -12.06 9.92 -13.84
N GLU C 236 -12.93 8.92 -13.91
CA GLU C 236 -13.88 8.87 -15.02
C GLU C 236 -14.89 10.01 -14.92
N GLY C 237 -15.23 10.45 -13.71
CA GLY C 237 -16.08 11.61 -13.56
C GLY C 237 -15.39 12.88 -14.02
N GLU C 238 -14.10 13.02 -13.73
CA GLU C 238 -13.34 14.14 -14.27
C GLU C 238 -13.29 14.08 -15.80
N GLN C 239 -13.14 12.87 -16.35
CA GLN C 239 -13.18 12.69 -17.79
C GLN C 239 -14.52 13.16 -18.35
N ALA C 240 -15.61 12.78 -17.72
CA ALA C 240 -16.94 13.16 -18.21
C ALA C 240 -17.16 14.67 -18.10
N LYS C 241 -16.66 15.29 -17.03
CA LYS C 241 -16.80 16.74 -16.90
C LYS C 241 -15.98 17.47 -17.95
N ALA C 242 -14.75 17.00 -18.19
CA ALA C 242 -13.96 17.55 -19.28
C ALA C 242 -14.65 17.36 -20.62
N LEU C 243 -15.33 16.23 -20.79
CA LEU C 243 -16.06 15.96 -22.03
C LEU C 243 -17.23 16.92 -22.19
N PHE C 244 -17.92 17.23 -21.09
CA PHE C 244 -18.98 18.23 -21.16
C PHE C 244 -18.43 19.60 -21.55
N GLU C 245 -17.29 19.97 -20.97
CA GLU C 245 -16.66 21.24 -21.35
C GLU C 245 -16.25 21.23 -22.82
N LYS C 246 -15.71 20.10 -23.29
CA LYS C 246 -15.32 19.98 -24.69
C LYS C 246 -16.51 20.12 -25.62
N VAL C 247 -17.64 19.50 -25.25
CA VAL C 247 -18.83 19.61 -26.09
C VAL C 247 -19.36 21.04 -26.08
N LYS C 248 -19.25 21.72 -24.94
CA LYS C 248 -19.61 23.14 -24.89
C LYS C 248 -18.76 23.95 -25.86
N LYS C 249 -17.44 23.73 -25.82
CA LYS C 249 -16.56 24.45 -26.73
C LYS C 249 -16.85 24.12 -28.19
N PHE C 250 -17.12 22.85 -28.48
CA PHE C 250 -17.44 22.44 -29.83
C PHE C 250 -18.72 23.11 -30.32
N ARG C 251 -19.75 23.12 -29.49
CA ARG C 251 -21.00 23.77 -29.88
C ARG C 251 -20.79 25.26 -30.11
N THR C 252 -19.98 25.90 -29.25
CA THR C 252 -19.71 27.32 -29.44
C THR C 252 -18.98 27.57 -30.75
N HIS C 253 -18.00 26.72 -31.08
CA HIS C 253 -17.17 26.95 -32.25
C HIS C 253 -17.91 26.64 -33.55
N VAL C 254 -18.69 25.57 -33.57
CA VAL C 254 -19.27 25.07 -34.81
C VAL C 254 -20.61 25.73 -35.14
N GLU C 255 -21.35 26.20 -34.13
CA GLU C 255 -22.67 26.76 -34.36
C GLU C 255 -22.63 28.00 -35.24
N GLU C 256 -21.47 28.65 -35.38
CA GLU C 256 -21.33 29.80 -36.26
C GLU C 256 -20.78 29.44 -37.63
N GLY C 257 -20.41 28.18 -37.85
CA GLY C 257 -19.72 27.79 -39.07
C GLY C 257 -20.40 28.10 -40.37
N ASP C 258 -21.53 27.45 -40.66
CA ASP C 258 -22.27 27.60 -41.92
C ASP C 258 -21.37 27.34 -43.12
N ILE C 259 -20.40 26.43 -42.99
CA ILE C 259 -19.44 26.17 -44.06
C ILE C 259 -19.53 24.75 -44.57
N VAL C 260 -19.67 23.76 -43.70
CA VAL C 260 -19.80 22.38 -44.15
C VAL C 260 -21.11 22.19 -44.91
N TYR C 261 -22.19 22.78 -44.39
CA TYR C 261 -23.48 22.70 -45.08
C TYR C 261 -23.41 23.37 -46.44
N ARG C 262 -22.80 24.55 -46.51
CA ARG C 262 -22.68 25.24 -47.80
C ARG C 262 -21.83 24.45 -48.78
N LEU C 263 -20.73 23.87 -48.31
CA LEU C 263 -19.89 23.07 -49.18
C LEU C 263 -20.65 21.87 -49.73
N TYR C 264 -21.38 21.16 -48.87
CA TYR C 264 -22.14 20.01 -49.33
C TYR C 264 -23.22 20.42 -50.32
N MET C 265 -23.92 21.51 -50.04
CA MET C 265 -24.96 21.99 -50.94
C MET C 265 -24.38 22.35 -52.30
N ARG C 266 -23.25 23.05 -52.32
CA ARG C 266 -22.64 23.43 -53.59
C ARG C 266 -22.12 22.22 -54.35
N GLN C 267 -21.53 21.25 -53.63
CA GLN C 267 -21.10 20.02 -54.29
C GLN C 267 -22.27 19.33 -54.97
N THR C 268 -23.39 19.21 -54.27
CA THR C 268 -24.53 18.51 -54.85
C THR C 268 -25.14 19.30 -56.00
N ILE C 269 -25.18 20.62 -55.90
CA ILE C 269 -25.69 21.43 -57.00
C ILE C 269 -24.81 21.26 -58.23
N ILE C 270 -23.49 21.30 -58.04
CA ILE C 270 -22.58 21.11 -59.17
C ILE C 270 -22.76 19.74 -59.78
N LYS C 271 -22.88 18.71 -58.94
CA LYS C 271 -23.11 17.37 -59.45
C LYS C 271 -24.38 17.30 -60.28
N VAL C 272 -25.46 17.91 -59.81
CA VAL C 272 -26.73 17.83 -60.53
C VAL C 272 -26.64 18.55 -61.86
N ILE C 273 -26.09 19.75 -61.88
CA ILE C 273 -26.02 20.49 -63.15
C ILE C 273 -25.09 19.78 -64.12
N LYS C 274 -23.99 19.21 -63.62
CA LYS C 274 -23.07 18.52 -64.50
C LYS C 274 -23.68 17.23 -65.05
N PHE C 275 -24.39 16.48 -64.22
CA PHE C 275 -25.06 15.29 -64.72
C PHE C 275 -26.09 15.65 -65.78
N ALA C 276 -26.84 16.73 -65.56
CA ALA C 276 -27.81 17.16 -66.56
C ALA C 276 -27.12 17.49 -67.89
N LEU C 277 -26.03 18.26 -67.82
CA LEU C 277 -25.33 18.66 -69.04
C LEU C 277 -24.75 17.45 -69.77
N ILE C 278 -24.12 16.53 -69.04
CA ILE C 278 -23.47 15.42 -69.71
C ILE C 278 -24.50 14.45 -70.26
N ILE C 279 -25.62 14.24 -69.57
CA ILE C 279 -26.69 13.44 -70.13
C ILE C 279 -27.20 14.08 -71.41
N CYS C 280 -27.40 15.39 -71.39
CA CYS C 280 -27.92 16.08 -72.57
C CYS C 280 -27.02 15.87 -73.78
N TYR C 281 -25.73 16.22 -73.64
CA TYR C 281 -24.87 16.17 -74.82
C TYR C 281 -24.55 14.73 -75.23
N THR C 282 -24.42 13.82 -74.26
CA THR C 282 -24.13 12.44 -74.61
C THR C 282 -25.30 11.79 -75.33
N VAL C 283 -26.53 12.01 -74.87
CA VAL C 283 -27.68 11.47 -75.56
C VAL C 283 -27.82 12.10 -76.94
N TYR C 284 -27.49 13.38 -77.07
CA TYR C 284 -27.60 14.00 -78.39
C TYR C 284 -26.55 13.47 -79.36
N TYR C 285 -25.37 13.09 -78.89
CA TYR C 285 -24.26 12.77 -79.77
C TYR C 285 -23.93 11.29 -79.87
N VAL C 286 -24.59 10.42 -79.11
CA VAL C 286 -24.22 9.00 -79.14
C VAL C 286 -24.62 8.34 -80.46
N HIS C 287 -25.46 8.98 -81.28
CA HIS C 287 -25.86 8.35 -82.53
C HIS C 287 -24.81 8.49 -83.62
N ASN C 288 -23.82 9.36 -83.44
CA ASN C 288 -22.77 9.52 -84.43
C ASN C 288 -21.70 8.45 -84.36
N ILE C 289 -21.78 7.54 -83.40
CA ILE C 289 -20.84 6.42 -83.32
C ILE C 289 -21.34 5.31 -84.23
N LYS C 290 -21.00 5.38 -85.51
CA LYS C 290 -21.45 4.42 -86.50
C LYS C 290 -20.27 3.60 -86.99
N PHE C 291 -20.55 2.35 -87.39
CA PHE C 291 -19.52 1.50 -87.95
C PHE C 291 -19.15 1.94 -89.36
N ASP C 292 -20.14 2.26 -90.18
CA ASP C 292 -19.91 2.64 -91.56
C ASP C 292 -19.82 4.16 -91.67
N VAL C 293 -18.74 4.64 -92.25
CA VAL C 293 -18.47 6.07 -92.36
C VAL C 293 -18.13 6.39 -93.81
N ASP C 294 -18.63 7.52 -94.29
CA ASP C 294 -18.30 8.03 -95.61
C ASP C 294 -17.53 9.32 -95.47
N CYS C 295 -16.46 9.47 -96.24
CA CYS C 295 -15.70 10.71 -96.27
C CYS C 295 -15.51 11.19 -97.68
N THR C 296 -15.54 12.51 -97.85
CA THR C 296 -15.16 13.20 -99.07
C THR C 296 -14.16 14.26 -98.61
N VAL C 297 -12.88 13.89 -98.57
CA VAL C 297 -11.89 14.69 -97.87
C VAL C 297 -11.02 15.51 -98.79
N ASP C 298 -11.25 15.45 -100.10
CA ASP C 298 -10.51 16.26 -101.07
C ASP C 298 -9.01 16.00 -100.98
N ILE C 299 -8.65 14.73 -101.22
CA ILE C 299 -7.27 14.33 -101.47
C ILE C 299 -7.32 13.53 -102.76
N GLU C 300 -7.21 14.21 -103.90
CA GLU C 300 -7.19 13.54 -105.18
C GLU C 300 -5.87 13.70 -105.91
N SER C 301 -5.17 14.80 -105.66
CA SER C 301 -3.80 14.92 -106.16
C SER C 301 -2.86 13.94 -105.48
N LEU C 302 -3.28 13.34 -104.36
CA LEU C 302 -2.46 12.41 -103.63
C LEU C 302 -2.90 10.97 -103.76
N THR C 303 -4.17 10.72 -104.04
CA THR C 303 -4.68 9.37 -104.20
C THR C 303 -5.34 9.11 -105.54
N GLY C 304 -6.03 10.09 -106.11
CA GLY C 304 -6.73 9.90 -107.36
C GLY C 304 -8.22 9.70 -107.21
N TYR C 305 -8.72 9.56 -106.00
CA TYR C 305 -10.14 9.30 -105.75
C TYR C 305 -10.72 10.44 -104.93
N ARG C 306 -12.01 10.69 -105.14
CA ARG C 306 -12.69 11.77 -104.44
C ARG C 306 -13.23 11.33 -103.09
N THR C 307 -14.10 10.32 -103.07
CA THR C 307 -14.78 9.91 -101.86
C THR C 307 -14.37 8.49 -101.51
N TYR C 308 -14.51 8.16 -100.23
CA TYR C 308 -14.11 6.88 -99.70
C TYR C 308 -15.20 6.35 -98.78
N ARG C 309 -15.26 5.03 -98.65
CA ARG C 309 -16.14 4.37 -97.69
C ARG C 309 -15.29 3.71 -96.63
N CYS C 310 -15.60 3.99 -95.37
CA CYS C 310 -14.75 3.56 -94.28
C CYS C 310 -15.54 2.75 -93.26
N ALA C 311 -14.84 1.83 -92.62
CA ALA C 311 -15.36 1.04 -91.51
C ALA C 311 -14.65 1.45 -90.24
N HIS C 312 -15.41 1.77 -89.21
CA HIS C 312 -14.84 2.04 -87.90
C HIS C 312 -15.05 0.82 -87.03
N PRO C 313 -14.09 -0.11 -86.98
CA PRO C 313 -14.36 -1.41 -86.33
C PRO C 313 -14.68 -1.32 -84.86
N LEU C 314 -14.23 -0.29 -84.16
CA LEU C 314 -14.50 -0.14 -82.74
C LEU C 314 -15.77 0.62 -82.45
N ALA C 315 -16.57 0.92 -83.47
CA ALA C 315 -17.74 1.76 -83.26
C ALA C 315 -18.81 1.04 -82.45
N THR C 316 -18.95 -0.28 -82.63
CA THR C 316 -20.00 -0.99 -81.91
C THR C 316 -19.65 -1.16 -80.44
N LEU C 317 -18.40 -1.51 -80.13
CA LEU C 317 -17.99 -1.58 -78.74
C LEU C 317 -18.07 -0.22 -78.08
N PHE C 318 -17.72 0.84 -78.81
CA PHE C 318 -17.81 2.17 -78.23
C PHE C 318 -19.26 2.60 -78.04
N LYS C 319 -20.17 2.16 -78.89
CA LYS C 319 -21.58 2.46 -78.65
C LYS C 319 -22.10 1.70 -77.44
N ILE C 320 -21.66 0.45 -77.26
CA ILE C 320 -22.00 -0.29 -76.06
C ILE C 320 -21.51 0.43 -74.81
N LEU C 321 -20.25 0.87 -74.84
CA LEU C 321 -19.68 1.55 -73.68
C LEU C 321 -20.34 2.90 -73.45
N ALA C 322 -20.73 3.61 -74.51
CA ALA C 322 -21.41 4.89 -74.33
C ALA C 322 -22.79 4.71 -73.73
N SER C 323 -23.52 3.66 -74.14
CA SER C 323 -24.83 3.42 -73.55
C SER C 323 -24.69 2.94 -72.10
N PHE C 324 -23.67 2.13 -71.82
CA PHE C 324 -23.36 1.79 -70.43
C PHE C 324 -23.09 3.05 -69.62
N TYR C 325 -22.35 4.00 -70.20
CA TYR C 325 -22.05 5.23 -69.50
C TYR C 325 -23.29 6.07 -69.28
N ILE C 326 -24.19 6.14 -70.26
CA ILE C 326 -25.41 6.92 -70.04
C ILE C 326 -26.26 6.27 -68.95
N SER C 327 -26.27 4.94 -68.87
CA SER C 327 -27.00 4.29 -67.78
C SER C 327 -26.37 4.62 -66.43
N LEU C 328 -25.05 4.53 -66.34
CA LEU C 328 -24.37 4.84 -65.07
C LEU C 328 -24.58 6.29 -64.67
N VAL C 329 -24.52 7.20 -65.64
CA VAL C 329 -24.74 8.61 -65.34
C VAL C 329 -26.18 8.86 -64.94
N ILE C 330 -27.13 8.11 -65.51
CA ILE C 330 -28.52 8.24 -65.08
C ILE C 330 -28.67 7.82 -63.63
N PHE C 331 -28.06 6.69 -63.26
CA PHE C 331 -28.11 6.27 -61.86
C PHE C 331 -27.47 7.30 -60.93
N TYR C 332 -26.29 7.81 -61.31
CA TYR C 332 -25.61 8.82 -60.52
C TYR C 332 -26.45 10.07 -60.38
N GLY C 333 -27.09 10.50 -61.46
CA GLY C 333 -27.92 11.69 -61.40
C GLY C 333 -29.16 11.51 -60.58
N LEU C 334 -29.78 10.34 -60.64
CA LEU C 334 -30.93 10.07 -59.79
C LEU C 334 -30.54 10.11 -58.32
N ILE C 335 -29.41 9.50 -57.98
CA ILE C 335 -28.94 9.51 -56.60
C ILE C 335 -28.64 10.95 -56.15
N CYS C 336 -28.01 11.74 -57.02
CA CYS C 336 -27.68 13.11 -56.64
C CYS C 336 -28.92 13.99 -56.56
N MET C 337 -29.92 13.74 -57.41
CA MET C 337 -31.17 14.49 -57.29
C MET C 337 -31.90 14.13 -56.01
N TYR C 338 -31.85 12.85 -55.61
CA TYR C 338 -32.41 12.48 -54.32
C TYR C 338 -31.68 13.18 -53.18
N THR C 339 -30.35 13.24 -53.24
CA THR C 339 -29.60 13.93 -52.20
C THR C 339 -29.97 15.41 -52.16
N LEU C 340 -30.10 16.03 -53.32
CA LEU C 340 -30.48 17.44 -53.39
C LEU C 340 -31.88 17.65 -52.79
N TRP C 341 -32.81 16.75 -53.10
CA TRP C 341 -34.15 16.88 -52.54
C TRP C 341 -34.15 16.68 -51.03
N TRP C 342 -33.38 15.72 -50.55
CA TRP C 342 -33.25 15.51 -49.10
C TRP C 342 -32.72 16.77 -48.42
N MET C 343 -31.71 17.38 -49.01
CA MET C 343 -31.12 18.59 -48.44
C MET C 343 -32.10 19.76 -48.49
N LEU C 344 -32.86 19.88 -49.58
CA LEU C 344 -33.82 20.98 -49.70
C LEU C 344 -35.07 20.74 -48.86
N ARG C 345 -35.32 19.48 -48.48
CA ARG C 345 -36.54 19.14 -47.77
C ARG C 345 -36.36 19.23 -46.26
N ARG C 346 -35.30 18.62 -45.73
CA ARG C 346 -35.16 18.55 -44.28
C ARG C 346 -34.93 19.91 -43.65
N SER C 347 -34.32 20.85 -44.38
CA SER C 347 -33.89 22.14 -43.85
C SER C 347 -32.94 21.95 -42.66
N LEU C 348 -31.79 21.36 -43.00
CA LEU C 348 -30.85 20.82 -42.02
C LEU C 348 -29.99 21.88 -41.34
N LYS C 349 -30.31 23.17 -41.50
CA LYS C 349 -29.66 24.16 -40.66
C LYS C 349 -30.14 24.10 -39.22
N LYS C 350 -31.18 23.32 -38.93
CA LYS C 350 -31.75 23.22 -37.60
C LYS C 350 -32.09 21.77 -37.31
N TYR C 351 -31.61 21.27 -36.18
CA TYR C 351 -31.85 19.89 -35.76
C TYR C 351 -32.72 19.93 -34.52
N SER C 352 -33.88 19.27 -34.60
CA SER C 352 -34.88 19.41 -33.54
C SER C 352 -34.43 18.75 -32.25
N PHE C 353 -33.93 17.52 -32.32
CA PHE C 353 -33.37 16.77 -31.20
C PHE C 353 -34.41 16.41 -30.15
N GLU C 354 -35.68 16.80 -30.33
CA GLU C 354 -36.66 16.68 -29.26
C GLU C 354 -37.17 15.26 -29.07
N SER C 355 -37.01 14.38 -30.06
CA SER C 355 -37.50 13.01 -29.91
C SER C 355 -36.77 12.30 -28.77
N ILE C 356 -35.44 12.32 -28.78
CA ILE C 356 -34.70 11.66 -27.72
C ILE C 356 -34.87 12.40 -26.39
N ARG C 357 -34.95 13.73 -26.43
CA ARG C 357 -35.11 14.49 -25.20
C ARG C 357 -36.45 14.19 -24.53
N GLU C 358 -37.47 13.88 -25.33
CA GLU C 358 -38.74 13.44 -24.78
C GLU C 358 -38.69 11.99 -24.33
N GLU C 359 -37.94 11.14 -25.04
CA GLU C 359 -37.87 9.73 -24.68
C GLU C 359 -37.13 9.54 -23.35
N SER C 360 -36.00 10.23 -23.19
CA SER C 360 -35.17 10.10 -22.00
C SER C 360 -35.48 11.14 -20.94
N SER C 361 -36.46 12.01 -21.20
CA SER C 361 -36.88 13.05 -20.27
C SER C 361 -35.70 13.96 -19.87
N TYR C 362 -35.12 14.59 -20.90
CA TYR C 362 -34.12 15.64 -20.72
C TYR C 362 -34.64 16.86 -21.50
N SER C 363 -35.48 17.66 -20.85
CA SER C 363 -36.02 18.83 -21.53
C SER C 363 -34.96 19.88 -21.80
N ASP C 364 -33.80 19.78 -21.16
CA ASP C 364 -32.69 20.71 -21.40
C ASP C 364 -31.77 20.21 -22.52
N ILE C 365 -32.37 19.88 -23.66
CA ILE C 365 -31.61 19.57 -24.87
C ILE C 365 -32.14 20.47 -25.97
N PRO C 366 -31.52 21.61 -26.20
CA PRO C 366 -32.08 22.59 -27.15
C PRO C 366 -31.78 22.22 -28.59
N ASP C 367 -32.40 22.96 -29.50
CA ASP C 367 -32.15 22.78 -30.92
C ASP C 367 -30.75 23.28 -31.28
N VAL C 368 -30.05 22.51 -32.09
CA VAL C 368 -28.74 22.90 -32.58
C VAL C 368 -28.91 23.64 -33.90
N LYS C 369 -28.06 24.61 -34.13
CA LYS C 369 -28.16 25.51 -35.26
C LYS C 369 -27.26 25.04 -36.41
N ASN C 370 -27.08 25.92 -37.40
CA ASN C 370 -26.45 25.56 -38.66
C ASN C 370 -25.03 25.05 -38.47
N ASP C 371 -24.66 24.08 -39.32
CA ASP C 371 -23.33 23.49 -39.44
C ASP C 371 -23.03 22.58 -38.25
N PHE C 372 -23.91 22.60 -37.25
CA PHE C 372 -23.93 21.61 -36.20
C PHE C 372 -25.16 20.72 -36.28
N ALA C 373 -26.27 21.27 -36.77
CA ALA C 373 -27.41 20.45 -37.13
C ALA C 373 -27.07 19.53 -38.30
N PHE C 374 -26.30 20.04 -39.27
CA PHE C 374 -26.07 19.30 -40.51
C PHE C 374 -25.26 18.03 -40.28
N MET C 375 -24.18 18.11 -39.51
CA MET C 375 -23.38 16.93 -39.25
C MET C 375 -24.19 15.91 -38.45
N LEU C 376 -25.04 16.39 -37.54
CA LEU C 376 -25.93 15.49 -36.81
C LEU C 376 -26.87 14.79 -37.76
N HIS C 377 -27.41 15.51 -38.75
CA HIS C 377 -28.27 14.88 -39.74
C HIS C 377 -27.52 13.81 -40.53
N LEU C 378 -26.27 14.11 -40.93
CA LEU C 378 -25.49 13.14 -41.67
C LEU C 378 -25.25 11.88 -40.85
N ILE C 379 -24.86 12.05 -39.59
CA ILE C 379 -24.65 10.90 -38.72
C ILE C 379 -25.96 10.12 -38.53
N ASP C 380 -27.05 10.85 -38.31
CA ASP C 380 -28.36 10.22 -38.19
C ASP C 380 -28.67 9.38 -39.42
N GLN C 381 -28.29 9.86 -40.61
CA GLN C 381 -28.42 9.06 -41.81
C GLN C 381 -27.57 7.80 -41.72
N TYR C 382 -26.34 7.93 -41.22
CA TYR C 382 -25.57 6.72 -40.95
C TYR C 382 -26.18 5.92 -39.80
N ASP C 383 -26.44 6.59 -38.66
CA ASP C 383 -26.93 5.91 -37.47
C ASP C 383 -27.48 6.92 -36.47
N PRO C 384 -28.72 6.75 -36.00
CA PRO C 384 -29.22 7.65 -34.94
C PRO C 384 -28.60 7.38 -33.58
N LEU C 385 -27.96 6.22 -33.40
CA LEU C 385 -27.42 5.86 -32.09
C LEU C 385 -26.31 6.80 -31.66
N TYR C 386 -25.47 7.23 -32.61
CA TYR C 386 -24.38 8.15 -32.27
C TYR C 386 -24.92 9.49 -31.81
N SER C 387 -25.92 10.03 -32.50
CA SER C 387 -26.54 11.26 -32.03
C SER C 387 -27.24 11.07 -30.70
N LYS C 388 -27.79 9.88 -30.45
CA LYS C 388 -28.35 9.59 -29.13
C LYS C 388 -27.30 9.70 -28.05
N ARG C 389 -26.16 9.03 -28.24
CA ARG C 389 -25.09 9.09 -27.25
C ARG C 389 -24.52 10.49 -27.13
N PHE C 390 -24.61 11.30 -28.18
CA PHE C 390 -24.12 12.67 -28.13
C PHE C 390 -25.07 13.60 -27.39
N ALA C 391 -26.38 13.32 -27.46
CA ALA C 391 -27.38 14.22 -26.86
C ALA C 391 -27.17 14.35 -25.36
N VAL C 392 -26.86 13.26 -24.67
CA VAL C 392 -26.73 13.31 -23.23
C VAL C 392 -25.58 14.24 -22.83
N PHE C 393 -24.45 14.15 -23.55
CA PHE C 393 -23.37 15.09 -23.30
C PHE C 393 -23.71 16.50 -23.73
N LEU C 394 -24.70 16.67 -24.61
CA LEU C 394 -25.13 18.01 -24.96
C LEU C 394 -26.07 18.62 -23.94
N SER C 395 -26.65 17.83 -23.05
CA SER C 395 -27.66 18.35 -22.14
C SER C 395 -27.03 18.97 -20.90
N GLU C 396 -27.84 19.75 -20.18
CA GLU C 396 -27.42 20.44 -18.98
C GLU C 396 -27.77 19.68 -17.70
N VAL C 397 -28.95 19.07 -17.66
CA VAL C 397 -29.38 18.32 -16.48
C VAL C 397 -28.45 17.12 -16.25
N SER C 398 -28.03 16.47 -17.32
CA SER C 398 -27.09 15.36 -17.17
C SER C 398 -25.78 15.83 -16.57
N GLU C 399 -25.37 17.06 -16.87
CA GLU C 399 -24.16 17.61 -16.25
C GLU C 399 -24.34 17.75 -14.74
N ASN C 400 -25.50 18.23 -14.30
CA ASN C 400 -25.77 18.35 -12.88
C ASN C 400 -25.80 16.99 -12.21
N LYS C 401 -26.41 15.99 -12.87
CA LYS C 401 -26.42 14.64 -12.32
C LYS C 401 -25.00 14.08 -12.22
N LEU C 402 -24.16 14.36 -13.22
CA LEU C 402 -22.78 13.91 -13.18
C LEU C 402 -22.02 14.57 -12.03
N ARG C 403 -22.26 15.87 -11.82
CA ARG C 403 -21.67 16.55 -10.67
C ARG C 403 -22.10 15.89 -9.37
N GLN C 404 -23.39 15.58 -9.24
CA GLN C 404 -23.89 14.96 -8.02
C GLN C 404 -23.27 13.59 -7.80
N LEU C 405 -23.14 12.81 -8.87
CA LEU C 405 -22.55 11.48 -8.75
C LEU C 405 -21.08 11.56 -8.36
N ASN C 406 -20.34 12.50 -8.96
CA ASN C 406 -18.95 12.70 -8.56
C ASN C 406 -18.86 13.12 -7.10
N LEU C 407 -19.78 13.98 -6.65
CA LEU C 407 -19.78 14.41 -5.26
C LEU C 407 -20.04 13.24 -4.32
N ASN C 408 -21.03 12.41 -4.65
CA ASN C 408 -21.33 11.24 -3.82
C ASN C 408 -20.16 10.27 -3.81
N ASN C 409 -19.44 10.15 -4.93
CA ASN C 409 -18.20 9.39 -4.93
C ASN C 409 -17.16 10.02 -4.02
N GLU C 410 -17.13 11.36 -3.95
CA GLU C 410 -16.15 12.06 -3.14
C GLU C 410 -16.51 12.02 -1.66
N TRP C 411 -17.80 12.16 -1.34
CA TRP C 411 -18.29 12.19 0.04
C TRP C 411 -19.30 11.08 0.22
N THR C 412 -18.82 9.88 0.54
CA THR C 412 -19.71 8.76 0.80
C THR C 412 -20.35 8.90 2.17
N LEU C 413 -21.38 8.08 2.41
CA LEU C 413 -22.06 8.11 3.70
C LEU C 413 -21.11 7.74 4.84
N ASP C 414 -20.21 6.78 4.61
CA ASP C 414 -19.27 6.38 5.64
C ASP C 414 -18.31 7.51 5.98
N LYS C 415 -17.76 8.17 4.96
CA LYS C 415 -16.83 9.28 5.21
C LYS C 415 -17.54 10.43 5.90
N LEU C 416 -18.79 10.70 5.53
CA LEU C 416 -19.56 11.75 6.19
C LEU C 416 -19.80 11.40 7.66
N ARG C 417 -20.19 10.16 7.93
CA ARG C 417 -20.47 9.76 9.31
C ARG C 417 -19.21 9.79 10.16
N GLN C 418 -18.08 9.36 9.60
CA GLN C 418 -16.82 9.49 10.31
C GLN C 418 -16.46 10.96 10.52
N ARG C 419 -16.81 11.82 9.58
CA ARG C 419 -16.59 13.25 9.70
C ARG C 419 -17.58 13.93 10.64
N LEU C 420 -18.63 13.23 11.06
CA LEU C 420 -19.60 13.81 11.97
C LEU C 420 -18.96 14.09 13.33
N THR C 421 -19.23 15.27 13.88
CA THR C 421 -18.68 15.68 15.15
C THR C 421 -19.80 16.28 16.01
N LYS C 422 -19.42 16.66 17.23
CA LYS C 422 -20.33 17.35 18.15
C LYS C 422 -19.77 18.73 18.47
N ASN C 423 -20.66 19.72 18.46
CA ASN C 423 -20.28 21.09 18.79
C ASN C 423 -20.20 21.23 20.31
N ALA C 424 -20.09 22.48 20.78
CA ALA C 424 -20.01 22.73 22.22
C ALA C 424 -21.38 22.68 22.90
N GLN C 425 -22.46 22.54 22.14
CA GLN C 425 -23.81 22.54 22.67
C GLN C 425 -24.38 21.14 22.84
N ASP C 426 -23.54 20.12 22.86
CA ASP C 426 -23.97 18.72 22.97
C ASP C 426 -24.94 18.36 21.84
N LYS C 427 -24.67 18.88 20.64
CA LYS C 427 -25.48 18.62 19.48
C LYS C 427 -24.66 17.93 18.40
N LEU C 428 -25.32 17.08 17.62
CA LEU C 428 -24.68 16.42 16.50
C LEU C 428 -24.81 17.30 15.26
N GLU C 429 -23.67 17.69 14.69
CA GLU C 429 -23.64 18.63 13.58
C GLU C 429 -22.64 18.17 12.53
N LEU C 430 -22.90 18.51 11.28
CA LEU C 430 -22.01 18.23 10.16
C LEU C 430 -21.64 19.55 9.49
N HIS C 431 -20.35 19.72 9.22
CA HIS C 431 -19.83 20.94 8.62
C HIS C 431 -19.50 20.67 7.16
N LEU C 432 -20.13 21.42 6.26
CA LEU C 432 -19.87 21.34 4.83
C LEU C 432 -19.20 22.63 4.40
N PHE C 433 -17.93 22.56 4.04
CA PHE C 433 -17.13 23.74 3.73
C PHE C 433 -16.53 23.58 2.34
N MET C 434 -16.80 24.54 1.46
CA MET C 434 -16.20 24.63 0.13
C MET C 434 -16.39 23.34 -0.65
N LEU C 435 -17.65 23.04 -0.95
CA LEU C 435 -18.03 21.97 -1.84
C LEU C 435 -18.82 22.55 -3.01
N SER C 436 -18.76 21.85 -4.14
CA SER C 436 -19.50 22.29 -5.32
C SER C 436 -21.01 22.27 -5.09
N GLY C 437 -21.50 21.33 -4.28
CA GLY C 437 -22.91 21.27 -3.95
C GLY C 437 -23.11 20.46 -2.70
N ILE C 438 -24.37 20.32 -2.32
CA ILE C 438 -24.73 19.49 -1.16
C ILE C 438 -24.77 18.03 -1.61
N PRO C 439 -23.92 17.17 -1.07
CA PRO C 439 -24.00 15.74 -1.44
C PRO C 439 -25.36 15.18 -1.05
N ASP C 440 -25.89 14.32 -1.93
CA ASP C 440 -27.21 13.75 -1.71
C ASP C 440 -27.22 12.74 -0.56
N THR C 441 -26.06 12.27 -0.12
CA THR C 441 -25.98 11.25 0.91
C THR C 441 -25.94 11.82 2.32
N VAL C 442 -25.91 13.15 2.47
CA VAL C 442 -25.94 13.73 3.81
C VAL C 442 -27.31 13.56 4.45
N PHE C 443 -28.37 13.44 3.65
CA PHE C 443 -29.73 13.37 4.16
C PHE C 443 -30.12 11.97 4.60
N ASP C 444 -29.27 10.97 4.38
CA ASP C 444 -29.52 9.64 4.87
C ASP C 444 -29.07 9.47 6.32
N LEU C 445 -28.44 10.48 6.90
CA LEU C 445 -28.11 10.52 8.32
C LEU C 445 -29.20 11.32 9.03
N VAL C 446 -30.22 10.60 9.53
CA VAL C 446 -31.30 11.26 10.25
C VAL C 446 -30.89 11.73 11.63
N GLU C 447 -29.72 11.32 12.11
CA GLU C 447 -29.24 11.71 13.43
C GLU C 447 -28.82 13.18 13.50
N LEU C 448 -28.68 13.85 12.36
CA LEU C 448 -28.20 15.22 12.35
C LEU C 448 -29.22 16.16 12.98
N GLU C 449 -28.72 17.23 13.60
CA GLU C 449 -29.58 18.22 14.24
C GLU C 449 -29.21 19.63 13.79
N VAL C 450 -27.93 19.84 13.48
CA VAL C 450 -27.42 21.12 13.01
C VAL C 450 -26.64 20.89 11.72
N LEU C 451 -26.95 21.66 10.69
CA LEU C 451 -26.28 21.55 9.40
C LEU C 451 -25.59 22.87 9.07
N LYS C 452 -24.30 22.79 8.73
CA LYS C 452 -23.49 23.96 8.42
C LYS C 452 -23.12 23.93 6.94
N LEU C 453 -23.60 24.91 6.19
CA LEU C 453 -23.29 25.05 4.77
C LEU C 453 -22.48 26.32 4.58
N GLU C 454 -21.16 26.17 4.43
CA GLU C 454 -20.26 27.31 4.30
C GLU C 454 -19.55 27.24 2.96
N LEU C 455 -19.69 28.31 2.17
CA LEU C 455 -19.02 28.43 0.87
C LEU C 455 -19.39 27.29 -0.07
N ILE C 456 -20.69 27.06 -0.22
CA ILE C 456 -21.22 26.11 -1.19
C ILE C 456 -22.01 26.93 -2.21
N PRO C 457 -21.50 27.13 -3.42
CA PRO C 457 -22.15 28.04 -4.36
C PRO C 457 -23.46 27.49 -4.91
N ASP C 458 -24.40 28.42 -5.13
CA ASP C 458 -25.69 28.20 -5.77
C ASP C 458 -26.34 26.88 -5.33
N VAL C 459 -26.57 26.78 -4.03
CA VAL C 459 -27.24 25.60 -3.49
C VAL C 459 -28.74 25.71 -3.71
N THR C 460 -29.35 24.58 -4.02
CA THR C 460 -30.81 24.45 -4.03
C THR C 460 -31.18 23.51 -2.89
N ILE C 461 -32.07 23.97 -2.02
CA ILE C 461 -32.50 23.16 -0.88
C ILE C 461 -33.35 22.02 -1.42
N PRO C 462 -32.84 20.78 -1.42
CA PRO C 462 -33.57 19.68 -2.05
C PRO C 462 -34.79 19.32 -1.23
N PRO C 463 -35.79 18.68 -1.86
CA PRO C 463 -36.92 18.14 -1.07
C PRO C 463 -36.51 17.00 -0.15
N SER C 464 -35.29 16.50 -0.28
CA SER C 464 -34.81 15.42 0.57
C SER C 464 -34.55 15.87 2.01
N ILE C 465 -34.59 17.17 2.30
CA ILE C 465 -34.42 17.64 3.67
C ILE C 465 -35.55 17.18 4.58
N ALA C 466 -36.67 16.71 4.02
CA ALA C 466 -37.70 16.09 4.84
C ALA C 466 -37.22 14.81 5.50
N GLN C 467 -36.19 14.17 4.93
CA GLN C 467 -35.59 13.01 5.57
C GLN C 467 -34.97 13.39 6.91
N LEU C 468 -34.48 14.61 7.03
CA LEU C 468 -33.87 15.08 8.28
C LEU C 468 -34.99 15.50 9.24
N THR C 469 -35.55 14.50 9.91
CA THR C 469 -36.64 14.76 10.85
C THR C 469 -36.16 15.60 12.04
N GLY C 470 -35.00 15.27 12.58
CA GLY C 470 -34.48 15.92 13.77
C GLY C 470 -33.64 17.15 13.54
N LEU C 471 -33.53 17.63 12.30
CA LEU C 471 -32.74 18.82 12.02
C LEU C 471 -33.39 20.04 12.65
N LYS C 472 -32.64 20.77 13.46
CA LYS C 472 -33.15 21.92 14.18
C LYS C 472 -32.47 23.22 13.81
N GLU C 473 -31.18 23.19 13.44
CA GLU C 473 -30.43 24.41 13.12
C GLU C 473 -29.80 24.26 11.75
N LEU C 474 -29.84 25.34 10.97
CA LEU C 474 -29.23 25.38 9.65
C LEU C 474 -28.32 26.60 9.58
N TRP C 475 -27.05 26.38 9.25
CA TRP C 475 -26.06 27.44 9.18
C TRP C 475 -25.72 27.71 7.71
N LEU C 476 -25.95 28.93 7.26
CA LEU C 476 -25.67 29.35 5.89
C LEU C 476 -24.63 30.46 5.94
N TYR C 477 -23.36 30.09 5.95
CA TYR C 477 -22.26 31.04 5.99
C TYR C 477 -21.75 31.24 4.56
N HIS C 478 -21.97 32.43 4.01
CA HIS C 478 -21.59 32.76 2.64
C HIS C 478 -22.16 31.73 1.67
N THR C 479 -23.42 31.37 1.88
CA THR C 479 -24.08 30.35 1.06
C THR C 479 -25.55 30.71 0.97
N ALA C 480 -25.92 31.42 -0.09
CA ALA C 480 -27.32 31.74 -0.34
C ALA C 480 -28.05 30.51 -0.86
N ALA C 481 -29.22 30.23 -0.29
CA ALA C 481 -29.96 29.03 -0.61
C ALA C 481 -31.24 29.38 -1.35
N LYS C 482 -31.44 28.76 -2.50
CA LYS C 482 -32.70 28.82 -3.23
C LYS C 482 -33.53 27.61 -2.85
N ILE C 483 -34.78 27.85 -2.46
CA ILE C 483 -35.59 26.82 -1.83
C ILE C 483 -36.76 26.47 -2.74
N GLU C 484 -37.33 25.29 -2.50
CA GLU C 484 -38.53 24.82 -3.15
C GLU C 484 -39.68 24.84 -2.16
N ALA C 485 -40.90 24.75 -2.69
CA ALA C 485 -42.09 24.78 -1.85
C ALA C 485 -42.11 23.66 -0.81
N PRO C 486 -41.83 22.40 -1.14
CA PRO C 486 -41.86 21.36 -0.08
C PRO C 486 -40.83 21.61 1.02
N ALA C 487 -39.60 21.97 0.63
CA ALA C 487 -38.56 22.24 1.61
C ALA C 487 -38.93 23.43 2.49
N LEU C 488 -39.48 24.48 1.89
CA LEU C 488 -39.88 25.65 2.68
C LEU C 488 -41.00 25.31 3.65
N ALA C 489 -41.97 24.52 3.20
CA ALA C 489 -43.04 24.09 4.10
C ALA C 489 -42.51 23.24 5.24
N PHE C 490 -41.54 22.37 4.96
CA PHE C 490 -40.94 21.56 6.02
C PHE C 490 -40.20 22.44 7.02
N LEU C 491 -39.42 23.41 6.53
CA LEU C 491 -38.65 24.27 7.42
C LEU C 491 -39.55 25.18 8.24
N ARG C 492 -40.71 25.56 7.71
CA ARG C 492 -41.64 26.38 8.47
C ARG C 492 -42.18 25.66 9.71
N GLU C 493 -42.02 24.34 9.79
CA GLU C 493 -42.49 23.59 10.94
C GLU C 493 -41.40 22.74 11.60
N ASN C 494 -40.16 22.79 11.11
CA ASN C 494 -39.12 21.94 11.69
C ASN C 494 -37.80 22.67 11.92
N LEU C 495 -37.76 23.98 11.74
CA LEU C 495 -36.53 24.75 11.92
C LEU C 495 -36.70 25.70 13.09
N ARG C 496 -35.77 25.65 14.03
CA ARG C 496 -35.83 26.45 15.24
C ARG C 496 -34.77 27.53 15.32
N ALA C 497 -33.59 27.31 14.77
CA ALA C 497 -32.49 28.27 14.82
C ALA C 497 -31.85 28.39 13.45
N LEU C 498 -31.69 29.63 12.97
CA LEU C 498 -31.11 29.90 11.66
C LEU C 498 -29.96 30.87 11.82
N HIS C 499 -28.77 30.46 11.37
CA HIS C 499 -27.58 31.29 11.40
C HIS C 499 -27.28 31.76 9.99
N ILE C 500 -27.22 33.08 9.80
CA ILE C 500 -26.98 33.68 8.49
C ILE C 500 -25.77 34.60 8.59
N LYS C 501 -24.73 34.26 7.84
CA LYS C 501 -23.52 35.10 7.73
C LYS C 501 -23.34 35.44 6.27
N PHE C 502 -23.30 36.74 5.96
CA PHE C 502 -23.37 37.22 4.59
C PHE C 502 -22.37 38.34 4.37
N THR C 503 -21.75 38.35 3.20
CA THR C 503 -20.89 39.46 2.79
C THR C 503 -21.66 40.56 2.06
N ASP C 504 -22.94 40.35 1.76
CA ASP C 504 -23.71 41.33 1.03
C ASP C 504 -25.19 41.15 1.34
N ILE C 505 -25.97 42.19 1.07
CA ILE C 505 -27.41 42.14 1.29
C ILE C 505 -28.05 41.05 0.43
N LYS C 506 -27.63 40.96 -0.83
CA LYS C 506 -28.23 40.00 -1.75
C LYS C 506 -27.96 38.55 -1.34
N GLU C 507 -26.99 38.32 -0.45
CA GLU C 507 -26.69 36.97 0.00
C GLU C 507 -27.64 36.51 1.09
N ILE C 508 -28.55 37.36 1.55
CA ILE C 508 -29.57 36.98 2.52
C ILE C 508 -30.74 36.38 1.75
N PRO C 509 -31.11 35.12 1.99
CA PRO C 509 -32.32 34.58 1.38
C PRO C 509 -33.55 35.35 1.85
N LEU C 510 -34.52 35.50 0.95
CA LEU C 510 -35.75 36.20 1.30
C LEU C 510 -36.81 35.28 1.89
N TRP C 511 -36.68 33.97 1.70
CA TRP C 511 -37.66 33.04 2.23
C TRP C 511 -37.44 32.71 3.70
N ILE C 512 -36.32 33.14 4.29
CA ILE C 512 -36.03 32.82 5.68
C ILE C 512 -37.05 33.46 6.61
N TYR C 513 -37.59 34.63 6.23
CA TYR C 513 -38.58 35.30 7.05
C TYR C 513 -39.92 34.60 7.03
N SER C 514 -40.21 33.82 5.99
CA SER C 514 -41.49 33.13 5.88
C SER C 514 -41.67 32.05 6.94
N LEU C 515 -40.61 31.62 7.60
CA LEU C 515 -40.72 30.65 8.67
C LEU C 515 -41.53 31.22 9.83
N LYS C 516 -42.21 30.34 10.56
CA LYS C 516 -43.02 30.74 11.70
C LYS C 516 -42.72 29.94 12.96
N THR C 517 -41.97 28.86 12.89
CA THR C 517 -41.50 28.14 14.06
C THR C 517 -40.06 28.49 14.42
N LEU C 518 -39.47 29.46 13.74
CA LEU C 518 -38.08 29.83 13.98
C LEU C 518 -37.98 30.60 15.29
N GLU C 519 -37.16 30.11 16.21
CA GLU C 519 -36.99 30.75 17.51
C GLU C 519 -35.71 31.55 17.61
N GLU C 520 -34.66 31.18 16.88
CA GLU C 520 -33.37 31.85 16.95
C GLU C 520 -32.97 32.32 15.57
N LEU C 521 -32.61 33.60 15.46
CA LEU C 521 -32.07 34.17 14.23
C LEU C 521 -30.73 34.80 14.52
N HIS C 522 -29.68 34.28 13.90
CA HIS C 522 -28.33 34.77 14.08
C HIS C 522 -27.86 35.39 12.78
N LEU C 523 -27.76 36.71 12.75
CA LEU C 523 -27.25 37.44 11.59
C LEU C 523 -25.82 37.88 11.87
N THR C 524 -24.96 37.72 10.87
CA THR C 524 -23.53 38.07 11.01
C THR C 524 -23.09 38.70 9.69
N GLY C 525 -23.17 40.02 9.61
CA GLY C 525 -22.71 40.73 8.44
C GLY C 525 -23.16 42.17 8.41
N ASN C 526 -22.38 43.03 7.74
CA ASN C 526 -22.71 44.45 7.66
C ASN C 526 -23.87 44.63 6.70
N LEU C 527 -24.99 45.16 7.21
CA LEU C 527 -26.19 45.38 6.41
C LEU C 527 -26.60 46.84 6.35
N SER C 528 -25.82 47.74 6.93
CA SER C 528 -26.14 49.17 6.88
C SER C 528 -26.00 49.69 5.45
N ALA C 529 -26.99 50.47 5.02
CA ALA C 529 -27.03 50.97 3.66
C ALA C 529 -27.52 52.41 3.67
N GLU C 530 -27.20 53.14 2.61
CA GLU C 530 -27.44 54.57 2.52
C GLU C 530 -28.74 54.83 1.76
N ASN C 531 -29.66 55.58 2.39
CA ASN C 531 -30.94 55.99 1.83
C ASN C 531 -31.91 54.82 1.75
N ASN C 532 -31.45 53.62 2.09
CA ASN C 532 -32.31 52.44 2.18
C ASN C 532 -31.89 51.61 3.39
N ARG C 533 -31.66 52.28 4.51
CA ARG C 533 -31.27 51.60 5.73
C ARG C 533 -32.42 50.76 6.26
N TYR C 534 -32.10 49.54 6.71
CA TYR C 534 -33.05 48.66 7.38
C TYR C 534 -34.29 48.44 6.52
N ILE C 535 -34.06 48.18 5.23
CA ILE C 535 -35.12 47.89 4.28
C ILE C 535 -35.09 46.39 3.96
N VAL C 536 -33.89 45.82 4.00
CA VAL C 536 -33.72 44.41 3.66
C VAL C 536 -34.44 43.51 4.67
N ILE C 537 -34.34 43.82 5.96
CA ILE C 537 -34.80 42.93 7.01
C ILE C 537 -36.17 43.35 7.54
N ASP C 538 -36.98 44.04 6.73
CA ASP C 538 -38.33 44.38 7.14
C ASP C 538 -39.17 43.15 7.42
N GLY C 539 -38.86 42.00 6.79
CA GLY C 539 -39.53 40.76 7.09
C GLY C 539 -39.20 40.15 8.43
N LEU C 540 -38.52 40.90 9.31
CA LEU C 540 -38.16 40.37 10.62
C LEU C 540 -39.39 40.13 11.49
N ARG C 541 -40.42 40.96 11.34
CA ARG C 541 -41.63 40.84 12.16
C ARG C 541 -42.36 39.53 11.94
N GLU C 542 -42.10 38.84 10.83
CA GLU C 542 -42.85 37.63 10.49
C GLU C 542 -42.46 36.43 11.33
N LEU C 543 -41.41 36.53 12.15
CA LEU C 543 -41.03 35.45 13.05
C LEU C 543 -41.77 35.64 14.37
N LYS C 544 -43.00 35.10 14.41
CA LYS C 544 -43.81 35.23 15.61
C LYS C 544 -43.34 34.32 16.74
N ARG C 545 -42.57 33.28 16.43
CA ARG C 545 -42.04 32.36 17.42
C ARG C 545 -40.64 32.73 17.88
N LEU C 546 -40.04 33.76 17.28
CA LEU C 546 -38.65 34.10 17.56
C LEU C 546 -38.44 34.45 19.02
N LYS C 547 -37.39 33.89 19.62
CA LYS C 547 -37.02 34.15 20.99
C LYS C 547 -35.61 34.69 21.14
N VAL C 548 -34.65 34.18 20.36
CA VAL C 548 -33.26 34.59 20.42
C VAL C 548 -32.93 35.33 19.13
N LEU C 549 -32.52 36.59 19.24
CA LEU C 549 -32.17 37.41 18.09
C LEU C 549 -30.80 38.04 18.36
N ARG C 550 -29.76 37.46 17.77
CA ARG C 550 -28.40 37.96 17.91
C ARG C 550 -27.96 38.60 16.60
N LEU C 551 -27.62 39.87 16.65
CA LEU C 551 -27.19 40.63 15.49
C LEU C 551 -25.74 41.04 15.63
N LYS C 552 -24.95 40.76 14.59
CA LYS C 552 -23.57 41.24 14.48
C LYS C 552 -23.50 41.94 13.14
N SER C 553 -23.89 43.21 13.11
CA SER C 553 -24.25 43.81 11.82
C SER C 553 -23.83 45.27 11.66
N ASN C 554 -22.88 45.75 12.48
CA ASN C 554 -22.32 47.10 12.30
C ASN C 554 -23.41 48.16 12.29
N LEU C 555 -24.36 48.03 13.21
CA LEU C 555 -25.47 48.97 13.29
C LEU C 555 -25.02 50.25 14.01
N SER C 556 -25.50 51.39 13.52
CA SER C 556 -25.29 52.66 14.20
C SER C 556 -26.48 53.07 15.06
N LYS C 557 -27.64 52.46 14.84
CA LYS C 557 -28.83 52.71 15.65
C LYS C 557 -29.68 51.45 15.62
N LEU C 558 -30.40 51.20 16.71
CA LEU C 558 -31.25 50.03 16.76
C LEU C 558 -32.42 50.22 15.80
N PRO C 559 -32.59 49.34 14.81
CA PRO C 559 -33.62 49.57 13.79
C PRO C 559 -35.03 49.52 14.36
N GLN C 560 -35.94 50.23 13.70
CA GLN C 560 -37.34 50.25 14.12
C GLN C 560 -37.98 48.88 13.97
N VAL C 561 -37.62 48.13 12.92
CA VAL C 561 -38.19 46.80 12.73
C VAL C 561 -37.79 45.88 13.87
N VAL C 562 -36.56 46.01 14.35
CA VAL C 562 -36.12 45.22 15.50
C VAL C 562 -36.91 45.61 16.75
N THR C 563 -37.16 46.91 16.92
CA THR C 563 -37.95 47.37 18.06
C THR C 563 -39.36 46.78 18.00
N ASP C 564 -39.95 46.71 16.81
CA ASP C 564 -41.26 46.09 16.65
C ASP C 564 -41.21 44.61 17.02
N VAL C 565 -40.24 43.88 16.46
CA VAL C 565 -40.19 42.44 16.62
C VAL C 565 -39.76 42.04 18.03
N GLY C 566 -39.20 42.97 18.80
CA GLY C 566 -38.69 42.61 20.12
C GLY C 566 -39.75 42.38 21.18
N VAL C 567 -41.01 42.68 20.90
CA VAL C 567 -42.05 42.53 21.90
C VAL C 567 -42.23 41.08 22.34
N HIS C 568 -41.90 40.12 21.47
CA HIS C 568 -42.01 38.70 21.81
C HIS C 568 -40.65 38.06 22.05
N LEU C 569 -39.59 38.86 22.18
CA LEU C 569 -38.24 38.32 22.33
C LEU C 569 -37.91 38.08 23.80
N GLN C 570 -36.98 37.14 24.02
CA GLN C 570 -36.42 36.86 25.33
C GLN C 570 -34.97 37.30 25.46
N LYS C 571 -34.16 37.07 24.42
CA LYS C 571 -32.73 37.32 24.44
C LYS C 571 -32.35 38.18 23.26
N LEU C 572 -31.57 39.24 23.52
CA LEU C 572 -31.07 40.12 22.47
C LEU C 572 -29.56 40.21 22.60
N SER C 573 -28.86 40.17 21.48
CA SER C 573 -27.41 40.24 21.44
C SER C 573 -26.97 41.09 20.26
N ILE C 574 -26.32 42.23 20.54
CA ILE C 574 -25.84 43.13 19.50
C ILE C 574 -24.33 43.24 19.65
N ASN C 575 -23.62 42.94 18.57
CA ASN C 575 -22.16 42.94 18.54
C ASN C 575 -21.72 43.78 17.35
N ASN C 576 -21.49 45.07 17.58
CA ASN C 576 -21.17 45.99 16.50
C ASN C 576 -19.69 46.01 16.13
N GLU C 577 -18.86 45.26 16.84
CA GLU C 577 -17.42 45.22 16.60
C GLU C 577 -16.80 46.61 16.70
N GLY C 578 -17.11 47.30 17.80
CA GLY C 578 -16.52 48.58 18.11
C GLY C 578 -17.29 49.78 17.61
N THR C 579 -18.18 49.60 16.63
CA THR C 579 -18.94 50.71 16.10
C THR C 579 -20.01 51.15 17.10
N LYS C 580 -20.16 52.46 17.28
CA LYS C 580 -21.08 52.97 18.27
C LYS C 580 -22.52 52.63 17.89
N LEU C 581 -23.34 52.38 18.90
CA LEU C 581 -24.75 52.08 18.73
C LEU C 581 -25.57 53.07 19.56
N ILE C 582 -26.64 53.57 18.98
CA ILE C 582 -27.51 54.56 19.62
C ILE C 582 -28.85 53.90 19.91
N VAL C 583 -29.28 53.95 21.16
CA VAL C 583 -30.55 53.37 21.56
C VAL C 583 -31.65 54.42 21.40
N LEU C 584 -31.53 55.53 22.11
CA LEU C 584 -32.44 56.68 22.00
C LEU C 584 -33.91 56.25 22.13
N ASN C 585 -34.23 55.67 23.29
CA ASN C 585 -35.60 55.28 23.64
C ASN C 585 -36.18 54.34 22.60
N SER C 586 -35.37 53.40 22.11
CA SER C 586 -35.84 52.37 21.19
C SER C 586 -35.67 50.97 21.76
N LEU C 587 -35.44 50.86 23.07
CA LEU C 587 -35.13 49.60 23.71
C LEU C 587 -36.12 49.20 24.80
N LYS C 588 -36.96 50.12 25.27
CA LYS C 588 -37.86 49.84 26.38
C LYS C 588 -39.10 49.07 25.98
N LYS C 589 -39.35 48.89 24.68
CA LYS C 589 -40.52 48.15 24.24
C LYS C 589 -40.36 46.64 24.42
N MET C 590 -39.14 46.15 24.61
CA MET C 590 -38.90 44.72 24.78
C MET C 590 -38.96 44.35 26.26
N VAL C 591 -40.12 44.60 26.86
CA VAL C 591 -40.28 44.36 28.29
C VAL C 591 -40.23 42.87 28.62
N ASN C 592 -40.36 42.00 27.62
CA ASN C 592 -40.20 40.57 27.83
C ASN C 592 -38.74 40.12 27.80
N LEU C 593 -37.82 41.00 27.43
CA LEU C 593 -36.42 40.62 27.29
C LEU C 593 -35.85 40.24 28.65
N THR C 594 -35.21 39.07 28.71
CA THR C 594 -34.62 38.57 29.95
C THR C 594 -33.11 38.41 29.89
N GLU C 595 -32.49 38.57 28.73
CA GLU C 595 -31.04 38.49 28.59
C GLU C 595 -30.62 39.46 27.49
N LEU C 596 -30.11 40.63 27.87
CA LEU C 596 -29.71 41.65 26.93
C LEU C 596 -28.19 41.77 26.91
N GLU C 597 -27.61 41.62 25.73
CA GLU C 597 -26.17 41.72 25.54
C GLU C 597 -25.87 42.83 24.55
N LEU C 598 -25.05 43.79 24.97
CA LEU C 598 -24.58 44.87 24.11
C LEU C 598 -23.06 44.77 24.09
N ILE C 599 -22.53 43.93 23.20
CA ILE C 599 -21.11 43.65 23.13
C ILE C 599 -20.47 44.53 22.07
N ARG C 600 -19.39 45.21 22.44
CA ARG C 600 -18.62 46.06 21.51
C ARG C 600 -19.52 47.08 20.82
N CYS C 601 -20.42 47.67 21.58
CA CYS C 601 -21.34 48.68 21.06
C CYS C 601 -20.84 50.10 21.26
N ASP C 602 -19.67 50.27 21.88
CA ASP C 602 -19.07 51.60 22.10
C ASP C 602 -20.05 52.54 22.78
N LEU C 603 -20.73 52.05 23.81
CA LEU C 603 -21.71 52.85 24.51
C LEU C 603 -21.06 54.03 25.23
N GLU C 604 -19.91 53.81 25.84
CA GLU C 604 -19.14 54.82 26.59
C GLU C 604 -19.88 55.26 27.85
N ARG C 605 -21.09 54.76 28.04
CA ARG C 605 -21.92 55.06 29.19
C ARG C 605 -23.14 54.16 29.13
N ILE C 606 -23.58 53.68 30.29
CA ILE C 606 -24.74 52.80 30.32
C ILE C 606 -25.98 53.64 30.00
N PRO C 607 -26.69 53.34 28.92
CA PRO C 607 -27.87 54.13 28.59
C PRO C 607 -29.00 53.91 29.60
N HIS C 608 -29.85 54.91 29.72
CA HIS C 608 -30.96 54.85 30.67
C HIS C 608 -32.05 53.89 30.24
N SER C 609 -32.09 53.48 28.97
CA SER C 609 -33.13 52.58 28.49
C SER C 609 -32.99 51.18 29.06
N ILE C 610 -31.80 50.80 29.53
CA ILE C 610 -31.61 49.44 30.03
C ILE C 610 -32.43 49.21 31.29
N PHE C 611 -32.64 50.26 32.09
CA PHE C 611 -33.38 50.13 33.34
C PHE C 611 -34.86 49.92 33.13
N SER C 612 -35.37 50.05 31.92
CA SER C 612 -36.79 49.91 31.64
C SER C 612 -37.19 48.47 31.33
N LEU C 613 -36.27 47.53 31.37
CA LEU C 613 -36.54 46.12 31.12
C LEU C 613 -36.48 45.39 32.46
N HIS C 614 -37.62 45.34 33.15
CA HIS C 614 -37.65 44.81 34.51
C HIS C 614 -37.53 43.29 34.56
N ASN C 615 -37.89 42.59 33.50
CA ASN C 615 -37.77 41.14 33.45
C ASN C 615 -36.37 40.68 33.10
N LEU C 616 -35.45 41.60 32.84
CA LEU C 616 -34.09 41.25 32.47
C LEU C 616 -33.41 40.49 33.61
N GLN C 617 -32.70 39.42 33.26
CA GLN C 617 -32.02 38.60 34.24
C GLN C 617 -30.50 38.57 34.07
N GLU C 618 -30.00 38.80 32.86
CA GLU C 618 -28.57 38.90 32.61
C GLU C 618 -28.29 40.12 31.76
N ILE C 619 -27.26 40.87 32.13
CA ILE C 619 -26.84 42.05 31.39
C ILE C 619 -25.37 41.90 31.05
N ASP C 620 -25.06 41.83 29.76
CA ASP C 620 -23.70 41.67 29.28
C ASP C 620 -23.31 42.91 28.50
N LEU C 621 -22.37 43.68 29.05
CA LEU C 621 -21.94 44.94 28.46
C LEU C 621 -20.45 44.91 28.17
N LYS C 622 -19.97 43.78 27.66
CA LYS C 622 -18.56 43.60 27.39
C LYS C 622 -18.06 44.56 26.34
N ASP C 623 -16.93 45.20 26.61
CA ASP C 623 -16.15 45.95 25.63
C ASP C 623 -16.92 47.16 25.10
N ASN C 624 -17.42 47.98 26.02
CA ASN C 624 -18.18 49.18 25.66
C ASN C 624 -17.52 50.46 26.13
N ASN C 625 -16.24 50.39 26.51
CA ASN C 625 -15.48 51.55 26.95
C ASN C 625 -16.15 52.26 28.12
N LEU C 626 -16.79 51.47 28.99
CA LEU C 626 -17.42 52.01 30.18
C LEU C 626 -16.36 52.38 31.20
N LYS C 627 -16.48 53.56 31.78
CA LYS C 627 -15.58 54.02 32.83
C LYS C 627 -16.29 54.35 34.13
N THR C 628 -17.49 54.91 34.06
CA THR C 628 -18.32 55.15 35.23
C THR C 628 -19.53 54.24 35.17
N ILE C 629 -19.73 53.44 36.22
CA ILE C 629 -20.87 52.53 36.27
C ILE C 629 -21.72 52.83 37.49
N GLU C 630 -21.76 54.10 37.89
CA GLU C 630 -22.60 54.49 39.02
C GLU C 630 -24.08 54.36 38.70
N GLU C 631 -24.44 54.17 37.43
CA GLU C 631 -25.84 54.00 37.05
C GLU C 631 -26.42 52.69 37.54
N ILE C 632 -25.59 51.76 38.02
CA ILE C 632 -26.10 50.48 38.51
C ILE C 632 -27.00 50.64 39.71
N ILE C 633 -27.04 51.84 40.32
CA ILE C 633 -27.97 52.09 41.41
C ILE C 633 -29.41 51.94 40.94
N SER C 634 -29.67 52.21 39.66
CA SER C 634 -31.00 52.06 39.09
C SER C 634 -31.37 50.62 38.81
N PHE C 635 -30.42 49.68 38.90
CA PHE C 635 -30.71 48.28 38.65
C PHE C 635 -31.60 47.67 39.72
N GLN C 636 -31.84 48.36 40.83
CA GLN C 636 -32.80 47.88 41.81
C GLN C 636 -34.20 47.76 41.21
N HIS C 637 -34.48 48.50 40.13
CA HIS C 637 -35.75 48.32 39.42
C HIS C 637 -35.87 46.91 38.87
N LEU C 638 -34.79 46.38 38.31
CA LEU C 638 -34.76 45.02 37.78
C LEU C 638 -34.75 44.05 38.95
N HIS C 639 -35.94 43.68 39.43
CA HIS C 639 -36.05 42.78 40.56
C HIS C 639 -35.60 41.37 40.24
N ARG C 640 -35.45 41.02 38.95
CA ARG C 640 -35.06 39.68 38.54
C ARG C 640 -33.66 39.64 37.93
N LEU C 641 -32.79 40.56 38.33
CA LEU C 641 -31.44 40.63 37.78
C LEU C 641 -30.52 39.72 38.60
N THR C 642 -30.00 38.67 37.97
CA THR C 642 -29.15 37.71 38.65
C THR C 642 -27.71 37.69 38.16
N CYS C 643 -27.45 38.16 36.94
CA CYS C 643 -26.11 38.12 36.36
C CYS C 643 -25.76 39.49 35.80
N LEU C 644 -24.59 40.00 36.16
CA LEU C 644 -24.12 41.29 35.67
C LEU C 644 -22.70 41.11 35.14
N LYS C 645 -22.53 41.31 33.84
CA LYS C 645 -21.23 41.17 33.17
C LYS C 645 -20.79 42.54 32.68
N LEU C 646 -20.02 43.26 33.49
CA LEU C 646 -19.49 44.56 33.13
C LEU C 646 -18.02 44.49 32.75
N TRP C 647 -17.54 43.31 32.39
CA TRP C 647 -16.12 43.10 32.15
C TRP C 647 -15.68 43.80 30.86
N TYR C 648 -14.36 43.79 30.65
CA TYR C 648 -13.72 44.32 29.44
C TYR C 648 -14.08 45.79 29.21
N ASN C 649 -14.10 46.56 30.28
CA ASN C 649 -14.31 48.00 30.18
C ASN C 649 -13.13 48.72 30.81
N HIS C 650 -13.21 50.04 30.86
CA HIS C 650 -12.22 50.87 31.54
C HIS C 650 -12.72 51.34 32.89
N ILE C 651 -13.47 50.49 33.58
CA ILE C 651 -14.09 50.82 34.86
C ILE C 651 -13.01 51.12 35.89
N ALA C 652 -12.93 52.38 36.32
CA ALA C 652 -11.92 52.77 37.29
C ALA C 652 -12.25 52.31 38.70
N TYR C 653 -13.53 52.36 39.09
CA TYR C 653 -13.90 52.08 40.46
C TYR C 653 -15.23 51.34 40.50
N ILE C 654 -15.46 50.63 41.60
CA ILE C 654 -16.73 49.96 41.85
C ILE C 654 -17.53 50.83 42.81
N PRO C 655 -18.63 51.43 42.38
CA PRO C 655 -19.42 52.25 43.30
C PRO C 655 -19.95 51.43 44.47
N ILE C 656 -20.01 52.06 45.64
CA ILE C 656 -20.53 51.37 46.81
C ILE C 656 -22.03 51.10 46.69
N GLN C 657 -22.69 51.73 45.72
CA GLN C 657 -24.10 51.44 45.47
C GLN C 657 -24.31 50.04 44.93
N ILE C 658 -23.24 49.35 44.53
CA ILE C 658 -23.34 47.98 44.07
C ILE C 658 -23.82 47.05 45.18
N GLY C 659 -23.81 47.50 46.43
CA GLY C 659 -24.38 46.71 47.51
C GLY C 659 -25.89 46.60 47.45
N ASN C 660 -26.56 47.54 46.78
CA ASN C 660 -28.02 47.51 46.67
C ASN C 660 -28.51 46.43 45.73
N LEU C 661 -27.65 45.88 44.88
CA LEU C 661 -28.03 44.81 43.97
C LEU C 661 -27.95 43.49 44.70
N THR C 662 -28.96 43.24 45.54
CA THR C 662 -28.94 42.08 46.43
C THR C 662 -29.22 40.78 45.70
N ASN C 663 -29.74 40.84 44.47
CA ASN C 663 -30.09 39.63 43.73
C ASN C 663 -28.94 39.07 42.90
N LEU C 664 -27.80 39.75 42.86
CA LEU C 664 -26.71 39.31 42.00
C LEU C 664 -26.13 37.99 42.48
N GLU C 665 -26.02 37.04 41.56
CA GLU C 665 -25.37 35.77 41.81
C GLU C 665 -24.08 35.58 41.02
N ARG C 666 -24.01 36.12 39.81
CA ARG C 666 -22.78 36.16 39.02
C ARG C 666 -22.43 37.61 38.74
N LEU C 667 -21.22 38.01 39.13
CA LEU C 667 -20.73 39.36 38.91
C LEU C 667 -19.35 39.26 38.27
N TYR C 668 -19.27 39.59 36.98
CA TYR C 668 -18.03 39.58 36.24
C TYR C 668 -17.58 41.02 36.02
N LEU C 669 -16.37 41.34 36.48
CA LEU C 669 -15.83 42.69 36.39
C LEU C 669 -14.39 42.70 35.92
N ASN C 670 -13.91 41.60 35.35
CA ASN C 670 -12.51 41.48 34.99
C ASN C 670 -12.17 42.40 33.81
N ARG C 671 -10.87 42.55 33.58
CA ARG C 671 -10.35 43.40 32.50
C ARG C 671 -10.84 44.84 32.65
N ASN C 672 -10.67 45.39 33.86
CA ASN C 672 -11.06 46.76 34.17
C ASN C 672 -9.92 47.44 34.91
N LYS C 673 -10.09 48.73 35.17
CA LYS C 673 -9.09 49.53 35.87
C LYS C 673 -9.40 49.65 37.36
N ILE C 674 -10.07 48.64 37.93
CA ILE C 674 -10.42 48.68 39.34
C ILE C 674 -9.16 48.45 40.17
N GLU C 675 -8.95 49.30 41.17
CA GLU C 675 -7.77 49.20 42.02
C GLU C 675 -8.06 48.75 43.44
N LYS C 676 -9.32 48.82 43.90
CA LYS C 676 -9.66 48.36 45.23
C LYS C 676 -11.11 47.89 45.23
N ILE C 677 -11.42 47.02 46.19
CA ILE C 677 -12.75 46.43 46.32
C ILE C 677 -13.48 47.15 47.45
N PRO C 678 -14.57 47.87 47.15
CA PRO C 678 -15.32 48.51 48.23
C PRO C 678 -15.97 47.47 49.13
N THR C 679 -16.18 47.86 50.39
CA THR C 679 -16.74 46.93 51.36
C THR C 679 -18.20 46.64 51.08
N GLN C 680 -18.92 47.58 50.47
CA GLN C 680 -20.34 47.38 50.18
C GLN C 680 -20.58 46.28 49.15
N LEU C 681 -19.56 45.93 48.36
CA LEU C 681 -19.73 44.89 47.35
C LEU C 681 -20.04 43.54 47.97
N PHE C 682 -19.69 43.34 49.24
CA PHE C 682 -19.90 42.06 49.89
C PHE C 682 -21.26 41.95 50.58
N TYR C 683 -22.11 42.96 50.44
CA TYR C 683 -23.49 42.83 50.92
C TYR C 683 -24.34 41.97 50.00
N CYS C 684 -23.88 41.71 48.77
CA CYS C 684 -24.58 40.82 47.84
C CYS C 684 -24.32 39.39 48.28
N ARG C 685 -25.10 38.94 49.28
CA ARG C 685 -24.85 37.64 49.90
C ARG C 685 -25.11 36.49 48.94
N LYS C 686 -26.07 36.63 48.03
CA LYS C 686 -26.42 35.56 47.10
C LYS C 686 -25.34 35.31 46.07
N LEU C 687 -24.32 36.17 45.99
CA LEU C 687 -23.31 36.09 44.94
C LEU C 687 -22.62 34.73 44.94
N ARG C 688 -22.48 34.15 43.75
CA ARG C 688 -21.84 32.86 43.57
C ARG C 688 -20.59 32.92 42.71
N TYR C 689 -20.63 33.67 41.61
CA TYR C 689 -19.48 33.86 40.73
C TYR C 689 -18.97 35.28 40.93
N LEU C 690 -17.71 35.40 41.33
CA LEU C 690 -17.06 36.69 41.52
C LEU C 690 -15.74 36.67 40.77
N ASP C 691 -15.71 37.32 39.61
CA ASP C 691 -14.51 37.39 38.78
C ASP C 691 -14.04 38.85 38.75
N LEU C 692 -12.82 39.08 39.24
CA LEU C 692 -12.23 40.41 39.27
C LEU C 692 -10.84 40.40 38.67
N SER C 693 -10.59 39.49 37.74
CA SER C 693 -9.26 39.31 37.19
C SER C 693 -8.80 40.55 36.42
N HIS C 694 -7.50 40.60 36.18
CA HIS C 694 -6.90 41.62 35.31
C HIS C 694 -7.30 43.03 35.73
N ASN C 695 -7.29 43.26 37.03
CA ASN C 695 -7.55 44.56 37.61
C ASN C 695 -6.32 45.01 38.40
N ASN C 696 -6.38 46.24 38.92
CA ASN C 696 -5.29 46.82 39.69
C ASN C 696 -5.45 46.59 41.18
N LEU C 697 -6.10 45.49 41.58
CA LEU C 697 -6.30 45.21 42.98
C LEU C 697 -4.99 44.85 43.67
N THR C 698 -4.94 45.11 44.98
CA THR C 698 -3.82 44.71 45.81
C THR C 698 -4.23 43.91 47.04
N PHE C 699 -5.47 44.02 47.50
CA PHE C 699 -5.89 43.35 48.72
C PHE C 699 -7.37 43.04 48.64
N LEU C 700 -7.80 42.07 49.45
CA LEU C 700 -9.19 41.70 49.57
C LEU C 700 -9.73 42.14 50.92
N PRO C 701 -10.86 42.85 50.96
CA PRO C 701 -11.43 43.22 52.25
C PRO C 701 -11.87 41.99 53.05
N ALA C 702 -11.85 42.14 54.37
CA ALA C 702 -12.21 41.03 55.25
C ALA C 702 -13.68 40.63 55.11
N ASP C 703 -14.50 41.48 54.49
CA ASP C 703 -15.92 41.17 54.33
C ASP C 703 -16.18 40.06 53.32
N ILE C 704 -15.14 39.48 52.72
CA ILE C 704 -15.36 38.41 51.77
C ILE C 704 -15.88 37.15 52.46
N GLY C 705 -15.71 37.04 53.78
CA GLY C 705 -16.26 35.92 54.50
C GLY C 705 -17.77 35.95 54.62
N LEU C 706 -18.38 37.12 54.40
CA LEU C 706 -19.84 37.22 54.40
C LEU C 706 -20.46 36.43 53.26
N LEU C 707 -19.72 36.20 52.17
CA LEU C 707 -20.23 35.52 50.99
C LEU C 707 -20.12 34.01 51.19
N GLN C 708 -21.13 33.46 51.86
CA GLN C 708 -21.15 32.02 52.08
C GLN C 708 -21.50 31.24 50.82
N ASN C 709 -22.08 31.89 49.82
CA ASN C 709 -22.46 31.23 48.58
C ASN C 709 -21.41 31.36 47.49
N LEU C 710 -20.22 31.86 47.82
CA LEU C 710 -19.16 31.98 46.82
C LEU C 710 -18.79 30.60 46.29
N GLN C 711 -18.72 30.49 44.96
CA GLN C 711 -18.43 29.21 44.34
C GLN C 711 -17.23 29.33 43.39
N ASN C 712 -17.04 30.51 42.81
CA ASN C 712 -15.88 30.81 41.98
C ASN C 712 -15.31 32.15 42.38
N LEU C 713 -13.99 32.22 42.51
CA LEU C 713 -13.28 33.45 42.79
C LEU C 713 -12.09 33.54 41.85
N ALA C 714 -12.09 34.54 40.98
CA ALA C 714 -11.02 34.74 40.02
C ALA C 714 -10.43 36.12 40.22
N VAL C 715 -9.21 36.18 40.75
CA VAL C 715 -8.49 37.43 40.93
C VAL C 715 -7.19 37.35 40.14
N THR C 716 -7.24 36.64 39.02
CA THR C 716 -6.04 36.42 38.20
C THR C 716 -5.46 37.73 37.73
N ALA C 717 -4.13 37.77 37.63
CA ALA C 717 -3.39 38.95 37.17
C ALA C 717 -3.69 40.16 38.03
N ASN C 718 -3.48 40.02 39.33
CA ASN C 718 -3.63 41.10 40.29
C ASN C 718 -2.39 41.16 41.17
N ARG C 719 -2.31 42.20 41.99
CA ARG C 719 -1.19 42.45 42.89
C ARG C 719 -1.55 42.06 44.32
N ILE C 720 -2.32 40.99 44.47
CA ILE C 720 -2.73 40.52 45.79
C ILE C 720 -1.50 39.96 46.51
N GLU C 721 -1.01 40.71 47.50
CA GLU C 721 0.18 40.28 48.22
C GLU C 721 -0.07 38.99 48.98
N ALA C 722 -1.20 38.91 49.68
CA ALA C 722 -1.53 37.74 50.48
C ALA C 722 -3.03 37.67 50.67
N LEU C 723 -3.54 36.44 50.75
CA LEU C 723 -4.96 36.22 50.93
C LEU C 723 -5.33 36.37 52.40
N PRO C 724 -6.29 37.22 52.75
CA PRO C 724 -6.75 37.28 54.14
C PRO C 724 -7.36 35.96 54.56
N PRO C 725 -7.16 35.55 55.82
CA PRO C 725 -7.74 34.28 56.28
C PRO C 725 -9.27 34.29 56.28
N GLU C 726 -9.90 35.47 56.28
CA GLU C 726 -11.35 35.54 56.19
C GLU C 726 -11.87 34.99 54.87
N LEU C 727 -11.00 34.86 53.86
CA LEU C 727 -11.41 34.28 52.59
C LEU C 727 -11.88 32.84 52.74
N PHE C 728 -11.31 32.12 53.71
CA PHE C 728 -11.60 30.70 53.85
C PHE C 728 -12.90 30.44 54.62
N GLN C 729 -13.57 31.48 55.07
CA GLN C 729 -14.92 31.32 55.60
C GLN C 729 -15.93 30.97 54.50
N CYS C 730 -15.58 31.17 53.24
CA CYS C 730 -16.42 30.76 52.11
C CYS C 730 -16.31 29.25 52.00
N ARG C 731 -17.27 28.55 52.63
CA ARG C 731 -17.17 27.11 52.75
C ARG C 731 -17.27 26.41 51.41
N LYS C 732 -18.22 26.82 50.57
CA LYS C 732 -18.52 26.12 49.32
C LYS C 732 -17.74 26.67 48.14
N LEU C 733 -16.59 27.28 48.37
CA LEU C 733 -15.78 27.80 47.27
C LEU C 733 -15.23 26.62 46.46
N ARG C 734 -15.72 26.48 45.24
CA ARG C 734 -15.41 25.32 44.41
C ARG C 734 -14.28 25.57 43.43
N ALA C 735 -13.77 26.80 43.35
CA ALA C 735 -12.65 27.09 42.45
C ALA C 735 -11.92 28.32 42.97
N LEU C 736 -10.66 28.44 42.55
CA LEU C 736 -9.83 29.57 42.95
C LEU C 736 -8.85 29.86 41.82
N HIS C 737 -8.86 31.08 41.32
CA HIS C 737 -7.96 31.51 40.26
C HIS C 737 -7.05 32.60 40.84
N LEU C 738 -5.91 32.18 41.36
CA LEU C 738 -4.91 33.09 41.91
C LEU C 738 -3.69 33.22 41.01
N GLY C 739 -3.78 32.78 39.76
CA GLY C 739 -2.64 32.80 38.88
C GLY C 739 -2.17 34.21 38.56
N ASN C 740 -0.88 34.29 38.20
CA ASN C 740 -0.27 35.55 37.77
C ASN C 740 -0.40 36.63 38.84
N ASN C 741 -0.24 36.23 40.09
CA ASN C 741 -0.29 37.14 41.22
C ASN C 741 1.11 37.29 41.83
N VAL C 742 1.18 38.01 42.95
CA VAL C 742 2.43 38.23 43.66
C VAL C 742 2.33 37.59 45.04
N LEU C 743 1.59 36.49 45.13
CA LEU C 743 1.41 35.80 46.41
C LEU C 743 2.74 35.40 47.00
N GLN C 744 2.94 35.73 48.28
CA GLN C 744 4.16 35.38 48.98
C GLN C 744 4.08 33.99 49.61
N SER C 745 3.06 33.77 50.45
CA SER C 745 2.83 32.47 51.06
C SER C 745 1.34 32.17 51.04
N LEU C 746 1.02 30.91 50.75
CA LEU C 746 -0.37 30.46 50.76
C LEU C 746 -0.83 30.25 52.20
N PRO C 747 -1.91 30.90 52.63
CA PRO C 747 -2.39 30.66 53.99
C PRO C 747 -2.78 29.21 54.20
N SER C 748 -2.51 28.71 55.41
CA SER C 748 -2.69 27.29 55.71
C SER C 748 -4.15 26.87 55.75
N ARG C 749 -5.09 27.81 55.83
CA ARG C 749 -6.50 27.48 55.88
C ARG C 749 -7.07 27.08 54.54
N VAL C 750 -6.22 26.86 53.53
CA VAL C 750 -6.70 26.47 52.20
C VAL C 750 -7.34 25.09 52.25
N GLY C 751 -6.88 24.21 53.13
CA GLY C 751 -7.41 22.86 53.19
C GLY C 751 -8.83 22.77 53.71
N GLU C 752 -9.30 23.79 54.42
CA GLU C 752 -10.68 23.80 54.90
C GLU C 752 -11.69 23.81 53.75
N LEU C 753 -11.29 24.27 52.57
CA LEU C 753 -12.17 24.35 51.41
C LEU C 753 -12.35 22.93 50.88
N THR C 754 -13.33 22.22 51.44
CA THR C 754 -13.59 20.84 51.03
C THR C 754 -14.26 20.78 49.67
N ASN C 755 -14.99 21.83 49.28
CA ASN C 755 -15.60 21.87 47.95
C ASN C 755 -14.65 22.33 46.87
N LEU C 756 -13.42 22.71 47.23
CA LEU C 756 -12.45 23.18 46.26
C LEU C 756 -12.11 22.08 45.26
N THR C 757 -12.45 22.28 43.99
CA THR C 757 -12.20 21.30 42.94
C THR C 757 -10.98 21.66 42.09
N GLN C 758 -10.92 22.90 41.62
CA GLN C 758 -9.81 23.39 40.82
C GLN C 758 -9.19 24.61 41.48
N ILE C 759 -7.87 24.65 41.53
CA ILE C 759 -7.13 25.77 42.10
C ILE C 759 -5.98 26.12 41.17
N GLU C 760 -5.84 27.40 40.83
CA GLU C 760 -4.78 27.88 39.96
C GLU C 760 -3.86 28.80 40.73
N LEU C 761 -2.56 28.51 40.67
CA LEU C 761 -1.55 29.28 41.41
C LEU C 761 -0.33 29.62 40.57
N ARG C 762 -0.32 29.28 39.29
CA ARG C 762 0.88 29.44 38.48
C ARG C 762 1.22 30.92 38.29
N GLY C 763 2.52 31.19 38.17
CA GLY C 763 3.00 32.54 37.93
C GLY C 763 3.21 33.38 39.17
N ASN C 764 3.03 32.81 40.36
CA ASN C 764 3.18 33.54 41.61
C ASN C 764 4.57 33.33 42.19
N ARG C 765 4.98 34.26 43.04
CA ARG C 765 6.22 34.12 43.81
C ARG C 765 5.97 33.32 45.09
N LEU C 766 5.37 32.14 44.93
CA LEU C 766 4.97 31.31 46.06
C LEU C 766 6.15 30.41 46.43
N GLU C 767 6.76 30.69 47.59
CA GLU C 767 7.99 30.00 47.96
C GLU C 767 7.72 28.54 48.33
N CYS C 768 6.72 28.30 49.16
CA CYS C 768 6.49 26.95 49.69
C CYS C 768 4.99 26.64 49.64
N LEU C 769 4.69 25.35 49.53
CA LEU C 769 3.30 24.92 49.47
C LEU C 769 2.85 24.39 50.83
N PRO C 770 1.64 24.73 51.25
CA PRO C 770 1.15 24.25 52.54
C PRO C 770 0.89 22.75 52.53
N VAL C 771 1.11 22.11 53.69
CA VAL C 771 0.77 20.72 53.84
C VAL C 771 -0.73 20.52 53.91
N GLU C 772 -1.49 21.57 54.20
CA GLU C 772 -2.94 21.48 54.28
C GLU C 772 -3.61 21.35 52.93
N LEU C 773 -2.87 21.52 51.84
CA LEU C 773 -3.45 21.30 50.52
C LEU C 773 -3.83 19.85 50.30
N GLY C 774 -3.33 18.94 51.13
CA GLY C 774 -3.58 17.52 51.01
C GLY C 774 -4.87 17.02 51.62
N GLU C 775 -5.69 17.89 52.21
CA GLU C 775 -6.96 17.50 52.80
C GLU C 775 -8.17 18.08 52.06
N CYS C 776 -8.04 18.28 50.75
CA CYS C 776 -9.18 18.66 49.93
C CYS C 776 -9.70 17.42 49.22
N PRO C 777 -10.91 16.94 49.54
CA PRO C 777 -11.36 15.64 48.99
C PRO C 777 -11.46 15.60 47.48
N LEU C 778 -11.85 16.70 46.83
CA LEU C 778 -12.09 16.72 45.40
C LEU C 778 -10.88 17.16 44.59
N LEU C 779 -9.80 17.58 45.25
CA LEU C 779 -8.64 18.11 44.55
C LEU C 779 -7.86 17.00 43.86
N LYS C 780 -7.50 17.24 42.60
CA LYS C 780 -6.66 16.35 41.82
C LYS C 780 -5.44 17.12 41.33
N ARG C 781 -4.45 16.38 40.83
CA ARG C 781 -3.23 17.03 40.35
C ARG C 781 -3.52 17.91 39.14
N SER C 782 -4.41 17.47 38.25
CA SER C 782 -4.83 18.33 37.15
C SER C 782 -5.58 19.55 37.66
N GLY C 783 -6.44 19.35 38.68
CA GLY C 783 -7.16 20.48 39.23
C GLY C 783 -6.24 21.52 39.84
N LEU C 784 -5.18 21.08 40.52
CA LEU C 784 -4.20 22.00 41.09
C LEU C 784 -3.27 22.48 39.99
N VAL C 785 -3.24 23.78 39.74
CA VAL C 785 -2.37 24.38 38.74
C VAL C 785 -1.25 25.11 39.48
N VAL C 786 -0.04 24.59 39.38
CA VAL C 786 1.12 25.19 40.05
C VAL C 786 2.37 24.69 39.33
N GLU C 787 3.48 25.40 39.52
CA GLU C 787 4.74 25.00 38.92
C GLU C 787 5.16 23.62 39.42
N GLU C 788 5.74 22.82 38.52
CA GLU C 788 6.10 21.45 38.87
C GLU C 788 7.18 21.41 39.95
N ASP C 789 8.21 22.25 39.81
CA ASP C 789 9.29 22.25 40.79
C ASP C 789 8.78 22.70 42.16
N LEU C 790 7.88 23.68 42.18
CA LEU C 790 7.23 24.05 43.44
C LEU C 790 6.34 22.91 43.95
N PHE C 791 5.64 22.23 43.05
CA PHE C 791 4.80 21.12 43.46
C PHE C 791 5.60 19.99 44.08
N SER C 792 6.87 19.85 43.68
CA SER C 792 7.73 18.81 44.25
C SER C 792 8.04 19.05 45.72
N THR C 793 7.75 20.25 46.23
CA THR C 793 7.97 20.53 47.65
C THR C 793 6.89 19.91 48.53
N LEU C 794 5.77 19.49 47.95
CA LEU C 794 4.70 18.90 48.73
C LEU C 794 5.13 17.54 49.29
N PRO C 795 4.54 17.11 50.41
CA PRO C 795 4.95 15.84 51.00
C PRO C 795 4.66 14.69 50.06
N PRO C 796 5.48 13.63 50.11
CA PRO C 796 5.23 12.47 49.23
C PRO C 796 3.89 11.80 49.48
N GLU C 797 3.40 11.77 50.72
CA GLU C 797 2.09 11.20 50.98
C GLU C 797 1.00 12.02 50.30
N VAL C 798 1.07 13.35 50.44
CA VAL C 798 0.09 14.23 49.80
C VAL C 798 0.16 14.10 48.29
N LYS C 799 1.38 14.08 47.74
CA LYS C 799 1.54 13.97 46.29
C LYS C 799 1.01 12.64 45.78
N GLU C 800 1.26 11.55 46.50
CA GLU C 800 0.76 10.25 46.07
C GLU C 800 -0.76 10.19 46.16
N ARG C 801 -1.34 10.79 47.20
CA ARG C 801 -2.79 10.84 47.29
C ARG C 801 -3.40 11.64 46.14
N LEU C 802 -2.77 12.75 45.78
CA LEU C 802 -3.25 13.54 44.64
C LEU C 802 -3.11 12.76 43.34
N TRP C 803 -2.00 12.04 43.17
CA TRP C 803 -1.83 11.21 41.98
C TRP C 803 -2.91 10.13 41.90
N ARG C 804 -3.21 9.49 43.03
CA ARG C 804 -4.24 8.46 43.05
C ARG C 804 -5.61 9.05 42.73
N ALA C 805 -5.92 10.23 43.29
CA ALA C 805 -7.20 10.86 43.01
C ALA C 805 -7.31 11.26 41.53
N ASP C 806 -6.23 11.79 40.96
CA ASP C 806 -6.28 12.21 39.56
C ASP C 806 -6.38 11.02 38.63
N LYS C 807 -5.61 9.96 38.89
CA LYS C 807 -5.66 8.77 38.06
C LYS C 807 -7.03 8.11 38.11
N GLU C 808 -7.59 7.98 39.31
CA GLU C 808 -8.93 7.44 39.51
C GLU C 808 -9.40 7.66 40.94
N PRO D 15 1.90 11.82 -42.99
CA PRO D 15 1.32 11.54 -41.67
C PRO D 15 0.64 12.75 -41.06
N ALA D 16 1.29 13.38 -40.08
CA ALA D 16 0.78 14.58 -39.45
C ALA D 16 1.12 15.85 -40.20
N TYR D 17 1.80 15.74 -41.35
CA TYR D 17 2.18 16.92 -42.11
C TYR D 17 1.00 17.60 -42.80
N ARG D 18 -0.18 16.99 -42.80
CA ARG D 18 -1.33 17.58 -43.46
C ARG D 18 -1.71 18.93 -42.87
N ILE D 19 -1.27 19.22 -41.65
CA ILE D 19 -1.54 20.52 -41.04
C ILE D 19 -0.79 21.63 -41.76
N LEU D 20 0.38 21.32 -42.31
CA LEU D 20 1.22 22.35 -42.91
C LEU D 20 0.59 22.93 -44.18
N LYS D 21 0.03 22.07 -45.03
CA LYS D 21 -0.39 22.49 -46.36
C LYS D 21 -1.70 23.25 -46.30
N PRO D 22 -1.75 24.50 -46.76
CA PRO D 22 -3.03 25.20 -46.88
C PRO D 22 -3.86 24.66 -48.03
N TRP D 23 -4.98 25.30 -48.34
CA TRP D 23 -5.82 24.77 -49.41
C TRP D 23 -5.19 24.96 -50.77
N TRP D 24 -4.49 26.09 -50.98
CA TRP D 24 -3.80 26.28 -52.24
C TRP D 24 -2.71 25.23 -52.44
N ASP D 25 -2.02 24.83 -51.37
CA ASP D 25 -1.00 23.81 -51.51
C ASP D 25 -1.60 22.49 -51.96
N VAL D 26 -2.75 22.11 -51.39
CA VAL D 26 -3.42 20.89 -51.80
C VAL D 26 -3.91 21.00 -53.24
N PHE D 27 -4.45 22.16 -53.61
CA PHE D 27 -4.90 22.35 -54.99
C PHE D 27 -3.74 22.22 -55.97
N THR D 28 -2.60 22.83 -55.65
CA THR D 28 -1.44 22.73 -56.51
C THR D 28 -0.93 21.30 -56.59
N ASP D 29 -0.96 20.57 -55.47
CA ASP D 29 -0.53 19.19 -55.50
C ASP D 29 -1.41 18.35 -56.42
N TYR D 30 -2.73 18.56 -56.35
CA TYR D 30 -3.62 17.78 -57.20
C TYR D 30 -3.49 18.19 -58.66
N ILE D 31 -3.36 19.49 -58.94
CA ILE D 31 -3.16 19.95 -60.30
C ILE D 31 -1.86 19.40 -60.86
N SER D 32 -0.82 19.32 -60.02
CA SER D 32 0.43 18.73 -60.44
C SER D 32 0.29 17.24 -60.71
N ILE D 33 -0.54 16.55 -59.92
CA ILE D 33 -0.79 15.14 -60.19
C ILE D 33 -1.45 14.98 -61.55
N VAL D 34 -2.43 15.83 -61.86
CA VAL D 34 -3.11 15.74 -63.16
C VAL D 34 -2.14 16.08 -64.29
N MET D 35 -1.29 17.08 -64.09
CA MET D 35 -0.33 17.44 -65.12
C MET D 35 0.68 16.33 -65.35
N LEU D 36 1.13 15.67 -64.29
CA LEU D 36 1.98 14.49 -64.44
C LEU D 36 1.25 13.37 -65.15
N MET D 37 -0.04 13.22 -64.88
CA MET D 37 -0.85 12.19 -65.54
C MET D 37 -0.90 12.44 -67.05
N ILE D 38 -1.14 13.69 -67.45
CA ILE D 38 -1.18 13.97 -68.89
C ILE D 38 0.20 13.90 -69.49
N ALA D 39 1.24 14.20 -68.71
CA ALA D 39 2.61 14.03 -69.21
C ALA D 39 2.89 12.57 -69.51
N VAL D 40 2.52 11.67 -68.60
CA VAL D 40 2.77 10.24 -68.81
C VAL D 40 1.93 9.71 -69.97
N PHE D 41 0.67 10.14 -70.05
CA PHE D 41 -0.18 9.70 -71.15
C PHE D 41 0.37 10.17 -72.49
N GLY D 42 0.69 11.45 -72.60
CA GLY D 42 1.26 11.95 -73.84
C GLY D 42 2.61 11.32 -74.16
N GLY D 43 3.40 11.02 -73.13
CA GLY D 43 4.68 10.39 -73.37
C GLY D 43 4.55 8.99 -73.92
N THR D 44 3.65 8.19 -73.34
CA THR D 44 3.46 6.86 -73.88
C THR D 44 2.82 6.90 -75.27
N LEU D 45 1.98 7.90 -75.53
CA LEU D 45 1.42 8.07 -76.86
C LEU D 45 2.51 8.41 -77.88
N GLN D 46 3.40 9.32 -77.52
CA GLN D 46 4.49 9.72 -78.42
C GLN D 46 5.50 8.60 -78.58
N VAL D 47 5.65 7.75 -77.58
CA VAL D 47 6.58 6.63 -77.70
C VAL D 47 5.99 5.53 -78.57
N THR D 48 4.69 5.25 -78.44
CA THR D 48 4.14 4.07 -79.06
C THR D 48 3.55 4.31 -80.45
N GLN D 49 3.12 5.53 -80.76
CA GLN D 49 2.61 5.82 -82.11
C GLN D 49 3.64 6.55 -82.99
N ASP D 50 4.03 7.75 -82.59
CA ASP D 50 5.11 8.54 -83.21
C ASP D 50 5.18 8.38 -84.73
N LYS D 51 4.10 8.75 -85.40
CA LYS D 51 4.01 8.52 -86.84
C LYS D 51 3.82 9.82 -87.61
N MET D 52 4.43 9.87 -88.78
CA MET D 52 4.00 10.73 -89.87
C MET D 52 3.76 9.86 -91.08
N ILE D 53 2.70 10.14 -91.82
CA ILE D 53 2.38 9.39 -93.02
C ILE D 53 2.51 10.34 -94.20
N CYS D 54 3.51 10.11 -95.03
CA CYS D 54 3.91 11.04 -96.06
C CYS D 54 3.66 10.46 -97.45
N LEU D 55 2.96 11.21 -98.29
CA LEU D 55 2.82 10.86 -99.69
C LEU D 55 3.53 11.89 -100.54
N PRO D 56 4.27 11.47 -101.55
CA PRO D 56 4.97 12.43 -102.40
C PRO D 56 4.00 13.26 -103.22
N CYS D 57 4.42 14.47 -103.54
CA CYS D 57 3.65 15.38 -104.37
C CYS D 57 4.29 15.44 -105.75
N LYS D 58 3.55 15.01 -106.77
CA LYS D 58 4.08 15.00 -108.13
C LYS D 58 4.14 16.40 -108.71
N TRP D 59 3.08 17.18 -108.53
CA TRP D 59 3.01 18.53 -109.04
C TRP D 59 3.34 19.49 -107.90
N VAL D 60 4.53 20.09 -107.96
CA VAL D 60 5.05 20.93 -106.89
C VAL D 60 5.10 22.37 -107.38
N THR D 61 4.49 23.27 -106.63
CA THR D 61 4.47 24.70 -106.95
C THR D 61 5.18 25.46 -105.83
N LYS D 62 6.27 26.14 -106.18
CA LYS D 62 7.05 26.94 -105.24
C LYS D 62 7.46 26.12 -104.02
N ASP D 63 8.09 24.98 -104.28
CA ASP D 63 8.59 24.08 -103.25
C ASP D 63 7.49 23.61 -102.31
N SER D 64 6.28 23.43 -102.85
CA SER D 64 5.12 23.04 -102.05
C SER D 64 4.14 22.33 -102.96
N CYS D 65 3.22 21.58 -102.33
CA CYS D 65 2.29 20.75 -103.08
C CYS D 65 1.23 21.61 -103.76
N ASN D 66 0.91 21.25 -105.02
CA ASN D 66 -0.03 22.03 -105.81
C ASN D 66 -1.48 21.75 -105.44
N ASP D 67 -1.77 20.56 -104.92
CA ASP D 67 -3.14 20.16 -104.56
C ASP D 67 -4.08 20.22 -105.76
N SER D 68 -3.59 19.80 -106.93
CA SER D 68 -4.41 19.77 -108.13
C SER D 68 -3.93 18.69 -109.09
N THR D 92 -14.59 5.05 -117.99
CA THR D 92 -13.42 5.82 -117.60
C THR D 92 -13.63 6.50 -116.25
N GLY D 93 -13.49 5.74 -115.18
CA GLY D 93 -13.62 6.27 -113.84
C GLY D 93 -12.28 6.69 -113.28
N PRO D 94 -12.25 7.04 -112.01
CA PRO D 94 -10.97 7.39 -111.38
C PRO D 94 -10.07 6.18 -111.22
N THR D 95 -8.78 6.44 -111.19
CA THR D 95 -7.77 5.43 -110.89
C THR D 95 -6.76 6.00 -109.91
N GLY D 96 -6.13 5.12 -109.15
CA GLY D 96 -5.18 5.56 -108.16
C GLY D 96 -3.88 6.04 -108.78
N ILE D 97 -3.25 7.00 -108.11
CA ILE D 97 -1.96 7.52 -108.53
C ILE D 97 -0.86 6.56 -108.09
N LYS D 98 0.14 6.37 -108.93
CA LYS D 98 1.23 5.44 -108.67
C LYS D 98 2.52 6.22 -108.48
N TYR D 99 3.16 6.03 -107.33
CA TYR D 99 4.41 6.70 -107.04
C TYR D 99 5.63 5.80 -107.18
N ASP D 100 5.44 4.51 -107.40
CA ASP D 100 6.53 3.57 -107.62
C ASP D 100 7.51 3.55 -106.45
N LEU D 101 6.99 3.48 -105.24
CA LEU D 101 7.81 3.51 -104.04
C LEU D 101 7.59 2.26 -103.22
N ASP D 102 8.67 1.78 -102.60
CA ASP D 102 8.59 0.65 -101.69
C ASP D 102 7.90 1.06 -100.39
N ARG D 103 7.50 0.05 -99.62
CA ARG D 103 7.13 0.32 -98.24
C ARG D 103 8.28 0.93 -97.48
N HIS D 104 9.51 0.51 -97.79
CA HIS D 104 10.68 1.03 -97.11
C HIS D 104 11.03 2.44 -97.55
N GLN D 105 10.80 2.78 -98.82
CA GLN D 105 10.99 4.17 -99.24
C GLN D 105 10.03 5.08 -98.50
N TYR D 106 8.79 4.65 -98.34
CA TYR D 106 7.83 5.42 -97.55
C TYR D 106 8.26 5.53 -96.09
N ASN D 107 8.75 4.43 -95.52
CA ASN D 107 9.21 4.50 -94.13
C ASN D 107 10.38 5.46 -93.99
N TYR D 108 11.29 5.46 -94.97
CA TYR D 108 12.43 6.36 -94.90
C TYR D 108 11.99 7.80 -94.99
N VAL D 109 11.10 8.12 -95.92
CA VAL D 109 10.70 9.51 -96.05
C VAL D 109 9.87 9.95 -94.85
N ASP D 110 9.07 9.05 -94.29
CA ASP D 110 8.34 9.39 -93.08
C ASP D 110 9.29 9.63 -91.92
N ALA D 111 10.34 8.82 -91.78
CA ALA D 111 11.32 9.04 -90.73
C ALA D 111 12.04 10.37 -90.91
N VAL D 112 12.45 10.70 -92.14
CA VAL D 112 13.18 11.93 -92.37
C VAL D 112 12.28 13.14 -92.14
N CYS D 113 11.06 13.10 -92.64
CA CYS D 113 10.15 14.23 -92.47
C CYS D 113 9.70 14.37 -91.03
N TYR D 114 9.67 13.28 -90.27
CA TYR D 114 9.37 13.38 -88.84
C TYR D 114 10.54 14.00 -88.09
N GLU D 115 11.76 13.56 -88.40
CA GLU D 115 12.93 14.11 -87.75
C GLU D 115 13.11 15.58 -88.05
N ASN D 116 12.87 16.00 -89.28
CA ASN D 116 13.19 17.34 -89.74
C ASN D 116 12.03 18.32 -89.67
N ARG D 117 10.89 18.01 -90.30
CA ARG D 117 9.85 19.01 -90.45
C ARG D 117 8.71 18.90 -89.45
N LEU D 118 8.77 17.99 -88.50
CA LEU D 118 7.82 18.04 -87.40
C LEU D 118 8.33 19.02 -86.35
N HIS D 119 7.47 19.95 -85.95
CA HIS D 119 7.89 20.98 -85.01
C HIS D 119 8.32 20.35 -83.69
N TRP D 120 9.43 20.85 -83.15
CA TRP D 120 9.99 20.26 -81.94
C TRP D 120 8.98 20.24 -80.80
N PHE D 121 8.07 21.22 -80.77
CA PHE D 121 7.05 21.23 -79.73
C PHE D 121 6.15 20.01 -79.84
N ALA D 122 5.71 19.69 -81.05
CA ALA D 122 4.85 18.52 -81.23
C ALA D 122 5.58 17.24 -80.83
N LYS D 123 6.88 17.18 -81.08
CA LYS D 123 7.63 15.97 -80.75
C LYS D 123 7.84 15.84 -79.24
N TYR D 124 8.22 16.92 -78.57
CA TYR D 124 8.71 16.84 -77.20
C TYR D 124 7.80 17.50 -76.18
N PHE D 125 6.53 17.76 -76.53
CA PHE D 125 5.61 18.32 -75.56
C PHE D 125 5.45 17.47 -74.30
N PRO D 126 5.19 16.16 -74.38
CA PRO D 126 5.04 15.40 -73.13
C PRO D 126 6.28 15.38 -72.27
N TYR D 127 7.47 15.39 -72.86
CA TYR D 127 8.69 15.40 -72.07
C TYR D 127 8.89 16.75 -71.39
N LEU D 128 8.52 17.84 -72.05
CA LEU D 128 8.54 19.13 -71.39
C LEU D 128 7.56 19.18 -70.23
N VAL D 129 6.37 18.60 -70.42
CA VAL D 129 5.39 18.57 -69.33
C VAL D 129 5.91 17.75 -68.17
N LEU D 130 6.55 16.60 -68.46
CA LEU D 130 7.11 15.79 -67.39
C LEU D 130 8.19 16.53 -66.64
N LEU D 131 9.05 17.26 -67.37
CA LEU D 131 10.09 18.06 -66.73
C LEU D 131 9.50 19.11 -65.81
N HIS D 132 8.48 19.83 -66.29
CA HIS D 132 7.89 20.90 -65.48
C HIS D 132 7.15 20.36 -64.27
N THR D 133 6.46 19.22 -64.42
CA THR D 133 5.78 18.65 -63.28
C THR D 133 6.77 18.12 -62.26
N LEU D 134 7.86 17.49 -62.71
CA LEU D 134 8.87 17.00 -61.79
C LEU D 134 9.51 18.16 -61.03
N ILE D 135 9.80 19.26 -61.71
CA ILE D 135 10.40 20.38 -61.00
C ILE D 135 9.40 21.03 -60.06
N PHE D 136 8.11 21.06 -60.43
CA PHE D 136 7.08 21.55 -59.50
C PHE D 136 7.03 20.69 -58.23
N LEU D 137 7.04 19.37 -58.39
CA LEU D 137 7.00 18.48 -57.23
C LEU D 137 8.26 18.61 -56.38
N ALA D 138 9.42 18.72 -57.02
CA ALA D 138 10.66 18.91 -56.27
C ALA D 138 10.63 20.23 -55.51
N CYS D 139 10.10 21.28 -56.11
CA CYS D 139 9.97 22.55 -55.41
C CYS D 139 9.03 22.42 -54.21
N SER D 140 7.95 21.67 -54.37
CA SER D 140 7.03 21.49 -53.25
C SER D 140 7.69 20.72 -52.10
N ASN D 141 8.47 19.68 -52.41
CA ASN D 141 8.95 18.75 -51.39
C ASN D 141 10.38 19.03 -50.92
N PHE D 142 11.05 20.05 -51.45
CA PHE D 142 12.42 20.32 -51.02
C PHE D 142 12.48 20.69 -49.54
N TRP D 143 11.56 21.53 -49.07
CA TRP D 143 11.60 21.95 -47.67
C TRP D 143 11.34 20.80 -46.72
N PHE D 144 10.80 19.68 -47.21
CA PHE D 144 10.64 18.48 -46.40
C PHE D 144 11.85 17.56 -46.50
N LYS D 145 12.45 17.45 -47.68
CA LYS D 145 13.57 16.54 -47.85
C LYS D 145 14.90 17.13 -47.39
N PHE D 146 15.03 18.45 -47.35
CA PHE D 146 16.28 19.07 -46.94
C PHE D 146 16.42 18.95 -45.42
N PRO D 147 17.47 18.29 -44.92
CA PRO D 147 17.53 17.99 -43.48
C PRO D 147 17.52 19.21 -42.58
N ARG D 148 18.10 20.33 -43.04
CA ARG D 148 18.19 21.50 -42.19
C ARG D 148 16.81 22.04 -41.83
N THR D 149 15.90 22.07 -42.80
CA THR D 149 14.51 22.45 -42.53
C THR D 149 13.64 21.27 -42.12
N SER D 150 14.01 20.06 -42.54
CA SER D 150 13.26 18.88 -42.15
C SER D 150 13.28 18.69 -40.65
N SER D 151 14.46 18.86 -40.03
CA SER D 151 14.56 18.69 -38.58
C SER D 151 13.72 19.72 -37.85
N LYS D 152 13.77 20.98 -38.29
CA LYS D 152 12.98 22.02 -37.64
C LYS D 152 11.48 21.74 -37.78
N LEU D 153 11.05 21.35 -38.97
CA LEU D 153 9.63 21.08 -39.18
C LEU D 153 9.16 19.89 -38.35
N GLU D 154 9.96 18.82 -38.29
CA GLU D 154 9.54 17.65 -37.52
C GLU D 154 9.55 17.95 -36.02
N HIS D 155 10.51 18.75 -35.54
CA HIS D 155 10.50 19.15 -34.14
C HIS D 155 9.28 19.98 -33.81
N PHE D 156 8.95 20.95 -34.68
CA PHE D 156 7.77 21.76 -34.44
C PHE D 156 6.50 20.91 -34.44
N VAL D 157 6.39 19.98 -35.38
CA VAL D 157 5.15 19.20 -35.46
C VAL D 157 5.04 18.26 -34.26
N SER D 158 6.16 17.68 -33.82
CA SER D 158 6.12 16.82 -32.64
C SER D 158 5.70 17.61 -31.40
N ILE D 159 6.27 18.79 -31.21
CA ILE D 159 5.93 19.58 -30.03
C ILE D 159 4.50 20.10 -30.12
N LEU D 160 4.06 20.50 -31.30
CA LEU D 160 2.68 20.95 -31.46
C LEU D 160 1.70 19.82 -31.20
N LEU D 161 2.03 18.60 -31.63
CA LEU D 161 1.14 17.47 -31.38
C LEU D 161 1.10 17.10 -29.90
N LYS D 162 2.26 17.11 -29.24
CA LYS D 162 2.26 16.79 -27.82
C LYS D 162 1.65 17.91 -26.97
N CYS D 163 1.58 19.12 -27.49
CA CYS D 163 0.84 20.18 -26.81
C CYS D 163 -0.65 20.15 -27.16
N PHE D 164 -1.00 19.54 -28.30
CA PHE D 164 -2.42 19.37 -28.61
C PHE D 164 -3.04 18.27 -27.76
N ASP D 165 -2.26 17.26 -27.40
CA ASP D 165 -2.75 16.14 -26.61
C ASP D 165 -2.73 16.42 -25.11
N SER D 166 -2.10 17.50 -24.68
CA SER D 166 -2.00 17.80 -23.25
C SER D 166 -3.32 18.38 -22.75
N PRO D 167 -3.88 17.86 -21.65
CA PRO D 167 -5.22 18.29 -21.23
C PRO D 167 -5.25 19.64 -20.53
N TRP D 168 -4.12 20.21 -20.14
CA TRP D 168 -4.13 21.50 -19.45
C TRP D 168 -4.75 22.59 -20.31
N THR D 169 -4.74 22.41 -21.63
CA THR D 169 -5.21 23.45 -22.55
C THR D 169 -6.71 23.71 -22.37
N THR D 170 -7.52 22.66 -22.35
CA THR D 170 -8.96 22.85 -22.22
C THR D 170 -9.31 23.40 -20.84
N ARG D 171 -8.59 23.00 -19.80
CA ARG D 171 -8.82 23.57 -18.48
C ARG D 171 -8.51 25.06 -18.48
N ALA D 172 -7.41 25.46 -19.11
CA ALA D 172 -7.08 26.88 -19.19
C ALA D 172 -8.13 27.65 -19.96
N LEU D 173 -8.63 27.06 -21.05
CA LEU D 173 -9.67 27.74 -21.83
C LEU D 173 -10.97 27.87 -21.04
N SER D 174 -11.33 26.83 -20.30
CA SER D 174 -12.58 26.84 -19.55
C SER D 174 -12.55 27.74 -18.34
N GLU D 175 -11.36 28.02 -17.79
CA GLU D 175 -11.25 28.80 -16.56
C GLU D 175 -11.90 30.18 -16.68
N THR D 176 -11.90 30.78 -17.87
CA THR D 176 -12.44 32.12 -18.09
C THR D 176 -11.80 33.15 -17.17
N LYS D 216 -15.22 53.02 -6.19
CA LYS D 216 -15.88 52.03 -5.33
C LYS D 216 -15.01 51.70 -4.12
N SER D 217 -15.67 51.38 -3.01
CA SER D 217 -14.94 51.03 -1.79
C SER D 217 -14.30 49.66 -1.87
N ARG D 218 -14.98 48.69 -2.50
CA ARG D 218 -14.49 47.32 -2.48
C ARG D 218 -13.22 47.17 -3.31
N ILE D 219 -13.11 47.91 -4.42
CA ILE D 219 -11.97 47.73 -5.31
C ILE D 219 -10.70 48.27 -4.67
N GLU D 220 -10.79 49.41 -3.98
CA GLU D 220 -9.62 50.06 -3.41
C GLU D 220 -9.25 49.54 -2.02
N GLN D 221 -9.76 48.38 -1.62
CA GLN D 221 -9.47 47.83 -0.31
C GLN D 221 -8.99 46.39 -0.39
N GLY D 222 -8.23 46.06 -1.45
CA GLY D 222 -7.61 44.76 -1.54
C GLY D 222 -8.56 43.59 -1.65
N ILE D 223 -9.84 43.85 -1.88
CA ILE D 223 -10.84 42.78 -1.98
C ILE D 223 -10.97 42.37 -3.44
N VAL D 224 -10.71 41.10 -3.72
CA VAL D 224 -10.72 40.59 -5.08
C VAL D 224 -11.80 39.50 -5.18
N ASP D 225 -12.22 39.24 -6.42
CA ASP D 225 -13.33 38.35 -6.66
C ASP D 225 -12.90 36.88 -6.50
N ARG D 226 -13.90 36.01 -6.40
CA ARG D 226 -13.64 34.59 -6.20
C ARG D 226 -13.04 33.96 -7.45
N SER D 227 -12.10 33.04 -7.22
CA SER D 227 -11.49 32.25 -8.28
C SER D 227 -11.49 30.79 -7.86
N GLU D 228 -11.92 29.90 -8.75
CA GLU D 228 -12.03 28.49 -8.41
C GLU D 228 -10.68 27.80 -8.56
N THR D 229 -10.57 26.64 -7.91
CA THR D 229 -9.35 25.84 -7.94
C THR D 229 -9.72 24.38 -8.15
N GLY D 230 -8.74 23.60 -8.61
CA GLY D 230 -8.94 22.19 -8.83
C GLY D 230 -7.75 21.39 -8.31
N VAL D 231 -7.84 20.07 -8.51
CA VAL D 231 -6.78 19.14 -8.13
C VAL D 231 -6.39 18.35 -9.36
N LEU D 232 -5.10 18.29 -9.66
CA LEU D 232 -4.58 17.62 -10.84
C LEU D 232 -3.51 16.62 -10.46
N ASP D 233 -3.33 15.62 -11.31
CA ASP D 233 -2.40 14.54 -11.04
C ASP D 233 -0.97 15.07 -10.94
N LYS D 234 -0.19 14.49 -10.03
CA LYS D 234 1.22 14.84 -9.92
C LYS D 234 1.97 14.46 -11.19
N LYS D 235 1.71 13.26 -11.72
CA LYS D 235 2.39 12.83 -12.95
C LYS D 235 2.04 13.74 -14.12
N GLU D 236 0.76 14.07 -14.28
CA GLU D 236 0.37 14.98 -15.34
C GLU D 236 0.94 16.38 -15.11
N GLY D 237 1.06 16.79 -13.85
CA GLY D 237 1.68 18.08 -13.57
C GLY D 237 3.14 18.11 -13.96
N GLU D 238 3.87 17.04 -13.66
CA GLU D 238 5.26 16.95 -14.08
C GLU D 238 5.38 16.93 -15.60
N GLN D 239 4.47 16.21 -16.27
CA GLN D 239 4.48 16.20 -17.73
C GLN D 239 4.24 17.60 -18.29
N ALA D 240 3.30 18.34 -17.69
CA ALA D 240 3.03 19.70 -18.15
C ALA D 240 4.23 20.61 -17.90
N LYS D 241 4.91 20.44 -16.76
CA LYS D 241 6.10 21.23 -16.48
C LYS D 241 7.20 20.95 -17.50
N ALA D 242 7.43 19.67 -17.80
CA ALA D 242 8.43 19.30 -18.80
C ALA D 242 8.05 19.85 -20.17
N LEU D 243 6.76 19.83 -20.50
CA LEU D 243 6.32 20.38 -21.77
C LEU D 243 6.53 21.88 -21.84
N PHE D 244 6.26 22.59 -20.75
CA PHE D 244 6.55 24.03 -20.72
C PHE D 244 8.04 24.28 -20.95
N GLU D 245 8.89 23.50 -20.28
CA GLU D 245 10.34 23.67 -20.46
C GLU D 245 10.76 23.40 -21.89
N LYS D 246 10.26 22.32 -22.48
CA LYS D 246 10.63 21.96 -23.85
C LYS D 246 10.12 22.99 -24.85
N VAL D 247 8.92 23.52 -24.63
CA VAL D 247 8.40 24.56 -25.53
C VAL D 247 9.25 25.82 -25.42
N LYS D 248 9.70 26.16 -24.20
CA LYS D 248 10.61 27.29 -24.05
C LYS D 248 11.89 27.05 -24.85
N LYS D 249 12.50 25.88 -24.67
CA LYS D 249 13.74 25.56 -25.39
C LYS D 249 13.55 25.64 -26.89
N PHE D 250 12.44 25.07 -27.39
CA PHE D 250 12.23 25.03 -28.84
C PHE D 250 11.93 26.41 -29.40
N ARG D 251 11.14 27.22 -28.69
CA ARG D 251 10.89 28.58 -29.17
C ARG D 251 12.18 29.38 -29.21
N THR D 252 13.03 29.22 -28.20
CA THR D 252 14.32 29.91 -28.22
C THR D 252 15.17 29.45 -29.39
N HIS D 253 15.17 28.13 -29.65
CA HIS D 253 15.97 27.59 -30.75
C HIS D 253 15.47 28.11 -32.10
N VAL D 254 14.16 28.24 -32.27
CA VAL D 254 13.59 28.59 -33.56
C VAL D 254 13.50 30.10 -33.79
N GLU D 255 13.53 30.90 -32.73
CA GLU D 255 13.40 32.34 -32.88
C GLU D 255 14.51 32.93 -33.74
N GLU D 256 15.64 32.23 -33.87
CA GLU D 256 16.81 32.77 -34.54
C GLU D 256 16.96 32.34 -36.00
N GLY D 257 16.35 31.22 -36.40
CA GLY D 257 16.66 30.61 -37.68
C GLY D 257 16.22 31.34 -38.93
N ASP D 258 14.91 31.43 -39.15
CA ASP D 258 14.31 32.00 -40.36
C ASP D 258 14.85 31.31 -41.62
N ILE D 259 15.01 29.99 -41.53
CA ILE D 259 15.46 29.21 -42.67
C ILE D 259 14.29 28.56 -43.40
N VAL D 260 13.32 28.02 -42.66
CA VAL D 260 12.15 27.41 -43.28
C VAL D 260 11.37 28.45 -44.06
N TYR D 261 11.19 29.64 -43.48
CA TYR D 261 10.48 30.71 -44.17
C TYR D 261 11.19 31.13 -45.46
N ARG D 262 12.51 31.25 -45.41
CA ARG D 262 13.24 31.64 -46.62
C ARG D 262 13.12 30.58 -47.71
N LEU D 263 13.27 29.31 -47.33
CA LEU D 263 13.15 28.24 -48.32
C LEU D 263 11.76 28.20 -48.92
N TYR D 264 10.73 28.36 -48.09
CA TYR D 264 9.36 28.36 -48.59
C TYR D 264 9.12 29.53 -49.54
N MET D 265 9.63 30.71 -49.18
CA MET D 265 9.50 31.88 -50.04
C MET D 265 10.17 31.64 -51.39
N ARG D 266 11.39 31.09 -51.38
CA ARG D 266 12.10 30.82 -52.63
C ARG D 266 11.35 29.80 -53.47
N GLN D 267 10.80 28.76 -52.83
CA GLN D 267 10.05 27.76 -53.57
C GLN D 267 8.84 28.37 -54.25
N THR D 268 8.09 29.22 -53.53
CA THR D 268 6.90 29.82 -54.13
C THR D 268 7.28 30.76 -55.28
N ILE D 269 8.34 31.55 -55.10
CA ILE D 269 8.75 32.46 -56.16
C ILE D 269 9.18 31.70 -57.40
N ILE D 270 9.94 30.61 -57.22
CA ILE D 270 10.34 29.77 -58.33
C ILE D 270 9.12 29.21 -59.06
N LYS D 271 8.14 28.72 -58.30
CA LYS D 271 6.93 28.19 -58.92
C LYS D 271 6.23 29.24 -59.76
N VAL D 272 6.12 30.47 -59.24
CA VAL D 272 5.39 31.49 -59.98
C VAL D 272 6.12 31.89 -61.26
N ILE D 273 7.44 32.10 -61.17
CA ILE D 273 8.17 32.51 -62.38
C ILE D 273 8.17 31.40 -63.41
N LYS D 274 8.28 30.14 -62.96
CA LYS D 274 8.23 29.01 -63.87
C LYS D 274 6.87 28.93 -64.55
N PHE D 275 5.79 29.18 -63.81
CA PHE D 275 4.47 29.22 -64.43
C PHE D 275 4.40 30.29 -65.51
N ALA D 276 4.93 31.47 -65.23
CA ALA D 276 4.89 32.54 -66.22
C ALA D 276 5.61 32.12 -67.50
N LEU D 277 6.83 31.60 -67.35
CA LEU D 277 7.60 31.18 -68.52
C LEU D 277 6.87 30.11 -69.32
N ILE D 278 6.38 29.07 -68.64
CA ILE D 278 5.80 27.95 -69.37
C ILE D 278 4.50 28.37 -70.04
N ILE D 279 3.68 29.18 -69.37
CA ILE D 279 2.45 29.65 -70.03
C ILE D 279 2.80 30.42 -71.29
N CYS D 280 3.79 31.32 -71.20
CA CYS D 280 4.09 32.16 -72.36
C CYS D 280 4.55 31.31 -73.53
N TYR D 281 5.56 30.47 -73.31
CA TYR D 281 6.12 29.74 -74.45
C TYR D 281 5.16 28.70 -74.98
N THR D 282 4.42 28.01 -74.09
CA THR D 282 3.48 26.99 -74.54
C THR D 282 2.36 27.61 -75.36
N VAL D 283 1.81 28.74 -74.92
CA VAL D 283 0.75 29.35 -75.71
C VAL D 283 1.30 29.85 -77.04
N TYR D 284 2.53 30.33 -77.05
CA TYR D 284 3.10 30.80 -78.32
C TYR D 284 3.27 29.65 -79.31
N TYR D 285 3.76 28.50 -78.85
CA TYR D 285 4.14 27.42 -79.74
C TYR D 285 3.05 26.38 -79.97
N VAL D 286 1.91 26.47 -79.29
CA VAL D 286 0.90 25.43 -79.43
C VAL D 286 0.29 25.40 -80.83
N HIS D 287 0.38 26.47 -81.60
CA HIS D 287 -0.25 26.48 -82.92
C HIS D 287 0.51 25.64 -83.93
N ASN D 288 1.74 25.24 -83.63
CA ASN D 288 2.55 24.46 -84.55
C ASN D 288 2.20 22.98 -84.57
N ILE D 289 1.22 22.54 -83.78
CA ILE D 289 0.78 21.15 -83.80
C ILE D 289 -0.36 21.07 -84.81
N LYS D 290 -0.02 20.74 -86.06
CA LYS D 290 -0.99 20.63 -87.13
C LYS D 290 -1.05 19.19 -87.61
N PHE D 291 -2.23 18.78 -88.08
CA PHE D 291 -2.38 17.44 -88.64
C PHE D 291 -1.65 17.33 -89.97
N ASP D 292 -1.85 18.29 -90.86
CA ASP D 292 -1.28 18.23 -92.20
C ASP D 292 0.00 19.05 -92.23
N VAL D 293 1.10 18.41 -92.62
CA VAL D 293 2.43 18.99 -92.63
C VAL D 293 3.03 18.80 -94.01
N ASP D 294 3.84 19.76 -94.43
CA ASP D 294 4.56 19.69 -95.70
C ASP D 294 6.05 19.69 -95.42
N CYS D 295 6.78 18.80 -96.08
CA CYS D 295 8.24 18.78 -95.96
C CYS D 295 8.89 18.75 -97.32
N THR D 296 9.95 19.54 -97.46
CA THR D 296 10.85 19.50 -98.61
C THR D 296 12.21 19.14 -98.02
N VAL D 297 12.48 17.85 -97.91
CA VAL D 297 13.59 17.37 -97.11
C VAL D 297 14.84 17.07 -97.93
N ASP D 298 14.77 17.21 -99.24
CA ASP D 298 15.92 16.99 -100.11
C ASP D 298 16.46 15.56 -99.96
N ILE D 299 15.60 14.60 -100.28
CA ILE D 299 16.01 13.22 -100.50
C ILE D 299 15.43 12.83 -101.86
N GLU D 300 16.17 13.10 -102.93
CA GLU D 300 15.75 12.75 -104.26
C GLU D 300 16.64 11.69 -104.90
N SER D 301 17.88 11.58 -104.44
CA SER D 301 18.70 10.45 -104.82
C SER D 301 18.19 9.15 -104.25
N LEU D 302 17.25 9.20 -103.32
CA LEU D 302 16.73 8.02 -102.66
C LEU D 302 15.27 7.72 -102.95
N THR D 303 14.46 8.71 -103.33
CA THR D 303 13.06 8.49 -103.65
C THR D 303 12.64 9.08 -104.98
N GLY D 304 13.36 10.03 -105.54
CA GLY D 304 13.00 10.65 -106.81
C GLY D 304 12.06 11.83 -106.68
N TYR D 305 11.55 12.12 -105.49
CA TYR D 305 10.56 13.17 -105.29
C TYR D 305 11.16 14.28 -104.45
N ARG D 306 10.74 15.51 -104.75
CA ARG D 306 11.23 16.68 -104.05
C ARG D 306 10.52 16.87 -102.72
N THR D 307 9.21 17.08 -102.77
CA THR D 307 8.42 17.43 -101.60
C THR D 307 7.41 16.32 -101.30
N TYR D 308 6.88 16.37 -100.09
CA TYR D 308 5.92 15.38 -99.61
C TYR D 308 4.88 16.09 -98.78
N ARG D 309 3.68 15.53 -98.72
CA ARG D 309 2.64 16.00 -97.83
C ARG D 309 2.36 14.92 -96.79
N CYS D 310 2.47 15.29 -95.53
CA CYS D 310 2.43 14.31 -94.45
C CYS D 310 1.27 14.58 -93.50
N ALA D 311 0.77 13.51 -92.91
CA ALA D 311 -0.23 13.58 -91.87
C ALA D 311 0.42 13.23 -90.54
N HIS D 312 -0.02 13.92 -89.49
CA HIS D 312 0.42 13.64 -88.13
C HIS D 312 -0.80 13.20 -87.33
N PRO D 313 -1.10 11.90 -87.28
CA PRO D 313 -2.36 11.47 -86.67
C PRO D 313 -2.55 11.87 -85.23
N LEU D 314 -1.47 12.04 -84.47
CA LEU D 314 -1.57 12.43 -83.07
C LEU D 314 -1.59 13.94 -82.87
N ALA D 315 -1.66 14.72 -83.96
CA ALA D 315 -1.62 16.17 -83.82
C ALA D 315 -2.84 16.68 -83.06
N THR D 316 -4.03 16.16 -83.35
CA THR D 316 -5.22 16.69 -82.69
C THR D 316 -5.28 16.29 -81.24
N LEU D 317 -4.89 15.05 -80.92
CA LEU D 317 -4.83 14.67 -79.52
C LEU D 317 -3.78 15.46 -78.76
N PHE D 318 -2.64 15.74 -79.40
CA PHE D 318 -1.63 16.55 -78.74
C PHE D 318 -2.08 17.99 -78.57
N LYS D 319 -2.87 18.51 -79.50
CA LYS D 319 -3.42 19.85 -79.34
C LYS D 319 -4.43 19.89 -78.20
N ILE D 320 -5.26 18.85 -78.09
CA ILE D 320 -6.19 18.76 -76.97
C ILE D 320 -5.43 18.70 -75.65
N LEU D 321 -4.41 17.85 -75.59
CA LEU D 321 -3.61 17.73 -74.38
C LEU D 321 -2.90 19.03 -74.04
N ALA D 322 -2.39 19.73 -75.06
CA ALA D 322 -1.69 20.99 -74.81
C ALA D 322 -2.64 22.06 -74.31
N SER D 323 -3.84 22.16 -74.88
CA SER D 323 -4.79 23.15 -74.40
C SER D 323 -5.28 22.81 -73.00
N PHE D 324 -5.51 21.52 -72.72
CA PHE D 324 -5.86 21.09 -71.37
C PHE D 324 -4.74 21.45 -70.41
N TYR D 325 -3.49 21.28 -70.84
CA TYR D 325 -2.35 21.62 -70.00
C TYR D 325 -2.26 23.11 -69.75
N ILE D 326 -2.51 23.94 -70.76
CA ILE D 326 -2.44 25.38 -70.53
C ILE D 326 -3.58 25.82 -69.62
N SER D 327 -4.75 25.17 -69.69
CA SER D 327 -5.81 25.50 -68.74
C SER D 327 -5.41 25.11 -67.32
N LEU D 328 -4.84 23.92 -67.15
CA LEU D 328 -4.37 23.51 -65.83
C LEU D 328 -3.30 24.46 -65.31
N VAL D 329 -2.37 24.87 -66.16
CA VAL D 329 -1.31 25.77 -65.73
C VAL D 329 -1.86 27.16 -65.46
N ILE D 330 -2.90 27.58 -66.17
CA ILE D 330 -3.55 28.85 -65.84
C ILE D 330 -4.15 28.79 -64.44
N PHE D 331 -4.83 27.69 -64.12
CA PHE D 331 -5.36 27.55 -62.76
C PHE D 331 -4.25 27.52 -61.73
N TYR D 332 -3.18 26.78 -62.01
CA TYR D 332 -2.03 26.71 -61.12
C TYR D 332 -1.40 28.08 -60.92
N GLY D 333 -1.31 28.86 -61.99
CA GLY D 333 -0.73 30.19 -61.89
C GLY D 333 -1.58 31.16 -61.11
N LEU D 334 -2.90 31.11 -61.31
CA LEU D 334 -3.77 31.94 -60.50
C LEU D 334 -3.67 31.57 -59.02
N ILE D 335 -3.62 30.26 -58.73
CA ILE D 335 -3.49 29.81 -57.36
C ILE D 335 -2.17 30.28 -56.74
N CYS D 336 -1.07 30.13 -57.49
CA CYS D 336 0.23 30.53 -56.95
C CYS D 336 0.36 32.05 -56.85
N MET D 337 -0.27 32.79 -57.76
CA MET D 337 -0.32 34.24 -57.62
C MET D 337 -1.06 34.63 -56.36
N TYR D 338 -2.19 33.97 -56.07
CA TYR D 338 -2.90 34.22 -54.83
C TYR D 338 -2.03 33.88 -53.63
N THR D 339 -1.30 32.77 -53.69
CA THR D 339 -0.45 32.37 -52.58
C THR D 339 0.66 33.39 -52.33
N LEU D 340 1.32 33.85 -53.39
CA LEU D 340 2.39 34.83 -53.22
C LEU D 340 1.84 36.18 -52.76
N TRP D 341 0.67 36.56 -53.28
CA TRP D 341 0.00 37.77 -52.81
C TRP D 341 -0.30 37.69 -51.33
N TRP D 342 -0.78 36.53 -50.87
CA TRP D 342 -1.06 36.35 -49.45
C TRP D 342 0.21 36.39 -48.62
N MET D 343 1.26 35.73 -49.08
CA MET D 343 2.51 35.71 -48.31
C MET D 343 3.16 37.08 -48.26
N LEU D 344 2.92 37.93 -49.26
CA LEU D 344 3.46 39.28 -49.22
C LEU D 344 2.57 40.22 -48.39
N ARG D 345 1.26 40.08 -48.51
CA ARG D 345 0.35 40.99 -47.81
C ARG D 345 0.29 40.70 -46.31
N ARG D 346 0.41 39.42 -45.93
CA ARG D 346 0.19 39.03 -44.54
C ARG D 346 1.29 39.54 -43.60
N SER D 347 2.54 39.56 -44.06
CA SER D 347 3.70 39.84 -43.21
C SER D 347 3.76 38.84 -42.05
N LEU D 348 3.92 37.57 -42.42
CA LEU D 348 3.81 36.45 -41.49
C LEU D 348 5.14 36.07 -40.85
N LYS D 349 6.11 36.99 -40.80
CA LYS D 349 7.31 36.75 -40.02
C LYS D 349 7.10 37.01 -38.54
N LYS D 350 5.98 37.62 -38.16
CA LYS D 350 5.63 37.88 -36.78
C LYS D 350 4.19 37.43 -36.54
N TYR D 351 3.93 36.87 -35.36
CA TYR D 351 2.61 36.37 -35.02
C TYR D 351 1.94 37.32 -34.01
N SER D 352 0.66 37.61 -34.25
CA SER D 352 -0.01 38.67 -33.49
C SER D 352 -0.59 38.15 -32.17
N PHE D 353 -1.42 37.11 -32.25
CA PHE D 353 -2.08 36.51 -31.07
C PHE D 353 -3.01 37.49 -30.36
N GLU D 354 -3.43 38.57 -31.02
CA GLU D 354 -4.14 39.62 -30.31
C GLU D 354 -5.58 39.26 -30.01
N SER D 355 -6.25 38.50 -30.88
CA SER D 355 -7.68 38.22 -30.68
C SER D 355 -7.90 37.28 -29.50
N ILE D 356 -7.12 36.20 -29.43
CA ILE D 356 -7.33 35.20 -28.38
C ILE D 356 -7.14 35.82 -27.00
N ARG D 357 -6.07 36.59 -26.81
CA ARG D 357 -5.81 37.17 -25.50
C ARG D 357 -6.65 38.42 -25.25
N GLU D 358 -7.05 39.12 -26.31
CA GLU D 358 -7.94 40.27 -26.14
C GLU D 358 -9.34 39.83 -25.73
N GLU D 359 -9.71 38.59 -26.07
CA GLU D 359 -11.00 38.08 -25.61
C GLU D 359 -10.89 37.34 -24.27
N SER D 360 -10.04 36.30 -24.22
CA SER D 360 -10.00 35.39 -23.09
C SER D 360 -9.07 35.86 -21.96
N SER D 361 -8.44 37.03 -22.10
CA SER D 361 -7.67 37.64 -21.02
C SER D 361 -6.50 36.77 -20.57
N TYR D 362 -5.57 36.54 -21.50
CA TYR D 362 -4.25 35.98 -21.17
C TYR D 362 -3.20 36.81 -21.91
N SER D 363 -2.80 37.93 -21.30
CA SER D 363 -1.92 38.88 -21.97
C SER D 363 -0.46 38.50 -21.92
N ASP D 364 -0.10 37.44 -21.20
CA ASP D 364 1.30 37.05 -21.06
C ASP D 364 1.70 36.04 -22.14
N ILE D 365 1.41 36.42 -23.38
CA ILE D 365 1.89 35.68 -24.56
C ILE D 365 2.57 36.68 -25.48
N PRO D 366 3.90 36.78 -25.44
CA PRO D 366 4.59 37.76 -26.28
C PRO D 366 4.52 37.39 -27.75
N ASP D 367 4.67 38.41 -28.60
CA ASP D 367 4.67 38.19 -30.04
C ASP D 367 5.86 37.34 -30.46
N VAL D 368 5.70 36.64 -31.57
CA VAL D 368 6.62 35.61 -32.02
C VAL D 368 7.49 36.17 -33.15
N LYS D 369 8.79 35.89 -33.09
CA LYS D 369 9.74 36.34 -34.10
C LYS D 369 9.84 35.29 -35.21
N ASN D 370 10.88 35.42 -36.03
CA ASN D 370 10.98 34.67 -37.28
C ASN D 370 11.07 33.17 -37.04
N ASP D 371 10.64 32.41 -38.06
CA ASP D 371 10.76 30.96 -38.17
C ASP D 371 9.80 30.23 -37.24
N PHE D 372 9.15 30.97 -36.33
CA PHE D 372 8.16 30.40 -35.45
C PHE D 372 6.78 31.00 -35.62
N ALA D 373 6.69 32.19 -36.22
CA ALA D 373 5.39 32.74 -36.61
C ALA D 373 4.94 32.23 -37.97
N PHE D 374 5.88 31.81 -38.82
CA PHE D 374 5.50 31.26 -40.12
C PHE D 374 4.73 29.96 -39.95
N MET D 375 5.25 29.06 -39.13
CA MET D 375 4.57 27.78 -38.90
C MET D 375 3.23 28.00 -38.21
N LEU D 376 3.17 28.97 -37.30
CA LEU D 376 1.88 29.28 -36.67
C LEU D 376 0.90 29.86 -37.67
N HIS D 377 1.36 30.64 -38.63
CA HIS D 377 0.47 31.15 -39.68
C HIS D 377 -0.05 30.01 -40.56
N LEU D 378 0.82 29.04 -40.89
CA LEU D 378 0.37 27.85 -41.60
C LEU D 378 -0.72 27.13 -40.82
N ILE D 379 -0.49 26.93 -39.52
CA ILE D 379 -1.48 26.27 -38.68
C ILE D 379 -2.78 27.07 -38.68
N ASP D 380 -2.68 28.40 -38.58
CA ASP D 380 -3.87 29.23 -38.54
C ASP D 380 -4.68 29.10 -39.82
N GLN D 381 -4.00 29.02 -40.96
CA GLN D 381 -4.72 28.75 -42.20
C GLN D 381 -5.39 27.38 -42.16
N TYR D 382 -4.70 26.37 -41.60
CA TYR D 382 -5.31 25.06 -41.46
C TYR D 382 -6.40 25.06 -40.38
N ASP D 383 -6.02 25.33 -39.12
CA ASP D 383 -6.96 25.28 -38.01
C ASP D 383 -6.49 26.13 -36.82
N PRO D 384 -7.24 27.19 -36.47
CA PRO D 384 -6.86 28.00 -35.30
C PRO D 384 -6.87 27.23 -33.98
N LEU D 385 -7.52 26.06 -33.94
CA LEU D 385 -7.56 25.29 -32.71
C LEU D 385 -6.16 24.94 -32.22
N TYR D 386 -5.29 24.50 -33.11
CA TYR D 386 -3.91 24.24 -32.73
C TYR D 386 -3.21 25.52 -32.30
N SER D 387 -3.56 26.66 -32.90
CA SER D 387 -2.97 27.93 -32.49
C SER D 387 -3.26 28.22 -31.02
N LYS D 388 -4.50 28.01 -30.60
CA LYS D 388 -4.82 28.23 -29.19
C LYS D 388 -4.22 27.16 -28.29
N ARG D 389 -4.22 25.90 -28.73
CA ARG D 389 -3.62 24.83 -27.95
C ARG D 389 -2.12 25.01 -27.78
N PHE D 390 -1.48 25.82 -28.63
CA PHE D 390 -0.08 26.17 -28.43
C PHE D 390 0.07 27.48 -27.65
N ALA D 391 -0.85 28.42 -27.84
CA ALA D 391 -0.79 29.69 -27.13
C ALA D 391 -0.92 29.49 -25.63
N VAL D 392 -1.75 28.53 -25.22
CA VAL D 392 -1.89 28.25 -23.79
C VAL D 392 -0.56 27.77 -23.22
N PHE D 393 0.13 26.88 -23.92
CA PHE D 393 1.40 26.38 -23.42
C PHE D 393 2.53 27.40 -23.53
N LEU D 394 2.38 28.41 -24.39
CA LEU D 394 3.42 29.42 -24.51
C LEU D 394 3.22 30.60 -23.57
N SER D 395 2.08 30.66 -22.88
CA SER D 395 1.81 31.77 -21.98
C SER D 395 2.54 31.59 -20.65
N GLU D 396 2.66 32.70 -19.92
CA GLU D 396 3.30 32.71 -18.61
C GLU D 396 2.30 32.59 -17.46
N VAL D 397 1.09 33.13 -17.63
CA VAL D 397 0.05 32.95 -16.62
C VAL D 397 -0.24 31.47 -16.41
N SER D 398 -0.37 30.74 -17.51
CA SER D 398 -0.61 29.30 -17.42
C SER D 398 0.56 28.60 -16.74
N GLU D 399 1.78 29.02 -17.04
CA GLU D 399 2.94 28.39 -16.41
C GLU D 399 2.94 28.62 -14.92
N ASN D 400 2.62 29.84 -14.49
CA ASN D 400 2.56 30.14 -13.06
C ASN D 400 1.44 29.35 -12.38
N LYS D 401 0.29 29.22 -13.06
CA LYS D 401 -0.80 28.43 -12.47
C LYS D 401 -0.42 26.95 -12.34
N LEU D 402 0.23 26.40 -13.37
CA LEU D 402 0.72 25.04 -13.28
C LEU D 402 1.78 24.91 -12.18
N ARG D 403 2.58 25.95 -11.99
CA ARG D 403 3.54 25.96 -10.89
C ARG D 403 2.81 25.94 -9.55
N GLN D 404 1.70 26.67 -9.45
CA GLN D 404 0.89 26.62 -8.23
C GLN D 404 0.37 25.21 -7.98
N LEU D 405 -0.10 24.54 -9.03
CA LEU D 405 -0.58 23.18 -8.88
C LEU D 405 0.55 22.24 -8.46
N ASN D 406 1.72 22.38 -9.05
CA ASN D 406 2.86 21.57 -8.65
C ASN D 406 3.28 21.87 -7.21
N LEU D 407 3.17 23.12 -6.79
CA LEU D 407 3.43 23.49 -5.40
C LEU D 407 2.45 22.80 -4.47
N ASN D 408 1.17 22.81 -4.82
CA ASN D 408 0.16 22.12 -4.03
C ASN D 408 0.46 20.63 -3.92
N ASN D 409 0.88 20.02 -5.03
CA ASN D 409 1.18 18.60 -5.00
C ASN D 409 2.46 18.31 -4.21
N GLU D 410 3.47 19.18 -4.30
CA GLU D 410 4.75 18.94 -3.64
C GLU D 410 4.65 19.12 -2.13
N TRP D 411 4.01 20.20 -1.68
CA TRP D 411 3.92 20.48 -0.24
C TRP D 411 2.71 19.76 0.36
N THR D 412 2.82 18.44 0.44
CA THR D 412 1.75 17.65 1.03
C THR D 412 1.66 17.90 2.53
N LEU D 413 0.50 17.57 3.10
CA LEU D 413 0.22 17.88 4.49
C LEU D 413 1.29 17.30 5.41
N ASP D 414 1.80 16.11 5.10
CA ASP D 414 2.89 15.54 5.89
C ASP D 414 4.14 16.41 5.80
N LYS D 415 4.46 16.91 4.60
CA LYS D 415 5.63 17.75 4.45
C LYS D 415 5.49 19.05 5.23
N LEU D 416 4.32 19.68 5.16
CA LEU D 416 4.09 20.91 5.92
C LEU D 416 4.15 20.66 7.42
N ARG D 417 3.56 19.56 7.87
CA ARG D 417 3.56 19.25 9.31
C ARG D 417 4.97 18.98 9.80
N GLN D 418 5.79 18.30 8.99
CA GLN D 418 7.19 18.13 9.34
C GLN D 418 7.93 19.47 9.31
N ARG D 419 7.49 20.39 8.46
CA ARG D 419 8.07 21.72 8.42
C ARG D 419 7.54 22.63 9.52
N LEU D 420 6.46 22.24 10.20
CA LEU D 420 5.93 23.06 11.29
C LEU D 420 6.88 23.05 12.47
N THR D 421 7.16 24.24 13.01
CA THR D 421 7.96 24.40 14.21
C THR D 421 7.19 25.25 15.20
N LYS D 422 7.75 25.40 16.39
CA LYS D 422 7.15 26.20 17.45
C LYS D 422 8.06 27.38 17.76
N ASN D 423 7.51 28.58 17.71
CA ASN D 423 8.28 29.77 18.01
C ASN D 423 8.53 29.86 19.52
N ALA D 424 9.14 30.97 19.93
CA ALA D 424 9.47 31.15 21.34
C ALA D 424 8.23 31.17 22.22
N GLN D 425 7.09 31.61 21.69
CA GLN D 425 5.86 31.72 22.46
C GLN D 425 5.06 30.42 22.48
N ASP D 426 5.72 29.30 22.17
CA ASP D 426 5.10 27.96 22.21
C ASP D 426 3.85 27.90 21.32
N LYS D 427 3.93 28.55 20.16
CA LYS D 427 2.86 28.53 19.17
C LYS D 427 3.35 27.82 17.91
N LEU D 428 2.47 27.05 17.30
CA LEU D 428 2.83 26.36 16.06
C LEU D 428 3.01 27.38 14.94
N GLU D 429 4.16 27.31 14.27
CA GLU D 429 4.60 28.34 13.34
C GLU D 429 4.89 27.72 11.97
N LEU D 430 4.51 28.43 10.91
CA LEU D 430 4.83 28.05 9.54
C LEU D 430 5.44 29.26 8.86
N HIS D 431 6.73 29.18 8.53
CA HIS D 431 7.45 30.27 7.90
C HIS D 431 7.74 29.89 6.46
N LEU D 432 6.98 30.47 5.53
CA LEU D 432 7.16 30.23 4.11
C LEU D 432 8.11 31.29 3.56
N PHE D 433 9.16 30.84 2.87
CA PHE D 433 10.18 31.75 2.36
C PHE D 433 10.42 31.46 0.88
N MET D 434 10.35 32.51 0.06
CA MET D 434 10.68 32.45 -1.36
C MET D 434 9.93 31.34 -2.08
N LEU D 435 8.61 31.33 -1.92
CA LEU D 435 7.73 30.50 -2.71
C LEU D 435 6.97 31.36 -3.71
N SER D 436 6.57 30.74 -4.81
CA SER D 436 5.84 31.45 -5.85
C SER D 436 4.45 31.88 -5.38
N GLY D 437 3.94 31.27 -4.31
CA GLY D 437 2.65 31.64 -3.77
C GLY D 437 2.36 30.82 -2.53
N ILE D 438 1.21 31.11 -1.94
CA ILE D 438 0.77 30.35 -0.76
C ILE D 438 0.17 29.04 -1.24
N PRO D 439 0.73 27.90 -0.86
CA PRO D 439 0.14 26.63 -1.26
C PRO D 439 -1.29 26.49 -0.74
N ASP D 440 -2.15 25.91 -1.57
CA ASP D 440 -3.54 25.71 -1.16
C ASP D 440 -3.68 24.71 -0.03
N THR D 441 -2.65 23.92 0.23
CA THR D 441 -2.69 22.86 1.24
C THR D 441 -2.16 23.31 2.60
N VAL D 442 -1.70 24.56 2.73
CA VAL D 442 -1.32 25.06 4.05
C VAL D 442 -2.52 25.34 4.92
N PHE D 443 -3.72 25.35 4.35
CA PHE D 443 -4.95 25.62 5.09
C PHE D 443 -5.66 24.35 5.51
N ASP D 444 -5.04 23.19 5.31
CA ASP D 444 -5.55 21.95 5.87
C ASP D 444 -4.94 21.60 7.21
N LEU D 445 -3.96 22.37 7.68
CA LEU D 445 -3.39 22.18 9.01
C LEU D 445 -4.17 23.06 9.98
N VAL D 446 -5.19 22.46 10.62
CA VAL D 446 -5.99 23.21 11.57
C VAL D 446 -5.19 23.59 12.80
N GLU D 447 -4.13 22.84 13.13
CA GLU D 447 -3.33 23.14 14.30
C GLU D 447 -2.43 24.35 14.12
N LEU D 448 -2.34 24.91 12.91
CA LEU D 448 -1.47 26.04 12.67
C LEU D 448 -1.95 27.27 13.45
N GLU D 449 -1.00 27.94 14.10
CA GLU D 449 -1.27 29.12 14.92
C GLU D 449 -0.76 30.40 14.31
N VAL D 450 0.47 30.41 13.80
CA VAL D 450 1.10 31.58 13.22
C VAL D 450 1.49 31.26 11.79
N LEU D 451 1.13 32.13 10.85
CA LEU D 451 1.48 31.98 9.45
C LEU D 451 2.41 33.12 9.04
N LYS D 452 3.64 32.79 8.70
CA LYS D 452 4.64 33.75 8.29
C LYS D 452 4.87 33.66 6.79
N LEU D 453 4.79 34.79 6.10
CA LEU D 453 4.98 34.86 4.66
C LEU D 453 6.09 35.87 4.37
N GLU D 454 7.18 35.41 3.76
CA GLU D 454 8.29 36.27 3.41
C GLU D 454 8.61 36.11 1.93
N LEU D 455 8.65 37.23 1.22
CA LEU D 455 9.06 37.28 -0.18
C LEU D 455 8.25 36.32 -1.05
N ILE D 456 6.94 36.42 -0.92
CA ILE D 456 5.98 35.67 -1.74
C ILE D 456 5.24 36.68 -2.61
N PRO D 457 5.35 36.60 -3.93
CA PRO D 457 4.84 37.67 -4.79
C PRO D 457 3.41 37.45 -5.26
N ASP D 458 2.74 38.57 -5.52
CA ASP D 458 1.43 38.64 -6.19
C ASP D 458 0.52 37.50 -5.76
N VAL D 459 0.27 37.43 -4.46
CA VAL D 459 -0.46 36.33 -3.86
C VAL D 459 -1.80 36.83 -3.35
N THR D 460 -2.79 35.96 -3.36
CA THR D 460 -4.14 36.26 -2.90
C THR D 460 -4.50 35.32 -1.76
N ILE D 461 -5.11 35.86 -0.71
CA ILE D 461 -5.56 35.03 0.40
C ILE D 461 -6.83 34.31 -0.03
N PRO D 462 -6.80 32.98 -0.12
CA PRO D 462 -7.97 32.26 -0.60
C PRO D 462 -9.04 32.19 0.48
N PRO D 463 -10.29 31.92 0.11
CA PRO D 463 -11.33 31.73 1.13
C PRO D 463 -11.09 30.48 1.97
N SER D 464 -10.23 29.56 1.52
CA SER D 464 -9.96 28.36 2.29
C SER D 464 -9.19 28.63 3.57
N ILE D 465 -8.78 29.88 3.80
CA ILE D 465 -8.09 30.22 5.03
C ILE D 465 -9.03 30.14 6.23
N ALA D 466 -10.35 30.12 5.99
CA ALA D 466 -11.32 29.99 7.07
C ALA D 466 -11.23 28.65 7.78
N GLN D 467 -10.53 27.66 7.21
CA GLN D 467 -10.31 26.39 7.89
C GLN D 467 -9.28 26.51 9.00
N LEU D 468 -8.48 27.57 9.01
CA LEU D 468 -7.48 27.79 10.05
C LEU D 468 -8.18 28.42 11.25
N THR D 469 -8.96 27.59 11.95
CA THR D 469 -9.70 28.08 13.10
C THR D 469 -8.76 28.59 14.19
N GLY D 470 -7.58 27.97 14.31
CA GLY D 470 -6.61 28.34 15.30
C GLY D 470 -5.57 29.34 14.87
N LEU D 471 -5.76 30.02 13.74
CA LEU D 471 -4.81 31.03 13.30
C LEU D 471 -4.98 32.30 14.11
N LYS D 472 -3.87 32.82 14.62
CA LYS D 472 -3.89 34.04 15.43
C LYS D 472 -3.02 35.15 14.85
N GLU D 473 -1.86 34.82 14.29
CA GLU D 473 -0.90 35.81 13.82
C GLU D 473 -0.60 35.59 12.35
N LEU D 474 -0.46 36.70 11.62
CA LEU D 474 -0.15 36.68 10.19
C LEU D 474 1.02 37.62 9.95
N TRP D 475 2.12 37.09 9.45
CA TRP D 475 3.32 37.87 9.16
C TRP D 475 3.42 38.06 7.65
N LEU D 476 3.29 39.31 7.21
CA LEU D 476 3.43 39.65 5.80
C LEU D 476 4.77 40.37 5.62
N TYR D 477 5.81 39.58 5.33
CA TYR D 477 7.15 40.10 5.12
C TYR D 477 7.32 40.42 3.64
N HIS D 478 7.31 41.71 3.31
CA HIS D 478 7.51 42.18 1.93
C HIS D 478 6.53 41.52 0.97
N THR D 479 5.32 41.26 1.46
CA THR D 479 4.30 40.55 0.70
C THR D 479 3.04 41.39 0.69
N ALA D 480 2.71 41.96 -0.46
CA ALA D 480 1.42 42.61 -0.67
C ALA D 480 0.44 41.53 -1.13
N ALA D 481 -0.53 41.22 -0.29
CA ALA D 481 -1.48 40.15 -0.55
C ALA D 481 -2.89 40.74 -0.65
N LYS D 482 -3.59 40.35 -1.71
CA LYS D 482 -5.01 40.66 -1.83
C LYS D 482 -5.84 39.58 -1.15
N ILE D 483 -7.03 39.97 -0.70
CA ILE D 483 -7.89 39.07 0.04
C ILE D 483 -9.27 39.07 -0.61
N GLU D 484 -9.98 37.97 -0.43
CA GLU D 484 -11.34 37.82 -0.91
C GLU D 484 -12.31 38.05 0.25
N ALA D 485 -13.56 38.35 -0.08
CA ALA D 485 -14.53 38.68 0.97
C ALA D 485 -14.71 37.59 2.01
N PRO D 486 -14.83 36.29 1.68
CA PRO D 486 -14.92 35.29 2.75
C PRO D 486 -13.69 35.25 3.65
N ALA D 487 -12.50 35.25 3.04
CA ALA D 487 -11.28 35.24 3.83
C ALA D 487 -11.14 36.52 4.64
N LEU D 488 -11.50 37.66 4.06
CA LEU D 488 -11.44 38.91 4.80
C LEU D 488 -12.38 38.89 6.01
N ALA D 489 -13.59 38.36 5.82
CA ALA D 489 -14.52 38.28 6.95
C ALA D 489 -14.00 37.34 8.02
N PHE D 490 -13.45 36.19 7.62
CA PHE D 490 -12.89 35.27 8.61
C PHE D 490 -11.76 35.93 9.39
N LEU D 491 -10.84 36.62 8.72
CA LEU D 491 -9.75 37.29 9.42
C LEU D 491 -10.28 38.40 10.32
N ARG D 492 -11.25 39.17 9.83
CA ARG D 492 -11.89 40.20 10.64
C ARG D 492 -12.51 39.60 11.90
N GLU D 493 -12.92 38.34 11.85
CA GLU D 493 -13.50 37.70 13.01
C GLU D 493 -12.47 36.98 13.89
N ASN D 494 -11.32 36.61 13.36
CA ASN D 494 -10.44 35.71 14.10
C ASN D 494 -9.01 36.21 14.30
N LEU D 495 -8.52 37.05 13.39
CA LEU D 495 -7.11 37.42 13.43
C LEU D 495 -6.81 38.30 14.64
N ARG D 496 -5.74 37.98 15.36
CA ARG D 496 -5.35 38.67 16.58
C ARG D 496 -4.16 39.60 16.38
N ALA D 497 -3.11 39.13 15.70
CA ALA D 497 -1.89 39.90 15.50
C ALA D 497 -1.51 39.92 14.03
N LEU D 498 -1.03 41.06 13.56
CA LEU D 498 -0.62 41.22 12.17
C LEU D 498 0.76 41.88 12.12
N HIS D 499 1.70 41.22 11.44
CA HIS D 499 3.04 41.75 11.24
C HIS D 499 3.18 42.21 9.80
N ILE D 500 3.48 43.50 9.61
CA ILE D 500 3.61 44.08 8.28
C ILE D 500 5.03 44.66 8.17
N LYS D 501 5.83 44.08 7.28
CA LYS D 501 7.16 44.59 6.96
C LYS D 501 7.16 45.02 5.50
N PHE D 502 7.33 46.31 5.27
CA PHE D 502 7.16 46.87 3.93
C PHE D 502 8.27 47.86 3.62
N THR D 503 8.87 47.71 2.45
CA THR D 503 9.77 48.72 1.92
C THR D 503 9.05 49.76 1.08
N ASP D 504 7.74 49.63 0.93
CA ASP D 504 6.96 50.57 0.15
C ASP D 504 5.56 50.68 0.76
N ILE D 505 4.99 51.88 0.68
CA ILE D 505 3.66 52.10 1.24
C ILE D 505 2.63 51.20 0.56
N LYS D 506 2.71 51.08 -0.76
CA LYS D 506 1.73 50.29 -1.50
C LYS D 506 1.77 48.81 -1.12
N GLU D 507 2.86 48.34 -0.54
CA GLU D 507 2.92 46.95 -0.11
C GLU D 507 2.12 46.68 1.15
N ILE D 508 1.67 47.72 1.84
CA ILE D 508 0.74 47.55 2.96
C ILE D 508 -0.63 47.23 2.38
N PRO D 509 -1.20 46.07 2.66
CA PRO D 509 -2.56 45.81 2.21
C PRO D 509 -3.53 46.79 2.85
N LEU D 510 -4.49 47.26 2.07
CA LEU D 510 -5.43 48.26 2.57
C LEU D 510 -6.65 47.64 3.26
N TRP D 511 -6.75 46.31 3.27
CA TRP D 511 -7.80 45.63 4.01
C TRP D 511 -7.42 45.37 5.46
N ILE D 512 -6.19 45.74 5.87
CA ILE D 512 -5.76 45.49 7.24
C ILE D 512 -6.42 46.43 8.23
N TYR D 513 -7.01 47.54 7.77
CA TYR D 513 -7.72 48.44 8.66
C TYR D 513 -9.17 48.01 8.89
N SER D 514 -9.60 46.95 8.23
CA SER D 514 -10.93 46.39 8.41
C SER D 514 -10.95 45.16 9.31
N LEU D 515 -9.83 44.83 9.94
CA LEU D 515 -9.76 43.71 10.87
C LEU D 515 -10.13 44.23 12.25
N LYS D 516 -11.40 44.07 12.62
CA LYS D 516 -11.90 44.70 13.83
C LYS D 516 -11.77 43.85 15.08
N THR D 517 -11.15 42.67 14.98
CA THR D 517 -10.75 41.92 16.17
C THR D 517 -9.25 41.93 16.37
N LEU D 518 -8.52 42.73 15.61
CA LEU D 518 -7.07 42.81 15.73
C LEU D 518 -6.68 43.47 17.03
N GLU D 519 -5.65 42.92 17.69
CA GLU D 519 -5.18 43.45 18.96
C GLU D 519 -3.73 43.91 18.94
N GLU D 520 -2.91 43.39 18.04
CA GLU D 520 -1.47 43.63 18.05
C GLU D 520 -1.00 43.88 16.62
N LEU D 521 -0.58 45.11 16.34
CA LEU D 521 -0.14 45.51 15.02
C LEU D 521 1.34 45.87 15.07
N HIS D 522 2.13 45.23 14.22
CA HIS D 522 3.57 45.49 14.12
C HIS D 522 3.85 46.11 12.75
N LEU D 523 4.21 47.39 12.74
CA LEU D 523 4.54 48.11 11.52
C LEU D 523 6.06 48.20 11.40
N THR D 524 6.62 47.49 10.43
CA THR D 524 8.06 47.49 10.18
C THR D 524 8.31 48.08 8.80
N GLY D 525 9.09 49.15 8.74
CA GLY D 525 9.39 49.79 7.48
C GLY D 525 9.09 51.27 7.50
N ASN D 526 9.87 52.05 6.75
CA ASN D 526 9.70 53.50 6.72
C ASN D 526 8.35 53.85 6.11
N LEU D 527 7.60 54.73 6.78
CA LEU D 527 6.28 55.11 6.31
C LEU D 527 6.14 56.60 6.01
N SER D 528 6.89 57.45 6.69
CA SER D 528 6.75 58.89 6.51
C SER D 528 7.12 59.30 5.09
N ALA D 529 6.39 60.27 4.55
CA ALA D 529 6.63 60.79 3.23
C ALA D 529 6.41 62.30 3.23
N GLU D 530 6.81 62.94 2.15
CA GLU D 530 6.73 64.40 2.06
C GLU D 530 5.34 64.83 1.61
N ASN D 531 4.73 65.73 2.38
CA ASN D 531 3.46 66.38 2.06
C ASN D 531 2.26 65.44 2.11
N ASN D 532 2.51 64.15 2.40
CA ASN D 532 1.42 63.19 2.54
C ASN D 532 1.69 62.23 3.69
N ARG D 533 2.42 62.69 4.70
CA ARG D 533 2.82 61.81 5.79
C ARG D 533 1.64 61.45 6.67
N TYR D 534 1.70 60.24 7.24
CA TYR D 534 0.74 59.78 8.24
C TYR D 534 -0.69 59.77 7.69
N ILE D 535 -0.82 59.39 6.43
CA ILE D 535 -2.13 59.24 5.80
C ILE D 535 -2.46 57.78 5.49
N VAL D 536 -1.45 56.95 5.23
CA VAL D 536 -1.71 55.52 5.06
C VAL D 536 -2.21 54.91 6.36
N ILE D 537 -1.71 55.39 7.50
CA ILE D 537 -2.09 54.84 8.80
C ILE D 537 -3.24 55.63 9.38
N ASP D 538 -3.90 56.46 8.56
CA ASP D 538 -5.12 57.13 9.00
C ASP D 538 -6.24 56.14 9.26
N GLY D 539 -6.15 54.93 8.74
CA GLY D 539 -7.13 53.89 8.97
C GLY D 539 -6.93 53.11 10.25
N LEU D 540 -5.95 53.48 11.07
CA LEU D 540 -5.74 52.77 12.34
C LEU D 540 -6.83 53.06 13.35
N ARG D 541 -7.55 54.18 13.21
CA ARG D 541 -8.65 54.46 14.13
C ARG D 541 -9.72 53.39 14.06
N GLU D 542 -9.89 52.76 12.90
CA GLU D 542 -10.91 51.75 12.74
C GLU D 542 -10.53 50.43 13.44
N LEU D 543 -9.28 50.27 13.83
CA LEU D 543 -8.85 49.11 14.62
C LEU D 543 -9.15 49.42 16.10
N LYS D 544 -10.42 49.26 16.46
CA LYS D 544 -10.90 49.65 17.77
C LYS D 544 -10.41 48.74 18.88
N ARG D 545 -9.87 47.57 18.58
CA ARG D 545 -9.41 46.64 19.58
C ARG D 545 -7.89 46.52 19.62
N LEU D 546 -7.18 47.48 19.04
CA LEU D 546 -5.72 47.44 19.05
C LEU D 546 -5.20 47.70 20.45
N LYS D 547 -4.24 46.88 20.87
CA LYS D 547 -3.61 47.02 22.17
C LYS D 547 -2.11 47.18 22.10
N VAL D 548 -1.43 46.44 21.22
CA VAL D 548 0.01 46.48 21.08
C VAL D 548 0.34 47.06 19.72
N LEU D 549 1.00 48.22 19.69
CA LEU D 549 1.40 48.86 18.46
C LEU D 549 2.91 49.02 18.45
N ARG D 550 3.56 48.47 17.43
CA ARG D 550 4.99 48.58 17.26
C ARG D 550 5.28 49.41 16.02
N LEU D 551 6.03 50.49 16.19
CA LEU D 551 6.34 51.42 15.11
C LEU D 551 7.85 51.46 14.90
N LYS D 552 8.34 50.73 13.91
CA LYS D 552 9.74 50.75 13.52
C LYS D 552 9.78 51.35 12.12
N SER D 553 9.76 52.69 12.06
CA SER D 553 9.58 53.37 10.78
C SER D 553 10.41 54.64 10.63
N ASN D 554 11.39 54.89 11.50
CA ASN D 554 12.21 56.11 11.43
C ASN D 554 11.34 57.36 11.51
N LEU D 555 10.44 57.39 12.49
CA LEU D 555 9.56 58.54 12.65
C LEU D 555 10.34 59.75 13.16
N SER D 556 10.19 60.88 12.47
CA SER D 556 10.74 62.13 12.97
C SER D 556 9.78 62.86 13.90
N LYS D 557 8.56 62.36 14.05
CA LYS D 557 7.54 62.91 14.92
C LYS D 557 6.42 61.91 15.03
N LEU D 558 5.92 61.69 16.24
CA LEU D 558 4.91 60.68 16.47
C LEU D 558 3.64 61.04 15.70
N PRO D 559 3.12 60.16 14.85
CA PRO D 559 1.94 60.50 14.06
C PRO D 559 0.74 60.79 14.94
N GLN D 560 -0.12 61.69 14.46
CA GLN D 560 -1.29 62.10 15.23
C GLN D 560 -2.26 60.94 15.42
N VAL D 561 -2.45 60.12 14.39
CA VAL D 561 -3.37 59.00 14.48
C VAL D 561 -2.95 58.04 15.57
N VAL D 562 -1.64 57.86 15.77
CA VAL D 562 -1.17 56.99 16.84
C VAL D 562 -1.60 57.54 18.20
N THR D 563 -1.46 58.86 18.38
CA THR D 563 -1.92 59.47 19.62
C THR D 563 -3.42 59.31 19.80
N ASP D 564 -4.18 59.48 18.72
CA ASP D 564 -5.63 59.34 18.80
C ASP D 564 -6.04 57.92 19.18
N VAL D 565 -5.39 56.92 18.58
CA VAL D 565 -5.74 55.53 18.83
C VAL D 565 -5.13 54.98 20.11
N GLY D 566 -4.17 55.69 20.70
CA GLY D 566 -3.50 55.19 21.87
C GLY D 566 -4.27 55.31 23.16
N VAL D 567 -5.46 55.92 23.15
CA VAL D 567 -6.23 56.05 24.39
C VAL D 567 -6.61 54.67 24.91
N HIS D 568 -6.73 53.68 24.04
CA HIS D 568 -6.99 52.31 24.44
C HIS D 568 -5.77 51.40 24.25
N LEU D 569 -4.66 51.93 23.75
CA LEU D 569 -3.44 51.14 23.62
C LEU D 569 -2.91 50.76 25.00
N GLN D 570 -2.46 49.52 25.13
CA GLN D 570 -1.84 49.06 26.37
C GLN D 570 -0.33 48.92 26.26
N LYS D 571 0.23 49.03 25.06
CA LYS D 571 1.67 48.94 24.86
C LYS D 571 2.05 49.64 23.57
N LEU D 572 2.99 50.57 23.66
CA LEU D 572 3.51 51.28 22.50
C LEU D 572 5.01 51.04 22.41
N SER D 573 5.48 50.57 21.25
CA SER D 573 6.88 50.27 21.03
C SER D 573 7.34 51.00 19.78
N ILE D 574 8.42 51.78 19.89
CA ILE D 574 8.96 52.54 18.78
C ILE D 574 10.43 52.20 18.63
N ASN D 575 10.86 51.94 17.40
CA ASN D 575 12.25 51.62 17.08
C ASN D 575 12.63 52.46 15.87
N ASN D 576 13.17 53.66 16.11
CA ASN D 576 13.58 54.55 15.03
C ASN D 576 14.91 54.16 14.40
N GLU D 577 15.58 53.15 14.95
CA GLU D 577 16.86 52.63 14.46
C GLU D 577 17.85 53.76 14.11
N GLY D 578 17.83 54.80 14.94
CA GLY D 578 18.80 55.87 14.84
C GLY D 578 18.23 57.24 14.56
N THR D 579 16.96 57.34 14.20
CA THR D 579 16.34 58.63 13.90
C THR D 579 15.83 59.26 15.17
N LYS D 580 16.07 60.56 15.34
CA LYS D 580 15.61 61.26 16.55
C LYS D 580 14.10 61.39 16.52
N LEU D 581 13.46 61.00 17.61
CA LEU D 581 12.01 61.08 17.75
C LEU D 581 11.66 62.21 18.71
N ILE D 582 10.83 63.14 18.25
CA ILE D 582 10.38 64.27 19.06
C ILE D 582 8.94 63.99 19.47
N VAL D 583 8.73 63.70 20.76
CA VAL D 583 7.38 63.46 21.24
C VAL D 583 6.55 64.73 21.19
N LEU D 584 7.19 65.87 21.49
CA LEU D 584 6.59 67.22 21.43
C LEU D 584 5.15 67.25 21.94
N ASN D 585 4.98 66.78 23.18
CA ASN D 585 3.70 66.83 23.87
C ASN D 585 2.59 66.15 23.07
N SER D 586 2.82 64.88 22.71
CA SER D 586 1.82 64.07 22.04
C SER D 586 1.62 62.72 22.72
N LEU D 587 2.08 62.57 23.97
CA LEU D 587 2.11 61.28 24.61
C LEU D 587 1.27 61.18 25.87
N LYS D 588 0.80 62.30 26.41
CA LYS D 588 0.13 62.32 27.71
C LYS D 588 -1.37 62.10 27.60
N LYS D 589 -1.83 61.39 26.57
CA LYS D 589 -3.22 61.00 26.45
C LYS D 589 -3.43 59.50 26.57
N MET D 590 -2.39 58.69 26.39
CA MET D 590 -2.52 57.24 26.44
C MET D 590 -2.41 56.77 27.89
N VAL D 591 -3.44 57.14 28.67
CA VAL D 591 -3.45 56.82 30.09
C VAL D 591 -3.66 55.34 30.38
N ASN D 592 -4.11 54.57 29.39
CA ASN D 592 -4.24 53.13 29.56
C ASN D 592 -2.96 52.38 29.24
N LEU D 593 -1.90 53.08 28.83
CA LEU D 593 -0.65 52.44 28.48
C LEU D 593 -0.01 51.81 29.71
N THR D 594 0.56 50.62 29.53
CA THR D 594 1.29 49.94 30.60
C THR D 594 2.70 49.55 30.23
N GLU D 595 3.06 49.55 28.95
CA GLU D 595 4.43 49.32 28.52
C GLU D 595 4.78 50.33 27.45
N LEU D 596 5.88 51.05 27.63
CA LEU D 596 6.35 52.03 26.67
C LEU D 596 7.80 51.71 26.33
N GLU D 597 8.06 51.43 25.07
CA GLU D 597 9.39 51.09 24.59
C GLU D 597 9.84 52.12 23.57
N LEU D 598 10.97 52.77 23.82
CA LEU D 598 11.55 53.75 22.91
C LEU D 598 12.98 53.32 22.61
N ILE D 599 13.14 52.45 21.62
CA ILE D 599 14.43 51.85 21.29
C ILE D 599 15.04 52.61 20.13
N ARG D 600 16.30 53.01 20.30
CA ARG D 600 17.06 53.69 19.25
C ARG D 600 16.33 54.95 18.77
N CYS D 601 15.72 55.67 19.70
CA CYS D 601 15.07 56.93 19.39
C CYS D 601 16.01 58.12 19.44
N ASP D 602 17.28 57.90 19.84
CA ASP D 602 18.28 58.96 19.93
C ASP D 602 17.77 60.13 20.77
N LEU D 603 17.09 59.79 21.87
CA LEU D 603 16.47 60.82 22.69
C LEU D 603 17.51 61.75 23.31
N GLU D 604 18.60 61.17 23.84
CA GLU D 604 19.64 61.91 24.54
C GLU D 604 19.09 62.63 25.77
N ARG D 605 17.83 62.35 26.09
CA ARG D 605 17.12 62.98 27.20
C ARG D 605 15.79 62.27 27.44
N ILE D 606 15.44 62.03 28.69
CA ILE D 606 14.15 61.42 29.01
C ILE D 606 13.07 62.48 28.88
N PRO D 607 12.09 62.30 27.98
CA PRO D 607 11.04 63.29 27.85
C PRO D 607 10.13 63.31 29.07
N HIS D 608 9.58 64.48 29.38
CA HIS D 608 8.72 64.60 30.53
C HIS D 608 7.33 64.03 30.28
N SER D 609 7.01 63.65 29.04
CA SER D 609 5.69 63.11 28.74
C SER D 609 5.48 61.73 29.34
N ILE D 610 6.55 60.99 29.63
CA ILE D 610 6.41 59.62 30.12
C ILE D 610 5.74 59.60 31.48
N PHE D 611 6.14 60.51 32.38
CA PHE D 611 5.69 60.44 33.76
C PHE D 611 4.20 60.74 33.93
N SER D 612 3.53 61.24 32.89
CA SER D 612 2.10 61.48 32.97
C SER D 612 1.29 60.21 32.76
N LEU D 613 1.91 59.12 32.33
CA LEU D 613 1.23 57.84 32.10
C LEU D 613 1.17 57.10 33.42
N HIS D 614 0.14 57.37 34.20
CA HIS D 614 0.06 56.86 35.56
C HIS D 614 -0.18 55.36 35.64
N ASN D 615 -0.48 54.70 34.52
CA ASN D 615 -0.68 53.26 34.50
C ASN D 615 0.55 52.49 34.02
N LEU D 616 1.64 53.18 33.71
CA LEU D 616 2.80 52.51 33.13
C LEU D 616 3.43 51.55 34.13
N GLN D 617 3.93 50.43 33.63
CA GLN D 617 4.60 49.45 34.47
C GLN D 617 5.97 49.06 33.96
N GLU D 618 6.16 48.97 32.65
CA GLU D 618 7.44 48.63 32.05
C GLU D 618 7.85 49.73 31.10
N ILE D 619 8.97 50.39 31.37
CA ILE D 619 9.50 51.45 30.51
C ILE D 619 10.88 51.04 30.04
N ASP D 620 11.06 50.98 28.72
CA ASP D 620 12.35 50.64 28.12
C ASP D 620 12.85 51.87 27.37
N LEU D 621 14.14 52.17 27.54
CA LEU D 621 14.78 53.31 26.89
C LEU D 621 16.11 52.89 26.29
N LYS D 622 16.11 51.76 25.61
CA LYS D 622 17.33 51.19 25.06
C LYS D 622 17.85 52.03 23.90
N ASP D 623 19.18 52.22 23.86
CA ASP D 623 19.87 52.89 22.77
C ASP D 623 19.37 54.32 22.54
N ASN D 624 19.00 54.99 23.62
CA ASN D 624 18.58 56.39 23.52
C ASN D 624 19.73 57.37 23.70
N ASN D 625 20.97 56.87 23.86
CA ASN D 625 22.14 57.72 24.07
C ASN D 625 21.96 58.60 25.30
N LEU D 626 21.33 58.04 26.34
CA LEU D 626 21.14 58.78 27.57
C LEU D 626 22.48 59.05 28.25
N LYS D 627 22.59 60.22 28.86
CA LYS D 627 23.79 60.61 29.59
C LYS D 627 23.55 60.77 31.08
N THR D 628 22.57 61.58 31.46
CA THR D 628 22.14 61.72 32.84
C THR D 628 20.69 61.26 32.94
N ILE D 629 20.42 60.39 33.90
CA ILE D 629 19.08 59.83 34.07
C ILE D 629 18.49 60.35 35.37
N GLU D 630 18.87 61.57 35.76
CA GLU D 630 18.32 62.17 36.97
C GLU D 630 16.83 62.44 36.87
N GLU D 631 16.25 62.36 35.68
CA GLU D 631 14.81 62.57 35.51
C GLU D 631 13.99 61.49 36.21
N ILE D 632 14.61 60.38 36.62
CA ILE D 632 13.86 59.30 37.24
C ILE D 632 13.30 59.67 38.60
N ILE D 633 13.61 60.87 39.10
CA ILE D 633 12.95 61.36 40.30
C ILE D 633 11.45 61.49 40.05
N SER D 634 11.05 61.90 38.85
CA SER D 634 9.64 62.01 38.49
C SER D 634 8.97 60.65 38.36
N PHE D 635 9.72 59.55 38.31
CA PHE D 635 9.11 58.24 38.22
C PHE D 635 8.38 57.84 39.49
N GLN D 636 8.54 58.60 40.58
CA GLN D 636 7.75 58.33 41.77
C GLN D 636 6.26 58.57 41.54
N HIS D 637 5.92 59.35 40.51
CA HIS D 637 4.51 59.52 40.15
C HIS D 637 3.89 58.20 39.71
N LEU D 638 4.60 57.45 38.87
CA LEU D 638 4.14 56.13 38.44
C LEU D 638 4.15 55.19 39.63
N HIS D 639 2.97 54.81 40.10
CA HIS D 639 2.84 54.05 41.33
C HIS D 639 2.84 52.55 41.14
N ARG D 640 3.08 52.07 39.91
CA ARG D 640 3.19 50.64 39.65
C ARG D 640 4.39 50.30 38.77
N LEU D 641 5.40 51.16 38.72
CA LEU D 641 6.54 50.97 37.83
C LEU D 641 7.41 49.85 38.37
N THR D 642 7.30 48.67 37.77
CA THR D 642 8.02 47.49 38.22
C THR D 642 9.30 47.24 37.45
N CYS D 643 9.27 47.27 36.13
CA CYS D 643 10.43 47.03 35.29
C CYS D 643 10.85 48.34 34.66
N LEU D 644 12.16 48.62 34.69
CA LEU D 644 12.70 49.86 34.14
C LEU D 644 14.05 49.54 33.51
N LYS D 645 14.08 49.48 32.19
CA LYS D 645 15.29 49.16 31.44
C LYS D 645 15.94 50.44 30.95
N LEU D 646 17.21 50.64 31.32
CA LEU D 646 17.98 51.77 30.85
C LEU D 646 19.27 51.33 30.16
N TRP D 647 19.32 50.07 29.73
CA TRP D 647 20.53 49.50 29.16
C TRP D 647 20.88 50.15 27.83
N TYR D 648 22.12 49.91 27.40
CA TYR D 648 22.66 50.37 26.12
C TYR D 648 22.54 51.89 26.00
N ASN D 649 23.24 52.59 26.88
CA ASN D 649 23.28 54.04 26.86
C ASN D 649 24.69 54.49 27.25
N HIS D 650 24.83 55.79 27.48
CA HIS D 650 26.08 56.36 27.98
C HIS D 650 25.92 56.86 29.40
N ILE D 651 25.06 56.20 30.18
CA ILE D 651 24.77 56.64 31.53
C ILE D 651 26.04 56.59 32.36
N ALA D 652 26.42 57.74 32.91
CA ALA D 652 27.68 57.86 33.65
C ALA D 652 27.53 57.49 35.12
N TYR D 653 26.35 57.69 35.70
CA TYR D 653 26.16 57.47 37.12
C TYR D 653 24.69 57.21 37.40
N ILE D 654 24.45 56.44 38.46
CA ILE D 654 23.10 56.17 38.94
C ILE D 654 22.77 57.21 40.00
N PRO D 655 21.83 58.13 39.76
CA PRO D 655 21.48 59.10 40.79
C PRO D 655 20.94 58.41 42.04
N ILE D 656 21.21 59.02 43.20
CA ILE D 656 20.73 58.49 44.47
C ILE D 656 19.21 58.49 44.53
N GLN D 657 18.55 59.25 43.65
CA GLN D 657 17.09 59.33 43.65
C GLN D 657 16.45 58.01 43.21
N ILE D 658 17.22 57.09 42.66
CA ILE D 658 16.69 55.78 42.28
C ILE D 658 16.21 54.99 43.49
N GLY D 659 16.57 55.42 44.70
CA GLY D 659 16.06 54.75 45.88
C GLY D 659 14.60 55.04 46.15
N ASN D 660 14.10 56.18 45.70
CA ASN D 660 12.69 56.53 45.90
C ASN D 660 11.75 55.62 45.15
N LEU D 661 12.24 54.92 44.12
CA LEU D 661 11.42 53.98 43.34
C LEU D 661 11.39 52.64 44.05
N THR D 662 10.72 52.63 45.21
CA THR D 662 10.70 51.45 46.07
C THR D 662 9.93 50.28 45.45
N ASN D 663 9.06 50.54 44.48
CA ASN D 663 8.27 49.49 43.85
C ASN D 663 8.98 48.81 42.70
N LEU D 664 10.18 49.25 42.35
CA LEU D 664 10.93 48.59 41.28
C LEU D 664 11.21 47.14 41.63
N GLU D 665 11.05 46.27 40.65
CA GLU D 665 11.39 44.85 40.80
C GLU D 665 12.48 44.41 39.84
N ARG D 666 12.43 44.83 38.59
CA ARG D 666 13.47 44.53 37.61
C ARG D 666 14.13 45.83 37.21
N LEU D 667 15.46 45.85 37.27
CA LEU D 667 16.23 47.05 36.95
C LEU D 667 17.40 46.66 36.06
N TYR D 668 17.49 47.29 34.90
CA TYR D 668 18.52 47.00 33.92
C TYR D 668 19.34 48.26 33.69
N LEU D 669 20.67 48.14 33.83
CA LEU D 669 21.54 49.27 33.57
C LEU D 669 22.82 48.85 32.83
N ASN D 670 22.79 47.73 32.12
CA ASN D 670 23.98 47.22 31.48
C ASN D 670 24.39 48.08 30.29
N ARG D 671 25.56 47.77 29.75
CA ARG D 671 26.10 48.41 28.55
C ARG D 671 26.11 49.93 28.69
N ASN D 672 26.52 50.38 29.87
CA ASN D 672 26.58 51.81 30.16
C ASN D 672 27.99 52.22 30.56
N LYS D 673 28.14 53.46 31.00
CA LYS D 673 29.42 53.99 31.46
C LYS D 673 29.38 54.26 32.97
N ILE D 674 28.76 53.35 33.71
CA ILE D 674 28.63 53.49 35.16
C ILE D 674 29.97 53.11 35.81
N GLU D 675 30.43 53.96 36.72
CA GLU D 675 31.67 53.71 37.44
C GLU D 675 31.47 53.24 38.88
N LYS D 676 30.35 53.59 39.50
CA LYS D 676 30.12 53.26 40.91
C LYS D 676 28.64 53.00 41.13
N ILE D 677 28.35 52.27 42.19
CA ILE D 677 26.99 51.94 42.60
C ILE D 677 26.68 52.72 43.88
N PRO D 678 25.73 53.65 43.87
CA PRO D 678 25.38 54.35 45.09
C PRO D 678 24.72 53.42 46.09
N THR D 679 24.83 53.77 47.38
CA THR D 679 24.22 52.97 48.42
C THR D 679 22.70 53.11 48.43
N GLN D 680 22.17 54.21 47.87
CA GLN D 680 20.72 54.41 47.85
C GLN D 680 20.01 53.43 46.93
N LEU D 681 20.72 52.84 45.97
CA LEU D 681 20.11 51.87 45.08
C LEU D 681 19.58 50.67 45.85
N PHE D 682 20.21 50.32 46.95
CA PHE D 682 19.80 49.16 47.74
C PHE D 682 18.72 49.49 48.75
N TYR D 683 18.00 50.58 48.56
CA TYR D 683 16.79 50.84 49.32
C TYR D 683 15.55 50.25 48.66
N CYS D 684 15.70 49.66 47.48
CA CYS D 684 14.59 49.03 46.76
C CYS D 684 14.58 47.55 47.11
N ARG D 685 13.96 47.23 48.25
CA ARG D 685 13.95 45.84 48.73
C ARG D 685 13.02 44.95 47.93
N LYS D 686 12.18 45.52 47.06
CA LYS D 686 11.37 44.74 46.15
C LYS D 686 12.12 44.31 44.91
N LEU D 687 13.36 44.77 44.73
CA LEU D 687 14.12 44.47 43.52
C LEU D 687 14.36 42.97 43.40
N ARG D 688 14.28 42.46 42.18
CA ARG D 688 14.48 41.05 41.90
C ARG D 688 15.50 40.78 40.81
N TYR D 689 15.64 41.68 39.85
CA TYR D 689 16.68 41.58 38.82
C TYR D 689 17.50 42.85 38.86
N LEU D 690 18.82 42.70 38.81
CA LEU D 690 19.73 43.85 38.81
C LEU D 690 20.89 43.49 37.88
N ASP D 691 20.78 43.91 36.64
CA ASP D 691 21.78 43.61 35.63
C ASP D 691 22.65 44.86 35.43
N LEU D 692 23.94 44.72 35.70
CA LEU D 692 24.90 45.80 35.55
C LEU D 692 26.05 45.38 34.65
N SER D 693 25.76 44.51 33.69
CA SER D 693 26.79 43.95 32.83
C SER D 693 27.47 45.04 32.00
N HIS D 694 28.72 44.78 31.65
CA HIS D 694 29.51 45.67 30.80
C HIS D 694 29.52 47.09 31.34
N ASN D 695 30.10 47.23 32.53
CA ASN D 695 30.31 48.54 33.13
C ASN D 695 31.71 48.64 33.71
N ASN D 696 32.06 49.80 34.25
CA ASN D 696 33.37 50.04 34.83
C ASN D 696 33.36 49.91 36.35
N LEU D 697 32.44 49.11 36.88
CA LEU D 697 32.38 48.90 38.33
C LEU D 697 33.59 48.11 38.80
N THR D 698 34.13 48.51 39.95
CA THR D 698 35.27 47.84 40.54
C THR D 698 34.98 47.22 41.90
N PHE D 699 33.81 47.49 42.48
CA PHE D 699 33.46 46.90 43.77
C PHE D 699 31.95 46.96 43.93
N LEU D 700 31.44 46.16 44.87
CA LEU D 700 30.03 46.10 45.18
C LEU D 700 29.79 46.59 46.61
N PRO D 701 28.93 47.58 46.81
CA PRO D 701 28.65 48.05 48.17
C PRO D 701 28.04 46.96 49.04
N ALA D 702 28.28 47.06 50.34
CA ALA D 702 27.86 46.03 51.28
C ALA D 702 26.34 45.92 51.39
N ASP D 703 25.60 46.96 51.04
CA ASP D 703 24.14 46.90 51.12
C ASP D 703 23.53 45.97 50.09
N ILE D 704 24.34 45.31 49.26
CA ILE D 704 23.82 44.44 48.21
C ILE D 704 23.09 43.25 48.82
N GLY D 705 23.46 42.86 50.05
CA GLY D 705 22.78 41.77 50.71
C GLY D 705 21.45 42.12 51.32
N LEU D 706 21.09 43.41 51.35
CA LEU D 706 19.81 43.82 51.90
C LEU D 706 18.66 43.47 50.97
N LEU D 707 18.92 43.42 49.67
CA LEU D 707 17.89 43.06 48.68
C LEU D 707 17.68 41.55 48.76
N GLN D 708 16.88 41.15 49.74
CA GLN D 708 16.69 39.72 50.02
C GLN D 708 15.99 38.98 48.90
N ASN D 709 15.32 39.68 47.99
CA ASN D 709 14.56 39.05 46.93
C ASN D 709 15.30 39.00 45.60
N LEU D 710 16.53 39.52 45.54
CA LEU D 710 17.30 39.48 44.30
C LEU D 710 17.49 38.04 43.85
N GLN D 711 17.27 37.79 42.55
CA GLN D 711 17.37 36.44 42.01
C GLN D 711 18.32 36.31 40.83
N ASN D 712 18.55 37.36 40.06
CA ASN D 712 19.55 37.35 39.00
C ASN D 712 20.41 38.59 39.13
N LEU D 713 21.71 38.39 39.34
CA LEU D 713 22.65 39.50 39.48
C LEU D 713 23.79 39.27 38.51
N ALA D 714 23.80 40.02 37.41
CA ALA D 714 24.83 39.90 36.39
C ALA D 714 25.70 41.15 36.44
N VAL D 715 26.99 40.96 36.67
CA VAL D 715 27.95 42.05 36.69
C VAL D 715 29.05 41.73 35.69
N THR D 716 28.69 40.99 34.65
CA THR D 716 29.64 40.57 33.61
C THR D 716 30.36 41.79 33.03
N ALA D 717 31.63 41.58 32.68
CA ALA D 717 32.47 42.59 32.04
C ALA D 717 32.57 43.85 32.92
N ASN D 718 33.14 43.65 34.10
CA ASN D 718 33.38 44.73 35.04
C ASN D 718 34.80 44.56 35.58
N ARG D 719 35.12 45.33 36.62
CA ARG D 719 36.40 45.23 37.31
C ARG D 719 36.20 44.73 38.73
N ILE D 720 35.25 43.82 38.90
CA ILE D 720 34.96 43.25 40.21
C ILE D 720 36.05 42.23 40.51
N GLU D 721 37.01 42.60 41.36
CA GLU D 721 38.07 41.67 41.74
C GLU D 721 37.70 40.82 42.93
N ALA D 722 36.72 41.25 43.74
CA ALA D 722 36.28 40.47 44.88
C ALA D 722 34.83 40.83 45.19
N LEU D 723 34.11 39.87 45.75
CA LEU D 723 32.71 40.04 46.13
C LEU D 723 32.60 40.18 47.63
N PRO D 724 31.81 41.15 48.12
CA PRO D 724 31.63 41.26 49.56
C PRO D 724 30.95 40.02 50.12
N PRO D 725 31.34 39.58 51.32
CA PRO D 725 30.66 38.43 51.94
C PRO D 725 29.19 38.69 52.20
N GLU D 726 28.79 39.95 52.35
CA GLU D 726 27.37 40.27 52.51
C GLU D 726 26.56 39.98 51.26
N LEU D 727 27.22 39.86 50.11
CA LEU D 727 26.51 39.55 48.87
C LEU D 727 25.85 38.18 48.95
N PHE D 728 26.38 37.28 49.77
CA PHE D 728 25.82 35.94 49.87
C PHE D 728 24.67 35.85 50.87
N GLN D 729 24.25 36.97 51.45
CA GLN D 729 23.03 36.98 52.25
C GLN D 729 21.79 36.80 51.40
N CYS D 730 21.86 37.10 50.10
CA CYS D 730 20.73 36.92 49.18
C CYS D 730 20.60 35.43 48.90
N ARG D 731 19.87 34.74 49.78
CA ARG D 731 19.84 33.29 49.74
C ARG D 731 19.05 32.73 48.57
N LYS D 732 18.16 33.52 47.97
CA LYS D 732 17.37 33.06 46.83
C LYS D 732 17.96 33.50 45.50
N LEU D 733 19.27 33.76 45.47
CA LEU D 733 19.96 34.21 44.27
C LEU D 733 20.09 33.02 43.33
N ARG D 734 19.08 32.84 42.48
CA ARG D 734 19.01 31.66 41.62
C ARG D 734 20.18 31.61 40.64
N ALA D 735 20.53 32.74 40.04
CA ALA D 735 21.55 32.77 39.01
C ALA D 735 22.53 33.89 39.27
N LEU D 736 23.75 33.69 38.81
CA LEU D 736 24.81 34.69 38.90
C LEU D 736 25.57 34.70 37.59
N HIS D 737 26.21 35.83 37.30
CA HIS D 737 27.04 35.97 36.11
C HIS D 737 28.22 36.85 36.49
N LEU D 738 29.32 36.21 36.88
CA LEU D 738 30.54 36.90 37.29
C LEU D 738 31.63 36.79 36.24
N GLY D 739 31.28 36.41 35.01
CA GLY D 739 32.27 36.23 33.98
C GLY D 739 32.89 37.54 33.54
N ASN D 740 34.02 37.41 32.84
CA ASN D 740 34.76 38.52 32.23
C ASN D 740 35.16 39.58 33.25
N ASN D 741 35.26 39.20 34.52
CA ASN D 741 35.68 40.09 35.59
C ASN D 741 37.14 39.82 35.94
N VAL D 742 37.63 40.42 37.02
CA VAL D 742 38.99 40.22 37.49
C VAL D 742 38.96 39.58 38.87
N LEU D 743 37.96 38.74 39.12
CA LEU D 743 37.81 38.05 40.40
C LEU D 743 39.07 37.27 40.77
N GLN D 744 39.73 37.68 41.86
CA GLN D 744 40.92 36.97 42.31
C GLN D 744 40.57 35.63 42.92
N SER D 745 39.56 35.58 43.79
CA SER D 745 39.19 34.35 44.46
C SER D 745 37.70 34.32 44.70
N LEU D 746 37.10 33.14 44.56
CA LEU D 746 35.69 32.98 44.87
C LEU D 746 35.51 32.78 46.37
N PRO D 747 34.72 33.62 47.03
CA PRO D 747 34.53 33.46 48.48
C PRO D 747 33.93 32.11 48.82
N SER D 748 34.30 31.60 49.99
CA SER D 748 33.84 30.30 50.45
C SER D 748 32.36 30.29 50.81
N ARG D 749 31.73 31.46 50.95
CA ARG D 749 30.32 31.53 51.30
C ARG D 749 29.40 31.29 50.10
N VAL D 750 29.95 30.84 48.97
CA VAL D 750 29.13 30.57 47.80
C VAL D 750 28.16 29.42 48.04
N GLY D 751 28.47 28.53 48.98
CA GLY D 751 27.56 27.43 49.28
C GLY D 751 26.33 27.86 50.05
N GLU D 752 26.35 29.06 50.63
CA GLU D 752 25.17 29.55 51.34
C GLU D 752 23.99 29.76 50.41
N LEU D 753 24.26 30.09 49.14
CA LEU D 753 23.21 30.29 48.16
C LEU D 753 22.64 28.94 47.74
N THR D 754 21.68 28.43 48.51
CA THR D 754 21.15 27.10 48.24
C THR D 754 20.43 27.03 46.90
N ASN D 755 19.81 28.13 46.48
CA ASN D 755 18.99 28.16 45.28
C ASN D 755 19.78 28.47 44.02
N LEU D 756 21.09 28.65 44.12
CA LEU D 756 21.89 28.95 42.94
C LEU D 756 21.79 27.82 41.94
N THR D 757 21.56 28.17 40.68
CA THR D 757 21.37 27.19 39.62
C THR D 757 22.31 27.40 38.44
N GLN D 758 22.58 28.65 38.06
CA GLN D 758 23.44 28.95 36.92
C GLN D 758 24.37 30.09 37.30
N ILE D 759 25.67 29.80 37.38
CA ILE D 759 26.67 30.79 37.73
C ILE D 759 27.74 30.78 36.65
N GLU D 760 28.03 31.96 36.11
CA GLU D 760 29.00 32.13 35.02
C GLU D 760 30.31 32.67 35.58
N LEU D 761 31.42 32.04 35.22
CA LEU D 761 32.71 32.39 35.79
C LEU D 761 33.85 32.47 34.78
N ARG D 762 33.59 32.26 33.49
CA ARG D 762 34.66 32.32 32.51
C ARG D 762 35.18 33.75 32.35
N GLY D 763 36.50 33.88 32.25
CA GLY D 763 37.13 35.15 31.99
C GLY D 763 37.73 35.85 33.19
N ASN D 764 37.66 35.26 34.38
CA ASN D 764 38.22 35.87 35.56
C ASN D 764 39.65 35.39 35.80
N ARG D 765 40.34 36.06 36.72
CA ARG D 765 41.67 35.65 37.14
C ARG D 765 41.59 34.75 38.38
N LEU D 766 40.86 33.65 38.21
CA LEU D 766 40.71 32.65 39.26
C LEU D 766 41.76 31.57 39.11
N GLU D 767 42.21 31.02 40.24
CA GLU D 767 43.19 29.95 40.24
C GLU D 767 42.56 28.61 40.60
N CYS D 768 41.74 28.57 41.64
CA CYS D 768 41.12 27.34 42.10
C CYS D 768 39.67 27.61 42.45
N LEU D 769 38.79 26.66 42.11
CA LEU D 769 37.40 26.78 42.52
C LEU D 769 37.24 26.27 43.95
N PRO D 770 36.45 26.95 44.77
CA PRO D 770 36.24 26.49 46.15
C PRO D 770 35.48 25.18 46.18
N VAL D 771 35.80 24.37 47.19
CA VAL D 771 35.06 23.13 47.41
C VAL D 771 33.63 23.43 47.82
N GLU D 772 33.41 24.58 48.47
CA GLU D 772 32.06 24.97 48.86
C GLU D 772 31.17 25.26 47.66
N LEU D 773 31.74 25.40 46.47
CA LEU D 773 30.94 25.60 45.27
C LEU D 773 30.13 24.36 44.91
N GLY D 774 30.52 23.19 45.42
CA GLY D 774 29.86 21.95 45.08
C GLY D 774 28.77 21.49 46.01
N GLU D 775 28.56 22.19 47.13
CA GLU D 775 27.52 21.83 48.08
C GLU D 775 26.16 22.39 47.71
N CYS D 776 26.07 23.12 46.60
CA CYS D 776 24.79 23.67 46.16
C CYS D 776 23.85 22.55 45.76
N PRO D 777 22.67 22.43 46.36
CA PRO D 777 21.77 21.31 46.03
C PRO D 777 21.35 21.27 44.57
N LEU D 778 21.23 22.41 43.90
CA LEU D 778 20.67 22.47 42.57
C LEU D 778 21.70 22.71 41.47
N LEU D 779 22.91 23.13 41.82
CA LEU D 779 23.89 23.48 40.80
C LEU D 779 24.35 22.23 40.05
N LYS D 780 24.33 22.31 38.72
CA LYS D 780 24.72 21.22 37.85
C LYS D 780 25.90 21.66 36.99
N ARG D 781 26.49 20.69 36.28
CA ARG D 781 27.59 21.01 35.38
C ARG D 781 27.17 21.98 34.29
N SER D 782 25.92 21.88 33.85
CA SER D 782 25.39 22.88 32.92
C SER D 782 25.32 24.25 33.59
N GLY D 783 25.04 24.29 34.89
CA GLY D 783 24.93 25.55 35.60
C GLY D 783 26.24 26.18 36.03
N LEU D 784 27.36 25.47 35.88
CA LEU D 784 28.67 25.99 36.23
C LEU D 784 29.42 26.26 34.93
N VAL D 785 29.23 27.46 34.38
CA VAL D 785 29.90 27.86 33.16
C VAL D 785 31.27 28.41 33.54
N VAL D 786 32.32 27.65 33.24
CA VAL D 786 33.66 27.97 33.70
C VAL D 786 34.65 27.29 32.76
N GLU D 787 35.88 27.79 32.73
CA GLU D 787 36.92 27.15 31.94
C GLU D 787 37.22 25.76 32.50
N GLU D 788 37.61 24.85 31.60
CA GLU D 788 37.89 23.48 32.02
C GLU D 788 39.12 23.41 32.92
N ASP D 789 40.09 24.31 32.74
CA ASP D 789 41.24 24.34 33.63
C ASP D 789 40.82 24.68 35.05
N LEU D 790 39.93 25.66 35.21
CA LEU D 790 39.41 25.97 36.54
C LEU D 790 38.49 24.86 37.04
N PHE D 791 37.68 24.28 36.15
CA PHE D 791 36.79 23.20 36.55
C PHE D 791 37.55 21.97 37.00
N SER D 792 38.80 21.81 36.56
CA SER D 792 39.61 20.68 36.99
C SER D 792 39.95 20.72 38.47
N THR D 793 39.88 21.91 39.09
CA THR D 793 40.29 22.05 40.47
C THR D 793 39.25 21.57 41.47
N LEU D 794 38.03 21.24 41.01
CA LEU D 794 37.02 20.74 41.92
C LEU D 794 37.40 19.34 42.42
N PRO D 795 37.02 18.99 43.65
CA PRO D 795 37.24 17.64 44.13
C PRO D 795 36.48 16.64 43.28
N PRO D 796 37.01 15.41 43.14
CA PRO D 796 36.33 14.42 42.29
C PRO D 796 34.91 14.09 42.72
N GLU D 797 34.62 14.15 44.02
CA GLU D 797 33.23 13.99 44.46
C GLU D 797 32.34 15.07 43.87
N VAL D 798 32.81 16.31 43.91
CA VAL D 798 32.04 17.42 43.34
C VAL D 798 31.86 17.24 41.84
N LYS D 799 32.94 16.83 41.15
CA LYS D 799 32.85 16.61 39.72
C LYS D 799 31.82 15.54 39.38
N GLU D 800 31.88 14.40 40.08
CA GLU D 800 30.95 13.32 39.81
C GLU D 800 29.51 13.74 40.13
N ARG D 801 29.33 14.48 41.23
CA ARG D 801 27.98 14.92 41.57
C ARG D 801 27.43 15.87 40.51
N LEU D 802 28.26 16.79 40.02
CA LEU D 802 27.81 17.71 38.97
C LEU D 802 27.48 16.96 37.70
N TRP D 803 28.30 15.98 37.32
CA TRP D 803 28.02 15.20 36.11
C TRP D 803 26.73 14.41 36.26
N ARG D 804 26.51 13.79 37.42
CA ARG D 804 25.28 13.04 37.64
C ARG D 804 24.06 13.97 37.62
N ALA D 805 24.18 15.15 38.21
CA ALA D 805 23.08 16.11 38.19
C ALA D 805 22.78 16.56 36.76
N ASP D 806 23.83 16.77 35.96
CA ASP D 806 23.63 17.13 34.56
C ASP D 806 22.95 16.01 33.80
N LYS D 807 23.29 14.76 34.13
CA LYS D 807 22.60 13.62 33.51
C LYS D 807 21.14 13.56 33.90
N GLU D 808 20.83 13.83 35.17
CA GLU D 808 19.46 13.79 35.65
C GLU D 808 18.84 15.19 35.71
N PRO E 15 12.63 4.43 -40.34
CA PRO E 15 13.56 4.03 -39.28
C PRO E 15 14.29 5.21 -38.67
N ALA E 16 15.59 5.04 -38.40
CA ALA E 16 16.41 6.10 -37.82
C ALA E 16 17.62 6.44 -38.68
N TYR E 17 17.82 5.76 -39.80
CA TYR E 17 18.97 6.00 -40.66
C TYR E 17 18.86 7.29 -41.46
N ARG E 18 17.72 7.99 -41.38
CA ARG E 18 17.60 9.28 -42.05
C ARG E 18 18.58 10.29 -41.51
N ILE E 19 19.15 10.05 -40.32
CA ILE E 19 20.08 10.99 -39.72
C ILE E 19 21.54 10.72 -40.11
N LEU E 20 21.85 9.51 -40.57
CA LEU E 20 23.20 9.22 -41.03
C LEU E 20 23.42 9.62 -42.48
N LYS E 21 22.41 10.14 -43.14
CA LYS E 21 22.53 10.59 -44.53
C LYS E 21 22.67 12.10 -44.56
N PRO E 22 23.81 12.64 -44.98
CA PRO E 22 23.93 14.09 -45.13
C PRO E 22 23.06 14.60 -46.27
N TRP E 23 23.09 15.91 -46.51
CA TRP E 23 22.32 16.46 -47.63
C TRP E 23 22.85 15.93 -48.95
N TRP E 24 24.16 15.79 -49.09
CA TRP E 24 24.73 15.36 -50.36
C TRP E 24 24.38 13.92 -50.67
N ASP E 25 24.27 13.07 -49.64
CA ASP E 25 23.90 11.68 -49.90
C ASP E 25 22.45 11.57 -50.35
N VAL E 26 21.57 12.40 -49.78
CA VAL E 26 20.19 12.44 -50.24
C VAL E 26 20.13 12.94 -51.68
N PHE E 27 20.91 13.97 -51.99
CA PHE E 27 20.94 14.48 -53.35
C PHE E 27 21.40 13.41 -54.33
N THR E 28 22.47 12.68 -53.98
CA THR E 28 22.95 11.62 -54.86
C THR E 28 21.95 10.48 -54.96
N ASP E 29 21.21 10.18 -53.89
CA ASP E 29 20.18 9.15 -53.98
C ASP E 29 19.12 9.55 -55.01
N TYR E 30 18.65 10.80 -54.95
CA TYR E 30 17.65 11.22 -55.92
C TYR E 30 18.22 11.33 -57.32
N ILE E 31 19.47 11.75 -57.45
CA ILE E 31 20.11 11.82 -58.77
C ILE E 31 20.23 10.43 -59.37
N SER E 32 20.59 9.44 -58.55
CA SER E 32 20.66 8.07 -59.04
C SER E 32 19.29 7.52 -59.39
N ILE E 33 18.25 7.93 -58.66
CA ILE E 33 16.91 7.52 -59.04
C ILE E 33 16.53 8.07 -60.41
N VAL E 34 16.85 9.34 -60.66
CA VAL E 34 16.55 9.94 -61.96
C VAL E 34 17.37 9.27 -63.06
N MET E 35 18.64 9.00 -62.78
CA MET E 35 19.49 8.33 -63.76
C MET E 35 18.98 6.93 -64.08
N LEU E 36 18.53 6.21 -63.06
CA LEU E 36 17.93 4.89 -63.29
C LEU E 36 16.65 5.00 -64.09
N MET E 37 15.87 6.06 -63.85
CA MET E 37 14.66 6.29 -64.63
C MET E 37 14.98 6.48 -66.11
N ILE E 38 15.99 7.31 -66.42
CA ILE E 38 16.30 7.52 -67.82
C ILE E 38 16.97 6.29 -68.41
N ALA E 39 17.65 5.49 -67.59
CA ALA E 39 18.18 4.21 -68.06
C ALA E 39 17.05 3.28 -68.48
N VAL E 40 16.00 3.20 -67.67
CA VAL E 40 14.88 2.33 -67.98
C VAL E 40 14.13 2.84 -69.21
N PHE E 41 13.95 4.15 -69.32
CA PHE E 41 13.27 4.71 -70.48
C PHE E 41 14.05 4.45 -71.76
N GLY E 42 15.35 4.74 -71.75
CA GLY E 42 16.17 4.45 -72.91
C GLY E 42 16.23 2.97 -73.21
N GLY E 43 16.24 2.13 -72.18
CA GLY E 43 16.30 0.70 -72.39
C GLY E 43 15.04 0.15 -73.03
N THR E 44 13.87 0.61 -72.59
CA THR E 44 12.65 0.14 -73.22
C THR E 44 12.51 0.69 -74.64
N LEU E 45 12.97 1.91 -74.90
CA LEU E 45 12.97 2.41 -76.27
C LEU E 45 13.91 1.61 -77.16
N GLN E 46 15.10 1.28 -76.65
CA GLN E 46 16.06 0.54 -77.46
C GLN E 46 15.64 -0.91 -77.64
N VAL E 47 14.92 -1.49 -76.67
CA VAL E 47 14.40 -2.83 -76.87
C VAL E 47 13.26 -2.82 -77.87
N THR E 48 12.40 -1.81 -77.80
CA THR E 48 11.13 -1.91 -78.51
C THR E 48 11.14 -1.26 -79.89
N GLN E 49 11.94 -0.22 -80.14
CA GLN E 49 12.02 0.30 -81.50
C GLN E 49 13.30 -0.09 -82.23
N ASP E 50 14.44 0.42 -81.75
CA ASP E 50 15.79 0.12 -82.27
C ASP E 50 15.86 -0.17 -83.76
N LYS E 51 15.39 0.74 -84.60
CA LYS E 51 15.32 0.51 -86.03
C LYS E 51 16.38 1.34 -86.76
N MET E 52 16.85 0.80 -87.87
CA MET E 52 17.47 1.58 -88.92
C MET E 52 16.65 1.39 -90.18
N ILE E 53 16.42 2.47 -90.90
CA ILE E 53 15.67 2.44 -92.14
C ILE E 53 16.65 2.76 -93.26
N CYS E 54 17.05 1.75 -94.01
CA CYS E 54 18.18 1.83 -94.92
C CYS E 54 17.71 1.72 -96.36
N LEU E 55 18.13 2.69 -97.19
CA LEU E 55 17.85 2.70 -98.61
C LEU E 55 19.16 2.70 -99.40
N PRO E 56 19.28 1.84 -100.41
CA PRO E 56 20.53 1.78 -101.17
C PRO E 56 20.77 3.04 -101.98
N CYS E 57 22.04 3.29 -102.26
CA CYS E 57 22.47 4.42 -103.07
C CYS E 57 22.92 3.88 -104.43
N LYS E 58 22.25 4.34 -105.49
CA LYS E 58 22.58 3.84 -106.82
C LYS E 58 23.87 4.43 -107.37
N TRP E 59 24.20 5.66 -106.97
CA TRP E 59 25.44 6.31 -107.40
C TRP E 59 26.34 6.48 -106.18
N VAL E 60 27.53 5.87 -106.25
CA VAL E 60 28.45 5.80 -105.12
C VAL E 60 29.75 6.50 -105.50
N THR E 61 30.21 7.40 -104.63
CA THR E 61 31.47 8.12 -104.84
C THR E 61 32.32 7.95 -103.59
N LYS E 62 33.43 7.23 -103.74
CA LYS E 62 34.39 6.98 -102.65
C LYS E 62 33.70 6.33 -101.45
N ASP E 63 32.96 5.26 -101.72
CA ASP E 63 32.19 4.54 -100.71
C ASP E 63 31.24 5.49 -99.97
N SER E 64 30.58 6.35 -100.72
CA SER E 64 29.62 7.29 -100.15
C SER E 64 28.60 7.65 -101.23
N CYS E 65 27.42 8.05 -100.77
CA CYS E 65 26.31 8.35 -101.67
C CYS E 65 26.55 9.69 -102.37
N ASN E 66 26.36 9.71 -103.69
CA ASN E 66 26.69 10.88 -104.50
C ASN E 66 25.63 11.96 -104.44
N ASP E 67 24.42 11.64 -103.98
CA ASP E 67 23.32 12.61 -103.87
C ASP E 67 22.99 13.22 -105.24
N SER E 68 22.99 12.40 -106.28
CA SER E 68 22.60 12.86 -107.60
C SER E 68 21.73 11.81 -108.30
N THR E 92 5.65 13.38 -117.52
CA THR E 92 7.04 13.84 -117.56
C THR E 92 7.47 14.39 -116.20
N GLY E 93 6.63 14.18 -115.19
CA GLY E 93 6.94 14.63 -113.85
C GLY E 93 7.87 13.68 -113.14
N PRO E 94 8.04 13.86 -111.83
CA PRO E 94 8.89 12.94 -111.08
C PRO E 94 8.26 11.56 -110.97
N THR E 95 9.13 10.56 -110.84
CA THR E 95 8.72 9.19 -110.58
C THR E 95 9.62 8.62 -109.51
N GLY E 96 9.11 7.60 -108.83
CA GLY E 96 9.88 6.97 -107.77
C GLY E 96 11.05 6.18 -108.32
N ILE E 97 12.05 5.97 -107.47
CA ILE E 97 13.22 5.20 -107.83
C ILE E 97 12.99 3.75 -107.43
N LYS E 98 13.16 2.84 -108.37
CA LYS E 98 12.92 1.42 -108.15
C LYS E 98 14.23 0.74 -107.81
N TYR E 99 14.28 0.08 -106.66
CA TYR E 99 15.47 -0.62 -106.20
C TYR E 99 15.38 -2.12 -106.38
N ASP E 100 14.19 -2.65 -106.67
CA ASP E 100 13.98 -4.09 -106.87
C ASP E 100 14.47 -4.90 -105.67
N LEU E 101 14.14 -4.43 -104.47
CA LEU E 101 14.47 -5.12 -103.25
C LEU E 101 13.20 -5.58 -102.55
N ASP E 102 13.24 -6.77 -101.97
CA ASP E 102 12.13 -7.29 -101.19
C ASP E 102 12.06 -6.57 -99.86
N ARG E 103 10.91 -6.72 -99.19
CA ARG E 103 10.83 -6.30 -97.80
C ARG E 103 11.82 -7.05 -96.94
N HIS E 104 12.07 -8.31 -97.23
CA HIS E 104 13.04 -9.07 -96.46
C HIS E 104 14.46 -8.68 -96.79
N GLN E 105 14.76 -8.35 -98.04
CA GLN E 105 16.08 -7.82 -98.35
C GLN E 105 16.34 -6.51 -97.61
N TYR E 106 15.31 -5.66 -97.53
CA TYR E 106 15.42 -4.45 -96.73
C TYR E 106 15.63 -4.75 -95.26
N ASN E 107 14.89 -5.72 -94.71
CA ASN E 107 15.07 -6.08 -93.31
C ASN E 107 16.48 -6.60 -93.07
N TYR E 108 17.01 -7.41 -93.99
CA TYR E 108 18.35 -7.94 -93.84
C TYR E 108 19.39 -6.83 -93.87
N VAL E 109 19.27 -5.91 -94.82
CA VAL E 109 20.27 -4.85 -94.91
C VAL E 109 20.16 -3.91 -93.72
N ASP E 110 18.95 -3.63 -93.26
CA ASP E 110 18.79 -2.81 -92.06
C ASP E 110 19.40 -3.49 -90.85
N ALA E 111 19.22 -4.81 -90.73
CA ALA E 111 19.83 -5.55 -89.62
C ALA E 111 21.35 -5.49 -89.68
N VAL E 112 21.91 -5.73 -90.86
CA VAL E 112 23.36 -5.73 -91.02
C VAL E 112 23.93 -4.35 -90.74
N CYS E 113 23.28 -3.31 -91.26
CA CYS E 113 23.77 -1.96 -91.07
C CYS E 113 23.57 -1.49 -89.63
N TYR E 114 22.55 -1.98 -88.94
CA TYR E 114 22.41 -1.73 -87.51
C TYR E 114 23.56 -2.39 -86.75
N GLU E 115 23.91 -3.61 -87.13
CA GLU E 115 24.94 -4.34 -86.40
C GLU E 115 26.32 -3.73 -86.60
N ASN E 116 26.67 -3.45 -87.85
CA ASN E 116 28.05 -3.11 -88.18
C ASN E 116 28.35 -1.62 -88.09
N ARG E 117 27.55 -0.79 -88.76
CA ARG E 117 27.92 0.61 -88.90
C ARG E 117 27.28 1.53 -87.87
N LEU E 118 26.25 1.10 -87.16
CA LEU E 118 25.74 1.92 -86.08
C LEU E 118 26.71 1.88 -84.91
N HIS E 119 27.01 3.04 -84.34
CA HIS E 119 28.04 3.13 -83.32
C HIS E 119 27.58 2.46 -82.04
N TRP E 120 28.51 1.81 -81.35
CA TRP E 120 28.15 1.02 -80.17
C TRP E 120 27.56 1.89 -79.08
N PHE E 121 27.93 3.17 -79.02
CA PHE E 121 27.35 4.05 -78.01
C PHE E 121 25.87 4.27 -78.28
N ALA E 122 25.51 4.56 -79.53
CA ALA E 122 24.11 4.75 -79.88
C ALA E 122 23.28 3.50 -79.63
N LYS E 123 23.90 2.33 -79.68
CA LYS E 123 23.18 1.09 -79.43
C LYS E 123 23.03 0.80 -77.94
N TYR E 124 24.12 0.95 -77.19
CA TYR E 124 24.20 0.44 -75.83
C TYR E 124 24.25 1.54 -74.78
N PHE E 125 23.82 2.75 -75.12
CA PHE E 125 23.80 3.83 -74.14
C PHE E 125 22.92 3.53 -72.93
N PRO E 126 21.67 3.11 -73.06
CA PRO E 126 20.85 2.85 -71.86
C PRO E 126 21.42 1.77 -70.96
N TYR E 127 22.03 0.72 -71.52
CA TYR E 127 22.60 -0.33 -70.68
C TYR E 127 23.82 0.18 -69.93
N LEU E 128 24.62 1.04 -70.57
CA LEU E 128 25.74 1.67 -69.87
C LEU E 128 25.25 2.56 -68.74
N VAL E 129 24.17 3.31 -68.98
CA VAL E 129 23.61 4.14 -67.93
C VAL E 129 23.14 3.28 -66.77
N LEU E 130 22.45 2.18 -67.06
CA LEU E 130 22.01 1.29 -66.00
C LEU E 130 23.18 0.74 -65.20
N LEU E 131 24.23 0.31 -65.89
CA LEU E 131 25.40 -0.23 -65.20
C LEU E 131 26.03 0.82 -64.29
N HIS E 132 26.17 2.05 -64.79
CA HIS E 132 26.80 3.10 -63.99
C HIS E 132 25.95 3.46 -62.79
N THR E 133 24.63 3.54 -62.94
CA THR E 133 23.80 3.86 -61.78
C THR E 133 23.80 2.72 -60.77
N LEU E 134 23.83 1.47 -61.25
CA LEU E 134 23.91 0.36 -60.32
C LEU E 134 25.20 0.39 -59.52
N ILE E 135 26.33 0.67 -60.17
CA ILE E 135 27.57 0.68 -59.41
C ILE E 135 27.66 1.94 -58.54
N PHE E 136 27.00 3.03 -58.94
CA PHE E 136 26.91 4.20 -58.05
C PHE E 136 26.13 3.87 -56.78
N LEU E 137 25.00 3.18 -56.93
CA LEU E 137 24.23 2.79 -55.75
C LEU E 137 24.96 1.76 -54.91
N ALA E 138 25.74 0.88 -55.55
CA ALA E 138 26.60 -0.03 -54.82
C ALA E 138 27.60 0.73 -53.97
N CYS E 139 28.25 1.74 -54.56
CA CYS E 139 29.18 2.57 -53.80
C CYS E 139 28.47 3.28 -52.66
N SER E 140 27.26 3.77 -52.89
CA SER E 140 26.55 4.50 -51.85
C SER E 140 26.20 3.59 -50.67
N ASN E 141 25.68 2.39 -50.92
CA ASN E 141 25.17 1.56 -49.84
C ASN E 141 26.10 0.42 -49.45
N PHE E 142 27.34 0.42 -49.93
CA PHE E 142 28.28 -0.64 -49.56
C PHE E 142 28.49 -0.68 -48.05
N TRP E 143 28.63 0.48 -47.41
CA TRP E 143 28.87 0.49 -45.97
C TRP E 143 27.59 0.18 -45.19
N PHE E 144 26.42 0.45 -45.76
CA PHE E 144 25.17 0.08 -45.11
C PHE E 144 24.89 -1.41 -45.22
N LYS E 145 25.48 -2.09 -46.20
CA LYS E 145 25.31 -3.52 -46.34
C LYS E 145 26.48 -4.34 -45.79
N PHE E 146 27.66 -3.76 -45.71
CA PHE E 146 28.80 -4.44 -45.13
C PHE E 146 28.53 -4.67 -43.65
N PRO E 147 28.36 -5.91 -43.20
CA PRO E 147 27.96 -6.13 -41.80
C PRO E 147 28.94 -5.58 -40.78
N ARG E 148 30.24 -5.60 -41.11
CA ARG E 148 31.26 -5.14 -40.17
C ARG E 148 31.03 -3.70 -39.77
N THR E 149 30.73 -2.83 -40.74
CA THR E 149 30.43 -1.45 -40.45
C THR E 149 28.95 -1.19 -40.22
N SER E 150 28.07 -2.05 -40.74
CA SER E 150 26.65 -1.90 -40.45
C SER E 150 26.37 -2.07 -38.97
N SER E 151 27.03 -3.04 -38.32
CA SER E 151 26.87 -3.22 -36.88
C SER E 151 27.31 -1.97 -36.12
N LYS E 152 28.47 -1.42 -36.48
CA LYS E 152 28.95 -0.22 -35.80
C LYS E 152 27.99 0.95 -35.98
N LEU E 153 27.51 1.14 -37.21
CA LEU E 153 26.59 2.26 -37.46
C LEU E 153 25.30 2.08 -36.69
N GLU E 154 24.74 0.87 -36.65
CA GLU E 154 23.48 0.69 -35.94
C GLU E 154 23.66 0.83 -34.44
N HIS E 155 24.79 0.35 -33.91
CA HIS E 155 25.09 0.56 -32.50
C HIS E 155 25.21 2.04 -32.17
N PHE E 156 25.92 2.78 -33.02
CA PHE E 156 26.10 4.21 -32.80
C PHE E 156 24.76 4.93 -32.83
N VAL E 157 23.91 4.63 -33.82
CA VAL E 157 22.63 5.34 -33.90
C VAL E 157 21.72 4.95 -32.74
N SER E 158 21.78 3.70 -32.29
CA SER E 158 20.98 3.29 -31.14
C SER E 158 21.41 4.04 -29.88
N ILE E 159 22.72 4.11 -29.64
CA ILE E 159 23.21 4.79 -28.45
C ILE E 159 22.89 6.27 -28.52
N LEU E 160 23.08 6.88 -29.69
CA LEU E 160 22.77 8.30 -29.84
C LEU E 160 21.29 8.57 -29.64
N LEU E 161 20.43 7.65 -30.09
CA LEU E 161 19.00 7.81 -29.90
C LEU E 161 18.63 7.73 -28.42
N LYS E 162 19.20 6.75 -27.70
CA LYS E 162 18.85 6.62 -26.29
C LYS E 162 19.44 7.76 -25.46
N CYS E 163 20.55 8.35 -25.91
CA CYS E 163 21.09 9.52 -25.23
C CYS E 163 20.28 10.78 -25.53
N PHE E 164 19.82 10.94 -26.77
CA PHE E 164 19.09 12.14 -27.15
C PHE E 164 17.77 12.25 -26.41
N ASP E 165 17.08 11.13 -26.21
CA ASP E 165 15.80 11.10 -25.51
C ASP E 165 15.96 10.85 -24.01
N SER E 166 17.19 10.78 -23.52
CA SER E 166 17.42 10.49 -22.11
C SER E 166 16.87 11.63 -21.26
N PRO E 167 16.10 11.34 -20.21
CA PRO E 167 15.59 12.41 -19.34
C PRO E 167 16.68 13.19 -18.63
N TRP E 168 17.83 12.57 -18.36
CA TRP E 168 18.89 13.30 -17.66
C TRP E 168 19.59 14.31 -18.57
N THR E 169 19.58 14.10 -19.88
CA THR E 169 20.25 15.02 -20.80
C THR E 169 19.62 16.40 -20.74
N THR E 170 18.29 16.47 -20.89
CA THR E 170 17.61 17.76 -20.88
C THR E 170 17.78 18.43 -19.53
N ARG E 171 17.74 17.66 -18.44
CA ARG E 171 17.92 18.25 -17.12
C ARG E 171 19.32 18.83 -16.96
N ALA E 172 20.35 18.07 -17.34
CA ALA E 172 21.72 18.55 -17.17
C ALA E 172 22.00 19.74 -18.07
N LEU E 173 21.40 19.79 -19.27
CA LEU E 173 21.62 20.94 -20.13
C LEU E 173 20.81 22.15 -19.69
N SER E 174 19.62 21.94 -19.09
CA SER E 174 18.83 23.05 -18.58
C SER E 174 19.49 23.68 -17.37
N GLU E 175 19.99 22.86 -16.44
CA GLU E 175 20.70 23.40 -15.29
C GLU E 175 21.96 24.14 -15.72
N THR E 176 22.70 23.57 -16.67
CA THR E 176 23.90 24.20 -17.25
C THR E 176 24.90 24.60 -16.18
N GLY E 230 15.49 19.90 -6.66
CA GLY E 230 15.97 18.99 -7.68
C GLY E 230 16.04 17.54 -7.22
N VAL E 231 14.99 16.79 -7.50
CA VAL E 231 14.91 15.38 -7.14
C VAL E 231 14.49 14.59 -8.37
N LEU E 232 15.14 13.45 -8.60
CA LEU E 232 14.85 12.58 -9.72
C LEU E 232 14.55 11.17 -9.22
N ASP E 233 14.04 10.33 -10.12
CA ASP E 233 13.81 8.94 -9.79
C ASP E 233 15.13 8.23 -9.53
N LYS E 234 15.11 7.29 -8.59
CA LYS E 234 16.27 6.43 -8.39
C LYS E 234 16.50 5.54 -9.61
N LYS E 235 15.41 5.00 -10.17
CA LYS E 235 15.54 4.11 -11.31
C LYS E 235 16.07 4.85 -12.53
N GLU E 236 15.65 6.10 -12.74
CA GLU E 236 16.20 6.87 -13.85
C GLU E 236 17.69 7.16 -13.64
N GLY E 237 18.12 7.33 -12.38
CA GLY E 237 19.53 7.47 -12.11
C GLY E 237 20.31 6.20 -12.42
N GLU E 238 19.72 5.04 -12.09
CA GLU E 238 20.34 3.78 -12.48
C GLU E 238 20.41 3.65 -14.00
N GLN E 239 19.36 4.10 -14.69
CA GLN E 239 19.38 4.12 -16.15
C GLN E 239 20.52 4.98 -16.67
N ALA E 240 20.70 6.17 -16.09
CA ALA E 240 21.76 7.05 -16.54
C ALA E 240 23.14 6.48 -16.24
N LYS E 241 23.30 5.81 -15.10
CA LYS E 241 24.59 5.20 -14.79
C LYS E 241 24.90 4.04 -15.75
N ALA E 242 23.89 3.22 -16.04
CA ALA E 242 24.07 2.17 -17.04
C ALA E 242 24.39 2.78 -18.40
N LEU E 243 23.78 3.92 -18.72
CA LEU E 243 24.06 4.59 -19.98
C LEU E 243 25.49 5.12 -20.03
N PHE E 244 25.99 5.63 -18.91
CA PHE E 244 27.38 6.05 -18.85
C PHE E 244 28.32 4.86 -19.07
N GLU E 245 28.00 3.72 -18.44
CA GLU E 245 28.82 2.53 -18.66
C GLU E 245 28.75 2.08 -20.12
N LYS E 246 27.55 2.14 -20.72
CA LYS E 246 27.39 1.76 -22.12
C LYS E 246 28.20 2.66 -23.03
N VAL E 247 28.19 3.96 -22.76
CA VAL E 247 28.96 4.89 -23.60
C VAL E 247 30.45 4.67 -23.40
N LYS E 248 30.87 4.29 -22.18
CA LYS E 248 32.27 3.92 -21.98
C LYS E 248 32.65 2.72 -22.84
N LYS E 249 31.80 1.68 -22.82
CA LYS E 249 32.05 0.51 -23.64
C LYS E 249 32.09 0.86 -25.12
N PHE E 250 31.14 1.71 -25.55
CA PHE E 250 31.08 2.10 -26.94
C PHE E 250 32.34 2.86 -27.36
N ARG E 251 32.80 3.79 -26.53
CA ARG E 251 34.01 4.53 -26.86
C ARG E 251 35.21 3.60 -26.91
N THR E 252 35.28 2.63 -26.00
CA THR E 252 36.39 1.69 -26.01
C THR E 252 36.37 0.83 -27.27
N HIS E 253 35.18 0.39 -27.68
CA HIS E 253 35.07 -0.53 -28.82
C HIS E 253 35.29 0.20 -30.15
N VAL E 254 34.74 1.41 -30.29
CA VAL E 254 34.70 2.07 -31.58
C VAL E 254 35.98 2.83 -31.87
N GLU E 255 36.63 3.38 -30.84
CA GLU E 255 37.81 4.23 -31.07
C GLU E 255 38.95 3.47 -31.73
N GLU E 256 38.92 2.14 -31.72
CA GLU E 256 39.93 1.35 -32.43
C GLU E 256 39.48 0.97 -33.84
N GLY E 257 38.29 1.38 -34.26
CA GLY E 257 37.72 0.92 -35.51
C GLY E 257 38.51 1.24 -36.76
N ASP E 258 38.57 2.52 -37.13
CA ASP E 258 39.23 2.97 -38.35
C ASP E 258 38.68 2.26 -39.59
N ILE E 259 37.42 1.85 -39.56
CA ILE E 259 36.83 1.07 -40.64
C ILE E 259 35.69 1.81 -41.33
N VAL E 260 34.82 2.46 -40.57
CA VAL E 260 33.75 3.23 -41.19
C VAL E 260 34.33 4.42 -41.97
N TYR E 261 35.31 5.09 -41.39
CA TYR E 261 35.96 6.20 -42.09
C TYR E 261 36.64 5.74 -43.36
N ARG E 262 37.37 4.61 -43.30
CA ARG E 262 38.03 4.11 -44.50
C ARG E 262 37.03 3.67 -45.55
N LEU E 263 35.93 3.04 -45.13
CA LEU E 263 34.90 2.63 -46.09
C LEU E 263 34.31 3.85 -46.79
N TYR E 264 33.98 4.89 -46.03
CA TYR E 264 33.43 6.10 -46.65
C TYR E 264 34.43 6.75 -47.58
N MET E 265 35.70 6.80 -47.17
CA MET E 265 36.73 7.40 -48.01
C MET E 265 36.86 6.64 -49.33
N ARG E 266 36.87 5.30 -49.26
CA ARG E 266 37.03 4.52 -50.48
C ARG E 266 35.79 4.60 -51.36
N GLN E 267 34.60 4.62 -50.76
CA GLN E 267 33.38 4.82 -51.54
C GLN E 267 33.43 6.13 -52.30
N THR E 268 33.82 7.21 -51.64
CA THR E 268 33.84 8.51 -52.30
C THR E 268 34.94 8.59 -53.35
N ILE E 269 36.09 7.97 -53.09
CA ILE E 269 37.15 7.96 -54.10
C ILE E 269 36.70 7.20 -55.34
N ILE E 270 36.07 6.04 -55.15
CA ILE E 270 35.56 5.27 -56.28
C ILE E 270 34.51 6.07 -57.04
N LYS E 271 33.59 6.72 -56.32
CA LYS E 271 32.61 7.55 -56.97
C LYS E 271 33.25 8.62 -57.82
N VAL E 272 34.28 9.30 -57.30
CA VAL E 272 34.90 10.40 -58.03
C VAL E 272 35.61 9.89 -59.28
N ILE E 273 36.38 8.80 -59.14
CA ILE E 273 37.10 8.30 -60.31
C ILE E 273 36.13 7.79 -61.36
N LYS E 274 35.03 7.16 -60.94
CA LYS E 274 34.06 6.65 -61.89
C LYS E 274 33.31 7.78 -62.57
N PHE E 275 32.97 8.84 -61.83
CA PHE E 275 32.37 10.00 -62.46
C PHE E 275 33.31 10.61 -63.49
N ALA E 276 34.59 10.71 -63.16
CA ALA E 276 35.54 11.25 -64.13
C ALA E 276 35.58 10.40 -65.38
N LEU E 277 35.64 9.08 -65.23
CA LEU E 277 35.72 8.20 -66.38
C LEU E 277 34.46 8.27 -67.24
N ILE E 278 33.29 8.24 -66.62
CA ILE E 278 32.06 8.23 -67.41
C ILE E 278 31.85 9.58 -68.08
N ILE E 279 32.19 10.68 -67.42
CA ILE E 279 32.12 11.97 -68.08
C ILE E 279 33.05 12.00 -69.28
N CYS E 280 34.27 11.51 -69.11
CA CYS E 280 35.23 11.54 -70.20
C CYS E 280 34.72 10.78 -71.41
N TYR E 281 34.33 9.51 -71.22
CA TYR E 281 33.98 8.71 -72.39
C TYR E 281 32.64 9.13 -72.98
N THR E 282 31.68 9.51 -72.13
CA THR E 282 30.38 9.93 -72.64
C THR E 282 30.50 11.23 -73.44
N VAL E 283 31.28 12.20 -72.95
CA VAL E 283 31.48 13.42 -73.70
C VAL E 283 32.22 13.15 -75.00
N TYR E 284 33.17 12.21 -74.97
CA TYR E 284 33.90 11.92 -76.20
C TYR E 284 33.03 11.23 -77.24
N TYR E 285 32.07 10.40 -76.82
CA TYR E 285 31.34 9.57 -77.77
C TYR E 285 29.90 10.01 -78.03
N VAL E 286 29.39 11.04 -77.36
CA VAL E 286 27.99 11.41 -77.59
C VAL E 286 27.76 11.98 -78.97
N HIS E 287 28.81 12.38 -79.69
CA HIS E 287 28.62 12.95 -81.01
C HIS E 287 28.31 11.89 -82.07
N ASN E 288 28.47 10.61 -81.75
CA ASN E 288 28.20 9.53 -82.70
C ASN E 288 26.73 9.16 -82.77
N ILE E 289 25.87 9.80 -81.98
CA ILE E 289 24.44 9.51 -82.02
C ILE E 289 23.86 10.44 -83.08
N LYS E 290 23.97 10.02 -84.33
CA LYS E 290 23.51 10.79 -85.48
C LYS E 290 22.25 10.14 -86.04
N PHE E 291 21.37 10.97 -86.59
CA PHE E 291 20.16 10.46 -87.21
C PHE E 291 20.46 9.76 -88.53
N ASP E 292 21.28 10.37 -89.37
CA ASP E 292 21.58 9.82 -90.68
C ASP E 292 22.95 9.16 -90.67
N VAL E 293 22.99 7.89 -91.09
CA VAL E 293 24.17 7.06 -91.04
C VAL E 293 24.46 6.56 -92.45
N ASP E 294 25.73 6.28 -92.71
CA ASP E 294 26.16 5.68 -93.97
C ASP E 294 26.81 4.34 -93.66
N CYS E 295 26.37 3.28 -94.35
CA CYS E 295 27.02 2.00 -94.24
C CYS E 295 27.44 1.48 -95.61
N THR E 296 28.64 0.94 -95.66
CA THR E 296 29.14 0.17 -96.79
C THR E 296 29.47 -1.20 -96.20
N VAL E 297 28.45 -2.08 -96.16
CA VAL E 297 28.56 -3.30 -95.37
C VAL E 297 29.03 -4.50 -96.18
N ASP E 298 29.23 -4.35 -97.49
CA ASP E 298 29.70 -5.43 -98.34
C ASP E 298 28.74 -6.63 -98.29
N ILE E 299 27.51 -6.37 -98.69
CA ILE E 299 26.55 -7.44 -98.99
C ILE E 299 26.02 -7.12 -100.39
N GLU E 300 26.71 -7.60 -101.41
CA GLU E 300 26.28 -7.37 -102.78
C GLU E 300 25.76 -8.63 -103.44
N SER E 301 26.27 -9.79 -103.02
CA SER E 301 25.71 -11.05 -103.49
C SER E 301 24.31 -11.30 -102.97
N LEU E 302 23.87 -10.54 -101.96
CA LEU E 302 22.54 -10.72 -101.38
C LEU E 302 21.59 -9.57 -101.66
N THR E 303 22.08 -8.39 -102.01
CA THR E 303 21.19 -7.28 -102.31
C THR E 303 21.46 -6.69 -103.68
N GLY E 304 22.70 -6.77 -104.15
CA GLY E 304 23.07 -6.15 -105.41
C GLY E 304 23.55 -4.73 -105.29
N TYR E 305 23.59 -4.17 -104.08
CA TYR E 305 24.03 -2.81 -103.85
C TYR E 305 25.23 -2.79 -102.93
N ARG E 306 26.03 -1.73 -103.04
CA ARG E 306 27.28 -1.61 -102.28
C ARG E 306 27.11 -0.83 -101.00
N THR E 307 26.54 0.37 -101.08
CA THR E 307 26.41 1.25 -99.93
C THR E 307 24.94 1.62 -99.74
N TYR E 308 24.62 2.02 -98.51
CA TYR E 308 23.26 2.36 -98.14
C TYR E 308 23.28 3.61 -97.29
N ARG E 309 22.19 4.38 -97.36
CA ARG E 309 22.00 5.53 -96.49
C ARG E 309 20.84 5.23 -95.55
N CYS E 310 21.09 5.39 -94.26
CA CYS E 310 20.17 4.91 -93.25
C CYS E 310 19.74 6.04 -92.33
N ALA E 311 18.52 5.90 -91.81
CA ALA E 311 17.97 6.78 -90.80
C ALA E 311 17.89 6.03 -89.48
N HIS E 312 18.38 6.65 -88.41
CA HIS E 312 18.23 6.11 -87.06
C HIS E 312 17.22 6.97 -86.33
N PRO E 313 15.93 6.66 -86.39
CA PRO E 313 14.92 7.58 -85.86
C PRO E 313 15.02 7.83 -84.37
N LEU E 314 15.64 6.92 -83.61
CA LEU E 314 15.80 7.13 -82.18
C LEU E 314 17.05 7.91 -81.83
N ALA E 315 17.80 8.41 -82.81
CA ALA E 315 19.06 9.06 -82.51
C ALA E 315 18.87 10.38 -81.79
N THR E 316 17.82 11.14 -82.15
CA THR E 316 17.66 12.45 -81.53
C THR E 316 17.17 12.35 -80.10
N LEU E 317 16.21 11.46 -79.84
CA LEU E 317 15.78 11.23 -78.47
C LEU E 317 16.93 10.68 -77.63
N PHE E 318 17.73 9.78 -78.20
CA PHE E 318 18.86 9.25 -77.46
C PHE E 318 19.91 10.31 -77.20
N LYS E 319 20.09 11.26 -78.12
CA LYS E 319 21.03 12.36 -77.85
C LYS E 319 20.50 13.27 -76.76
N ILE E 320 19.19 13.52 -76.75
CA ILE E 320 18.58 14.28 -75.66
C ILE E 320 18.82 13.58 -74.33
N LEU E 321 18.58 12.28 -74.27
CA LEU E 321 18.75 11.53 -73.04
C LEU E 321 20.22 11.49 -72.63
N ALA E 322 21.13 11.38 -73.60
CA ALA E 322 22.55 11.34 -73.27
C ALA E 322 23.03 12.68 -72.73
N SER E 323 22.54 13.79 -73.28
CA SER E 323 22.91 15.09 -72.71
C SER E 323 22.31 15.27 -71.32
N PHE E 324 21.06 14.83 -71.13
CA PHE E 324 20.48 14.82 -69.80
C PHE E 324 21.33 14.01 -68.83
N TYR E 325 21.87 12.89 -69.30
CA TYR E 325 22.67 12.04 -68.45
C TYR E 325 24.03 12.67 -68.13
N ILE E 326 24.63 13.35 -69.11
CA ILE E 326 25.89 14.03 -68.78
C ILE E 326 25.64 15.14 -67.79
N SER E 327 24.49 15.82 -67.86
CA SER E 327 24.18 16.84 -66.86
C SER E 327 24.01 16.22 -65.47
N LEU E 328 23.28 15.10 -65.39
CA LEU E 328 23.09 14.44 -64.11
C LEU E 328 24.42 13.94 -63.54
N VAL E 329 25.27 13.38 -64.40
CA VAL E 329 26.57 12.91 -63.95
C VAL E 329 27.44 14.08 -63.51
N ILE E 330 27.32 15.23 -64.17
CA ILE E 330 28.05 16.42 -63.73
C ILE E 330 27.61 16.82 -62.32
N PHE E 331 26.30 16.85 -62.07
CA PHE E 331 25.83 17.18 -60.73
C PHE E 331 26.31 16.17 -59.70
N TYR E 332 26.22 14.88 -60.02
CA TYR E 332 26.68 13.83 -59.12
C TYR E 332 28.16 13.96 -58.82
N GLY E 333 28.97 14.25 -59.84
CA GLY E 333 30.39 14.39 -59.64
C GLY E 333 30.76 15.62 -58.85
N LEU E 334 30.04 16.73 -59.07
CA LEU E 334 30.28 17.92 -58.26
C LEU E 334 29.98 17.64 -56.80
N ILE E 335 28.87 16.96 -56.53
CA ILE E 335 28.52 16.64 -55.14
C ILE E 335 29.57 15.71 -54.53
N CYS E 336 30.01 14.71 -55.29
CA CYS E 336 31.00 13.78 -54.75
C CYS E 336 32.36 14.42 -54.56
N MET E 337 32.73 15.36 -55.43
CA MET E 337 33.98 16.10 -55.22
C MET E 337 33.88 17.00 -54.00
N TYR E 338 32.71 17.60 -53.77
CA TYR E 338 32.52 18.36 -52.54
C TYR E 338 32.65 17.47 -51.32
N THR E 339 32.06 16.28 -51.36
CA THR E 339 32.18 15.35 -50.23
C THR E 339 33.63 14.94 -50.02
N LEU E 340 34.36 14.66 -51.11
CA LEU E 340 35.75 14.29 -50.99
C LEU E 340 36.58 15.42 -50.39
N TRP E 341 36.30 16.66 -50.80
CA TRP E 341 37.03 17.80 -50.23
C TRP E 341 36.69 17.99 -48.76
N TRP E 342 35.41 17.82 -48.40
CA TRP E 342 35.02 17.89 -47.00
C TRP E 342 35.79 16.88 -46.17
N MET E 343 35.87 15.64 -46.67
CA MET E 343 36.56 14.59 -45.95
C MET E 343 38.06 14.87 -45.85
N LEU E 344 38.66 15.37 -46.93
CA LEU E 344 40.09 15.63 -46.91
C LEU E 344 40.43 16.92 -46.18
N ARG E 345 39.43 17.78 -45.92
CA ARG E 345 39.67 19.06 -45.29
C ARG E 345 39.51 18.97 -43.77
N ARG E 346 38.40 18.39 -43.30
CA ARG E 346 38.13 18.42 -41.87
C ARG E 346 39.13 17.58 -41.08
N SER E 347 39.68 16.53 -41.69
CA SER E 347 40.53 15.55 -40.99
C SER E 347 39.74 14.92 -39.83
N LEU E 348 38.70 14.20 -40.21
CA LEU E 348 37.67 13.74 -39.30
C LEU E 348 38.06 12.51 -38.49
N LYS E 349 39.34 12.15 -38.46
CA LYS E 349 39.78 11.15 -37.49
C LYS E 349 39.83 11.70 -36.08
N LYS E 350 39.67 13.01 -35.92
CA LYS E 350 39.73 13.67 -34.62
C LYS E 350 38.61 14.68 -34.52
N TYR E 351 37.88 14.64 -33.42
CA TYR E 351 36.73 15.53 -33.18
C TYR E 351 37.03 16.37 -31.96
N SER E 352 37.00 17.70 -32.12
CA SER E 352 37.45 18.59 -31.05
C SER E 352 36.50 18.56 -29.86
N PHE E 353 35.20 18.68 -30.10
CA PHE E 353 34.19 18.61 -29.06
C PHE E 353 34.31 19.74 -28.04
N GLU E 354 35.27 20.64 -28.24
CA GLU E 354 35.57 21.64 -27.22
C GLU E 354 34.57 22.79 -27.17
N SER E 355 33.81 23.00 -28.24
CA SER E 355 32.86 24.11 -28.25
C SER E 355 31.78 23.93 -27.18
N ILE E 356 31.15 22.76 -27.15
CA ILE E 356 30.11 22.52 -26.16
C ILE E 356 30.72 22.42 -24.76
N ARG E 357 31.91 21.84 -24.65
CA ARG E 357 32.53 21.72 -23.33
C ARG E 357 32.90 23.09 -22.76
N GLU E 358 33.20 24.05 -23.63
CA GLU E 358 33.41 25.42 -23.17
C GLU E 358 32.10 26.13 -22.89
N GLU E 359 31.05 25.84 -23.66
CA GLU E 359 29.77 26.52 -23.46
C GLU E 359 29.10 26.07 -22.16
N SER E 360 29.05 24.76 -21.92
CA SER E 360 28.36 24.20 -20.77
C SER E 360 29.31 23.92 -19.61
N SER E 361 30.58 24.27 -19.75
CA SER E 361 31.59 24.13 -18.68
C SER E 361 31.69 22.69 -18.19
N TYR E 362 32.05 21.80 -19.12
CA TYR E 362 32.43 20.42 -18.81
C TYR E 362 33.81 20.21 -19.42
N SER E 363 34.85 20.61 -18.70
CA SER E 363 36.19 20.51 -19.25
C SER E 363 36.65 19.07 -19.42
N ASP E 364 35.96 18.10 -18.81
CA ASP E 364 36.31 16.69 -18.94
C ASP E 364 35.54 16.02 -20.08
N ILE E 365 35.59 16.63 -21.26
CA ILE E 365 35.08 16.01 -22.48
C ILE E 365 36.24 15.97 -23.47
N PRO E 366 37.00 14.89 -23.52
CA PRO E 366 38.21 14.87 -24.34
C PRO E 366 37.89 14.72 -25.82
N ASP E 367 38.95 14.84 -26.63
CA ASP E 367 38.81 14.62 -28.06
C ASP E 367 38.60 13.15 -28.35
N VAL E 368 37.60 12.85 -29.15
CA VAL E 368 37.33 11.48 -29.58
C VAL E 368 38.18 11.18 -30.80
N LYS E 369 38.62 9.93 -30.91
CA LYS E 369 39.57 9.51 -31.91
C LYS E 369 38.85 8.92 -33.13
N ASN E 370 39.63 8.29 -34.00
CA ASN E 370 39.15 7.86 -35.31
C ASN E 370 37.99 6.87 -35.19
N ASP E 371 37.08 6.95 -36.16
CA ASP E 371 35.93 6.07 -36.34
C ASP E 371 34.87 6.35 -35.29
N PHE E 372 35.20 7.19 -34.32
CA PHE E 372 34.24 7.77 -33.39
C PHE E 372 34.09 9.27 -33.61
N ALA E 373 35.18 9.93 -34.02
CA ALA E 373 35.07 11.29 -34.51
C ALA E 373 34.24 11.34 -35.78
N PHE E 374 34.38 10.34 -36.65
CA PHE E 374 33.75 10.39 -37.97
C PHE E 374 32.23 10.34 -37.88
N MET E 375 31.69 9.41 -37.09
CA MET E 375 30.25 9.30 -36.99
C MET E 375 29.66 10.55 -36.33
N LEU E 376 30.39 11.12 -35.38
CA LEU E 376 29.97 12.38 -34.78
C LEU E 376 29.96 13.49 -35.82
N HIS E 377 30.96 13.52 -36.70
CA HIS E 377 30.97 14.50 -37.77
C HIS E 377 29.76 14.32 -38.70
N LEU E 378 29.43 13.07 -39.04
CA LEU E 378 28.28 12.83 -39.90
C LEU E 378 26.99 13.31 -39.25
N ILE E 379 26.81 12.97 -37.98
CA ILE E 379 25.61 13.42 -37.26
C ILE E 379 25.58 14.94 -37.18
N ASP E 380 26.73 15.56 -36.89
CA ASP E 380 26.83 17.00 -36.85
C ASP E 380 26.40 17.61 -38.17
N GLN E 381 26.78 16.97 -39.28
CA GLN E 381 26.29 17.40 -40.59
C GLN E 381 24.78 17.30 -40.66
N TYR E 382 24.21 16.22 -40.12
CA TYR E 382 22.76 16.17 -40.00
C TYR E 382 22.27 17.18 -38.95
N ASP E 383 22.88 17.17 -37.76
CA ASP E 383 22.43 18.02 -36.66
C ASP E 383 23.46 18.06 -35.55
N PRO E 384 23.88 19.24 -35.09
CA PRO E 384 24.79 19.30 -33.93
C PRO E 384 24.11 19.00 -32.61
N LEU E 385 22.77 19.06 -32.56
CA LEU E 385 22.06 18.87 -31.30
C LEU E 385 22.26 17.47 -30.75
N TYR E 386 22.31 16.46 -31.62
CA TYR E 386 22.53 15.09 -31.16
C TYR E 386 23.90 14.93 -30.53
N SER E 387 24.94 15.51 -31.14
CA SER E 387 26.26 15.46 -30.52
C SER E 387 26.29 16.27 -29.23
N LYS E 388 25.51 17.34 -29.15
CA LYS E 388 25.38 18.08 -27.89
C LYS E 388 24.84 17.18 -26.79
N ARG E 389 23.73 16.49 -27.06
CA ARG E 389 23.15 15.60 -26.06
C ARG E 389 24.08 14.44 -25.75
N PHE E 390 24.92 14.04 -26.70
CA PHE E 390 25.85 12.94 -26.48
C PHE E 390 27.05 13.34 -25.63
N ALA E 391 27.49 14.60 -25.74
CA ALA E 391 28.70 15.02 -25.05
C ALA E 391 28.57 14.88 -23.54
N VAL E 392 27.40 15.21 -22.99
CA VAL E 392 27.23 15.15 -21.54
C VAL E 392 27.39 13.73 -21.04
N PHE E 393 26.82 12.75 -21.77
CA PHE E 393 27.02 11.36 -21.42
C PHE E 393 28.45 10.91 -21.67
N LEU E 394 29.21 11.66 -22.48
CA LEU E 394 30.60 11.31 -22.68
C LEU E 394 31.52 11.89 -21.60
N SER E 395 31.04 12.82 -20.78
CA SER E 395 31.90 13.50 -19.84
C SER E 395 32.01 12.74 -18.52
N GLU E 396 33.03 13.09 -17.75
CA GLU E 396 33.31 12.46 -16.46
C GLU E 396 32.66 13.21 -15.29
N VAL E 397 32.70 14.55 -15.32
CA VAL E 397 32.12 15.34 -14.25
C VAL E 397 30.61 15.13 -14.17
N SER E 398 29.96 15.01 -15.31
CA SER E 398 28.52 14.75 -15.30
C SER E 398 28.20 13.42 -14.63
N GLU E 399 29.09 12.43 -14.76
CA GLU E 399 28.89 11.17 -14.05
C GLU E 399 28.95 11.37 -12.55
N ASN E 400 29.90 12.18 -12.07
CA ASN E 400 29.99 12.46 -10.64
C ASN E 400 28.73 13.18 -10.16
N LYS E 401 28.25 14.15 -10.93
CA LYS E 401 27.02 14.84 -10.57
C LYS E 401 25.83 13.88 -10.55
N LEU E 402 25.79 12.94 -11.49
CA LEU E 402 24.72 11.95 -11.50
C LEU E 402 24.78 11.06 -10.26
N ARG E 403 26.00 10.65 -9.87
CA ARG E 403 26.15 9.89 -8.64
C ARG E 403 25.66 10.69 -7.44
N GLN E 404 26.02 11.98 -7.38
CA GLN E 404 25.61 12.80 -6.25
C GLN E 404 24.10 12.96 -6.20
N LEU E 405 23.46 13.14 -7.36
CA LEU E 405 22.01 13.27 -7.38
C LEU E 405 21.32 11.97 -6.99
N ASN E 406 21.85 10.83 -7.46
CA ASN E 406 21.31 9.55 -7.02
C ASN E 406 21.46 9.37 -5.52
N LEU E 407 22.59 9.82 -4.96
CA LEU E 407 22.82 9.72 -3.53
C LEU E 407 21.83 10.58 -2.76
N ASN E 408 21.61 11.82 -3.22
CA ASN E 408 20.66 12.70 -2.55
C ASN E 408 19.24 12.15 -2.64
N ASN E 409 18.91 11.49 -3.77
CA ASN E 409 17.66 10.77 -3.84
C ASN E 409 17.61 9.63 -2.84
N GLU E 410 18.74 8.96 -2.63
CA GLU E 410 18.80 7.82 -1.72
C GLU E 410 18.80 8.25 -0.27
N TRP E 411 19.50 9.33 0.06
CA TRP E 411 19.64 9.81 1.44
C TRP E 411 19.17 11.26 1.48
N THR E 412 17.88 11.46 1.66
CA THR E 412 17.33 12.81 1.75
C THR E 412 17.62 13.40 3.14
N LEU E 413 17.35 14.70 3.27
CA LEU E 413 17.55 15.36 4.55
C LEU E 413 16.66 14.77 5.64
N ASP E 414 15.42 14.43 5.29
CA ASP E 414 14.51 13.85 6.27
C ASP E 414 15.00 12.49 6.74
N LYS E 415 15.43 11.63 5.81
CA LYS E 415 15.92 10.31 6.18
C LYS E 415 17.17 10.41 7.02
N LEU E 416 18.07 11.35 6.68
CA LEU E 416 19.26 11.55 7.48
C LEU E 416 18.91 12.02 8.89
N ARG E 417 18.06 13.03 9.00
CA ARG E 417 17.71 13.56 10.31
C ARG E 417 17.01 12.53 11.17
N GLN E 418 16.12 11.74 10.58
CA GLN E 418 15.52 10.63 11.32
C GLN E 418 16.58 9.60 11.71
N ARG E 419 17.59 9.41 10.86
CA ARG E 419 18.68 8.49 11.14
C ARG E 419 19.66 9.05 12.17
N LEU E 420 19.55 10.32 12.52
CA LEU E 420 20.44 10.91 13.51
C LEU E 420 20.22 10.25 14.86
N THR E 421 21.32 9.89 15.52
CA THR E 421 21.28 9.23 16.82
C THR E 421 22.22 9.96 17.77
N LYS E 422 22.16 9.57 19.04
CA LYS E 422 23.02 10.10 20.09
C LYS E 422 23.92 8.99 20.62
N ASN E 423 25.20 9.29 20.76
CA ASN E 423 26.13 8.37 21.38
C ASN E 423 26.01 8.47 22.91
N ALA E 424 26.94 7.83 23.61
CA ALA E 424 26.94 7.88 25.06
C ALA E 424 27.52 9.17 25.61
N GLN E 425 28.11 10.00 24.76
CA GLN E 425 28.78 11.23 25.19
C GLN E 425 27.88 12.45 25.11
N ASP E 426 26.57 12.25 24.98
CA ASP E 426 25.60 13.35 24.83
C ASP E 426 25.97 14.22 23.63
N LYS E 427 26.44 13.58 22.57
CA LYS E 427 26.82 14.27 21.34
C LYS E 427 25.94 13.81 20.19
N LEU E 428 25.54 14.77 19.35
CA LEU E 428 24.76 14.46 18.17
C LEU E 428 25.71 14.02 17.05
N GLU E 429 25.50 12.81 16.55
CA GLU E 429 26.40 12.23 15.56
C GLU E 429 25.60 11.52 14.48
N LEU E 430 26.16 11.49 13.27
CA LEU E 430 25.59 10.75 12.15
C LEU E 430 26.61 9.74 11.66
N HIS E 431 26.16 8.52 11.43
CA HIS E 431 27.03 7.43 10.98
C HIS E 431 26.78 7.15 9.51
N LEU E 432 27.82 7.33 8.69
CA LEU E 432 27.75 7.02 7.26
C LEU E 432 28.59 5.78 7.03
N PHE E 433 27.92 4.67 6.70
CA PHE E 433 28.58 3.39 6.55
C PHE E 433 28.30 2.84 5.16
N MET E 434 29.36 2.55 4.41
CA MET E 434 29.29 1.90 3.10
C MET E 434 28.34 2.65 2.16
N LEU E 435 28.72 3.88 1.85
CA LEU E 435 28.05 4.67 0.83
C LEU E 435 29.02 4.95 -0.30
N SER E 436 28.47 5.22 -1.49
CA SER E 436 29.30 5.59 -2.62
C SER E 436 30.03 6.90 -2.39
N GLY E 437 29.38 7.87 -1.73
CA GLY E 437 30.02 9.13 -1.41
C GLY E 437 29.30 9.78 -0.25
N ILE E 438 29.74 10.99 0.08
CA ILE E 438 29.12 11.79 1.13
C ILE E 438 27.93 12.52 0.52
N PRO E 439 26.70 12.23 0.93
CA PRO E 439 25.56 13.00 0.40
C PRO E 439 25.70 14.48 0.71
N ASP E 440 25.38 15.31 -0.27
CA ASP E 440 25.52 16.75 -0.11
C ASP E 440 24.50 17.33 0.87
N THR E 441 23.49 16.56 1.25
CA THR E 441 22.44 17.03 2.15
C THR E 441 22.75 16.77 3.62
N VAL E 442 23.85 16.10 3.94
CA VAL E 442 24.22 15.93 5.33
C VAL E 442 24.71 17.24 5.94
N PHE E 443 25.15 18.18 5.11
CA PHE E 443 25.72 19.44 5.58
C PHE E 443 24.66 20.49 5.86
N ASP E 444 23.40 20.23 5.53
CA ASP E 444 22.33 21.15 5.88
C ASP E 444 21.86 20.95 7.32
N LEU E 445 22.33 19.91 8.00
CA LEU E 445 22.10 19.72 9.43
C LEU E 445 23.27 20.35 10.18
N VAL E 446 23.08 21.60 10.61
CA VAL E 446 24.11 22.29 11.38
C VAL E 446 24.16 21.82 12.83
N GLU E 447 23.22 20.99 13.25
CA GLU E 447 23.18 20.49 14.62
C GLU E 447 24.22 19.41 14.90
N LEU E 448 24.87 18.88 13.86
CA LEU E 448 25.81 17.79 14.05
C LEU E 448 27.07 18.27 14.75
N GLU E 449 27.70 17.36 15.50
CA GLU E 449 28.94 17.67 16.22
C GLU E 449 29.99 16.61 15.93
N VAL E 450 29.55 15.38 15.65
CA VAL E 450 30.45 14.27 15.35
C VAL E 450 29.99 13.65 14.04
N LEU E 451 30.95 13.41 13.13
CA LEU E 451 30.67 12.80 11.84
C LEU E 451 31.50 11.55 11.67
N LYS E 452 30.86 10.45 11.28
CA LYS E 452 31.49 9.15 11.16
C LYS E 452 31.44 8.70 9.71
N LEU E 453 32.61 8.60 9.08
CA LEU E 453 32.73 8.16 7.69
C LEU E 453 33.42 6.80 7.69
N GLU E 454 32.62 5.74 7.56
CA GLU E 454 33.14 4.38 7.59
C GLU E 454 32.90 3.72 6.24
N LEU E 455 33.98 3.27 5.60
CA LEU E 455 33.92 2.49 4.36
C LEU E 455 33.21 3.25 3.24
N ILE E 456 33.66 4.47 3.00
CA ILE E 456 33.20 5.28 1.88
C ILE E 456 34.39 5.54 0.97
N PRO E 457 34.39 5.03 -0.26
CA PRO E 457 35.60 5.09 -1.09
C PRO E 457 35.85 6.46 -1.69
N ASP E 458 37.14 6.78 -1.84
CA ASP E 458 37.66 7.96 -2.52
C ASP E 458 36.84 9.22 -2.22
N VAL E 459 36.74 9.52 -0.93
CA VAL E 459 36.04 10.73 -0.51
C VAL E 459 36.94 11.93 -0.67
N THR E 460 36.34 13.04 -1.10
CA THR E 460 36.98 14.34 -1.06
C THR E 460 36.19 15.20 -0.09
N ILE E 461 36.89 15.80 0.88
CA ILE E 461 36.22 16.62 1.88
C ILE E 461 35.70 17.87 1.20
N PRO E 462 34.39 18.01 1.02
CA PRO E 462 33.87 19.13 0.24
C PRO E 462 34.07 20.43 0.98
N PRO E 463 34.12 21.56 0.26
CA PRO E 463 34.18 22.86 0.93
C PRO E 463 32.92 23.19 1.72
N SER E 464 31.85 22.42 1.55
CA SER E 464 30.60 22.64 2.26
C SER E 464 30.70 22.32 3.75
N ILE E 465 31.80 21.71 4.20
CA ILE E 465 31.96 21.42 5.62
C ILE E 465 32.01 22.69 6.47
N ALA E 466 32.23 23.85 5.85
CA ALA E 466 32.12 25.11 6.59
C ALA E 466 30.71 25.33 7.11
N GLN E 467 29.70 24.73 6.48
CA GLN E 467 28.34 24.81 6.99
C GLN E 467 28.22 24.14 8.35
N LEU E 468 29.00 23.09 8.60
CA LEU E 468 28.98 22.39 9.88
C LEU E 468 29.81 23.19 10.88
N THR E 469 29.18 24.23 11.42
CA THR E 469 29.85 25.09 12.39
C THR E 469 30.16 24.33 13.68
N GLY E 470 29.21 23.54 14.16
CA GLY E 470 29.34 22.82 15.41
C GLY E 470 30.06 21.49 15.33
N LEU E 471 30.60 21.13 14.18
CA LEU E 471 31.30 19.87 14.05
C LEU E 471 32.60 19.91 14.86
N LYS E 472 32.78 18.93 15.74
CA LYS E 472 33.95 18.89 16.61
C LYS E 472 34.76 17.63 16.40
N GLU E 473 34.10 16.53 16.06
CA GLU E 473 34.76 15.24 15.87
C GLU E 473 34.44 14.70 14.49
N LEU E 474 35.47 14.14 13.84
CA LEU E 474 35.32 13.51 12.54
C LEU E 474 35.95 12.13 12.61
N TRP E 475 35.18 11.10 12.26
CA TRP E 475 35.62 9.72 12.33
C TRP E 475 35.85 9.20 10.91
N LEU E 476 37.08 8.78 10.63
CA LEU E 476 37.46 8.24 9.33
C LEU E 476 37.88 6.80 9.52
N TYR E 477 36.91 5.89 9.43
CA TYR E 477 37.15 4.46 9.58
C TYR E 477 37.22 3.84 8.19
N HIS E 478 38.41 3.38 7.80
CA HIS E 478 38.64 2.80 6.49
C HIS E 478 38.16 3.74 5.39
N THR E 479 38.47 5.03 5.55
CA THR E 479 38.01 6.05 4.62
C THR E 479 39.07 7.14 4.56
N ALA E 480 39.97 7.04 3.59
CA ALA E 480 41.01 8.04 3.38
C ALA E 480 40.39 9.25 2.70
N ALA E 481 40.65 10.43 3.23
CA ALA E 481 40.03 11.66 2.75
C ALA E 481 41.07 12.54 2.06
N LYS E 482 40.76 12.95 0.83
CA LYS E 482 41.54 13.95 0.12
C LYS E 482 40.89 15.31 0.36
N ILE E 483 41.69 16.29 0.76
CA ILE E 483 41.16 17.54 1.27
C ILE E 483 41.57 18.68 0.34
N GLU E 484 40.83 19.78 0.43
CA GLU E 484 41.12 21.01 -0.29
C GLU E 484 41.59 22.07 0.70
N ALA E 485 42.12 23.16 0.15
CA ALA E 485 42.59 24.26 1.00
C ALA E 485 41.49 24.84 1.90
N PRO E 486 40.28 25.13 1.41
CA PRO E 486 39.26 25.69 2.32
C PRO E 486 38.87 24.73 3.43
N ALA E 487 38.65 23.46 3.10
CA ALA E 487 38.28 22.47 4.10
C ALA E 487 39.39 22.28 5.13
N LEU E 488 40.64 22.22 4.66
CA LEU E 488 41.76 22.07 5.59
C LEU E 488 41.88 23.29 6.51
N ALA E 489 41.69 24.49 5.97
CA ALA E 489 41.73 25.68 6.81
C ALA E 489 40.61 25.67 7.84
N PHE E 490 39.42 25.22 7.44
CA PHE E 490 38.32 25.13 8.40
C PHE E 490 38.61 24.13 9.50
N LEU E 491 39.15 22.96 9.13
CA LEU E 491 39.45 21.94 10.13
C LEU E 491 40.57 22.37 11.06
N ARG E 492 41.52 23.17 10.56
CA ARG E 492 42.60 23.65 11.41
C ARG E 492 42.12 24.55 12.54
N GLU E 493 40.89 25.06 12.46
CA GLU E 493 40.34 25.90 13.50
C GLU E 493 39.01 25.42 14.05
N ASN E 494 38.50 24.27 13.60
CA ASN E 494 37.20 23.82 14.08
C ASN E 494 37.16 22.33 14.41
N LEU E 495 38.29 21.63 14.38
CA LEU E 495 38.33 20.20 14.66
C LEU E 495 39.11 19.97 15.94
N ARG E 496 38.45 19.33 16.92
CA ARG E 496 39.06 19.06 18.22
C ARG E 496 39.41 17.60 18.44
N ALA E 497 38.69 16.67 17.82
CA ALA E 497 38.93 15.25 17.99
C ALA E 497 38.85 14.54 16.65
N LEU E 498 39.85 13.71 16.35
CA LEU E 498 39.91 12.99 15.09
C LEU E 498 40.20 11.52 15.36
N HIS E 499 39.31 10.65 14.91
CA HIS E 499 39.46 9.20 15.07
C HIS E 499 39.84 8.61 13.73
N ILE E 500 40.99 7.95 13.68
CA ILE E 500 41.53 7.37 12.45
C ILE E 500 41.69 5.87 12.67
N LYS E 501 40.95 5.09 11.89
CA LYS E 501 41.08 3.63 11.89
C LYS E 501 41.43 3.19 10.47
N PHE E 502 42.57 2.54 10.32
CA PHE E 502 43.13 2.25 9.01
C PHE E 502 43.62 0.81 8.95
N THR E 503 43.39 0.17 7.80
CA THR E 503 43.94 -1.16 7.55
C THR E 503 45.33 -1.11 6.93
N ASP E 504 45.84 0.08 6.60
CA ASP E 504 47.14 0.19 5.97
C ASP E 504 47.72 1.56 6.23
N ILE E 505 49.04 1.68 6.09
CA ILE E 505 49.71 2.96 6.30
C ILE E 505 49.22 4.00 5.31
N LYS E 506 49.05 3.61 4.05
CA LYS E 506 48.64 4.54 3.00
C LYS E 506 47.24 5.11 3.25
N GLU E 507 46.44 4.45 4.08
CA GLU E 507 45.08 4.91 4.36
C GLU E 507 45.05 6.02 5.39
N ILE E 508 46.19 6.37 5.98
CA ILE E 508 46.27 7.52 6.88
C ILE E 508 46.39 8.79 6.05
N PRO E 509 45.47 9.74 6.17
CA PRO E 509 45.67 11.03 5.52
C PRO E 509 46.91 11.73 6.05
N LEU E 510 47.61 12.44 5.16
CA LEU E 510 48.81 13.16 5.56
C LEU E 510 48.51 14.58 6.01
N TRP E 511 47.34 15.12 5.67
CA TRP E 511 46.98 16.47 6.07
C TRP E 511 46.45 16.56 7.49
N ILE E 512 46.13 15.44 8.12
CA ILE E 512 45.55 15.48 9.47
C ILE E 512 46.54 16.07 10.46
N TYR E 513 47.85 15.86 10.24
CA TYR E 513 48.84 16.43 11.13
C TYR E 513 48.90 17.94 11.04
N SER E 514 48.57 18.51 9.88
CA SER E 514 48.64 19.95 9.68
C SER E 514 47.66 20.72 10.55
N LEU E 515 46.66 20.05 11.12
CA LEU E 515 45.76 20.69 12.07
C LEU E 515 46.53 21.15 13.30
N LYS E 516 46.09 22.28 13.87
CA LYS E 516 46.76 22.85 15.03
C LYS E 516 45.87 22.98 16.26
N THR E 517 44.55 23.00 16.09
CA THR E 517 43.63 23.04 17.21
C THR E 517 43.14 21.66 17.62
N LEU E 518 43.67 20.61 17.01
CA LEU E 518 43.22 19.26 17.31
C LEU E 518 43.69 18.87 18.70
N GLU E 519 42.75 18.41 19.53
CA GLU E 519 43.05 18.03 20.91
C GLU E 519 43.07 16.52 21.12
N GLU E 520 42.29 15.76 20.35
CA GLU E 520 42.20 14.31 20.52
C GLU E 520 42.56 13.62 19.21
N LEU E 521 43.52 12.72 19.27
CA LEU E 521 43.89 11.87 18.14
C LEU E 521 43.70 10.41 18.53
N HIS E 522 42.80 9.73 17.84
CA HIS E 522 42.50 8.33 18.10
C HIS E 522 42.95 7.51 16.91
N LEU E 523 44.10 6.87 17.03
CA LEU E 523 44.62 5.98 15.99
C LEU E 523 44.25 4.54 16.32
N THR E 524 43.72 3.82 15.34
CA THR E 524 43.29 2.44 15.52
C THR E 524 43.75 1.64 14.31
N GLY E 525 44.94 1.05 14.38
CA GLY E 525 45.45 0.27 13.28
C GLY E 525 46.91 -0.09 13.43
N ASN E 526 47.31 -1.21 12.82
CA ASN E 526 48.69 -1.68 12.90
C ASN E 526 49.56 -0.82 12.01
N LEU E 527 50.37 0.04 12.62
CA LEU E 527 51.28 0.92 11.88
C LEU E 527 52.72 0.46 11.96
N SER E 528 52.99 -0.65 12.63
CA SER E 528 54.35 -1.16 12.73
C SER E 528 54.84 -1.65 11.37
N ALA E 529 56.07 -1.29 11.03
CA ALA E 529 56.67 -1.68 9.76
C ALA E 529 58.16 -1.94 9.97
N GLU E 530 58.75 -2.71 9.06
CA GLU E 530 60.11 -3.19 9.18
C GLU E 530 61.06 -2.26 8.43
N ASN E 531 62.12 -1.82 9.13
CA ASN E 531 63.21 -1.01 8.59
C ASN E 531 62.78 0.44 8.33
N ASN E 532 61.49 0.72 8.53
CA ASN E 532 60.97 2.10 8.46
C ASN E 532 59.93 2.29 9.55
N ARG E 533 60.25 1.82 10.75
CA ARG E 533 59.33 1.92 11.87
C ARG E 533 59.15 3.37 12.29
N TYR E 534 57.91 3.75 12.59
CA TYR E 534 57.59 5.07 13.14
C TYR E 534 58.11 6.18 12.24
N ILE E 535 57.87 6.02 10.95
CA ILE E 535 58.25 7.00 9.93
C ILE E 535 56.99 7.68 9.43
N VAL E 536 55.89 6.92 9.39
CA VAL E 536 54.62 7.44 8.88
C VAL E 536 54.11 8.58 9.76
N ILE E 537 54.21 8.44 11.07
CA ILE E 537 53.57 9.36 12.01
C ILE E 537 54.57 10.39 12.56
N ASP E 538 55.64 10.67 11.82
CA ASP E 538 56.58 11.70 12.26
C ASP E 538 55.93 13.06 12.41
N GLY E 539 54.87 13.32 11.64
CA GLY E 539 54.12 14.55 11.77
C GLY E 539 53.28 14.67 13.01
N LEU E 540 53.48 13.79 13.99
CA LEU E 540 52.69 13.82 15.21
C LEU E 540 53.00 15.05 16.05
N ARG E 541 54.22 15.59 15.95
CA ARG E 541 54.61 16.75 16.74
C ARG E 541 53.85 18.01 16.35
N GLU E 542 53.20 18.03 15.19
CA GLU E 542 52.56 19.24 14.70
C GLU E 542 51.28 19.59 15.43
N LEU E 543 50.77 18.70 16.28
CA LEU E 543 49.56 18.98 17.05
C LEU E 543 49.98 19.60 18.38
N LYS E 544 50.07 20.93 18.39
CA LYS E 544 50.45 21.63 19.61
C LYS E 544 49.33 21.70 20.63
N ARG E 545 48.07 21.57 20.20
CA ARG E 545 46.91 21.59 21.07
C ARG E 545 46.49 20.20 21.52
N LEU E 546 47.18 19.16 21.06
CA LEU E 546 46.78 17.79 21.36
C LEU E 546 46.85 17.51 22.85
N LYS E 547 45.81 16.90 23.40
CA LYS E 547 45.75 16.52 24.80
C LYS E 547 45.44 15.05 25.01
N VAL E 548 44.56 14.46 24.21
CA VAL E 548 44.18 13.06 24.34
C VAL E 548 44.73 12.31 23.14
N LEU E 549 45.64 11.39 23.39
CA LEU E 549 46.26 10.60 22.32
C LEU E 549 46.11 9.13 22.68
N ARG E 550 45.20 8.43 22.01
CA ARG E 550 44.94 7.02 22.24
C ARG E 550 45.44 6.23 21.04
N LEU E 551 46.39 5.32 21.28
CA LEU E 551 47.00 4.52 20.24
C LEU E 551 46.62 3.06 20.43
N LYS E 552 46.10 2.44 19.37
CA LYS E 552 45.80 1.01 19.33
C LYS E 552 46.51 0.50 18.07
N SER E 553 47.81 0.19 18.20
CA SER E 553 48.63 0.11 17.01
C SER E 553 49.67 -1.01 17.02
N ASN E 554 49.52 -2.02 17.87
CA ASN E 554 50.42 -3.18 17.89
C ASN E 554 51.88 -2.74 18.01
N LEU E 555 52.12 -1.77 18.90
CA LEU E 555 53.46 -1.24 19.10
C LEU E 555 54.27 -2.17 20.00
N SER E 556 55.54 -2.36 19.65
CA SER E 556 56.46 -3.12 20.48
C SER E 556 57.32 -2.24 21.38
N LYS E 557 57.52 -0.98 21.01
CA LYS E 557 58.23 -0.01 21.83
C LYS E 557 57.56 1.34 21.65
N LEU E 558 57.58 2.16 22.69
CA LEU E 558 56.98 3.48 22.60
C LEU E 558 57.84 4.35 21.69
N PRO E 559 57.30 4.87 20.59
CA PRO E 559 58.13 5.58 19.61
C PRO E 559 58.70 6.88 20.17
N GLN E 560 59.85 7.28 19.60
CA GLN E 560 60.50 8.51 20.03
C GLN E 560 59.65 9.73 19.68
N VAL E 561 58.94 9.68 18.56
CA VAL E 561 58.07 10.80 18.17
C VAL E 561 56.99 11.03 19.22
N VAL E 562 56.40 9.94 19.73
CA VAL E 562 55.40 10.06 20.78
C VAL E 562 56.02 10.65 22.04
N THR E 563 57.24 10.23 22.38
CA THR E 563 57.92 10.79 23.55
C THR E 563 58.13 12.28 23.39
N ASP E 564 58.48 12.72 22.18
CA ASP E 564 58.64 14.15 21.94
C ASP E 564 57.31 14.89 22.09
N VAL E 565 56.26 14.36 21.45
CA VAL E 565 54.97 15.05 21.45
C VAL E 565 54.30 15.02 22.82
N GLY E 566 54.73 14.13 23.71
CA GLY E 566 54.09 14.02 25.01
C GLY E 566 54.39 15.16 25.96
N VAL E 567 55.21 16.13 25.56
CA VAL E 567 55.54 17.24 26.44
C VAL E 567 54.34 18.13 26.72
N HIS E 568 53.26 17.99 25.95
CA HIS E 568 52.05 18.79 26.14
C HIS E 568 50.80 17.94 26.33
N LEU E 569 50.95 16.63 26.53
CA LEU E 569 49.81 15.74 26.63
C LEU E 569 49.26 15.67 28.05
N GLN E 570 47.98 15.29 28.15
CA GLN E 570 47.33 15.05 29.43
C GLN E 570 46.93 13.60 29.63
N LYS E 571 46.49 12.92 28.56
CA LYS E 571 45.99 11.56 28.65
C LYS E 571 46.64 10.71 27.57
N LEU E 572 47.17 9.55 27.96
CA LEU E 572 47.79 8.62 27.03
C LEU E 572 47.12 7.25 27.20
N SER E 573 46.78 6.63 26.07
CA SER E 573 46.14 5.32 26.06
C SER E 573 46.80 4.46 25.00
N ILE E 574 47.40 3.34 25.42
CA ILE E 574 48.07 2.42 24.51
C ILE E 574 47.40 1.05 24.67
N ASN E 575 46.88 0.53 23.57
CA ASN E 575 46.15 -0.75 23.55
C ASN E 575 46.78 -1.62 22.47
N ASN E 576 47.70 -2.50 22.87
CA ASN E 576 48.46 -3.31 21.92
C ASN E 576 47.78 -4.63 21.57
N GLU E 577 46.65 -4.94 22.19
CA GLU E 577 45.94 -6.20 21.97
C GLU E 577 46.83 -7.41 22.25
N GLY E 578 47.43 -7.41 23.44
CA GLY E 578 48.20 -8.53 23.91
C GLY E 578 49.66 -8.50 23.52
N THR E 579 50.04 -7.71 22.52
CA THR E 579 51.44 -7.63 22.12
C THR E 579 52.24 -6.85 23.14
N LYS E 580 53.42 -7.35 23.47
CA LYS E 580 54.23 -6.72 24.50
C LYS E 580 54.70 -5.33 24.04
N LEU E 581 54.76 -4.41 24.98
CA LEU E 581 55.24 -3.05 24.73
C LEU E 581 56.38 -2.75 25.71
N ILE E 582 57.44 -2.14 25.19
CA ILE E 582 58.63 -1.83 25.97
C ILE E 582 58.69 -0.32 26.17
N VAL E 583 58.77 0.11 27.42
CA VAL E 583 58.85 1.54 27.74
C VAL E 583 60.31 1.97 27.67
N LEU E 584 61.16 1.36 28.51
CA LEU E 584 62.61 1.59 28.51
C LEU E 584 62.94 3.08 28.61
N ASN E 585 62.48 3.70 29.70
CA ASN E 585 62.81 5.09 30.03
C ASN E 585 62.39 6.04 28.92
N SER E 586 61.28 5.73 28.26
CA SER E 586 60.73 6.60 27.23
C SER E 586 59.38 7.20 27.65
N LEU E 587 59.10 7.23 28.95
CA LEU E 587 57.80 7.64 29.46
C LEU E 587 57.87 8.76 30.48
N LYS E 588 59.04 9.04 31.05
CA LYS E 588 59.13 10.03 32.12
C LYS E 588 59.12 11.47 31.61
N LYS E 589 59.17 11.68 30.29
CA LYS E 589 59.13 13.03 29.75
C LYS E 589 57.73 13.62 29.73
N MET E 590 56.70 12.81 29.92
CA MET E 590 55.31 13.29 29.89
C MET E 590 54.85 13.64 31.31
N VAL E 591 55.58 14.58 31.92
CA VAL E 591 55.28 14.97 33.29
C VAL E 591 53.94 15.69 33.43
N ASN E 592 53.31 16.08 32.33
CA ASN E 592 51.98 16.65 32.35
C ASN E 592 50.88 15.61 32.28
N LEU E 593 51.23 14.34 32.11
CA LEU E 593 50.23 13.29 31.94
C LEU E 593 49.42 13.11 33.22
N THR E 594 48.09 13.08 33.09
CA THR E 594 47.21 12.94 34.23
C THR E 594 46.36 11.67 34.20
N GLU E 595 46.30 10.98 33.06
CA GLU E 595 45.56 9.73 32.93
C GLU E 595 46.29 8.84 31.94
N LEU E 596 47.07 7.89 32.45
CA LEU E 596 47.84 6.98 31.62
C LEU E 596 47.19 5.60 31.63
N GLU E 597 46.91 5.07 30.45
CA GLU E 597 46.30 3.76 30.31
C GLU E 597 47.20 2.88 29.48
N LEU E 598 47.58 1.72 30.03
CA LEU E 598 48.35 0.72 29.30
C LEU E 598 47.51 -0.55 29.28
N ILE E 599 46.61 -0.63 28.31
CA ILE E 599 45.67 -1.74 28.20
C ILE E 599 46.25 -2.79 27.26
N ARG E 600 46.28 -4.03 27.72
CA ARG E 600 46.74 -5.17 26.90
C ARG E 600 48.13 -4.93 26.33
N CYS E 601 49.00 -4.35 27.16
CA CYS E 601 50.38 -4.10 26.76
C CYS E 601 51.33 -5.22 27.13
N ASP E 602 50.82 -6.27 27.78
CA ASP E 602 51.62 -7.45 28.15
C ASP E 602 52.86 -7.04 28.93
N LEU E 603 52.68 -6.14 29.90
CA LEU E 603 53.79 -5.64 30.69
C LEU E 603 54.42 -6.75 31.52
N GLU E 604 53.59 -7.59 32.13
CA GLU E 604 54.02 -8.70 32.99
C GLU E 604 54.65 -8.21 34.28
N ARG E 605 54.82 -6.90 34.41
CA ARG E 605 55.39 -6.26 35.58
C ARG E 605 55.26 -4.75 35.40
N ILE E 606 54.95 -4.04 36.48
CA ILE E 606 54.77 -2.59 36.39
C ILE E 606 56.11 -1.94 36.14
N PRO E 607 56.29 -1.22 35.04
CA PRO E 607 57.55 -0.53 34.80
C PRO E 607 57.77 0.58 35.81
N HIS E 608 59.04 0.89 36.04
CA HIS E 608 59.39 1.96 36.98
C HIS E 608 59.13 3.35 36.40
N SER E 609 58.90 3.45 35.09
CA SER E 609 58.67 4.75 34.47
C SER E 609 57.35 5.37 34.90
N ILE E 610 56.39 4.57 35.35
CA ILE E 610 55.10 5.11 35.75
C ILE E 610 55.25 5.97 37.00
N PHE E 611 56.20 5.65 37.87
CA PHE E 611 56.41 6.41 39.09
C PHE E 611 56.98 7.80 38.84
N SER E 612 57.46 8.08 37.63
CA SER E 612 58.07 9.37 37.32
C SER E 612 57.06 10.39 36.81
N LEU E 613 55.78 10.05 36.78
CA LEU E 613 54.72 10.97 36.34
C LEU E 613 53.93 11.37 37.59
N HIS E 614 54.39 12.42 38.26
CA HIS E 614 53.82 12.79 39.55
C HIS E 614 52.47 13.51 39.41
N ASN E 615 52.16 14.05 38.24
CA ASN E 615 50.86 14.68 38.02
C ASN E 615 49.79 13.68 37.62
N LEU E 616 50.13 12.40 37.52
CA LEU E 616 49.17 11.38 37.11
C LEU E 616 48.06 11.26 38.14
N GLN E 617 46.82 11.11 37.65
CA GLN E 617 45.66 11.00 38.51
C GLN E 617 44.91 9.68 38.37
N GLU E 618 45.02 9.02 37.22
CA GLU E 618 44.40 7.72 37.00
C GLU E 618 45.39 6.81 36.31
N ILE E 619 45.45 5.55 36.74
CA ILE E 619 46.31 4.54 36.14
C ILE E 619 45.45 3.34 35.79
N ASP E 620 45.40 3.01 34.50
CA ASP E 620 44.63 1.88 34.01
C ASP E 620 45.60 0.87 33.41
N LEU E 621 45.71 -0.30 34.04
CA LEU E 621 46.63 -1.34 33.63
C LEU E 621 45.88 -2.62 33.33
N LYS E 622 44.74 -2.50 32.66
CA LYS E 622 43.88 -3.65 32.39
C LYS E 622 44.59 -4.64 31.47
N ASP E 623 44.55 -5.92 31.85
CA ASP E 623 44.96 -7.02 30.98
C ASP E 623 46.44 -6.96 30.63
N ASN E 624 47.28 -6.83 31.65
CA ASN E 624 48.72 -6.76 31.45
C ASN E 624 49.47 -7.96 32.03
N ASN E 625 48.75 -9.02 32.39
CA ASN E 625 49.36 -10.22 32.96
C ASN E 625 50.16 -9.91 34.22
N LEU E 626 49.70 -8.93 35.00
CA LEU E 626 50.35 -8.57 36.24
C LEU E 626 50.03 -9.61 37.30
N LYS E 627 51.07 -10.06 38.01
CA LYS E 627 50.91 -11.01 39.11
C LYS E 627 51.40 -10.47 40.43
N THR E 628 52.49 -9.73 40.44
CA THR E 628 52.98 -9.06 41.64
C THR E 628 52.82 -7.55 41.46
N ILE E 629 52.12 -6.92 42.38
CA ILE E 629 51.90 -5.48 42.31
C ILE E 629 52.46 -4.82 43.56
N GLU E 630 53.52 -5.39 44.11
CA GLU E 630 54.17 -4.78 45.28
C GLU E 630 54.85 -3.47 44.93
N GLU E 631 54.99 -3.15 43.64
CA GLU E 631 55.60 -1.89 43.23
C GLU E 631 54.72 -0.68 43.55
N ILE E 632 53.46 -0.90 43.93
CA ILE E 632 52.56 0.20 44.24
C ILE E 632 53.02 1.01 45.44
N ILE E 633 54.01 0.52 46.18
CA ILE E 633 54.59 1.32 47.26
C ILE E 633 55.21 2.59 46.70
N SER E 634 55.67 2.55 45.45
CA SER E 634 56.24 3.73 44.81
C SER E 634 55.18 4.75 44.41
N PHE E 635 53.90 4.39 44.45
CA PHE E 635 52.85 5.33 44.08
C PHE E 635 52.68 6.45 45.09
N GLN E 636 53.33 6.37 46.25
CA GLN E 636 53.31 7.48 47.19
C GLN E 636 53.95 8.73 46.60
N HIS E 637 54.82 8.58 45.60
CA HIS E 637 55.36 9.74 44.88
C HIS E 637 54.25 10.50 44.17
N LEU E 638 53.32 9.78 43.54
CA LEU E 638 52.20 10.39 42.82
C LEU E 638 51.21 10.89 43.86
N HIS E 639 51.42 12.13 44.30
CA HIS E 639 50.56 12.73 45.32
C HIS E 639 49.15 13.00 44.80
N ARG E 640 48.94 12.99 43.50
CA ARG E 640 47.65 13.29 42.90
C ARG E 640 46.97 12.06 42.31
N LEU E 641 47.32 10.87 42.80
CA LEU E 641 46.76 9.63 42.28
C LEU E 641 45.45 9.32 43.01
N THR E 642 44.34 9.32 42.26
CA THR E 642 43.03 9.07 42.84
C THR E 642 42.36 7.79 42.35
N CYS E 643 42.73 7.28 41.19
CA CYS E 643 42.10 6.09 40.63
C CYS E 643 43.16 5.08 40.24
N LEU E 644 42.99 3.84 40.68
CA LEU E 644 43.91 2.75 40.37
C LEU E 644 43.12 1.58 39.80
N LYS E 645 43.36 1.27 38.54
CA LYS E 645 42.66 0.19 37.85
C LYS E 645 43.67 -0.90 37.52
N LEU E 646 43.77 -1.91 38.38
CA LEU E 646 44.66 -3.04 38.16
C LEU E 646 43.90 -4.30 37.76
N TRP E 647 42.65 -4.15 37.32
CA TRP E 647 41.79 -5.28 37.05
C TRP E 647 42.29 -6.09 35.86
N TYR E 648 41.66 -7.25 35.66
CA TYR E 648 41.93 -8.15 34.54
C TYR E 648 43.39 -8.57 34.49
N ASN E 649 43.98 -8.83 35.65
CA ASN E 649 45.33 -9.36 35.74
C ASN E 649 45.30 -10.71 36.44
N HIS E 650 46.48 -11.29 36.62
CA HIS E 650 46.66 -12.51 37.41
C HIS E 650 47.14 -12.20 38.81
N ILE E 651 46.70 -11.07 39.38
CA ILE E 651 47.15 -10.65 40.70
C ILE E 651 46.73 -11.69 41.72
N ALA E 652 47.72 -12.27 42.41
CA ALA E 652 47.42 -13.28 43.42
C ALA E 652 47.09 -12.69 44.78
N TYR E 653 47.72 -11.58 45.16
CA TYR E 653 47.55 -11.02 46.48
C TYR E 653 47.60 -9.50 46.40
N ILE E 654 47.03 -8.85 47.42
CA ILE E 654 47.07 -7.41 47.56
C ILE E 654 48.15 -7.09 48.59
N PRO E 655 49.24 -6.42 48.20
CA PRO E 655 50.26 -6.05 49.18
C PRO E 655 49.67 -5.14 50.26
N ILE E 656 50.13 -5.32 51.49
CA ILE E 656 49.67 -4.47 52.57
C ILE E 656 50.20 -3.05 52.43
N GLN E 657 51.18 -2.83 51.54
CA GLN E 657 51.65 -1.48 51.27
C GLN E 657 50.60 -0.65 50.57
N ILE E 658 49.51 -1.26 50.09
CA ILE E 658 48.42 -0.53 49.49
C ILE E 658 47.76 0.44 50.47
N GLY E 659 48.05 0.29 51.77
CA GLY E 659 47.57 1.26 52.74
C GLY E 659 48.26 2.60 52.66
N ASN E 660 49.45 2.66 52.06
CA ASN E 660 50.17 3.92 51.91
C ASN E 660 49.59 4.81 50.83
N LEU E 661 48.70 4.29 49.99
CA LEU E 661 48.05 5.09 48.96
C LEU E 661 46.79 5.74 49.55
N THR E 662 47.02 6.80 50.32
CA THR E 662 45.95 7.42 51.09
C THR E 662 45.00 8.22 50.22
N ASN E 663 45.38 8.58 49.00
CA ASN E 663 44.55 9.42 48.16
C ASN E 663 43.63 8.64 47.23
N LEU E 664 43.64 7.30 47.30
CA LEU E 664 42.83 6.51 46.39
C LEU E 664 41.35 6.70 46.68
N GLU E 665 40.59 6.97 45.63
CA GLU E 665 39.14 7.05 45.71
C GLU E 665 38.43 5.96 44.92
N ARG E 666 39.00 5.53 43.80
CA ARG E 666 38.50 4.40 43.04
C ARG E 666 39.59 3.34 42.96
N LEU E 667 39.27 2.12 43.36
CA LEU E 667 40.20 1.00 43.34
C LEU E 667 39.51 -0.19 42.69
N TYR E 668 39.94 -0.53 41.49
CA TYR E 668 39.38 -1.66 40.75
C TYR E 668 40.41 -2.78 40.73
N LEU E 669 40.00 -3.95 41.20
CA LEU E 669 40.88 -5.11 41.26
C LEU E 669 40.18 -6.39 40.79
N ASN E 670 39.09 -6.27 40.07
CA ASN E 670 38.31 -7.44 39.69
C ASN E 670 39.06 -8.27 38.66
N ARG E 671 38.58 -9.49 38.45
CA ARG E 671 39.17 -10.45 37.50
C ARG E 671 40.63 -10.72 37.85
N ASN E 672 40.88 -11.04 39.11
CA ASN E 672 42.22 -11.36 39.60
C ASN E 672 42.16 -12.64 40.43
N LYS E 673 43.33 -13.13 40.82
CA LYS E 673 43.46 -14.34 41.63
C LYS E 673 43.48 -14.03 43.13
N ILE E 674 42.98 -12.86 43.53
CA ILE E 674 43.01 -12.45 44.93
C ILE E 674 42.11 -13.37 45.74
N GLU E 675 42.60 -13.83 46.88
CA GLU E 675 41.84 -14.73 47.74
C GLU E 675 41.46 -14.12 49.09
N LYS E 676 42.13 -13.05 49.53
CA LYS E 676 41.78 -12.42 50.78
C LYS E 676 42.14 -10.93 50.71
N ILE E 677 41.45 -10.14 51.51
CA ILE E 677 41.61 -8.70 51.55
C ILE E 677 42.46 -8.36 52.78
N PRO E 678 43.68 -7.85 52.61
CA PRO E 678 44.46 -7.44 53.77
C PRO E 678 43.82 -6.27 54.49
N THR E 679 44.04 -6.21 55.79
CA THR E 679 43.43 -5.16 56.61
C THR E 679 43.99 -3.79 56.27
N GLN E 680 45.23 -3.72 55.77
CA GLN E 680 45.83 -2.43 55.44
C GLN E 680 45.09 -1.74 54.30
N LEU E 681 44.37 -2.50 53.48
CA LEU E 681 43.65 -1.90 52.36
C LEU E 681 42.56 -0.95 52.84
N PHE E 682 42.04 -1.14 54.04
CA PHE E 682 40.95 -0.31 54.54
C PHE E 682 41.43 0.98 55.18
N TYR E 683 42.74 1.22 55.23
CA TYR E 683 43.23 2.51 55.69
C TYR E 683 43.00 3.63 54.68
N CYS E 684 42.68 3.29 53.43
CA CYS E 684 42.36 4.28 52.40
C CYS E 684 40.95 4.79 52.64
N ARG E 685 40.84 5.74 53.57
CA ARG E 685 39.53 6.21 54.00
C ARG E 685 38.80 6.95 52.89
N LYS E 686 39.53 7.61 51.99
CA LYS E 686 38.91 8.37 50.91
C LYS E 686 38.27 7.48 49.85
N LEU E 687 38.49 6.16 49.93
CA LEU E 687 38.03 5.24 48.89
C LEU E 687 36.52 5.34 48.71
N ARG E 688 36.09 5.42 47.46
CA ARG E 688 34.67 5.53 47.13
C ARG E 688 34.17 4.37 46.28
N TYR E 689 34.90 4.01 45.22
CA TYR E 689 34.56 2.87 44.38
C TYR E 689 35.47 1.70 44.75
N LEU E 690 34.88 0.62 45.22
CA LEU E 690 35.62 -0.60 45.56
C LEU E 690 35.04 -1.75 44.75
N ASP E 691 35.77 -2.19 43.74
CA ASP E 691 35.35 -3.31 42.90
C ASP E 691 36.37 -4.42 43.06
N LEU E 692 35.94 -5.54 43.65
CA LEU E 692 36.80 -6.70 43.87
C LEU E 692 36.16 -7.97 43.32
N SER E 693 35.39 -7.83 42.24
CA SER E 693 34.64 -8.95 41.70
C SER E 693 35.57 -10.01 41.12
N HIS E 694 34.99 -11.18 40.86
CA HIS E 694 35.68 -12.26 40.15
C HIS E 694 37.03 -12.57 40.77
N ASN E 695 37.07 -12.62 42.08
CA ASN E 695 38.24 -13.02 42.84
C ASN E 695 37.90 -14.22 43.70
N ASN E 696 38.94 -14.80 44.32
CA ASN E 696 38.80 -15.97 45.15
C ASN E 696 38.52 -15.63 46.61
N LEU E 697 37.92 -14.47 46.86
CA LEU E 697 37.63 -14.06 48.23
C LEU E 697 36.58 -14.98 48.85
N THR E 698 36.64 -15.09 50.19
CA THR E 698 35.65 -15.82 50.95
C THR E 698 35.01 -15.00 52.06
N PHE E 699 35.65 -13.94 52.54
CA PHE E 699 35.14 -13.16 53.64
C PHE E 699 35.60 -11.73 53.52
N LEU E 700 34.86 -10.82 54.16
CA LEU E 700 35.20 -9.41 54.21
C LEU E 700 35.73 -9.08 55.60
N PRO E 701 36.95 -8.54 55.72
CA PRO E 701 37.44 -8.13 57.03
C PRO E 701 36.56 -7.05 57.65
N ALA E 702 36.51 -7.05 58.99
CA ALA E 702 35.64 -6.13 59.70
C ALA E 702 36.03 -4.67 59.52
N ASP E 703 37.25 -4.40 59.03
CA ASP E 703 37.69 -3.02 58.85
C ASP E 703 36.96 -2.29 57.74
N ILE E 704 36.07 -2.97 57.01
CA ILE E 704 35.34 -2.29 55.93
C ILE E 704 34.40 -1.23 56.48
N GLY E 705 34.08 -1.28 57.77
CA GLY E 705 33.27 -0.23 58.37
C GLY E 705 33.97 1.10 58.49
N LEU E 706 35.30 1.11 58.38
CA LEU E 706 36.05 2.36 58.44
C LEU E 706 35.85 3.21 57.20
N LEU E 707 35.34 2.62 56.10
CA LEU E 707 35.19 3.33 54.83
C LEU E 707 33.84 4.04 54.83
N GLN E 708 33.83 5.24 55.44
CA GLN E 708 32.62 6.04 55.46
C GLN E 708 32.30 6.64 54.10
N ASN E 709 33.27 6.71 53.19
CA ASN E 709 33.06 7.26 51.86
C ASN E 709 32.78 6.18 50.81
N LEU E 710 32.55 4.94 51.23
CA LEU E 710 32.24 3.88 50.29
C LEU E 710 30.95 4.22 49.54
N GLN E 711 30.99 4.10 48.22
CA GLN E 711 29.84 4.47 47.40
C GLN E 711 29.44 3.33 46.48
N ASN E 712 30.41 2.49 46.10
CA ASN E 712 30.15 1.30 45.32
C ASN E 712 30.95 0.14 45.89
N LEU E 713 30.31 -1.01 46.03
CA LEU E 713 30.96 -2.23 46.50
C LEU E 713 30.56 -3.37 45.59
N ALA E 714 31.51 -3.93 44.85
CA ALA E 714 31.27 -5.02 43.93
C ALA E 714 32.14 -6.21 44.33
N VAL E 715 31.50 -7.26 44.83
CA VAL E 715 32.21 -8.49 45.18
C VAL E 715 31.59 -9.64 44.40
N THR E 716 31.12 -9.35 43.20
CA THR E 716 30.45 -10.33 42.36
C THR E 716 31.37 -11.51 42.06
N ALA E 717 30.76 -12.69 41.95
CA ALA E 717 31.48 -13.93 41.63
C ALA E 717 32.57 -14.21 42.66
N ASN E 718 32.19 -14.19 43.93
CA ASN E 718 33.07 -14.52 45.03
C ASN E 718 32.40 -15.58 45.91
N ARG E 719 33.17 -16.08 46.88
CA ARG E 719 32.71 -17.11 47.80
C ARG E 719 32.39 -16.52 49.16
N ILE E 720 31.82 -15.32 49.17
CA ILE E 720 31.46 -14.63 50.40
C ILE E 720 30.31 -15.39 51.06
N GLU E 721 30.60 -16.08 52.15
CA GLU E 721 29.57 -16.85 52.84
C GLU E 721 28.52 -15.94 53.45
N ALA E 722 28.95 -14.89 54.16
CA ALA E 722 28.04 -13.97 54.81
C ALA E 722 28.73 -12.63 55.00
N LEU E 723 27.96 -11.56 54.84
CA LEU E 723 28.49 -10.22 54.99
C LEU E 723 28.62 -9.87 56.47
N PRO E 724 29.79 -9.43 56.93
CA PRO E 724 29.89 -8.96 58.31
C PRO E 724 28.99 -7.76 58.54
N PRO E 725 28.37 -7.66 59.72
CA PRO E 725 27.52 -6.49 60.00
C PRO E 725 28.26 -5.17 60.00
N GLU E 726 29.59 -5.18 60.19
CA GLU E 726 30.37 -3.96 60.12
C GLU E 726 30.31 -3.31 58.76
N LEU E 727 29.94 -4.07 57.72
CA LEU E 727 29.80 -3.51 56.39
C LEU E 727 28.73 -2.43 56.34
N PHE E 728 27.67 -2.58 57.14
CA PHE E 728 26.55 -1.64 57.10
C PHE E 728 26.86 -0.32 57.78
N GLN E 729 28.04 -0.19 58.41
CA GLN E 729 28.48 1.10 58.90
C GLN E 729 28.77 2.10 57.78
N CYS E 730 28.88 1.62 56.54
CA CYS E 730 29.07 2.50 55.39
C CYS E 730 27.76 3.20 55.08
N ARG E 731 27.56 4.39 55.65
CA ARG E 731 26.26 5.05 55.59
C ARG E 731 25.86 5.40 54.17
N LYS E 732 26.79 5.93 53.38
CA LYS E 732 26.48 6.45 52.05
C LYS E 732 26.72 5.43 50.95
N LEU E 733 26.68 4.14 51.26
CA LEU E 733 26.84 3.12 50.24
C LEU E 733 25.67 3.17 49.27
N ARG E 734 25.95 3.49 48.01
CA ARG E 734 24.91 3.72 47.03
C ARG E 734 24.67 2.55 46.09
N ALA E 735 25.50 1.50 46.17
CA ALA E 735 25.30 0.33 45.33
C ALA E 735 25.91 -0.88 46.02
N LEU E 736 25.47 -2.06 45.61
CA LEU E 736 25.97 -3.31 46.16
C LEU E 736 25.86 -4.37 45.08
N HIS E 737 26.97 -5.01 44.75
CA HIS E 737 27.00 -6.08 43.76
C HIS E 737 27.45 -7.36 44.45
N LEU E 738 26.47 -8.08 45.01
CA LEU E 738 26.72 -9.36 45.68
C LEU E 738 26.32 -10.55 44.82
N GLY E 739 26.09 -10.34 43.52
CA GLY E 739 25.62 -11.41 42.67
C GLY E 739 26.64 -12.52 42.53
N ASN E 740 26.14 -13.69 42.12
CA ASN E 740 26.96 -14.86 41.86
C ASN E 740 27.82 -15.24 43.08
N ASN E 741 27.23 -15.14 44.26
CA ASN E 741 27.90 -15.48 45.50
C ASN E 741 27.26 -16.73 46.11
N VAL E 742 27.72 -17.09 47.30
CA VAL E 742 27.19 -18.23 48.04
C VAL E 742 26.56 -17.74 49.33
N LEU E 743 26.00 -16.53 49.27
CA LEU E 743 25.37 -15.94 50.46
C LEU E 743 24.25 -16.84 50.97
N GLN E 744 24.29 -17.11 52.27
CA GLN E 744 23.27 -17.94 52.91
C GLN E 744 22.06 -17.13 53.32
N SER E 745 22.26 -16.08 54.13
CA SER E 745 21.19 -15.20 54.55
C SER E 745 21.69 -13.76 54.50
N LEU E 746 20.82 -12.87 54.03
CA LEU E 746 21.13 -11.45 54.00
C LEU E 746 21.08 -10.91 55.43
N PRO E 747 22.14 -10.27 55.92
CA PRO E 747 22.06 -9.67 57.26
C PRO E 747 20.96 -8.63 57.34
N SER E 748 20.30 -8.59 58.50
CA SER E 748 19.10 -7.77 58.67
C SER E 748 19.40 -6.27 58.69
N ARG E 749 20.66 -5.87 58.81
CA ARG E 749 21.01 -4.45 58.85
C ARG E 749 21.02 -3.82 57.46
N VAL E 750 20.44 -4.48 56.46
CA VAL E 750 20.47 -3.99 55.09
C VAL E 750 19.68 -2.69 54.95
N GLY E 751 18.65 -2.51 55.78
CA GLY E 751 17.79 -1.33 55.65
C GLY E 751 18.44 -0.05 56.09
N GLU E 752 19.52 -0.12 56.87
CA GLU E 752 20.21 1.09 57.31
C GLU E 752 20.84 1.85 56.16
N LEU E 753 21.08 1.19 55.02
CA LEU E 753 21.68 1.83 53.86
C LEU E 753 20.63 2.71 53.20
N THR E 754 20.53 3.95 53.68
CA THR E 754 19.51 4.87 53.17
C THR E 754 19.88 5.40 51.79
N ASN E 755 21.16 5.46 51.48
CA ASN E 755 21.61 5.91 50.16
C ASN E 755 21.67 4.78 49.15
N LEU E 756 21.33 3.55 49.54
CA LEU E 756 21.37 2.42 48.63
C LEU E 756 20.39 2.61 47.48
N THR E 757 20.90 2.67 46.25
CA THR E 757 20.07 2.89 45.08
C THR E 757 19.87 1.62 44.27
N GLN E 758 20.95 0.90 43.98
CA GLN E 758 20.89 -0.36 43.24
C GLN E 758 21.55 -1.46 44.06
N ILE E 759 20.89 -2.61 44.15
CA ILE E 759 21.43 -3.76 44.85
C ILE E 759 21.25 -4.99 43.97
N GLU E 760 22.32 -5.78 43.82
CA GLU E 760 22.31 -6.99 43.03
C GLU E 760 22.52 -8.20 43.93
N LEU E 761 21.62 -9.18 43.84
CA LEU E 761 21.68 -10.37 44.68
C LEU E 761 21.46 -11.66 43.91
N ARG E 762 21.32 -11.58 42.58
CA ARG E 762 20.95 -12.76 41.80
C ARG E 762 22.09 -13.78 41.78
N GLY E 763 21.71 -15.05 41.79
CA GLY E 763 22.67 -16.13 41.74
C GLY E 763 23.12 -16.66 43.09
N ASN E 764 22.51 -16.22 44.18
CA ASN E 764 22.91 -16.62 45.52
C ASN E 764 21.94 -17.64 46.09
N ARG E 765 22.45 -18.45 47.02
CA ARG E 765 21.64 -19.44 47.74
C ARG E 765 20.90 -18.79 48.91
N LEU E 766 20.15 -17.73 48.61
CA LEU E 766 19.46 -16.93 49.62
C LEU E 766 18.06 -17.49 49.83
N GLU E 767 17.81 -18.06 51.01
CA GLU E 767 16.53 -18.70 51.27
C GLU E 767 15.42 -17.68 51.44
N CYS E 768 15.66 -16.63 52.23
CA CYS E 768 14.61 -15.70 52.58
C CYS E 768 15.14 -14.28 52.48
N LEU E 769 14.23 -13.35 52.22
CA LEU E 769 14.61 -11.95 52.15
C LEU E 769 14.23 -11.24 53.44
N PRO E 770 15.09 -10.35 53.94
CA PRO E 770 14.78 -9.64 55.18
C PRO E 770 13.66 -8.63 54.98
N VAL E 771 12.88 -8.42 56.04
CA VAL E 771 11.85 -7.40 56.02
C VAL E 771 12.44 -6.00 56.04
N GLU E 772 13.71 -5.87 56.43
CA GLU E 772 14.36 -4.57 56.50
C GLU E 772 14.73 -4.03 55.12
N LEU E 773 14.59 -4.82 54.06
CA LEU E 773 14.80 -4.28 52.73
C LEU E 773 13.75 -3.24 52.35
N GLY E 774 12.64 -3.18 53.10
CA GLY E 774 11.56 -2.27 52.80
C GLY E 774 11.74 -0.85 53.31
N GLU E 775 12.84 -0.56 54.02
CA GLU E 775 13.09 0.77 54.55
C GLU E 775 14.28 1.46 53.86
N CYS E 776 14.49 1.19 52.57
CA CYS E 776 15.47 1.92 51.78
C CYS E 776 14.74 2.92 50.91
N PRO E 777 14.88 4.23 51.17
CA PRO E 777 14.07 5.22 50.43
C PRO E 777 14.30 5.22 48.93
N LEU E 778 15.52 4.96 48.48
CA LEU E 778 15.87 5.06 47.07
C LEU E 778 15.76 3.74 46.33
N LEU E 779 15.38 2.66 47.00
CA LEU E 779 15.34 1.34 46.37
C LEU E 779 14.04 1.17 45.59
N LYS E 780 14.17 0.71 44.35
CA LYS E 780 13.04 0.37 43.49
C LYS E 780 13.11 -1.10 43.13
N ARG E 781 12.04 -1.59 42.50
CA ARG E 781 12.03 -2.99 42.09
C ARG E 781 13.08 -3.27 41.03
N SER E 782 13.29 -2.32 40.11
CA SER E 782 14.39 -2.46 39.15
C SER E 782 15.73 -2.35 39.85
N GLY E 783 15.84 -1.47 40.84
CA GLY E 783 17.09 -1.35 41.59
C GLY E 783 17.47 -2.64 42.29
N LEU E 784 16.49 -3.33 42.88
CA LEU E 784 16.73 -4.61 43.51
C LEU E 784 16.78 -5.70 42.44
N VAL E 785 17.91 -6.39 42.36
CA VAL E 785 18.09 -7.50 41.44
C VAL E 785 18.05 -8.78 42.27
N VAL E 786 17.00 -9.58 42.08
CA VAL E 786 16.81 -10.82 42.84
C VAL E 786 15.86 -11.70 42.07
N GLU E 787 15.88 -13.00 42.37
CA GLU E 787 14.98 -13.94 41.72
C GLU E 787 13.53 -13.62 42.07
N GLU E 788 12.63 -13.81 41.10
CA GLU E 788 11.23 -13.49 41.33
C GLU E 788 10.61 -14.37 42.41
N ASP E 789 10.88 -15.67 42.38
CA ASP E 789 10.33 -16.56 43.39
C ASP E 789 10.86 -16.23 44.78
N LEU E 790 12.13 -15.84 44.88
CA LEU E 790 12.65 -15.35 46.14
C LEU E 790 12.00 -14.01 46.52
N PHE E 791 11.79 -13.14 45.53
CA PHE E 791 11.14 -11.86 45.78
C PHE E 791 9.72 -12.05 46.29
N SER E 792 9.10 -13.19 45.98
CA SER E 792 7.76 -13.48 46.50
C SER E 792 7.75 -13.68 48.00
N THR E 793 8.92 -13.81 48.63
CA THR E 793 8.98 -13.97 50.08
C THR E 793 8.84 -12.64 50.82
N LEU E 794 8.98 -11.51 50.12
CA LEU E 794 8.88 -10.22 50.78
C LEU E 794 7.44 -9.91 51.16
N PRO E 795 7.24 -9.09 52.19
CA PRO E 795 5.88 -8.77 52.61
C PRO E 795 5.13 -8.03 51.53
N PRO E 796 3.80 -8.20 51.47
CA PRO E 796 3.02 -7.45 50.47
C PRO E 796 3.10 -5.94 50.63
N GLU E 797 3.23 -5.44 51.87
CA GLU E 797 3.40 -4.00 52.05
C GLU E 797 4.69 -3.51 51.42
N VAL E 798 5.80 -4.19 51.71
CA VAL E 798 7.09 -3.82 51.14
C VAL E 798 7.05 -3.93 49.62
N LYS E 799 6.48 -5.01 49.11
CA LYS E 799 6.43 -5.21 47.67
C LYS E 799 5.59 -4.13 46.99
N GLU E 800 4.45 -3.77 47.59
CA GLU E 800 3.63 -2.72 47.01
C GLU E 800 4.32 -1.37 47.05
N ARG E 801 5.02 -1.08 48.15
CA ARG E 801 5.77 0.18 48.23
C ARG E 801 6.86 0.23 47.17
N LEU E 802 7.57 -0.88 46.97
CA LEU E 802 8.61 -0.91 45.94
C LEU E 802 8.02 -0.77 44.54
N TRP E 803 6.89 -1.42 44.29
CA TRP E 803 6.23 -1.28 42.99
C TRP E 803 5.78 0.15 42.74
N ARG E 804 5.23 0.80 43.78
CA ARG E 804 4.81 2.19 43.65
C ARG E 804 6.00 3.10 43.38
N ALA E 805 7.11 2.88 44.09
CA ALA E 805 8.30 3.70 43.87
C ALA E 805 8.87 3.49 42.48
N ASP E 806 8.94 2.24 42.02
CA ASP E 806 9.49 1.97 40.69
C ASP E 806 8.59 2.54 39.60
N LYS E 807 7.28 2.40 39.75
CA LYS E 807 6.36 2.98 38.78
C LYS E 807 6.48 4.50 38.74
N GLU E 808 6.56 5.12 39.92
CA GLU E 808 6.78 6.56 40.05
C GLU E 808 7.09 6.93 41.49
N PRO F 15 13.47 -10.12 -41.17
CA PRO F 15 13.38 -9.64 -39.79
C PRO F 15 14.73 -9.57 -39.11
N ALA F 16 14.91 -10.38 -38.07
CA ALA F 16 16.17 -10.43 -37.32
C ALA F 16 17.17 -11.42 -37.91
N TYR F 17 16.86 -12.01 -39.07
CA TYR F 17 17.75 -12.99 -39.67
C TYR F 17 19.01 -12.36 -40.28
N ARG F 18 19.09 -11.03 -40.35
CA ARG F 18 20.23 -10.38 -40.97
C ARG F 18 21.54 -10.71 -40.25
N ILE F 19 21.46 -11.16 -38.99
CA ILE F 19 22.66 -11.53 -38.25
C ILE F 19 23.31 -12.78 -38.84
N LEU F 20 22.51 -13.68 -39.43
CA LEU F 20 23.04 -14.95 -39.91
C LEU F 20 24.01 -14.77 -41.07
N LYS F 21 23.67 -13.89 -42.01
CA LYS F 21 24.40 -13.83 -43.27
C LYS F 21 25.71 -13.06 -43.13
N PRO F 22 26.85 -13.67 -43.42
CA PRO F 22 28.11 -12.90 -43.45
C PRO F 22 28.17 -12.01 -44.68
N TRP F 23 29.30 -11.35 -44.91
CA TRP F 23 29.37 -10.43 -46.03
C TRP F 23 29.35 -11.16 -47.36
N TRP F 24 29.99 -12.34 -47.43
CA TRP F 24 29.92 -13.12 -48.66
C TRP F 24 28.50 -13.56 -48.97
N ASP F 25 27.71 -13.86 -47.94
CA ASP F 25 26.32 -14.25 -48.20
C ASP F 25 25.54 -13.09 -48.81
N VAL F 26 25.74 -11.88 -48.29
CA VAL F 26 25.07 -10.70 -48.86
C VAL F 26 25.55 -10.44 -50.27
N PHE F 27 26.85 -10.57 -50.51
CA PHE F 27 27.39 -10.38 -51.85
C PHE F 27 26.79 -11.38 -52.83
N THR F 28 26.70 -12.64 -52.43
CA THR F 28 26.12 -13.66 -53.31
C THR F 28 24.64 -13.40 -53.54
N ASP F 29 23.92 -12.93 -52.52
CA ASP F 29 22.52 -12.60 -52.70
C ASP F 29 22.35 -11.50 -53.73
N TYR F 30 23.20 -10.46 -53.66
CA TYR F 30 23.08 -9.36 -54.60
C TYR F 30 23.50 -9.78 -56.01
N ILE F 31 24.56 -10.58 -56.12
CA ILE F 31 24.98 -11.08 -57.43
C ILE F 31 23.88 -11.97 -58.02
N SER F 32 23.21 -12.74 -57.17
CA SER F 32 22.12 -13.57 -57.66
C SER F 32 20.94 -12.73 -58.11
N ILE F 33 20.67 -11.62 -57.42
CA ILE F 33 19.60 -10.73 -57.86
C ILE F 33 19.93 -10.14 -59.22
N VAL F 34 21.18 -9.71 -59.41
CA VAL F 34 21.61 -9.16 -60.70
C VAL F 34 21.50 -10.22 -61.79
N MET F 35 21.92 -11.45 -61.49
CA MET F 35 21.86 -12.50 -62.49
C MET F 35 20.43 -12.89 -62.83
N LEU F 36 19.54 -12.88 -61.84
CA LEU F 36 18.13 -13.08 -62.13
C LEU F 36 17.58 -11.95 -62.98
N MET F 37 18.04 -10.73 -62.73
CA MET F 37 17.64 -9.58 -63.54
C MET F 37 18.04 -9.77 -64.99
N ILE F 38 19.28 -10.19 -65.22
CA ILE F 38 19.72 -10.36 -66.61
C ILE F 38 19.05 -11.58 -67.23
N ALA F 39 18.71 -12.58 -66.42
CA ALA F 39 17.96 -13.72 -66.95
C ALA F 39 16.59 -13.28 -67.43
N VAL F 40 15.89 -12.45 -66.65
CA VAL F 40 14.57 -12.01 -67.05
C VAL F 40 14.66 -11.09 -68.26
N PHE F 41 15.67 -10.22 -68.29
CA PHE F 41 15.85 -9.34 -69.44
C PHE F 41 16.13 -10.14 -70.70
N GLY F 42 17.07 -11.08 -70.64
CA GLY F 42 17.34 -11.91 -71.81
C GLY F 42 16.16 -12.76 -72.20
N GLY F 43 15.41 -13.25 -71.22
CA GLY F 43 14.25 -14.06 -71.54
C GLY F 43 13.16 -13.28 -72.24
N THR F 44 12.87 -12.07 -71.76
CA THR F 44 11.87 -11.26 -72.44
C THR F 44 12.36 -10.81 -73.81
N LEU F 45 13.66 -10.56 -73.96
CA LEU F 45 14.21 -10.24 -75.27
C LEU F 45 14.06 -11.41 -76.24
N GLN F 46 14.35 -12.63 -75.77
CA GLN F 46 14.24 -13.81 -76.61
C GLN F 46 12.79 -14.10 -76.95
N VAL F 47 11.87 -13.86 -76.01
CA VAL F 47 10.46 -14.10 -76.27
C VAL F 47 9.91 -13.08 -77.26
N THR F 48 10.32 -11.83 -77.13
CA THR F 48 9.65 -10.77 -77.89
C THR F 48 10.29 -10.47 -79.24
N GLN F 49 11.58 -10.75 -79.45
CA GLN F 49 12.18 -10.54 -80.76
C GLN F 49 12.36 -11.83 -81.55
N ASP F 50 13.17 -12.76 -81.03
CA ASP F 50 13.34 -14.12 -81.56
C ASP F 50 13.33 -14.17 -83.09
N LYS F 51 14.29 -13.49 -83.71
CA LYS F 51 14.31 -13.38 -85.16
C LYS F 51 15.59 -13.94 -85.75
N MET F 52 15.46 -14.55 -86.92
CA MET F 52 16.52 -14.68 -87.90
C MET F 52 16.03 -14.05 -89.19
N ILE F 53 16.91 -13.31 -89.86
CA ILE F 53 16.59 -12.69 -91.13
C ILE F 53 17.45 -13.38 -92.18
N CYS F 54 16.80 -14.12 -93.08
CA CYS F 54 17.48 -15.04 -93.97
C CYS F 54 17.27 -14.63 -95.42
N LEU F 55 18.36 -14.54 -96.18
CA LEU F 55 18.30 -14.34 -97.61
C LEU F 55 18.90 -15.54 -98.32
N PRO F 56 18.25 -16.05 -99.35
CA PRO F 56 18.82 -17.19 -100.09
C PRO F 56 20.11 -16.82 -100.79
N CYS F 57 20.97 -17.83 -100.97
CA CYS F 57 22.24 -17.66 -101.65
C CYS F 57 22.14 -18.32 -103.01
N LYS F 58 22.22 -17.51 -104.07
CA LYS F 58 22.09 -18.04 -105.43
C LYS F 58 23.33 -18.83 -105.82
N TRP F 59 24.51 -18.29 -105.54
CA TRP F 59 25.77 -18.95 -105.87
C TRP F 59 26.29 -19.63 -104.62
N VAL F 60 26.28 -20.96 -104.63
CA VAL F 60 26.61 -21.78 -103.47
C VAL F 60 27.90 -22.53 -103.75
N THR F 61 28.88 -22.40 -102.86
CA THR F 61 30.16 -23.09 -102.98
C THR F 61 30.33 -24.03 -101.80
N LYS F 62 30.34 -25.34 -102.10
CA LYS F 62 30.54 -26.38 -101.10
C LYS F 62 29.53 -26.25 -99.94
N ASP F 63 28.24 -26.22 -100.32
CA ASP F 63 27.14 -26.16 -99.36
C ASP F 63 27.24 -24.91 -98.48
N SER F 64 27.68 -23.81 -99.08
CA SER F 64 27.86 -22.56 -98.36
C SER F 64 27.80 -21.41 -99.35
N CYS F 65 27.56 -20.20 -98.83
CA CYS F 65 27.38 -19.04 -99.68
C CYS F 65 28.70 -18.57 -100.27
N ASN F 66 28.68 -18.19 -101.54
CA ASN F 66 29.90 -17.78 -102.23
C ASN F 66 30.30 -16.34 -101.90
N ASP F 67 29.32 -15.46 -101.65
CA ASP F 67 29.58 -14.05 -101.38
C ASP F 67 30.33 -13.38 -102.53
N SER F 68 29.91 -13.67 -103.76
CA SER F 68 30.47 -13.02 -104.94
C SER F 68 29.42 -12.79 -106.02
N THR F 92 23.67 2.41 -116.50
CA THR F 92 23.97 1.04 -116.10
C THR F 92 24.52 0.98 -114.69
N GLY F 93 23.67 1.30 -113.71
CA GLY F 93 24.07 1.25 -112.33
C GLY F 93 23.71 -0.08 -111.70
N PRO F 94 23.79 -0.16 -110.37
CA PRO F 94 23.40 -1.39 -109.68
C PRO F 94 21.90 -1.60 -109.73
N THR F 95 21.50 -2.87 -109.62
CA THR F 95 20.10 -3.24 -109.49
C THR F 95 19.99 -4.30 -108.41
N GLY F 96 18.84 -4.36 -107.76
CA GLY F 96 18.63 -5.32 -106.72
C GLY F 96 18.52 -6.73 -107.25
N ILE F 97 18.99 -7.68 -106.46
CA ILE F 97 18.87 -9.09 -106.79
C ILE F 97 17.46 -9.55 -106.47
N LYS F 98 16.82 -10.23 -107.41
CA LYS F 98 15.45 -10.71 -107.24
C LYS F 98 15.45 -12.19 -106.92
N TYR F 99 14.75 -12.56 -105.85
CA TYR F 99 14.69 -13.94 -105.40
C TYR F 99 13.35 -14.61 -105.66
N ASP F 100 12.32 -13.86 -106.04
CA ASP F 100 11.01 -14.42 -106.36
C ASP F 100 10.43 -15.22 -105.19
N LEU F 101 10.59 -14.71 -103.98
CA LEU F 101 10.11 -15.38 -102.78
C LEU F 101 9.03 -14.54 -102.12
N ASP F 102 8.02 -15.21 -101.58
CA ASP F 102 6.98 -14.56 -100.81
C ASP F 102 7.50 -14.11 -99.46
N ARG F 103 6.78 -13.17 -98.85
CA ARG F 103 7.03 -12.86 -97.46
C ARG F 103 6.79 -14.09 -96.59
N HIS F 104 5.88 -14.96 -96.98
CA HIS F 104 5.63 -16.17 -96.22
C HIS F 104 6.70 -17.22 -96.44
N GLN F 105 7.27 -17.29 -97.65
CA GLN F 105 8.42 -18.16 -97.86
C GLN F 105 9.61 -17.68 -97.06
N TYR F 106 9.79 -16.37 -96.97
CA TYR F 106 10.84 -15.83 -96.09
C TYR F 106 10.56 -16.15 -94.64
N ASN F 107 9.31 -16.03 -94.19
CA ASN F 107 8.99 -16.38 -92.81
C ASN F 107 9.27 -17.86 -92.55
N TYR F 108 8.92 -18.73 -93.51
CA TYR F 108 9.15 -20.14 -93.33
C TYR F 108 10.64 -20.45 -93.25
N VAL F 109 11.45 -19.83 -94.12
CA VAL F 109 12.87 -20.14 -94.06
C VAL F 109 13.49 -19.55 -92.80
N ASP F 110 13.03 -18.40 -92.34
CA ASP F 110 13.49 -17.87 -91.08
C ASP F 110 13.15 -18.81 -89.92
N ALA F 111 11.92 -19.34 -89.92
CA ALA F 111 11.52 -20.27 -88.87
C ALA F 111 12.35 -21.54 -88.89
N VAL F 112 12.59 -22.10 -90.08
CA VAL F 112 13.33 -23.35 -90.17
C VAL F 112 14.78 -23.14 -89.78
N CYS F 113 15.40 -22.09 -90.31
CA CYS F 113 16.80 -21.85 -89.99
C CYS F 113 17.00 -21.50 -88.52
N TYR F 114 16.08 -20.75 -87.92
CA TYR F 114 16.16 -20.47 -86.49
C TYR F 114 16.01 -21.75 -85.69
N GLU F 115 15.05 -22.60 -86.04
CA GLU F 115 14.83 -23.82 -85.29
C GLU F 115 16.01 -24.78 -85.38
N ASN F 116 16.58 -24.92 -86.58
CA ASN F 116 17.57 -25.95 -86.83
C ASN F 116 19.00 -25.47 -86.69
N ARG F 117 19.37 -24.40 -87.38
CA ARG F 117 20.78 -24.03 -87.48
C ARG F 117 21.22 -22.97 -86.48
N LEU F 118 20.31 -22.41 -85.68
CA LEU F 118 20.74 -21.53 -84.60
C LEU F 118 21.22 -22.39 -83.43
N HIS F 119 22.35 -22.03 -82.85
CA HIS F 119 22.93 -22.82 -81.78
C HIS F 119 22.03 -22.82 -80.56
N TRP F 120 21.86 -23.99 -79.95
CA TRP F 120 20.96 -24.11 -78.81
C TRP F 120 21.33 -23.16 -77.69
N PHE F 121 22.62 -22.85 -77.54
CA PHE F 121 23.04 -21.92 -76.50
C PHE F 121 22.45 -20.54 -76.74
N ALA F 122 22.50 -20.05 -77.98
CA ALA F 122 21.94 -18.74 -78.28
C ALA F 122 20.44 -18.72 -78.01
N LYS F 123 19.74 -19.82 -78.29
CA LYS F 123 18.30 -19.85 -78.10
C LYS F 123 17.91 -19.91 -76.63
N TYR F 124 18.61 -20.72 -75.83
CA TYR F 124 18.16 -21.03 -74.48
C TYR F 124 19.09 -20.50 -73.40
N PHE F 125 19.96 -19.54 -73.73
CA PHE F 125 20.82 -18.94 -72.71
C PHE F 125 20.04 -18.27 -71.59
N PRO F 126 19.06 -17.40 -71.83
CA PRO F 126 18.35 -16.79 -70.70
C PRO F 126 17.64 -17.79 -69.81
N TYR F 127 17.10 -18.86 -70.38
CA TYR F 127 16.43 -19.87 -69.56
C TYR F 127 17.43 -20.64 -68.72
N LEU F 128 18.62 -20.89 -69.25
CA LEU F 128 19.67 -21.51 -68.44
C LEU F 128 20.09 -20.60 -67.30
N VAL F 129 20.20 -19.30 -67.57
CA VAL F 129 20.55 -18.35 -66.50
C VAL F 129 19.46 -18.32 -65.44
N LEU F 130 18.20 -18.31 -65.86
CA LEU F 130 17.10 -18.32 -64.90
C LEU F 130 17.13 -19.59 -64.05
N LEU F 131 17.39 -20.73 -64.68
CA LEU F 131 17.46 -21.99 -63.94
C LEU F 131 18.58 -21.97 -62.92
N HIS F 132 19.77 -21.50 -63.32
CA HIS F 132 20.90 -21.49 -62.40
C HIS F 132 20.68 -20.52 -61.26
N THR F 133 20.09 -19.35 -61.53
CA THR F 133 19.83 -18.41 -60.46
C THR F 133 18.75 -18.93 -59.51
N LEU F 134 17.72 -19.58 -60.05
CA LEU F 134 16.69 -20.14 -59.19
C LEU F 134 17.26 -21.23 -58.30
N ILE F 135 18.13 -22.08 -58.84
CA ILE F 135 18.69 -23.12 -57.98
C ILE F 135 19.67 -22.54 -56.97
N PHE F 136 20.38 -21.46 -57.34
CA PHE F 136 21.22 -20.77 -56.35
C PHE F 136 20.39 -20.20 -55.20
N LEU F 137 19.27 -19.56 -55.53
CA LEU F 137 18.40 -19.00 -54.50
C LEU F 137 17.77 -20.08 -53.63
N ALA F 138 17.35 -21.19 -54.25
CA ALA F 138 16.83 -22.31 -53.48
C ALA F 138 17.88 -22.88 -52.55
N CYS F 139 19.14 -22.99 -53.02
CA CYS F 139 20.21 -23.43 -52.16
C CYS F 139 20.42 -22.49 -50.99
N SER F 140 20.34 -21.18 -51.24
CA SER F 140 20.52 -20.23 -50.14
C SER F 140 19.40 -20.35 -49.11
N ASN F 141 18.15 -20.49 -49.56
CA ASN F 141 17.00 -20.39 -48.67
C ASN F 141 16.49 -21.73 -48.15
N PHE F 142 17.09 -22.85 -48.55
CA PHE F 142 16.60 -24.14 -48.08
C PHE F 142 16.73 -24.28 -46.56
N TRP F 143 17.86 -23.84 -45.99
CA TRP F 143 18.04 -23.98 -44.54
C TRP F 143 17.08 -23.10 -43.75
N PHE F 144 16.45 -22.12 -44.39
CA PHE F 144 15.42 -21.31 -43.75
C PHE F 144 14.03 -21.90 -43.94
N LYS F 145 13.78 -22.52 -45.11
CA LYS F 145 12.47 -23.06 -45.39
C LYS F 145 12.27 -24.46 -44.84
N PHE F 146 13.33 -25.23 -44.66
CA PHE F 146 13.21 -26.59 -44.17
C PHE F 146 12.86 -26.56 -42.69
N PRO F 147 11.72 -27.11 -42.27
CA PRO F 147 11.27 -26.93 -40.88
C PRO F 147 12.26 -27.45 -39.83
N ARG F 148 12.97 -28.53 -40.12
CA ARG F 148 13.86 -29.12 -39.12
C ARG F 148 14.95 -28.14 -38.72
N THR F 149 15.56 -27.45 -39.69
CA THR F 149 16.55 -26.42 -39.39
C THR F 149 15.92 -25.05 -39.14
N SER F 150 14.74 -24.80 -39.72
CA SER F 150 14.05 -23.55 -39.47
C SER F 150 13.71 -23.38 -38.00
N SER F 151 13.21 -24.45 -37.37
CA SER F 151 12.87 -24.36 -35.95
C SER F 151 14.11 -24.09 -35.10
N LYS F 152 15.22 -24.78 -35.38
CA LYS F 152 16.44 -24.55 -34.63
C LYS F 152 16.94 -23.13 -34.80
N LEU F 153 16.93 -22.62 -36.03
CA LEU F 153 17.41 -21.26 -36.28
C LEU F 153 16.52 -20.24 -35.58
N GLU F 154 15.20 -20.41 -35.64
CA GLU F 154 14.32 -19.43 -35.01
C GLU F 154 14.44 -19.49 -33.49
N HIS F 155 14.61 -20.69 -32.92
CA HIS F 155 14.80 -20.80 -31.48
C HIS F 155 16.10 -20.12 -31.06
N PHE F 156 17.17 -20.36 -31.81
CA PHE F 156 18.44 -19.71 -31.50
C PHE F 156 18.33 -18.20 -31.59
N VAL F 157 17.69 -17.68 -32.63
CA VAL F 157 17.63 -16.23 -32.80
C VAL F 157 16.75 -15.61 -31.72
N SER F 158 15.65 -16.28 -31.35
CA SER F 158 14.79 -15.76 -30.29
C SER F 158 15.54 -15.70 -28.97
N ILE F 159 16.25 -16.78 -28.63
CA ILE F 159 16.96 -16.80 -27.35
C ILE F 159 18.13 -15.83 -27.36
N LEU F 160 18.85 -15.73 -28.49
CA LEU F 160 19.95 -14.79 -28.58
C LEU F 160 19.47 -13.35 -28.48
N LEU F 161 18.29 -13.06 -29.04
CA LEU F 161 17.75 -11.71 -28.95
C LEU F 161 17.29 -11.40 -27.53
N LYS F 162 16.58 -12.33 -26.89
CA LYS F 162 16.12 -12.08 -25.53
C LYS F 162 17.27 -12.06 -24.53
N CYS F 163 18.41 -12.66 -24.87
CA CYS F 163 19.62 -12.50 -24.07
C CYS F 163 20.41 -11.26 -24.43
N PHE F 164 20.20 -10.72 -25.63
CA PHE F 164 20.83 -9.46 -26.00
C PHE F 164 20.14 -8.28 -25.33
N ASP F 165 18.84 -8.39 -25.11
CA ASP F 165 18.05 -7.33 -24.47
C ASP F 165 18.05 -7.42 -22.95
N SER F 166 18.70 -8.44 -22.38
CA SER F 166 18.76 -8.59 -20.94
C SER F 166 19.84 -7.67 -20.37
N PRO F 167 19.51 -6.86 -19.34
CA PRO F 167 20.48 -5.88 -18.84
C PRO F 167 21.59 -6.47 -17.98
N TRP F 168 21.49 -7.72 -17.55
CA TRP F 168 22.53 -8.30 -16.69
C TRP F 168 23.88 -8.35 -17.41
N THR F 169 23.88 -8.37 -18.74
CA THR F 169 25.11 -8.55 -19.49
C THR F 169 26.05 -7.36 -19.32
N THR F 170 25.53 -6.14 -19.43
CA THR F 170 26.38 -4.96 -19.29
C THR F 170 26.92 -4.85 -17.88
N ARG F 171 26.13 -5.22 -16.88
CA ARG F 171 26.61 -5.21 -15.50
C ARG F 171 27.73 -6.22 -15.32
N ALA F 172 27.57 -7.42 -15.88
CA ALA F 172 28.61 -8.43 -15.78
C ALA F 172 29.89 -7.96 -16.46
N LEU F 173 29.77 -7.31 -17.61
CA LEU F 173 30.95 -6.78 -18.30
C LEU F 173 31.60 -5.67 -17.48
N SER F 174 30.80 -4.81 -16.87
CA SER F 174 31.33 -3.68 -16.12
C SER F 174 31.93 -4.09 -14.79
N GLU F 175 31.51 -5.24 -14.25
CA GLU F 175 31.97 -5.65 -12.93
C GLU F 175 33.49 -5.79 -12.87
N THR F 176 34.12 -6.14 -13.98
CA THR F 176 35.57 -6.33 -14.05
C THR F 176 36.07 -7.32 -13.02
N LYS F 216 53.61 -13.42 0.31
CA LYS F 216 53.09 -12.27 1.03
C LYS F 216 52.22 -12.71 2.21
N SER F 217 52.19 -11.89 3.26
CA SER F 217 51.40 -12.23 4.43
C SER F 217 49.90 -12.14 4.16
N ARG F 218 49.47 -11.17 3.36
CA ARG F 218 48.04 -10.95 3.17
C ARG F 218 47.40 -12.07 2.34
N ILE F 219 48.14 -12.60 1.36
CA ILE F 219 47.55 -13.58 0.45
C ILE F 219 47.35 -14.91 1.15
N GLU F 220 48.29 -15.33 2.00
CA GLU F 220 48.23 -16.63 2.63
C GLU F 220 47.42 -16.64 3.92
N GLN F 221 46.85 -15.52 4.32
CA GLN F 221 46.07 -15.43 5.55
C GLN F 221 44.60 -15.15 5.28
N GLY F 222 44.07 -15.70 4.19
CA GLY F 222 42.64 -15.65 3.92
C GLY F 222 42.06 -14.28 3.70
N ILE F 223 42.90 -13.26 3.50
CA ILE F 223 42.44 -11.90 3.30
C ILE F 223 42.29 -11.68 1.79
N VAL F 224 41.08 -11.35 1.35
CA VAL F 224 40.79 -11.18 -0.06
C VAL F 224 40.44 -9.71 -0.31
N ASP F 225 40.57 -9.30 -1.58
CA ASP F 225 40.38 -7.92 -1.96
C ASP F 225 38.90 -7.56 -2.01
N ARG F 226 38.63 -6.26 -1.94
CA ARG F 226 37.25 -5.78 -1.94
C ARG F 226 36.57 -6.05 -3.28
N SER F 227 35.28 -6.35 -3.21
CA SER F 227 34.44 -6.53 -4.38
C SER F 227 33.16 -5.73 -4.18
N GLU F 228 32.76 -4.99 -5.21
CA GLU F 228 31.57 -4.15 -5.10
C GLU F 228 30.31 -4.98 -5.29
N THR F 229 29.18 -4.40 -4.85
CA THR F 229 27.89 -5.06 -4.95
C THR F 229 26.85 -4.04 -5.38
N GLY F 230 25.65 -4.53 -5.70
CA GLY F 230 24.54 -3.68 -6.06
C GLY F 230 23.22 -4.30 -5.65
N VAL F 231 22.14 -3.63 -6.04
CA VAL F 231 20.78 -4.09 -5.80
C VAL F 231 20.05 -4.14 -7.13
N LEU F 232 19.38 -5.26 -7.39
CA LEU F 232 18.68 -5.47 -8.66
C LEU F 232 17.24 -5.87 -8.39
N ASP F 233 16.38 -5.55 -9.35
CA ASP F 233 14.94 -5.79 -9.19
C ASP F 233 14.65 -7.28 -9.04
N LYS F 234 13.66 -7.60 -8.20
CA LYS F 234 13.26 -8.98 -8.03
C LYS F 234 12.66 -9.54 -9.32
N LYS F 235 11.81 -8.77 -10.00
CA LYS F 235 11.20 -9.24 -11.23
C LYS F 235 12.26 -9.50 -12.30
N GLU F 236 13.19 -8.56 -12.48
CA GLU F 236 14.25 -8.78 -13.45
C GLU F 236 15.15 -9.93 -13.02
N GLY F 237 15.31 -10.16 -11.71
CA GLY F 237 16.07 -11.30 -11.26
C GLY F 237 15.41 -12.61 -11.62
N GLU F 238 14.09 -12.70 -11.44
CA GLU F 238 13.37 -13.90 -11.85
C GLU F 238 13.43 -14.09 -13.36
N GLN F 239 13.34 -12.99 -14.12
CA GLN F 239 13.46 -13.09 -15.57
C GLN F 239 14.84 -13.63 -15.96
N ALA F 240 15.89 -13.14 -15.30
CA ALA F 240 17.23 -13.62 -15.60
C ALA F 240 17.41 -15.09 -15.21
N LYS F 241 16.80 -15.50 -14.09
CA LYS F 241 16.87 -16.90 -13.70
C LYS F 241 16.18 -17.80 -14.73
N ALA F 242 14.98 -17.41 -15.15
CA ALA F 242 14.27 -18.18 -16.17
C ALA F 242 15.03 -18.20 -17.48
N LEU F 243 15.70 -17.09 -17.82
CA LEU F 243 16.48 -17.05 -19.05
C LEU F 243 17.71 -17.95 -18.96
N PHE F 244 18.35 -18.00 -17.79
CA PHE F 244 19.44 -18.96 -17.59
C PHE F 244 18.94 -20.39 -17.78
N GLU F 245 17.79 -20.71 -17.21
CA GLU F 245 17.23 -22.05 -17.37
C GLU F 245 16.93 -22.36 -18.84
N LYS F 246 16.33 -21.40 -19.55
CA LYS F 246 15.99 -21.59 -20.95
C LYS F 246 17.25 -21.78 -21.80
N VAL F 247 18.30 -21.00 -21.52
CA VAL F 247 19.55 -21.14 -22.27
C VAL F 247 20.17 -22.51 -21.99
N LYS F 248 20.10 -22.98 -20.75
CA LYS F 248 20.57 -24.33 -20.46
C LYS F 248 19.83 -25.37 -21.29
N LYS F 249 18.49 -25.29 -21.27
CA LYS F 249 17.69 -26.25 -22.03
C LYS F 249 18.01 -26.20 -23.51
N PHE F 250 18.14 -24.99 -24.06
CA PHE F 250 18.39 -24.85 -25.49
C PHE F 250 19.78 -25.35 -25.86
N ARG F 251 20.80 -25.06 -25.05
CA ARG F 251 22.13 -25.57 -25.34
C ARG F 251 22.14 -27.09 -25.30
N THR F 252 21.44 -27.67 -24.33
CA THR F 252 21.35 -29.13 -24.28
C THR F 252 20.67 -29.68 -25.53
N HIS F 253 19.59 -29.02 -25.97
CA HIS F 253 18.87 -29.48 -27.16
C HIS F 253 19.73 -29.38 -28.41
N VAL F 254 20.52 -28.31 -28.52
CA VAL F 254 21.27 -28.05 -29.74
C VAL F 254 22.61 -28.75 -29.81
N GLU F 255 23.21 -29.09 -28.66
CA GLU F 255 24.54 -29.69 -28.65
C GLU F 255 24.60 -31.01 -29.42
N GLU F 256 23.46 -31.68 -29.60
CA GLU F 256 23.44 -33.02 -30.19
C GLU F 256 23.12 -33.03 -31.67
N GLY F 257 22.51 -31.99 -32.21
CA GLY F 257 21.96 -32.05 -33.56
C GLY F 257 22.94 -32.09 -34.72
N ASP F 258 23.68 -31.00 -34.92
CA ASP F 258 24.57 -30.84 -36.08
C ASP F 258 23.83 -31.04 -37.39
N ILE F 259 22.62 -30.50 -37.48
CA ILE F 259 21.82 -30.56 -38.69
C ILE F 259 21.92 -29.27 -39.49
N VAL F 260 21.88 -28.12 -38.82
CA VAL F 260 22.01 -26.85 -39.52
C VAL F 260 23.37 -26.75 -40.18
N TYR F 261 24.43 -27.16 -39.46
CA TYR F 261 25.77 -27.11 -40.02
C TYR F 261 25.89 -28.00 -41.26
N ARG F 262 25.35 -29.21 -41.20
CA ARG F 262 25.43 -30.11 -42.35
C ARG F 262 24.68 -29.53 -43.54
N LEU F 263 23.49 -29.01 -43.33
CA LEU F 263 22.73 -28.42 -44.42
C LEU F 263 23.48 -27.24 -45.03
N TYR F 264 24.05 -26.39 -44.19
CA TYR F 264 24.80 -25.24 -44.70
C TYR F 264 26.01 -25.69 -45.51
N MET F 265 26.72 -26.70 -45.01
CA MET F 265 27.88 -27.22 -45.72
C MET F 265 27.48 -27.79 -47.09
N ARG F 266 26.40 -28.57 -47.13
CA ARG F 266 25.95 -29.13 -48.40
C ARG F 266 25.53 -28.04 -49.36
N GLN F 267 24.83 -27.01 -48.87
CA GLN F 267 24.43 -25.90 -49.73
C GLN F 267 25.63 -25.21 -50.34
N THR F 268 26.65 -24.92 -49.52
CA THR F 268 27.83 -24.24 -50.05
C THR F 268 28.58 -25.11 -51.05
N ILE F 269 28.70 -26.40 -50.78
CA ILE F 269 29.40 -27.28 -51.72
C ILE F 269 28.65 -27.35 -53.05
N ILE F 270 27.31 -27.43 -52.99
CA ILE F 270 26.51 -27.42 -54.21
C ILE F 270 26.74 -26.14 -54.99
N LYS F 271 26.74 -25.00 -54.30
CA LYS F 271 26.97 -23.73 -54.97
C LYS F 271 28.32 -23.72 -55.69
N VAL F 272 29.37 -24.20 -55.03
CA VAL F 272 30.70 -24.13 -55.64
C VAL F 272 30.79 -25.05 -56.86
N ILE F 273 30.30 -26.28 -56.74
CA ILE F 273 30.42 -27.20 -57.88
C ILE F 273 29.58 -26.71 -59.04
N LYS F 274 28.40 -26.16 -58.75
CA LYS F 274 27.55 -25.61 -59.80
C LYS F 274 28.23 -24.45 -60.49
N PHE F 275 28.90 -23.58 -59.72
CA PHE F 275 29.67 -22.50 -60.34
C PHE F 275 30.72 -23.06 -61.29
N ALA F 276 31.46 -24.08 -60.86
CA ALA F 276 32.51 -24.61 -61.72
C ALA F 276 31.93 -25.14 -63.03
N LEU F 277 30.86 -25.93 -62.93
CA LEU F 277 30.23 -26.49 -64.13
C LEU F 277 29.75 -25.40 -65.07
N ILE F 278 29.02 -24.42 -64.54
CA ILE F 278 28.41 -23.42 -65.40
C ILE F 278 29.48 -22.54 -66.03
N ILE F 279 30.54 -22.20 -65.29
CA ILE F 279 31.61 -21.41 -65.88
C ILE F 279 32.23 -22.17 -67.04
N CYS F 280 32.51 -23.46 -66.84
CA CYS F 280 33.18 -24.21 -67.88
C CYS F 280 32.34 -24.28 -69.15
N TYR F 281 31.07 -24.70 -69.02
CA TYR F 281 30.28 -24.91 -70.23
C TYR F 281 29.92 -23.57 -70.89
N THR F 282 29.63 -22.54 -70.09
CA THR F 282 29.29 -21.25 -70.66
C THR F 282 30.45 -20.65 -71.42
N VAL F 283 31.66 -20.71 -70.86
CA VAL F 283 32.80 -20.17 -71.59
C VAL F 283 33.06 -20.98 -72.84
N TYR F 284 32.85 -22.30 -72.78
CA TYR F 284 33.05 -23.09 -73.99
C TYR F 284 32.08 -22.70 -75.10
N TYR F 285 30.80 -22.54 -74.76
CA TYR F 285 29.77 -22.38 -75.77
C TYR F 285 29.45 -20.93 -76.13
N VAL F 286 30.03 -19.94 -75.45
CA VAL F 286 29.65 -18.56 -75.74
C VAL F 286 30.07 -18.11 -77.13
N HIS F 287 31.04 -18.78 -77.76
CA HIS F 287 31.50 -18.34 -79.07
C HIS F 287 30.52 -18.67 -80.19
N ASN F 288 29.50 -19.47 -79.92
CA ASN F 288 28.51 -19.85 -80.92
C ASN F 288 27.41 -18.82 -81.10
N ILE F 289 27.44 -17.72 -80.36
CA ILE F 289 26.47 -16.65 -80.52
C ILE F 289 27.02 -15.69 -81.57
N LYS F 290 26.75 -15.99 -82.84
CA LYS F 290 27.22 -15.18 -83.95
C LYS F 290 26.06 -14.40 -84.54
N PHE F 291 26.36 -13.23 -85.10
CA PHE F 291 25.34 -12.45 -85.78
C PHE F 291 24.98 -13.07 -87.12
N ASP F 292 25.98 -13.47 -87.90
CA ASP F 292 25.75 -14.00 -89.24
C ASP F 292 25.82 -15.53 -89.19
N VAL F 293 24.74 -16.17 -89.65
CA VAL F 293 24.58 -17.61 -89.57
C VAL F 293 24.28 -18.14 -90.97
N ASP F 294 24.87 -19.28 -91.28
CA ASP F 294 24.61 -19.98 -92.54
C ASP F 294 23.82 -21.24 -92.25
N CYS F 295 22.75 -21.47 -93.01
CA CYS F 295 21.99 -22.71 -92.89
C CYS F 295 21.83 -23.35 -94.24
N THR F 296 21.98 -24.67 -94.28
CA THR F 296 21.65 -25.51 -95.41
C THR F 296 20.63 -26.50 -94.87
N VAL F 297 19.35 -26.12 -94.88
CA VAL F 297 18.34 -26.82 -94.12
C VAL F 297 17.49 -27.75 -94.98
N ASP F 298 17.78 -27.86 -96.27
CA ASP F 298 17.09 -28.78 -97.17
C ASP F 298 15.59 -28.51 -97.18
N ILE F 299 15.25 -27.30 -97.62
CA ILE F 299 13.88 -26.97 -98.03
C ILE F 299 14.02 -26.36 -99.42
N GLU F 300 14.03 -27.21 -100.44
CA GLU F 300 14.10 -26.75 -101.81
C GLU F 300 12.81 -26.99 -102.57
N SER F 301 12.05 -28.00 -102.17
CA SER F 301 10.71 -28.19 -102.71
C SER F 301 9.75 -27.10 -102.27
N LEU F 302 10.14 -26.29 -101.28
CA LEU F 302 9.29 -25.25 -100.74
C LEU F 302 9.74 -23.85 -101.10
N THR F 303 11.03 -23.64 -101.33
CA THR F 303 11.53 -22.33 -101.70
C THR F 303 12.32 -22.31 -102.99
N GLY F 304 13.03 -23.37 -103.33
CA GLY F 304 13.84 -23.41 -104.54
C GLY F 304 15.32 -23.21 -104.31
N TYR F 305 15.73 -22.85 -103.11
CA TYR F 305 17.12 -22.55 -102.80
C TYR F 305 17.67 -23.57 -101.82
N ARG F 306 18.96 -23.85 -101.95
CA ARG F 306 19.61 -24.81 -101.05
C ARG F 306 20.03 -24.15 -99.75
N THR F 307 20.91 -23.17 -99.82
CA THR F 307 21.51 -22.56 -98.65
C THR F 307 21.03 -21.13 -98.48
N TYR F 308 21.06 -20.65 -97.25
CA TYR F 308 20.63 -19.31 -96.90
C TYR F 308 21.67 -18.68 -95.99
N ARG F 309 21.78 -17.35 -96.06
CA ARG F 309 22.59 -16.58 -95.14
C ARG F 309 21.66 -15.80 -94.23
N CYS F 310 21.86 -15.93 -92.93
CA CYS F 310 20.92 -15.36 -91.96
C CYS F 310 21.65 -14.42 -91.01
N ALA F 311 20.91 -13.42 -90.55
CA ALA F 311 21.38 -12.48 -89.55
C ALA F 311 20.63 -12.73 -88.26
N HIS F 312 21.36 -12.84 -87.16
CA HIS F 312 20.75 -12.96 -85.84
C HIS F 312 20.84 -11.61 -85.13
N PRO F 313 19.83 -10.76 -85.26
CA PRO F 313 19.96 -9.38 -84.77
C PRO F 313 20.23 -9.26 -83.29
N LEU F 314 19.81 -10.23 -82.48
CA LEU F 314 20.02 -10.17 -81.04
C LEU F 314 21.30 -10.87 -80.59
N ALA F 315 22.14 -11.28 -81.54
CA ALA F 315 23.33 -12.05 -81.18
C ALA F 315 24.32 -11.22 -80.38
N THR F 316 24.50 -9.95 -80.75
CA THR F 316 25.51 -9.15 -80.06
C THR F 316 25.06 -8.79 -78.65
N LEU F 317 23.77 -8.47 -78.47
CA LEU F 317 23.28 -8.23 -77.13
C LEU F 317 23.35 -9.48 -76.28
N PHE F 318 23.04 -10.64 -76.86
CA PHE F 318 23.15 -11.88 -76.11
C PHE F 318 24.58 -12.21 -75.77
N LYS F 319 25.54 -11.87 -76.64
CA LYS F 319 26.94 -12.09 -76.31
C LYS F 319 27.38 -11.16 -75.19
N ILE F 320 26.92 -9.91 -75.23
CA ILE F 320 27.21 -8.97 -74.13
C ILE F 320 26.65 -9.51 -72.82
N LEU F 321 25.39 -9.96 -72.85
CA LEU F 321 24.76 -10.49 -71.64
C LEU F 321 25.49 -11.73 -71.16
N ALA F 322 25.91 -12.61 -72.07
CA ALA F 322 26.58 -13.83 -71.67
C ALA F 322 27.95 -13.55 -71.06
N SER F 323 28.71 -12.62 -71.63
CA SER F 323 30.02 -12.32 -71.05
C SER F 323 29.87 -11.58 -69.72
N PHE F 324 28.87 -10.70 -69.62
CA PHE F 324 28.56 -10.09 -68.33
C PHE F 324 28.20 -11.14 -67.31
N TYR F 325 27.45 -12.16 -67.74
CA TYR F 325 27.08 -13.26 -66.84
C TYR F 325 28.30 -14.07 -66.43
N ILE F 326 29.23 -14.33 -67.34
CA ILE F 326 30.41 -15.10 -66.93
C ILE F 326 31.27 -14.28 -65.98
N SER F 327 31.29 -12.96 -66.14
CA SER F 327 32.02 -12.14 -65.16
C SER F 327 31.35 -12.21 -63.80
N LEU F 328 30.02 -12.09 -63.76
CA LEU F 328 29.30 -12.21 -62.50
C LEU F 328 29.54 -13.57 -61.87
N VAL F 329 29.53 -14.63 -62.67
CA VAL F 329 29.72 -15.97 -62.13
C VAL F 329 31.17 -16.18 -61.69
N ILE F 330 32.13 -15.54 -62.35
CA ILE F 330 33.51 -15.59 -61.87
C ILE F 330 33.60 -14.96 -60.48
N PHE F 331 32.96 -13.81 -60.30
CA PHE F 331 32.96 -13.18 -58.98
C PHE F 331 32.26 -14.07 -57.95
N TYR F 332 31.12 -14.65 -58.33
CA TYR F 332 30.39 -15.54 -57.43
C TYR F 332 31.23 -16.75 -57.06
N GLY F 333 31.96 -17.30 -58.01
CA GLY F 333 32.80 -18.44 -57.73
C GLY F 333 33.96 -18.12 -56.83
N LEU F 334 34.61 -16.97 -57.05
CA LEU F 334 35.67 -16.56 -56.14
C LEU F 334 35.14 -16.35 -54.74
N ILE F 335 33.96 -15.73 -54.62
CA ILE F 335 33.38 -15.47 -53.31
C ILE F 335 33.01 -16.78 -52.62
N CYS F 336 32.38 -17.71 -53.34
CA CYS F 336 32.00 -18.97 -52.72
C CYS F 336 33.21 -19.85 -52.44
N MET F 337 34.26 -19.76 -53.26
CA MET F 337 35.50 -20.45 -52.93
C MET F 337 36.09 -19.92 -51.65
N TYR F 338 36.08 -18.60 -51.47
CA TYR F 338 36.54 -18.02 -50.21
C TYR F 338 35.67 -18.49 -49.04
N THR F 339 34.36 -18.56 -49.25
CA THR F 339 33.47 -19.01 -48.19
C THR F 339 33.75 -20.45 -47.79
N LEU F 340 33.93 -21.33 -48.76
CA LEU F 340 34.22 -22.73 -48.45
C LEU F 340 35.62 -22.88 -47.84
N TRP F 341 36.57 -22.07 -48.31
CA TRP F 341 37.90 -22.04 -47.70
C TRP F 341 37.81 -21.65 -46.24
N TRP F 342 36.99 -20.65 -45.93
CA TRP F 342 36.79 -20.23 -44.54
C TRP F 342 36.14 -21.34 -43.72
N MET F 343 35.08 -21.94 -44.26
CA MET F 343 34.35 -22.95 -43.51
C MET F 343 35.17 -24.22 -43.32
N LEU F 344 36.21 -24.41 -44.14
CA LEU F 344 37.08 -25.57 -43.95
C LEU F 344 38.29 -25.26 -43.08
N ARG F 345 38.90 -24.08 -43.24
CA ARG F 345 40.08 -23.72 -42.46
C ARG F 345 39.73 -23.38 -41.02
N ARG F 346 38.55 -22.80 -40.80
CA ARG F 346 38.20 -22.30 -39.47
C ARG F 346 38.00 -23.44 -38.46
N SER F 347 37.46 -24.57 -38.90
CA SER F 347 37.08 -25.67 -38.01
C SER F 347 36.07 -25.19 -36.97
N LEU F 348 34.92 -24.73 -37.46
CA LEU F 348 33.91 -24.06 -36.67
C LEU F 348 32.88 -25.00 -36.06
N LYS F 349 33.21 -26.28 -35.89
CA LYS F 349 32.33 -27.17 -35.15
C LYS F 349 32.47 -27.01 -33.64
N LYS F 350 33.46 -26.24 -33.19
CA LYS F 350 33.66 -25.96 -31.77
C LYS F 350 33.91 -24.46 -31.61
N TYR F 351 33.42 -23.90 -30.51
CA TYR F 351 33.59 -22.48 -30.20
C TYR F 351 34.64 -22.34 -29.10
N SER F 352 35.64 -21.48 -29.35
CA SER F 352 36.77 -21.39 -28.44
C SER F 352 36.49 -20.49 -27.24
N PHE F 353 35.99 -19.28 -27.50
CA PHE F 353 35.64 -18.32 -26.45
C PHE F 353 36.85 -17.90 -25.61
N GLU F 354 38.06 -18.07 -26.13
CA GLU F 354 39.24 -17.89 -25.29
C GLU F 354 39.57 -16.42 -25.04
N SER F 355 39.30 -15.53 -26.00
CA SER F 355 39.72 -14.15 -25.86
C SER F 355 38.94 -13.42 -24.77
N ILE F 356 37.61 -13.57 -24.79
CA ILE F 356 36.77 -12.85 -23.84
C ILE F 356 37.11 -13.25 -22.41
N ARG F 357 37.19 -14.56 -22.15
CA ARG F 357 37.45 -15.02 -20.79
C ARG F 357 38.92 -14.93 -20.42
N GLU F 358 39.83 -14.87 -21.39
CA GLU F 358 41.23 -14.66 -21.08
C GLU F 358 41.51 -13.21 -20.71
N GLU F 359 40.73 -12.27 -21.27
CA GLU F 359 40.87 -10.88 -20.87
C GLU F 359 40.08 -10.57 -19.60
N SER F 360 38.76 -10.76 -19.65
CA SER F 360 37.87 -10.34 -18.57
C SER F 360 37.83 -11.33 -17.41
N SER F 361 38.52 -12.47 -17.52
CA SER F 361 38.64 -13.43 -16.43
C SER F 361 37.28 -13.98 -16.00
N TYR F 362 36.61 -14.66 -16.92
CA TYR F 362 35.42 -15.46 -16.62
C TYR F 362 35.65 -16.85 -17.23
N SER F 363 36.40 -17.69 -16.52
CA SER F 363 36.84 -18.97 -17.07
C SER F 363 35.75 -20.03 -17.04
N ASP F 364 34.59 -19.74 -16.47
CA ASP F 364 33.51 -20.72 -16.35
C ASP F 364 32.57 -20.65 -17.55
N ILE F 365 33.16 -20.75 -18.75
CA ILE F 365 32.40 -20.89 -19.99
C ILE F 365 33.00 -22.04 -20.77
N PRO F 366 32.40 -23.23 -20.74
CA PRO F 366 32.98 -24.37 -21.45
C PRO F 366 32.85 -24.20 -22.96
N ASP F 367 33.75 -24.87 -23.68
CA ASP F 367 33.72 -24.84 -25.14
C ASP F 367 32.43 -25.47 -25.65
N VAL F 368 32.00 -25.01 -26.82
CA VAL F 368 30.69 -25.34 -27.37
C VAL F 368 30.84 -26.46 -28.40
N LYS F 369 29.94 -27.43 -28.36
CA LYS F 369 29.97 -28.56 -29.28
C LYS F 369 29.14 -28.23 -30.53
N ASN F 370 28.82 -29.26 -31.30
CA ASN F 370 28.29 -29.08 -32.65
C ASN F 370 26.93 -28.38 -32.65
N ASP F 371 26.67 -27.65 -33.73
CA ASP F 371 25.40 -27.02 -34.07
C ASP F 371 25.08 -25.81 -33.21
N PHE F 372 25.89 -25.59 -32.17
CA PHE F 372 25.78 -24.39 -31.37
C PHE F 372 27.01 -23.50 -31.49
N ALA F 373 28.14 -24.05 -31.93
CA ALA F 373 29.30 -23.24 -32.27
C ALA F 373 29.21 -22.69 -33.68
N PHE F 374 28.45 -23.35 -34.56
CA PHE F 374 28.29 -22.84 -35.92
C PHE F 374 27.50 -21.54 -35.94
N MET F 375 26.36 -21.51 -35.24
CA MET F 375 25.57 -20.29 -35.17
C MET F 375 26.34 -19.18 -34.46
N LEU F 376 27.12 -19.55 -33.44
CA LEU F 376 27.95 -18.55 -32.77
C LEU F 376 29.03 -18.01 -33.70
N HIS F 377 29.60 -18.86 -34.56
CA HIS F 377 30.59 -18.37 -35.53
C HIS F 377 29.95 -17.42 -36.54
N LEU F 378 28.74 -17.74 -37.00
CA LEU F 378 28.01 -16.81 -37.86
C LEU F 378 27.79 -15.47 -37.17
N ILE F 379 27.35 -15.52 -35.91
CA ILE F 379 27.14 -14.29 -35.14
C ILE F 379 28.45 -13.52 -35.03
N ASP F 380 29.56 -14.22 -34.79
CA ASP F 380 30.85 -13.56 -34.66
C ASP F 380 31.23 -12.86 -35.96
N GLN F 381 30.95 -13.50 -37.09
CA GLN F 381 31.19 -12.84 -38.37
C GLN F 381 30.34 -11.58 -38.51
N TYR F 382 29.07 -11.64 -38.09
CA TYR F 382 28.24 -10.45 -38.10
C TYR F 382 28.72 -9.43 -37.07
N ASP F 383 28.68 -9.79 -35.79
CA ASP F 383 29.04 -8.87 -34.70
C ASP F 383 29.45 -9.62 -33.44
N PRO F 384 30.69 -9.49 -32.98
CA PRO F 384 31.11 -10.17 -31.73
C PRO F 384 30.34 -9.69 -30.50
N LEU F 385 29.70 -8.53 -30.58
CA LEU F 385 28.94 -8.01 -29.44
C LEU F 385 27.89 -9.01 -28.99
N TYR F 386 27.19 -9.64 -29.94
CA TYR F 386 26.23 -10.67 -29.56
C TYR F 386 26.92 -11.88 -28.93
N SER F 387 28.13 -12.21 -29.39
CA SER F 387 28.87 -13.30 -28.78
C SER F 387 29.13 -13.03 -27.31
N LYS F 388 29.54 -11.81 -26.97
CA LYS F 388 29.78 -11.50 -25.57
C LYS F 388 28.48 -11.33 -24.78
N ARG F 389 27.41 -10.85 -25.41
CA ARG F 389 26.13 -10.78 -24.72
C ARG F 389 25.53 -12.15 -24.46
N PHE F 390 25.96 -13.18 -25.20
CA PHE F 390 25.52 -14.54 -24.94
C PHE F 390 26.44 -15.30 -23.99
N ALA F 391 27.75 -14.99 -24.03
CA ALA F 391 28.71 -15.73 -23.22
C ALA F 391 28.41 -15.56 -21.73
N VAL F 392 28.04 -14.35 -21.31
CA VAL F 392 27.72 -14.11 -19.92
C VAL F 392 26.54 -14.96 -19.49
N PHE F 393 25.49 -15.01 -20.31
CA PHE F 393 24.34 -15.83 -19.97
C PHE F 393 24.64 -17.31 -20.03
N LEU F 394 25.67 -17.72 -20.74
CA LEU F 394 26.06 -19.12 -20.75
C LEU F 394 27.08 -19.46 -19.66
N SER F 395 27.63 -18.46 -18.98
CA SER F 395 28.64 -18.71 -17.96
C SER F 395 28.00 -19.19 -16.67
N GLU F 396 28.84 -19.76 -15.80
CA GLU F 396 28.42 -20.25 -14.49
C GLU F 396 28.66 -19.25 -13.37
N VAL F 397 29.76 -18.49 -13.45
CA VAL F 397 30.00 -17.43 -12.47
C VAL F 397 28.82 -16.45 -12.46
N SER F 398 28.35 -16.07 -13.65
CA SER F 398 27.20 -15.18 -13.74
C SER F 398 25.96 -15.81 -13.12
N GLU F 399 25.75 -17.10 -13.36
CA GLU F 399 24.59 -17.77 -12.79
C GLU F 399 24.65 -17.78 -11.27
N ASN F 400 25.83 -18.04 -10.71
CA ASN F 400 25.97 -18.04 -9.26
C ASN F 400 25.78 -16.64 -8.68
N LYS F 401 26.28 -15.61 -9.37
CA LYS F 401 26.09 -14.25 -8.89
C LYS F 401 24.61 -13.85 -8.95
N LEU F 402 23.92 -14.23 -10.03
CA LEU F 402 22.48 -14.00 -10.10
C LEU F 402 21.76 -14.77 -9.00
N ARG F 403 22.24 -15.96 -8.68
CA ARG F 403 21.69 -16.72 -7.56
C ARG F 403 21.88 -15.97 -6.26
N GLN F 404 23.04 -15.34 -6.08
CA GLN F 404 23.27 -14.52 -4.89
C GLN F 404 22.30 -13.37 -4.82
N LEU F 405 22.07 -12.69 -5.95
CA LEU F 405 21.13 -11.57 -5.96
C LEU F 405 19.71 -12.04 -5.65
N ASN F 406 19.31 -13.18 -6.23
CA ASN F 406 18.00 -13.75 -5.93
C ASN F 406 17.89 -14.15 -4.47
N LEU F 407 18.98 -14.65 -3.88
CA LEU F 407 18.99 -14.97 -2.45
C LEU F 407 18.78 -13.71 -1.63
N ASN F 408 19.48 -12.62 -1.99
CA ASN F 408 19.31 -11.36 -1.30
C ASN F 408 17.87 -10.88 -1.38
N ASN F 409 17.25 -10.99 -2.55
CA ASN F 409 15.88 -10.55 -2.70
C ASN F 409 14.91 -11.46 -1.95
N GLU F 410 15.17 -12.77 -1.93
CA GLU F 410 14.27 -13.71 -1.29
C GLU F 410 14.30 -13.60 0.23
N TRP F 411 15.49 -13.55 0.83
CA TRP F 411 15.62 -13.50 2.28
C TRP F 411 15.57 -12.05 2.77
N THR F 412 14.37 -11.47 2.70
CA THR F 412 14.19 -10.10 3.17
C THR F 412 14.32 -10.05 4.69
N LEU F 413 14.56 -8.84 5.19
CA LEU F 413 14.82 -8.65 6.61
C LEU F 413 13.72 -9.23 7.48
N ASP F 414 12.47 -9.10 7.04
CA ASP F 414 11.36 -9.71 7.77
C ASP F 414 11.47 -11.22 7.78
N LYS F 415 11.86 -11.82 6.65
CA LYS F 415 12.01 -13.27 6.59
C LYS F 415 13.10 -13.75 7.55
N LEU F 416 14.24 -13.06 7.57
CA LEU F 416 15.31 -13.43 8.47
C LEU F 416 14.91 -13.25 9.93
N ARG F 417 14.20 -12.16 10.23
CA ARG F 417 13.77 -11.93 11.61
C ARG F 417 12.78 -13.01 12.06
N GLN F 418 11.89 -13.43 11.16
CA GLN F 418 11.01 -14.54 11.47
C GLN F 418 11.80 -15.84 11.61
N ARG F 419 12.93 -15.94 10.92
CA ARG F 419 13.79 -17.11 11.03
C ARG F 419 14.68 -17.07 12.26
N LEU F 420 14.83 -15.91 12.90
CA LEU F 420 15.69 -15.81 14.07
C LEU F 420 15.11 -16.58 15.25
N THR F 421 15.95 -17.37 15.90
CA THR F 421 15.60 -18.10 17.11
C THR F 421 16.59 -17.74 18.20
N LYS F 422 16.36 -18.29 19.39
CA LYS F 422 17.21 -18.06 20.55
C LYS F 422 17.74 -19.40 21.04
N ASN F 423 19.06 -19.53 21.11
CA ASN F 423 19.67 -20.76 21.58
C ASN F 423 19.50 -20.87 23.09
N ALA F 424 20.10 -21.93 23.66
CA ALA F 424 19.95 -22.19 25.08
C ALA F 424 20.49 -21.05 25.94
N GLN F 425 21.50 -20.33 25.47
CA GLN F 425 22.12 -19.24 26.22
C GLN F 425 21.36 -17.92 26.07
N ASP F 426 20.11 -17.99 25.62
CA ASP F 426 19.23 -16.81 25.50
C ASP F 426 19.86 -15.74 24.61
N LYS F 427 20.53 -16.19 23.55
CA LYS F 427 21.14 -15.32 22.55
C LYS F 427 20.41 -15.46 21.23
N LEU F 428 20.23 -14.36 20.53
CA LEU F 428 19.59 -14.41 19.22
C LEU F 428 20.50 -15.14 18.23
N GLU F 429 19.91 -16.11 17.53
CA GLU F 429 20.67 -17.05 16.71
C GLU F 429 20.11 -17.08 15.30
N LEU F 430 21.01 -17.16 14.32
CA LEU F 430 20.64 -17.37 12.92
C LEU F 430 21.47 -18.53 12.40
N HIS F 431 20.80 -19.64 12.11
CA HIS F 431 21.47 -20.85 11.61
C HIS F 431 21.19 -20.99 10.13
N LEU F 432 22.22 -20.86 9.31
CA LEU F 432 22.09 -20.97 7.86
C LEU F 432 22.60 -22.33 7.42
N PHE F 433 21.76 -23.08 6.71
CA PHE F 433 22.09 -24.42 6.28
C PHE F 433 21.85 -24.56 4.78
N MET F 434 22.86 -25.06 4.06
CA MET F 434 22.76 -25.38 2.64
C MET F 434 22.25 -24.20 1.82
N LEU F 435 22.94 -23.06 1.98
CA LEU F 435 22.74 -21.92 1.11
C LEU F 435 23.96 -21.72 0.22
N SER F 436 23.73 -21.19 -0.97
CA SER F 436 24.83 -20.98 -1.91
C SER F 436 25.82 -19.94 -1.42
N GLY F 437 25.43 -19.10 -0.48
CA GLY F 437 26.32 -18.11 0.08
C GLY F 437 25.63 -17.37 1.19
N ILE F 438 26.37 -16.46 1.81
CA ILE F 438 25.81 -15.64 2.88
C ILE F 438 24.96 -14.55 2.24
N PRO F 439 23.66 -14.47 2.53
CA PRO F 439 22.86 -13.36 2.01
C PRO F 439 23.42 -12.04 2.50
N ASP F 440 23.41 -11.05 1.61
CA ASP F 440 23.93 -9.73 1.97
C ASP F 440 23.07 -9.02 3.00
N THR F 441 21.85 -9.51 3.25
CA THR F 441 20.92 -8.89 4.17
C THR F 441 20.94 -9.52 5.56
N VAL F 442 21.79 -10.51 5.81
CA VAL F 442 21.94 -11.02 7.16
C VAL F 442 22.70 -10.04 8.03
N PHE F 443 23.37 -9.07 7.43
CA PHE F 443 24.12 -8.06 8.17
C PHE F 443 23.31 -6.78 8.39
N ASP F 444 22.03 -6.80 8.04
CA ASP F 444 21.13 -5.70 8.36
C ASP F 444 20.38 -5.92 9.66
N LEU F 445 20.53 -7.08 10.30
CA LEU F 445 19.93 -7.35 11.60
C LEU F 445 20.95 -6.99 12.68
N VAL F 446 20.80 -5.81 13.27
CA VAL F 446 21.74 -5.38 14.31
C VAL F 446 21.58 -6.21 15.59
N GLU F 447 20.43 -6.85 15.78
CA GLU F 447 20.19 -7.61 16.99
C GLU F 447 20.76 -9.02 16.95
N LEU F 448 21.36 -9.43 15.83
CA LEU F 448 21.92 -10.77 15.73
C LEU F 448 23.11 -10.94 16.67
N GLU F 449 23.12 -12.05 17.39
CA GLU F 449 24.18 -12.36 18.35
C GLU F 449 25.09 -13.48 17.91
N VAL F 450 24.52 -14.56 17.37
CA VAL F 450 25.28 -15.73 16.95
C VAL F 450 24.98 -16.00 15.48
N LEU F 451 26.03 -16.19 14.69
CA LEU F 451 25.90 -16.48 13.27
C LEU F 451 26.40 -17.90 13.02
N LYS F 452 25.49 -18.82 12.75
CA LYS F 452 25.82 -20.22 12.47
C LYS F 452 25.77 -20.44 10.97
N LEU F 453 26.88 -20.90 10.40
CA LEU F 453 27.00 -21.17 8.97
C LEU F 453 27.36 -22.63 8.79
N GLU F 454 26.50 -23.39 8.11
CA GLU F 454 26.72 -24.80 7.86
C GLU F 454 26.58 -25.10 6.38
N LEU F 455 27.62 -25.71 5.80
CA LEU F 455 27.60 -26.18 4.41
C LEU F 455 27.23 -25.06 3.44
N ILE F 456 27.98 -23.98 3.53
CA ILE F 456 27.84 -22.83 2.65
C ILE F 456 29.15 -22.67 1.89
N PRO F 457 29.16 -22.81 0.56
CA PRO F 457 30.40 -22.83 -0.19
C PRO F 457 30.79 -21.45 -0.71
N ASP F 458 32.04 -21.37 -1.17
CA ASP F 458 32.61 -20.19 -1.85
C ASP F 458 32.12 -18.90 -1.20
N VAL F 459 32.36 -18.80 0.10
CA VAL F 459 31.80 -17.75 0.94
C VAL F 459 32.90 -16.75 1.28
N THR F 460 32.63 -15.48 1.04
CA THR F 460 33.51 -14.39 1.44
C THR F 460 32.80 -13.53 2.46
N ILE F 461 33.44 -13.27 3.59
CA ILE F 461 32.86 -12.40 4.60
C ILE F 461 32.96 -10.97 4.10
N PRO F 462 31.84 -10.30 3.83
CA PRO F 462 31.88 -8.96 3.28
C PRO F 462 32.23 -7.95 4.35
N PRO F 463 32.66 -6.73 3.95
CA PRO F 463 32.87 -5.69 4.96
C PRO F 463 31.58 -5.25 5.64
N SER F 464 30.42 -5.62 5.09
CA SER F 464 29.16 -5.21 5.69
C SER F 464 28.89 -5.91 7.01
N ILE F 465 29.72 -6.88 7.39
CA ILE F 465 29.55 -7.55 8.67
C ILE F 465 29.82 -6.60 9.84
N ALA F 466 30.48 -5.47 9.58
CA ALA F 466 30.74 -4.49 10.63
C ALA F 466 29.46 -3.89 11.20
N GLN F 467 28.33 -4.02 10.50
CA GLN F 467 27.05 -3.56 11.04
C GLN F 467 26.54 -4.47 12.15
N LEU F 468 27.07 -5.68 12.26
CA LEU F 468 26.65 -6.60 13.32
C LEU F 468 27.40 -6.23 14.60
N THR F 469 26.99 -5.11 15.18
CA THR F 469 27.64 -4.63 16.41
C THR F 469 27.47 -5.64 17.54
N GLY F 470 26.33 -6.30 17.60
CA GLY F 470 26.03 -7.27 18.63
C GLY F 470 26.46 -8.68 18.33
N LEU F 471 27.24 -8.90 17.26
CA LEU F 471 27.71 -10.24 16.93
C LEU F 471 28.85 -10.64 17.87
N LYS F 472 28.72 -11.82 18.47
CA LYS F 472 29.73 -12.34 19.38
C LYS F 472 30.27 -13.71 18.98
N GLU F 473 29.45 -14.58 18.38
CA GLU F 473 29.83 -15.95 18.08
C GLU F 473 29.67 -16.21 16.58
N LEU F 474 30.64 -16.92 16.01
CA LEU F 474 30.64 -17.28 14.60
C LEU F 474 30.87 -18.78 14.49
N TRP F 475 29.91 -19.51 13.94
CA TRP F 475 29.98 -20.95 13.77
C TRP F 475 30.24 -21.25 12.30
N LEU F 476 31.41 -21.76 11.99
CA LEU F 476 31.79 -22.15 10.63
C LEU F 476 31.73 -23.68 10.56
N TYR F 477 30.57 -24.20 10.18
CA TYR F 477 30.36 -25.64 10.07
C TYR F 477 30.66 -26.09 8.65
N HIS F 478 31.79 -26.78 8.47
CA HIS F 478 32.20 -27.30 7.16
C HIS F 478 32.25 -26.18 6.13
N THR F 479 32.69 -25.00 6.56
CA THR F 479 32.63 -23.79 5.74
C THR F 479 33.99 -23.10 5.81
N ALA F 480 34.72 -23.15 4.71
CA ALA F 480 35.93 -22.34 4.54
C ALA F 480 35.51 -21.00 3.97
N ALA F 481 35.76 -19.93 4.72
CA ALA F 481 35.34 -18.59 4.34
C ALA F 481 36.54 -17.66 4.31
N LYS F 482 36.67 -16.91 3.23
CA LYS F 482 37.64 -15.83 3.16
C LYS F 482 37.03 -14.53 3.68
N ILE F 483 37.89 -13.66 4.18
CA ILE F 483 37.46 -12.40 4.77
C ILE F 483 38.28 -11.26 4.17
N GLU F 484 37.68 -10.08 4.18
CA GLU F 484 38.34 -8.88 3.70
C GLU F 484 38.89 -8.08 4.88
N ALA F 485 39.81 -7.18 4.60
CA ALA F 485 40.49 -6.44 5.67
C ALA F 485 39.53 -5.66 6.57
N PRO F 486 38.52 -4.94 6.08
CA PRO F 486 37.59 -4.28 7.01
C PRO F 486 36.85 -5.25 7.90
N ALA F 487 36.28 -6.31 7.30
CA ALA F 487 35.57 -7.30 8.09
C ALA F 487 36.50 -8.04 9.03
N LEU F 488 37.72 -8.35 8.57
CA LEU F 488 38.69 -9.01 9.44
C LEU F 488 39.03 -8.14 10.65
N ALA F 489 39.23 -6.83 10.43
CA ALA F 489 39.53 -5.95 11.55
C ALA F 489 38.34 -5.86 12.50
N PHE F 490 37.12 -5.78 11.95
CA PHE F 490 35.94 -5.75 12.81
C PHE F 490 35.86 -6.98 13.69
N LEU F 491 36.02 -8.17 13.09
CA LEU F 491 35.97 -9.40 13.87
C LEU F 491 37.12 -9.48 14.87
N ARG F 492 38.30 -8.98 14.48
CA ARG F 492 39.43 -8.92 15.39
C ARG F 492 39.12 -8.05 16.60
N GLU F 493 38.29 -7.03 16.43
CA GLU F 493 37.92 -6.15 17.53
C GLU F 493 36.67 -6.58 18.28
N ASN F 494 35.86 -7.48 17.72
CA ASN F 494 34.54 -7.73 18.30
C ASN F 494 34.24 -9.20 18.61
N LEU F 495 34.71 -10.11 17.77
CA LEU F 495 34.27 -11.49 17.86
C LEU F 495 34.81 -12.15 19.12
N ARG F 496 33.92 -12.79 19.88
CA ARG F 496 34.26 -13.41 21.15
C ARG F 496 34.42 -14.92 21.07
N ALA F 497 33.58 -15.60 20.29
CA ALA F 497 33.59 -17.05 20.20
C ALA F 497 33.60 -17.49 18.75
N LEU F 498 34.36 -18.55 18.46
CA LEU F 498 34.45 -19.10 17.10
C LEU F 498 34.32 -20.61 17.16
N HIS F 499 33.37 -21.15 16.41
CA HIS F 499 33.14 -22.59 16.31
C HIS F 499 33.61 -23.05 14.94
N ILE F 500 34.65 -23.87 14.90
CA ILE F 500 35.22 -24.38 13.66
C ILE F 500 35.04 -25.88 13.62
N LYS F 501 34.22 -26.36 12.68
CA LYS F 501 34.07 -27.78 12.40
C LYS F 501 34.58 -28.06 11.01
N PHE F 502 35.58 -28.93 10.90
CA PHE F 502 36.27 -29.13 9.64
C PHE F 502 36.58 -30.61 9.45
N THR F 503 36.27 -31.12 8.26
CA THR F 503 36.74 -32.44 7.84
C THR F 503 38.09 -32.37 7.15
N ASP F 504 38.64 -31.18 6.99
CA ASP F 504 39.93 -31.02 6.33
C ASP F 504 40.66 -29.85 6.98
N ILE F 505 41.99 -29.97 7.05
CA ILE F 505 42.79 -28.92 7.66
C ILE F 505 42.63 -27.60 6.90
N LYS F 506 42.62 -27.67 5.57
CA LYS F 506 42.53 -26.45 4.77
C LYS F 506 41.19 -25.73 4.96
N GLU F 507 40.16 -26.43 5.43
CA GLU F 507 38.88 -25.76 5.67
C GLU F 507 38.92 -24.82 6.86
N ILE F 508 39.92 -24.93 7.72
CA ILE F 508 40.13 -23.95 8.78
C ILE F 508 40.60 -22.66 8.15
N PRO F 509 39.88 -21.56 8.29
CA PRO F 509 40.40 -20.27 7.81
C PRO F 509 41.67 -19.91 8.55
N LEU F 510 42.63 -19.35 7.82
CA LEU F 510 43.92 -19.02 8.42
C LEU F 510 43.95 -17.63 9.01
N TRP F 511 42.89 -16.84 8.86
CA TRP F 511 42.79 -15.54 9.49
C TRP F 511 42.23 -15.61 10.90
N ILE F 512 41.82 -16.79 11.36
CA ILE F 512 41.23 -16.91 12.69
C ILE F 512 42.26 -16.71 13.79
N TYR F 513 43.54 -16.86 13.47
CA TYR F 513 44.60 -16.64 14.46
C TYR F 513 44.93 -15.16 14.63
N SER F 514 44.34 -14.30 13.82
CA SER F 514 44.49 -12.85 13.93
C SER F 514 43.36 -12.20 14.72
N LEU F 515 42.42 -12.99 15.25
CA LEU F 515 41.35 -12.47 16.08
C LEU F 515 41.89 -12.34 17.49
N LYS F 516 42.39 -11.15 17.82
CA LYS F 516 43.08 -10.96 19.09
C LYS F 516 42.17 -10.64 20.26
N THR F 517 40.86 -10.60 20.05
CA THR F 517 39.90 -10.47 21.14
C THR F 517 39.09 -11.74 21.35
N LEU F 518 39.45 -12.83 20.67
CA LEU F 518 38.74 -14.09 20.83
C LEU F 518 38.99 -14.68 22.21
N GLU F 519 37.92 -15.18 22.82
CA GLU F 519 37.98 -15.76 24.16
C GLU F 519 37.63 -17.24 24.21
N GLU F 520 36.92 -17.74 23.20
CA GLU F 520 36.38 -19.10 23.23
C GLU F 520 36.51 -19.72 21.85
N LEU F 521 37.39 -20.71 21.73
CA LEU F 521 37.65 -21.37 20.47
C LEU F 521 37.27 -22.84 20.58
N HIS F 522 36.40 -23.30 19.68
CA HIS F 522 35.96 -24.69 19.63
C HIS F 522 36.46 -25.33 18.35
N LEU F 523 37.40 -26.27 18.48
CA LEU F 523 37.97 -26.98 17.35
C LEU F 523 37.30 -28.34 17.25
N THR F 524 36.50 -28.55 16.20
CA THR F 524 35.80 -29.81 15.97
C THR F 524 36.31 -30.41 14.67
N GLY F 525 36.89 -31.60 14.75
CA GLY F 525 37.42 -32.25 13.58
C GLY F 525 38.85 -32.73 13.77
N ASN F 526 39.20 -33.85 13.15
CA ASN F 526 40.52 -34.43 13.31
C ASN F 526 41.58 -33.51 12.71
N LEU F 527 42.58 -33.15 13.52
CA LEU F 527 43.63 -32.24 13.07
C LEU F 527 45.00 -32.89 12.96
N SER F 528 45.28 -33.95 13.70
CA SER F 528 46.60 -34.54 13.71
C SER F 528 46.93 -35.15 12.35
N ALA F 529 48.21 -35.09 11.98
CA ALA F 529 48.68 -35.65 10.73
C ALA F 529 50.07 -36.23 10.93
N GLU F 530 50.57 -36.90 9.89
CA GLU F 530 51.87 -37.55 9.96
C GLU F 530 52.97 -36.58 9.52
N ASN F 531 53.97 -36.40 10.38
CA ASN F 531 55.18 -35.60 10.16
C ASN F 531 54.90 -34.10 10.13
N ASN F 532 53.65 -33.66 10.25
CA ASN F 532 53.33 -32.24 10.27
C ASN F 532 52.25 -31.93 11.30
N ARG F 533 52.12 -32.77 12.32
CA ARG F 533 51.07 -32.61 13.30
C ARG F 533 51.31 -31.37 14.16
N TYR F 534 50.20 -30.76 14.60
CA TYR F 534 50.23 -29.65 15.55
C TYR F 534 51.00 -28.46 15.00
N ILE F 535 50.83 -28.21 13.70
CA ILE F 535 51.44 -27.06 13.06
C ILE F 535 50.40 -26.05 12.57
N VAL F 536 49.21 -26.49 12.19
CA VAL F 536 48.15 -25.55 11.87
C VAL F 536 47.74 -24.76 13.10
N ILE F 537 47.88 -25.35 14.29
CA ILE F 537 47.48 -24.69 15.52
C ILE F 537 48.68 -24.00 16.16
N ASP F 538 49.77 -23.87 15.39
CA ASP F 538 50.90 -23.08 15.87
C ASP F 538 50.54 -21.60 16.05
N GLY F 539 49.48 -21.15 15.38
CA GLY F 539 48.99 -19.79 15.49
C GLY F 539 48.09 -19.53 16.67
N LEU F 540 47.86 -20.53 17.53
CA LEU F 540 47.04 -20.32 18.72
C LEU F 540 47.72 -19.45 19.76
N ARG F 541 49.06 -19.37 19.74
CA ARG F 541 49.76 -18.50 20.67
C ARG F 541 49.38 -17.05 20.45
N GLU F 542 49.07 -16.67 19.21
CA GLU F 542 48.70 -15.30 18.91
C GLU F 542 47.34 -14.92 19.46
N LEU F 543 46.52 -15.90 19.84
CA LEU F 543 45.25 -15.63 20.53
C LEU F 543 45.56 -15.35 21.99
N LYS F 544 45.90 -14.08 22.27
CA LYS F 544 46.39 -13.71 23.59
C LYS F 544 45.28 -13.61 24.62
N ARG F 545 44.01 -13.59 24.20
CA ARG F 545 42.88 -13.47 25.12
C ARG F 545 42.01 -14.72 25.13
N LEU F 546 42.57 -15.86 24.74
CA LEU F 546 41.78 -17.09 24.73
C LEU F 546 41.63 -17.63 26.14
N LYS F 547 40.40 -18.01 26.48
CA LYS F 547 40.08 -18.59 27.79
C LYS F 547 39.51 -19.98 27.71
N VAL F 548 38.62 -20.23 26.76
CA VAL F 548 37.93 -21.51 26.61
C VAL F 548 38.41 -22.16 25.34
N LEU F 549 39.05 -23.33 25.46
CA LEU F 549 39.56 -24.08 24.32
C LEU F 549 38.98 -25.48 24.35
N ARG F 550 38.18 -25.81 23.34
CA ARG F 550 37.56 -27.12 23.22
C ARG F 550 38.21 -27.86 22.06
N LEU F 551 38.76 -29.04 22.34
CA LEU F 551 39.49 -29.83 21.35
C LEU F 551 38.79 -31.17 21.19
N LYS F 552 38.03 -31.32 20.10
CA LYS F 552 37.43 -32.58 19.71
C LYS F 552 38.08 -33.00 18.40
N SER F 553 39.26 -33.64 18.52
CA SER F 553 40.06 -33.90 17.33
C SER F 553 40.78 -35.25 17.35
N ASN F 554 40.42 -36.18 18.24
CA ASN F 554 41.06 -37.49 18.32
C ASN F 554 42.57 -37.35 18.54
N LEU F 555 42.94 -36.51 19.50
CA LEU F 555 44.34 -36.32 19.82
C LEU F 555 44.92 -37.55 20.49
N SER F 556 46.06 -38.02 19.97
CA SER F 556 46.80 -39.09 20.63
C SER F 556 47.83 -38.56 21.61
N LYS F 557 48.01 -37.25 21.67
CA LYS F 557 48.91 -36.60 22.61
C LYS F 557 48.62 -35.11 22.56
N LEU F 558 48.53 -34.49 23.73
CA LEU F 558 48.13 -33.10 23.81
C LEU F 558 49.14 -32.22 23.10
N PRO F 559 48.74 -31.40 22.13
CA PRO F 559 49.71 -30.61 21.39
C PRO F 559 50.43 -29.62 22.28
N GLN F 560 51.68 -29.32 21.92
CA GLN F 560 52.51 -28.45 22.75
C GLN F 560 51.94 -27.03 22.79
N VAL F 561 51.41 -26.55 21.67
CA VAL F 561 50.87 -25.19 21.64
C VAL F 561 49.70 -25.05 22.60
N VAL F 562 48.95 -26.13 22.83
CA VAL F 562 47.86 -26.06 23.80
C VAL F 562 48.41 -25.83 25.20
N THR F 563 49.48 -26.55 25.56
CA THR F 563 50.12 -26.31 26.85
C THR F 563 50.66 -24.90 26.93
N ASP F 564 51.25 -24.40 25.84
CA ASP F 564 51.81 -23.05 25.84
C ASP F 564 50.73 -21.99 26.05
N VAL F 565 49.58 -22.15 25.38
CA VAL F 565 48.51 -21.16 25.49
C VAL F 565 47.66 -21.39 26.72
N GLY F 566 47.81 -22.52 27.41
CA GLY F 566 47.00 -22.80 28.57
C GLY F 566 47.34 -22.04 29.82
N VAL F 567 48.43 -21.27 29.83
CA VAL F 567 48.78 -20.52 31.03
C VAL F 567 47.71 -19.51 31.38
N HIS F 568 46.92 -19.05 30.40
CA HIS F 568 45.79 -18.17 30.66
C HIS F 568 44.45 -18.82 30.36
N LEU F 569 44.43 -20.08 29.91
CA LEU F 569 43.16 -20.77 29.70
C LEU F 569 42.44 -20.97 31.02
N GLN F 570 41.12 -20.81 30.99
CA GLN F 570 40.29 -21.06 32.17
C GLN F 570 39.42 -22.29 32.04
N LYS F 571 39.30 -22.85 30.84
CA LYS F 571 38.54 -24.09 30.66
C LYS F 571 39.07 -24.83 29.45
N LEU F 572 39.51 -26.07 29.67
CA LEU F 572 39.97 -26.95 28.61
C LEU F 572 39.02 -28.13 28.48
N SER F 573 38.49 -28.32 27.27
CA SER F 573 37.54 -29.39 27.02
C SER F 573 38.07 -30.25 25.88
N ILE F 574 38.18 -31.55 26.12
CA ILE F 574 38.71 -32.50 25.14
C ILE F 574 37.69 -33.61 24.94
N ASN F 575 37.43 -33.97 23.69
CA ASN F 575 36.53 -35.06 23.33
C ASN F 575 37.21 -35.86 22.24
N ASN F 576 37.88 -36.95 22.62
CA ASN F 576 38.58 -37.80 21.67
C ASN F 576 37.67 -38.81 20.98
N GLU F 577 36.39 -38.84 21.33
CA GLU F 577 35.39 -39.76 20.77
C GLU F 577 35.94 -41.18 20.63
N GLY F 578 36.65 -41.63 21.65
CA GLY F 578 37.16 -42.98 21.73
C GLY F 578 38.66 -43.11 21.63
N THR F 579 39.36 -42.09 21.14
CA THR F 579 40.81 -42.16 21.04
C THR F 579 41.44 -42.01 22.43
N LYS F 580 42.49 -42.76 22.68
CA LYS F 580 43.19 -42.68 23.96
C LYS F 580 44.07 -41.44 23.99
N LEU F 581 43.91 -40.63 25.03
CA LEU F 581 44.67 -39.40 25.20
C LEU F 581 45.71 -39.59 26.29
N ILE F 582 46.97 -39.28 25.96
CA ILE F 582 48.07 -39.40 26.89
C ILE F 582 48.53 -37.99 27.26
N VAL F 583 48.32 -37.61 28.52
CA VAL F 583 48.77 -36.29 28.97
C VAL F 583 50.28 -36.23 29.03
N LEU F 584 50.92 -37.29 29.53
CA LEU F 584 52.37 -37.44 29.63
C LEU F 584 53.07 -36.15 30.05
N ASN F 585 52.67 -35.67 31.24
CA ASN F 585 53.30 -34.50 31.87
C ASN F 585 53.26 -33.27 30.96
N SER F 586 52.07 -32.92 30.48
CA SER F 586 51.88 -31.72 29.68
C SER F 586 50.75 -30.85 30.21
N LEU F 587 50.33 -31.03 31.46
CA LEU F 587 49.15 -30.38 31.99
C LEU F 587 49.40 -29.58 33.25
N LYS F 588 50.57 -29.69 33.88
CA LYS F 588 50.81 -29.05 35.17
C LYS F 588 51.39 -27.64 35.02
N LYS F 589 51.10 -26.97 33.92
CA LYS F 589 51.47 -25.58 33.73
C LYS F 589 50.27 -24.64 33.65
N MET F 590 49.07 -25.17 33.40
CA MET F 590 47.89 -24.34 33.23
C MET F 590 47.24 -24.10 34.61
N VAL F 591 47.99 -23.37 35.44
CA VAL F 591 47.55 -23.13 36.82
C VAL F 591 46.35 -22.20 36.91
N ASN F 592 46.01 -21.48 35.84
CA ASN F 592 44.83 -20.63 35.83
C ASN F 592 43.58 -21.38 35.41
N LEU F 593 43.69 -22.67 35.10
CA LEU F 593 42.54 -23.45 34.67
C LEU F 593 41.55 -23.63 35.81
N THR F 594 40.26 -23.55 35.49
CA THR F 594 39.21 -23.76 36.47
C THR F 594 38.19 -24.82 36.07
N GLU F 595 38.13 -25.22 34.80
CA GLU F 595 37.29 -26.32 34.36
C GLU F 595 38.07 -27.19 33.41
N LEU F 596 38.11 -28.50 33.69
CA LEU F 596 38.84 -29.45 32.86
C LEU F 596 37.89 -30.58 32.49
N GLU F 597 37.60 -30.72 31.20
CA GLU F 597 36.70 -31.74 30.71
C GLU F 597 37.47 -32.68 29.80
N LEU F 598 37.42 -33.98 30.11
CA LEU F 598 38.11 -35.02 29.35
C LEU F 598 37.05 -36.07 29.01
N ILE F 599 36.35 -35.88 27.90
CA ILE F 599 35.23 -36.73 27.50
C ILE F 599 35.70 -37.72 26.47
N ARG F 600 35.41 -39.00 26.70
CA ARG F 600 35.72 -40.08 25.76
C ARG F 600 37.22 -40.12 25.46
N CYS F 601 38.03 -39.74 26.44
CA CYS F 601 39.48 -39.82 26.32
C CYS F 601 40.00 -41.23 26.52
N ASP F 602 39.14 -42.18 26.91
CA ASP F 602 39.53 -43.57 27.15
C ASP F 602 40.71 -43.66 28.10
N LEU F 603 40.67 -42.83 29.16
CA LEU F 603 41.79 -42.77 30.10
C LEU F 603 41.97 -44.09 30.83
N GLU F 604 40.87 -44.69 31.29
CA GLU F 604 40.89 -45.92 32.08
C GLU F 604 41.68 -45.73 33.38
N ARG F 605 42.05 -44.48 33.67
CA ARG F 605 42.85 -44.14 34.84
C ARG F 605 42.89 -42.62 34.98
N ILE F 606 42.75 -42.11 36.20
CA ILE F 606 42.83 -40.67 36.43
C ILE F 606 44.30 -40.26 36.40
N PRO F 607 44.70 -39.39 35.47
CA PRO F 607 46.10 -38.95 35.45
C PRO F 607 46.42 -38.08 36.65
N HIS F 608 47.67 -38.14 37.09
CA HIS F 608 48.08 -37.37 38.26
C HIS F 608 48.29 -35.90 37.96
N SER F 609 48.26 -35.51 36.68
CA SER F 609 48.47 -34.12 36.32
C SER F 609 47.31 -33.22 36.74
N ILE F 610 46.12 -33.79 36.92
CA ILE F 610 44.95 -32.98 37.26
C ILE F 610 45.12 -32.33 38.63
N PHE F 611 45.64 -33.08 39.61
CA PHE F 611 45.70 -32.61 40.98
C PHE F 611 46.65 -31.44 41.17
N SER F 612 47.49 -31.13 40.18
CA SER F 612 48.38 -29.99 40.27
C SER F 612 47.71 -28.68 39.89
N LEU F 613 46.49 -28.75 39.33
CA LEU F 613 45.74 -27.56 38.94
C LEU F 613 45.03 -27.02 40.18
N HIS F 614 45.74 -26.21 40.95
CA HIS F 614 45.24 -25.78 42.25
C HIS F 614 44.04 -24.86 42.16
N ASN F 615 43.72 -24.34 40.99
CA ASN F 615 42.57 -23.46 40.82
C ASN F 615 41.36 -24.16 40.23
N LEU F 616 41.44 -25.46 39.95
CA LEU F 616 40.35 -26.15 39.30
C LEU F 616 39.11 -26.17 40.19
N GLN F 617 37.94 -26.10 39.56
CA GLN F 617 36.69 -26.15 40.32
C GLN F 617 35.75 -27.20 39.76
N GLU F 618 35.71 -27.37 38.45
CA GLU F 618 34.83 -28.33 37.80
C GLU F 618 35.67 -29.29 36.97
N ILE F 619 35.67 -30.57 37.35
CA ILE F 619 36.41 -31.59 36.62
C ILE F 619 35.41 -32.63 36.11
N ASP F 620 35.42 -32.87 34.81
CA ASP F 620 34.57 -33.85 34.17
C ASP F 620 35.45 -34.94 33.57
N LEU F 621 35.05 -36.20 33.79
CA LEU F 621 35.79 -37.35 33.30
C LEU F 621 34.84 -38.37 32.68
N LYS F 622 33.94 -37.87 31.83
CA LYS F 622 32.90 -38.70 31.25
C LYS F 622 33.47 -39.64 30.19
N ASP F 623 32.97 -40.89 30.18
CA ASP F 623 33.32 -41.88 29.16
C ASP F 623 34.82 -42.17 29.12
N ASN F 624 35.46 -42.15 30.29
CA ASN F 624 36.87 -42.48 30.39
C ASN F 624 37.11 -43.95 30.70
N ASN F 625 36.04 -44.76 30.78
CA ASN F 625 36.14 -46.18 31.15
C ASN F 625 36.86 -46.35 32.49
N LEU F 626 36.58 -45.45 33.42
CA LEU F 626 37.18 -45.53 34.74
C LEU F 626 36.70 -46.78 35.46
N LYS F 627 37.62 -47.43 36.18
CA LYS F 627 37.31 -48.62 36.95
C LYS F 627 37.44 -48.38 38.46
N THR F 628 38.60 -47.92 38.91
CA THR F 628 38.81 -47.51 40.29
C THR F 628 39.11 -46.02 40.33
N ILE F 629 38.36 -45.30 41.15
CA ILE F 629 38.51 -43.85 41.24
C ILE F 629 39.11 -43.49 42.59
N GLU F 630 39.92 -44.40 43.15
CA GLU F 630 40.56 -44.11 44.42
C GLU F 630 41.59 -42.99 44.30
N GLU F 631 41.88 -42.52 43.09
CA GLU F 631 42.77 -41.37 42.92
C GLU F 631 42.20 -40.10 43.54
N ILE F 632 40.90 -40.07 43.83
CA ILE F 632 40.26 -38.86 44.36
C ILE F 632 40.76 -38.49 45.74
N ILE F 633 41.63 -39.31 46.34
CA ILE F 633 42.26 -38.89 47.59
C ILE F 633 43.14 -37.68 47.36
N SER F 634 43.79 -37.58 46.20
CA SER F 634 44.61 -36.43 45.87
C SER F 634 43.80 -35.17 45.58
N PHE F 635 42.48 -35.30 45.41
CA PHE F 635 41.66 -34.13 45.14
C PHE F 635 41.56 -33.19 46.33
N GLN F 636 42.02 -33.60 47.51
CA GLN F 636 42.08 -32.69 48.65
C GLN F 636 43.06 -31.55 48.41
N HIS F 637 44.01 -31.72 47.48
CA HIS F 637 44.89 -30.61 47.12
C HIS F 637 44.10 -29.46 46.50
N LEU F 638 43.17 -29.78 45.60
CA LEU F 638 42.29 -28.77 45.00
C LEU F 638 41.35 -28.24 46.07
N HIS F 639 41.61 -27.01 46.52
CA HIS F 639 40.89 -26.47 47.67
C HIS F 639 39.58 -25.78 47.30
N ARG F 640 39.21 -25.76 46.01
CA ARG F 640 37.96 -25.15 45.58
C ARG F 640 37.15 -26.05 44.66
N LEU F 641 37.33 -27.37 44.76
CA LEU F 641 36.68 -28.31 43.84
C LEU F 641 35.22 -28.47 44.23
N THR F 642 34.32 -27.86 43.45
CA THR F 642 32.90 -27.88 43.74
C THR F 642 32.14 -28.95 42.97
N CYS F 643 32.24 -28.97 41.65
CA CYS F 643 31.56 -29.95 40.82
C CYS F 643 32.55 -31.00 40.36
N LEU F 644 32.16 -32.27 40.46
CA LEU F 644 33.03 -33.38 40.09
C LEU F 644 32.18 -34.43 39.41
N LYS F 645 32.25 -34.50 38.08
CA LYS F 645 31.45 -35.43 37.30
C LYS F 645 32.28 -36.66 36.99
N LEU F 646 31.78 -37.84 37.38
CA LEU F 646 32.43 -39.10 37.06
C LEU F 646 31.49 -40.04 36.32
N TRP F 647 30.42 -39.50 35.75
CA TRP F 647 29.38 -40.30 35.12
C TRP F 647 29.90 -41.02 33.89
N TYR F 648 29.12 -42.00 33.43
CA TYR F 648 29.39 -42.78 32.23
C TYR F 648 30.77 -43.43 32.28
N ASN F 649 30.93 -44.31 33.27
CA ASN F 649 32.17 -45.06 33.41
C ASN F 649 31.82 -46.48 33.87
N HIS F 650 32.83 -47.24 34.23
CA HIS F 650 32.66 -48.59 34.77
C HIS F 650 32.98 -48.61 36.27
N ILE F 651 32.76 -47.49 36.95
CA ILE F 651 33.13 -47.37 38.36
C ILE F 651 32.34 -48.38 39.17
N ALA F 652 33.05 -49.24 39.90
CA ALA F 652 32.42 -50.31 40.65
C ALA F 652 32.07 -49.92 42.08
N TYR F 653 32.77 -48.96 42.65
CA TYR F 653 32.54 -48.59 44.03
C TYR F 653 33.00 -47.16 44.27
N ILE F 654 32.37 -46.51 45.24
CA ILE F 654 32.75 -45.16 45.66
C ILE F 654 33.71 -45.31 46.83
N PRO F 655 34.99 -44.96 46.67
CA PRO F 655 35.92 -45.06 47.80
C PRO F 655 35.47 -44.18 48.97
N ILE F 656 35.73 -44.68 50.18
CA ILE F 656 35.39 -43.93 51.38
C ILE F 656 36.18 -42.63 51.47
N GLN F 657 37.26 -42.50 50.70
CA GLN F 657 38.06 -41.28 50.72
C GLN F 657 37.33 -40.10 50.11
N ILE F 658 36.19 -40.33 49.45
CA ILE F 658 35.38 -39.25 48.91
C ILE F 658 34.83 -38.35 50.01
N GLY F 659 34.91 -38.78 51.27
CA GLY F 659 34.48 -37.94 52.37
C GLY F 659 35.41 -36.78 52.67
N ASN F 660 36.70 -36.91 52.32
CA ASN F 660 37.65 -35.84 52.57
C ASN F 660 37.40 -34.61 51.71
N LEU F 661 36.57 -34.73 50.67
CA LEU F 661 36.27 -33.61 49.78
C LEU F 661 35.08 -32.85 50.33
N THR F 662 35.30 -32.18 51.46
CA THR F 662 34.23 -31.50 52.16
C THR F 662 33.71 -30.28 51.42
N ASN F 663 34.44 -29.78 50.43
CA ASN F 663 34.03 -28.61 49.68
C ASN F 663 33.20 -28.94 48.45
N LEU F 664 32.93 -30.23 48.20
CA LEU F 664 32.10 -30.62 47.07
C LEU F 664 30.70 -30.06 47.23
N GLU F 665 30.10 -29.68 46.11
CA GLU F 665 28.70 -29.28 46.07
C GLU F 665 27.88 -30.09 45.08
N ARG F 666 28.45 -30.44 43.94
CA ARG F 666 27.78 -31.26 42.94
C ARG F 666 28.61 -32.51 42.70
N LEU F 667 27.97 -33.67 42.78
CA LEU F 667 28.64 -34.94 42.57
C LEU F 667 27.81 -35.77 41.62
N TYR F 668 28.40 -36.18 40.51
CA TYR F 668 27.73 -36.98 39.49
C TYR F 668 28.43 -38.32 39.40
N LEU F 669 27.67 -39.41 39.56
CA LEU F 669 28.23 -40.75 39.45
C LEU F 669 27.30 -41.70 38.71
N ASN F 670 26.42 -41.19 37.86
CA ASN F 670 25.45 -42.02 37.17
C ASN F 670 26.13 -42.89 36.12
N ARG F 671 25.34 -43.80 35.55
CA ARG F 671 25.77 -44.65 34.44
C ARG F 671 27.05 -45.42 34.77
N ASN F 672 27.09 -45.95 35.99
CA ASN F 672 28.26 -46.70 36.45
C ASN F 672 27.84 -48.08 36.93
N LYS F 673 28.78 -48.81 37.53
CA LYS F 673 28.53 -50.12 38.10
C LYS F 673 28.61 -50.07 39.63
N ILE F 674 28.11 -48.98 40.21
CA ILE F 674 28.10 -48.85 41.66
C ILE F 674 27.01 -49.73 42.24
N GLU F 675 27.37 -50.53 43.24
CA GLU F 675 26.41 -51.40 43.91
C GLU F 675 25.97 -50.91 45.28
N LYS F 676 26.80 -50.11 45.96
CA LYS F 676 26.50 -49.67 47.30
C LYS F 676 26.98 -48.24 47.49
N ILE F 677 26.41 -47.55 48.47
CA ILE F 677 26.76 -46.18 48.82
C ILE F 677 27.47 -46.22 50.17
N PRO F 678 28.72 -45.80 50.27
CA PRO F 678 29.38 -45.75 51.57
C PRO F 678 28.76 -44.69 52.47
N THR F 679 28.90 -44.90 53.78
CA THR F 679 28.43 -43.91 54.73
C THR F 679 29.33 -42.69 54.77
N GLN F 680 30.60 -42.83 54.36
CA GLN F 680 31.52 -41.69 54.36
C GLN F 680 31.16 -40.67 53.29
N LEU F 681 30.43 -41.08 52.25
CA LEU F 681 30.00 -40.14 51.23
C LEU F 681 29.12 -39.04 51.81
N PHE F 682 28.41 -39.32 52.90
CA PHE F 682 27.54 -38.34 53.52
C PHE F 682 28.26 -37.50 54.56
N TYR F 683 29.59 -37.42 54.49
CA TYR F 683 30.32 -36.43 55.26
C TYR F 683 30.49 -35.11 54.52
N CYS F 684 30.06 -35.04 53.26
CA CYS F 684 30.13 -33.82 52.47
C CYS F 684 28.81 -33.09 52.65
N ARG F 685 28.71 -32.29 53.72
CA ARG F 685 27.47 -31.60 54.02
C ARG F 685 27.19 -30.43 53.10
N LYS F 686 28.17 -30.03 52.27
CA LYS F 686 27.95 -29.01 51.26
C LYS F 686 27.34 -29.57 49.98
N LEU F 687 27.19 -30.89 49.89
CA LEU F 687 26.67 -31.50 48.67
C LEU F 687 25.28 -30.97 48.35
N ARG F 688 25.03 -30.73 47.06
CA ARG F 688 23.75 -30.18 46.64
C ARG F 688 23.11 -31.04 45.55
N TYR F 689 23.94 -31.67 44.73
CA TYR F 689 23.47 -32.60 43.71
C TYR F 689 24.15 -33.94 43.93
N LEU F 690 23.36 -35.00 43.99
CA LEU F 690 23.88 -36.36 44.09
C LEU F 690 23.10 -37.22 43.10
N ASP F 691 23.58 -37.26 41.86
CA ASP F 691 22.94 -38.03 40.82
C ASP F 691 23.59 -39.41 40.76
N LEU F 692 22.78 -40.46 40.97
CA LEU F 692 23.27 -41.82 40.97
C LEU F 692 22.44 -42.69 40.04
N SER F 693 21.86 -42.09 39.01
CA SER F 693 20.96 -42.80 38.12
C SER F 693 21.68 -43.94 37.41
N HIS F 694 20.93 -44.98 37.07
CA HIS F 694 21.44 -46.12 36.32
C HIS F 694 22.62 -46.78 37.03
N ASN F 695 22.35 -47.29 38.21
CA ASN F 695 23.31 -48.06 39.00
C ASN F 695 22.61 -49.27 39.58
N ASN F 696 23.39 -50.14 40.22
CA ASN F 696 22.87 -51.34 40.84
C ASN F 696 22.60 -51.15 42.33
N LEU F 697 22.29 -49.93 42.74
CA LEU F 697 21.97 -49.66 44.14
C LEU F 697 20.67 -50.32 44.52
N THR F 698 20.61 -50.83 45.76
CA THR F 698 19.40 -51.45 46.28
C THR F 698 18.83 -50.74 47.49
N PHE F 699 19.59 -49.89 48.16
CA PHE F 699 19.07 -49.17 49.31
C PHE F 699 19.90 -47.90 49.51
N LEU F 700 19.33 -46.96 50.27
CA LEU F 700 19.98 -45.70 50.60
C LEU F 700 20.37 -45.68 52.07
N PRO F 701 21.63 -45.46 52.39
CA PRO F 701 22.03 -45.38 53.80
C PRO F 701 21.32 -44.24 54.52
N ALA F 702 21.11 -44.44 55.83
CA ALA F 702 20.34 -43.49 56.62
C ALA F 702 21.00 -42.13 56.73
N ASP F 703 22.31 -42.03 56.49
CA ASP F 703 23.00 -40.75 56.55
C ASP F 703 22.61 -39.81 55.42
N ILE F 704 21.75 -40.24 54.50
CA ILE F 704 21.37 -39.39 53.38
C ILE F 704 20.63 -38.15 53.87
N GLY F 705 20.00 -38.23 55.04
CA GLY F 705 19.34 -37.08 55.61
C GLY F 705 20.26 -36.06 56.24
N LEU F 706 21.54 -36.39 56.39
CA LEU F 706 22.49 -35.45 56.96
C LEU F 706 22.79 -34.31 55.99
N LEU F 707 22.71 -34.59 54.69
CA LEU F 707 22.98 -33.58 53.66
C LEU F 707 21.81 -32.62 53.60
N GLN F 708 21.82 -31.63 54.50
CA GLN F 708 20.71 -30.72 54.64
C GLN F 708 20.51 -29.83 53.41
N ASN F 709 21.52 -29.68 52.57
CA ASN F 709 21.43 -28.79 51.41
C ASN F 709 21.21 -29.53 50.11
N LEU F 710 21.03 -30.85 50.15
CA LEU F 710 20.75 -31.60 48.93
C LEU F 710 19.47 -31.08 48.28
N GLN F 711 19.51 -30.89 46.97
CA GLN F 711 18.37 -30.30 46.27
C GLN F 711 17.89 -31.18 45.12
N ASN F 712 18.80 -31.89 44.48
CA ASN F 712 18.43 -32.82 43.42
C ASN F 712 19.03 -34.19 43.73
N LEU F 713 18.18 -35.21 43.76
CA LEU F 713 18.64 -36.56 44.07
C LEU F 713 17.94 -37.51 43.12
N ALA F 714 18.68 -37.99 42.12
CA ALA F 714 18.16 -38.90 41.12
C ALA F 714 18.78 -40.27 41.31
N VAL F 715 17.95 -41.28 41.56
CA VAL F 715 18.40 -42.65 41.70
C VAL F 715 17.67 -43.51 40.68
N THR F 716 17.35 -42.91 39.53
CA THR F 716 16.63 -43.60 38.47
C THR F 716 17.37 -44.87 38.05
N ALA F 717 16.60 -45.90 37.71
CA ALA F 717 17.13 -47.17 37.21
C ALA F 717 18.06 -47.81 38.24
N ASN F 718 17.50 -48.14 39.38
CA ASN F 718 18.21 -48.82 40.46
C ASN F 718 17.30 -49.91 41.00
N ARG F 719 17.68 -50.48 42.14
CA ARG F 719 16.91 -51.51 42.81
C ARG F 719 16.42 -51.00 44.17
N ILE F 720 16.02 -49.73 44.21
CA ILE F 720 15.50 -49.11 45.43
C ILE F 720 14.06 -49.58 45.60
N GLU F 721 13.85 -50.56 46.49
CA GLU F 721 12.49 -51.01 46.78
C GLU F 721 11.82 -50.17 47.85
N ALA F 722 12.59 -49.47 48.68
CA ALA F 722 12.04 -48.64 49.73
C ALA F 722 13.04 -47.56 50.08
N LEU F 723 12.51 -46.38 50.44
CA LEU F 723 13.27 -45.20 50.83
C LEU F 723 13.32 -45.08 52.34
N PRO F 724 14.48 -44.70 52.90
CA PRO F 724 14.56 -44.51 54.34
C PRO F 724 13.74 -43.31 54.78
N PRO F 725 13.13 -43.36 55.97
CA PRO F 725 12.46 -42.15 56.48
C PRO F 725 13.41 -41.01 56.74
N GLU F 726 14.69 -41.30 57.00
CA GLU F 726 15.68 -40.25 57.18
C GLU F 726 15.91 -39.46 55.89
N LEU F 727 15.59 -40.05 54.74
CA LEU F 727 15.77 -39.35 53.47
C LEU F 727 14.93 -38.08 53.40
N PHE F 728 13.82 -38.04 54.10
CA PHE F 728 12.92 -36.88 54.03
C PHE F 728 13.31 -35.77 55.00
N GLN F 729 14.44 -35.91 55.71
CA GLN F 729 14.96 -34.81 56.51
C GLN F 729 15.52 -33.70 55.65
N CYS F 730 15.88 -33.98 54.39
CA CYS F 730 16.38 -32.97 53.46
C CYS F 730 15.21 -32.13 53.00
N ARG F 731 14.88 -31.11 53.80
CA ARG F 731 13.64 -30.36 53.59
C ARG F 731 13.68 -29.49 52.34
N LYS F 732 14.85 -29.12 51.86
CA LYS F 732 14.96 -28.29 50.67
C LYS F 732 15.18 -29.11 49.40
N LEU F 733 14.81 -30.38 49.42
CA LEU F 733 15.00 -31.25 48.27
C LEU F 733 14.01 -30.88 47.18
N ARG F 734 14.44 -30.00 46.27
CA ARG F 734 13.52 -29.43 45.27
C ARG F 734 12.99 -30.49 44.32
N ALA F 735 13.86 -31.40 43.86
CA ALA F 735 13.46 -32.37 42.85
C ALA F 735 13.92 -33.76 43.27
N LEU F 736 13.15 -34.75 42.85
CA LEU F 736 13.50 -36.15 43.03
C LEU F 736 13.23 -36.89 41.73
N HIS F 737 13.95 -37.99 41.53
CA HIS F 737 13.77 -38.84 40.37
C HIS F 737 13.90 -40.29 40.84
N LEU F 738 12.76 -40.89 41.17
CA LEU F 738 12.72 -42.26 41.68
C LEU F 738 12.17 -43.23 40.64
N GLY F 739 12.22 -42.85 39.36
CA GLY F 739 11.69 -43.69 38.32
C GLY F 739 12.53 -44.93 38.07
N ASN F 740 11.91 -45.88 37.35
CA ASN F 740 12.55 -47.11 36.91
C ASN F 740 13.12 -47.93 38.06
N ASN F 741 12.66 -47.68 39.28
CA ASN F 741 13.09 -48.43 40.46
C ASN F 741 12.12 -49.59 40.72
N VAL F 742 12.25 -50.21 41.88
CA VAL F 742 11.36 -51.28 42.30
C VAL F 742 10.67 -50.88 43.60
N LEU F 743 10.43 -49.58 43.77
CA LEU F 743 9.79 -49.06 44.98
C LEU F 743 8.46 -49.73 45.26
N GLN F 744 8.37 -50.42 46.40
CA GLN F 744 7.13 -51.09 46.76
C GLN F 744 6.06 -50.10 47.17
N SER F 745 6.40 -49.13 48.01
CA SER F 745 5.42 -48.15 48.48
C SER F 745 6.12 -46.84 48.77
N LEU F 746 5.44 -45.74 48.45
CA LEU F 746 5.96 -44.40 48.70
C LEU F 746 5.73 -44.02 50.15
N PRO F 747 6.76 -43.64 50.88
CA PRO F 747 6.58 -43.28 52.30
C PRO F 747 5.65 -42.10 52.47
N SER F 748 4.90 -42.12 53.57
CA SER F 748 3.95 -41.05 53.87
C SER F 748 4.64 -39.73 54.20
N ARG F 749 5.94 -39.75 54.48
CA ARG F 749 6.67 -38.54 54.83
C ARG F 749 7.11 -37.74 53.61
N VAL F 750 6.56 -38.04 52.43
CA VAL F 750 6.90 -37.27 51.24
C VAL F 750 6.40 -35.83 51.34
N GLY F 751 5.35 -35.59 52.12
CA GLY F 751 4.85 -34.25 52.28
C GLY F 751 5.72 -33.37 53.15
N GLU F 752 6.66 -33.96 53.89
CA GLU F 752 7.58 -33.16 54.70
C GLU F 752 8.45 -32.27 53.83
N LEU F 753 8.80 -32.72 52.63
CA LEU F 753 9.61 -31.94 51.70
C LEU F 753 8.76 -30.82 51.11
N THR F 754 8.73 -29.67 51.78
CA THR F 754 7.86 -28.59 51.35
C THR F 754 8.26 -28.04 49.98
N ASN F 755 9.55 -27.99 49.69
CA ASN F 755 10.05 -27.37 48.47
C ASN F 755 10.06 -28.30 47.27
N LEU F 756 9.60 -29.54 47.42
CA LEU F 756 9.57 -30.48 46.31
C LEU F 756 8.75 -29.90 45.16
N THR F 757 9.29 -29.97 43.96
CA THR F 757 8.66 -29.39 42.79
C THR F 757 8.51 -30.37 41.63
N GLN F 758 9.48 -31.26 41.43
CA GLN F 758 9.44 -32.20 40.31
C GLN F 758 9.91 -33.55 40.83
N ILE F 759 8.99 -34.51 40.91
CA ILE F 759 9.29 -35.85 41.39
C ILE F 759 8.87 -36.85 40.33
N GLU F 760 9.81 -37.68 39.88
CA GLU F 760 9.58 -38.67 38.84
C GLU F 760 9.31 -40.02 39.49
N LEU F 761 8.23 -40.69 39.06
CA LEU F 761 7.82 -41.94 39.68
C LEU F 761 7.42 -43.03 38.71
N ARG F 762 7.46 -42.78 37.40
CA ARG F 762 7.08 -43.80 36.44
C ARG F 762 8.09 -44.95 36.45
N GLY F 763 7.58 -46.18 36.37
CA GLY F 763 8.42 -47.36 36.27
C GLY F 763 8.60 -48.16 37.54
N ASN F 764 8.00 -47.76 38.64
CA ASN F 764 8.12 -48.48 39.91
C ASN F 764 7.00 -49.48 40.06
N ARG F 765 7.14 -50.33 41.09
CA ARG F 765 6.08 -51.27 41.47
C ARG F 765 5.22 -50.68 42.58
N LEU F 766 4.57 -49.56 42.24
CA LEU F 766 3.67 -48.89 43.15
C LEU F 766 2.22 -49.28 42.87
N GLU F 767 1.42 -49.34 43.92
CA GLU F 767 0.00 -49.66 43.78
C GLU F 767 -0.88 -48.43 44.01
N CYS F 768 -0.58 -47.65 45.03
CA CYS F 768 -1.35 -46.48 45.37
C CYS F 768 -0.42 -45.33 45.73
N LEU F 769 -0.75 -44.13 45.26
CA LEU F 769 0.02 -42.96 45.65
C LEU F 769 -0.45 -42.44 47.01
N PRO F 770 0.46 -42.00 47.87
CA PRO F 770 0.05 -41.48 49.17
C PRO F 770 -0.75 -40.21 49.05
N VAL F 771 -1.72 -40.05 49.95
CA VAL F 771 -2.49 -38.81 50.01
C VAL F 771 -1.60 -37.66 50.46
N GLU F 772 -0.57 -37.97 51.26
CA GLU F 772 0.35 -36.94 51.71
C GLU F 772 1.20 -36.36 50.58
N LEU F 773 1.19 -37.00 49.41
CA LEU F 773 1.91 -36.45 48.27
C LEU F 773 1.31 -35.13 47.78
N GLY F 774 0.03 -34.91 48.04
CA GLY F 774 -0.64 -33.71 47.57
C GLY F 774 -0.50 -32.49 48.45
N GLU F 775 0.09 -32.63 49.63
CA GLU F 775 0.27 -31.50 50.54
C GLU F 775 1.52 -30.68 50.23
N CYS F 776 2.30 -31.08 49.23
CA CYS F 776 3.48 -30.31 48.86
C CYS F 776 3.04 -28.97 48.29
N PRO F 777 3.45 -27.85 48.89
CA PRO F 777 2.91 -26.54 48.46
C PRO F 777 3.18 -26.20 47.00
N LEU F 778 4.31 -26.65 46.44
CA LEU F 778 4.70 -26.24 45.10
C LEU F 778 4.55 -27.33 44.06
N LEU F 779 4.28 -28.57 44.46
CA LEU F 779 4.21 -29.65 43.49
C LEU F 779 2.96 -29.53 42.64
N LYS F 780 3.15 -29.57 41.33
CA LYS F 780 2.08 -29.47 40.35
C LYS F 780 2.00 -30.74 39.53
N ARG F 781 0.95 -30.84 38.70
CA ARG F 781 0.81 -32.01 37.83
C ARG F 781 1.97 -32.10 36.85
N SER F 782 2.53 -30.95 36.45
CA SER F 782 3.73 -30.97 35.62
C SER F 782 4.89 -31.59 36.37
N GLY F 783 5.03 -31.30 37.66
CA GLY F 783 6.10 -31.84 38.47
C GLY F 783 5.87 -33.23 39.00
N LEU F 784 4.71 -33.82 38.79
CA LEU F 784 4.40 -35.17 39.24
C LEU F 784 4.39 -36.07 38.02
N VAL F 785 5.58 -36.59 37.68
CA VAL F 785 5.72 -37.48 36.54
C VAL F 785 5.46 -38.91 37.02
N VAL F 786 4.32 -39.47 36.63
CA VAL F 786 3.88 -40.77 37.12
C VAL F 786 2.91 -41.35 36.12
N GLU F 787 2.71 -42.66 36.17
CA GLU F 787 1.74 -43.31 35.31
C GLU F 787 0.33 -42.84 35.65
N GLU F 788 -0.55 -42.86 34.65
CA GLU F 788 -1.92 -42.41 34.87
C GLU F 788 -2.70 -43.37 35.76
N ASP F 789 -2.38 -44.67 35.70
CA ASP F 789 -3.03 -45.63 36.59
C ASP F 789 -2.70 -45.32 38.05
N LEU F 790 -1.43 -45.02 38.33
CA LEU F 790 -1.05 -44.61 39.67
C LEU F 790 -1.64 -43.24 40.02
N PHE F 791 -1.63 -42.31 39.05
CA PHE F 791 -2.15 -40.97 39.29
C PHE F 791 -3.64 -40.98 39.60
N SER F 792 -4.36 -41.99 39.13
CA SER F 792 -5.79 -42.08 39.39
C SER F 792 -6.08 -42.34 40.87
N THR F 793 -5.09 -42.77 41.64
CA THR F 793 -5.31 -43.14 43.03
C THR F 793 -5.38 -41.94 43.97
N LEU F 794 -4.98 -40.76 43.52
CA LEU F 794 -5.02 -39.60 44.39
C LEU F 794 -6.46 -39.22 44.72
N PRO F 795 -6.70 -38.60 45.86
CA PRO F 795 -8.04 -38.10 46.17
C PRO F 795 -8.43 -37.02 45.17
N PRO F 796 -9.73 -36.88 44.88
CA PRO F 796 -10.15 -35.89 43.88
C PRO F 796 -9.79 -34.46 44.26
N GLU F 797 -9.74 -34.12 45.55
CA GLU F 797 -9.27 -32.80 45.94
C GLU F 797 -7.83 -32.58 45.52
N VAL F 798 -6.99 -33.60 45.72
CA VAL F 798 -5.58 -33.51 45.31
C VAL F 798 -5.48 -33.35 43.80
N LYS F 799 -6.27 -34.13 43.05
CA LYS F 799 -6.25 -34.03 41.60
C LYS F 799 -6.66 -32.63 41.14
N GLU F 800 -7.74 -32.10 41.70
CA GLU F 800 -8.19 -30.78 41.31
C GLU F 800 -7.16 -29.71 41.65
N ARG F 801 -6.54 -29.82 42.83
CA ARG F 801 -5.52 -28.83 43.21
C ARG F 801 -4.31 -28.91 42.28
N LEU F 802 -3.89 -30.13 41.93
CA LEU F 802 -2.75 -30.28 41.01
C LEU F 802 -3.08 -29.70 39.64
N TRP F 803 -4.29 -29.96 39.13
CA TRP F 803 -4.66 -29.41 37.83
C TRP F 803 -4.73 -27.89 37.86
N ARG F 804 -5.31 -27.32 38.93
CA ARG F 804 -5.39 -25.87 39.04
C ARG F 804 -4.00 -25.25 39.14
N ALA F 805 -3.10 -25.89 39.90
CA ALA F 805 -1.74 -25.39 39.99
C ALA F 805 -1.03 -25.47 38.63
N ASP F 806 -1.27 -26.54 37.88
CA ASP F 806 -0.67 -26.66 36.55
C ASP F 806 -1.21 -25.59 35.62
N LYS F 807 -2.48 -25.23 35.77
CA LYS F 807 -3.04 -24.13 34.98
C LYS F 807 -2.39 -22.80 35.35
N GLU F 808 -2.16 -22.56 36.64
CA GLU F 808 -1.56 -21.31 37.09
C GLU F 808 -0.08 -21.49 37.41
N GLN G 5 -54.00 -36.25 54.31
CA GLN G 5 -54.82 -37.40 54.67
C GLN G 5 -54.00 -38.68 54.62
N VAL G 6 -52.71 -38.54 54.32
CA VAL G 6 -51.82 -39.69 54.28
C VAL G 6 -51.48 -40.11 55.71
N GLN G 7 -51.74 -41.36 56.04
CA GLN G 7 -51.47 -41.88 57.38
C GLN G 7 -50.68 -43.17 57.27
N LEU G 8 -49.60 -43.26 58.06
CA LEU G 8 -48.79 -44.46 58.16
C LEU G 8 -48.83 -44.98 59.59
N VAL G 9 -49.11 -46.26 59.75
CA VAL G 9 -49.13 -46.92 61.05
C VAL G 9 -48.25 -48.16 60.97
N GLU G 10 -47.35 -48.31 61.94
CA GLU G 10 -46.49 -49.48 62.03
C GLU G 10 -47.03 -50.44 63.08
N SER G 11 -46.71 -51.72 62.91
CA SER G 11 -47.15 -52.76 63.83
C SER G 11 -46.10 -53.86 63.88
N GLY G 12 -46.18 -54.67 64.93
CA GLY G 12 -45.33 -55.83 65.07
C GLY G 12 -44.12 -55.67 65.96
N GLY G 13 -44.02 -54.57 66.69
CA GLY G 13 -42.91 -54.38 67.60
C GLY G 13 -43.01 -55.28 68.83
N GLY G 14 -41.92 -55.31 69.59
CA GLY G 14 -41.89 -56.10 70.80
C GLY G 14 -40.47 -56.57 71.10
N LEU G 15 -40.39 -57.42 72.11
CA LEU G 15 -39.12 -57.97 72.57
C LEU G 15 -38.95 -59.39 72.06
N VAL G 16 -37.81 -59.64 71.43
CA VAL G 16 -37.49 -60.95 70.87
C VAL G 16 -36.03 -61.26 71.15
N GLN G 17 -35.74 -62.50 71.53
CA GLN G 17 -34.37 -62.91 71.79
C GLN G 17 -33.56 -62.94 70.49
N ALA G 18 -32.24 -62.95 70.65
CA ALA G 18 -31.34 -62.94 69.50
C ALA G 18 -31.57 -64.16 68.63
N GLY G 19 -31.47 -63.97 67.32
CA GLY G 19 -31.67 -65.04 66.36
C GLY G 19 -33.10 -65.32 65.99
N GLY G 20 -34.07 -64.60 66.57
CA GLY G 20 -35.46 -64.83 66.30
C GLY G 20 -35.94 -64.14 65.04
N SER G 21 -37.25 -64.24 64.82
CA SER G 21 -37.91 -63.62 63.69
C SER G 21 -38.98 -62.65 64.18
N LEU G 22 -38.99 -61.44 63.61
CA LEU G 22 -39.94 -60.41 63.98
C LEU G 22 -40.54 -59.81 62.72
N ARG G 23 -41.85 -59.55 62.77
CA ARG G 23 -42.59 -59.00 61.65
C ARG G 23 -42.94 -57.55 61.96
N LEU G 24 -42.63 -56.65 61.03
CA LEU G 24 -43.02 -55.25 61.13
C LEU G 24 -43.89 -54.90 59.92
N SER G 25 -45.13 -54.53 60.19
CA SER G 25 -46.12 -54.25 59.15
C SER G 25 -46.48 -52.78 59.19
N CYS G 26 -46.45 -52.12 58.03
CA CYS G 26 -46.84 -50.72 57.89
C CYS G 26 -48.02 -50.66 56.92
N ALA G 27 -49.22 -50.49 57.47
CA ALA G 27 -50.44 -50.41 56.69
C ALA G 27 -50.65 -48.96 56.23
N ALA G 28 -50.93 -48.79 54.94
CA ALA G 28 -51.10 -47.47 54.34
C ALA G 28 -52.56 -47.29 53.92
N SER G 29 -53.10 -46.11 54.25
CA SER G 29 -54.49 -45.79 53.95
C SER G 29 -54.66 -44.51 53.15
N GLY G 30 -53.85 -43.49 53.42
CA GLY G 30 -53.99 -42.21 52.77
C GLY G 30 -53.42 -42.11 51.37
N PHE G 31 -52.85 -43.19 50.85
CA PHE G 31 -52.28 -43.19 49.51
C PHE G 31 -52.22 -44.62 49.01
N PRO G 32 -52.17 -44.83 47.70
CA PRO G 32 -51.94 -46.19 47.18
C PRO G 32 -50.46 -46.56 47.30
N VAL G 33 -50.18 -47.65 48.03
CA VAL G 33 -48.82 -48.13 48.14
C VAL G 33 -48.33 -48.73 46.83
N GLY G 34 -49.26 -49.08 45.92
CA GLY G 34 -48.88 -49.74 44.69
C GLY G 34 -48.10 -48.86 43.74
N ARG G 35 -48.12 -47.54 43.95
CA ARG G 35 -47.44 -46.62 43.06
C ARG G 35 -46.40 -45.76 43.76
N HIS G 36 -46.08 -46.04 45.03
CA HIS G 36 -45.20 -45.17 45.79
C HIS G 36 -44.10 -45.97 46.48
N PHE G 37 -42.95 -45.31 46.64
CA PHE G 37 -41.84 -45.87 47.38
C PHE G 37 -42.17 -45.91 48.88
N MET G 38 -41.58 -46.87 49.57
CA MET G 38 -41.69 -46.98 51.01
C MET G 38 -40.31 -47.18 51.61
N TYR G 39 -40.08 -46.59 52.78
CA TYR G 39 -38.79 -46.63 53.44
C TYR G 39 -38.98 -47.00 54.90
N TRP G 40 -37.99 -47.70 55.45
CA TRP G 40 -37.98 -48.10 56.85
C TRP G 40 -36.70 -47.56 57.49
N TYR G 41 -36.87 -46.73 58.52
CA TYR G 41 -35.76 -46.13 59.24
C TYR G 41 -35.75 -46.66 60.66
N ARG G 42 -34.60 -46.47 61.33
CA ARG G 42 -34.45 -46.86 62.72
C ARG G 42 -33.81 -45.72 63.49
N GLN G 43 -34.11 -45.64 64.78
CA GLN G 43 -33.57 -44.58 65.65
C GLN G 43 -33.15 -45.21 66.97
N ALA G 44 -31.91 -45.65 67.04
CA ALA G 44 -31.38 -46.16 68.30
C ALA G 44 -31.20 -44.99 69.28
N PRO G 45 -31.41 -45.22 70.57
CA PRO G 45 -31.20 -44.14 71.54
C PRO G 45 -29.77 -43.63 71.51
N GLY G 46 -29.63 -42.30 71.51
CA GLY G 46 -28.33 -41.69 71.37
C GLY G 46 -27.63 -42.01 70.07
N LYS G 47 -28.40 -42.14 68.99
CA LYS G 47 -27.84 -42.45 67.68
C LYS G 47 -28.63 -41.72 66.61
N GLU G 48 -27.91 -41.23 65.59
CA GLU G 48 -28.55 -40.53 64.49
C GLU G 48 -29.44 -41.48 63.69
N ARG G 49 -30.56 -40.96 63.20
CA ARG G 49 -31.50 -41.77 62.43
C ARG G 49 -30.81 -42.39 61.22
N GLU G 50 -31.09 -43.66 60.98
CA GLU G 50 -30.46 -44.40 59.88
C GLU G 50 -31.51 -45.11 59.06
N TRP G 51 -31.34 -45.08 57.74
CA TRP G 51 -32.20 -45.84 56.84
C TRP G 51 -31.84 -47.32 56.92
N VAL G 52 -32.86 -48.18 56.81
CA VAL G 52 -32.65 -49.61 56.95
C VAL G 52 -33.00 -50.32 55.65
N ALA G 53 -34.25 -50.24 55.23
CA ALA G 53 -34.74 -50.96 54.07
C ALA G 53 -35.61 -50.04 53.21
N ALA G 54 -35.67 -50.37 51.93
CA ALA G 54 -36.45 -49.59 50.98
C ALA G 54 -37.00 -50.51 49.91
N ILE G 55 -38.22 -50.23 49.47
CA ILE G 55 -38.90 -51.01 48.45
C ILE G 55 -39.35 -50.08 47.34
N TYR G 56 -39.13 -50.49 46.10
CA TYR G 56 -39.50 -49.69 44.94
C TYR G 56 -40.98 -49.86 44.63
N SER G 57 -41.47 -49.05 43.69
CA SER G 57 -42.87 -49.09 43.28
C SER G 57 -43.09 -49.90 42.02
N TYR G 58 -42.05 -50.55 41.48
CA TYR G 58 -42.17 -51.23 40.21
C TYR G 58 -41.03 -52.24 40.08
N GLY G 59 -41.34 -53.37 39.44
CA GLY G 59 -40.34 -54.39 39.19
C GLY G 59 -39.85 -55.13 40.42
N GLU G 60 -40.48 -54.92 41.58
CA GLU G 60 -40.12 -55.60 42.82
C GLU G 60 -38.65 -55.39 43.16
N TYR G 61 -38.20 -54.13 43.06
CA TYR G 61 -36.82 -53.79 43.37
C TYR G 61 -36.70 -53.41 44.85
N THR G 62 -35.69 -53.96 45.52
CA THR G 62 -35.50 -53.75 46.94
C THR G 62 -34.06 -53.31 47.22
N GLU G 63 -33.90 -52.45 48.23
CA GLU G 63 -32.60 -51.99 48.66
C GLU G 63 -32.50 -52.10 50.18
N TYR G 64 -31.35 -52.58 50.64
CA TYR G 64 -31.10 -52.79 52.06
C TYR G 64 -29.75 -52.21 52.45
N ALA G 65 -29.68 -51.62 53.64
CA ALA G 65 -28.40 -51.16 54.16
C ALA G 65 -27.48 -52.35 54.38
N ASP G 66 -26.22 -52.18 53.99
CA ASP G 66 -25.25 -53.28 54.05
C ASP G 66 -25.05 -53.79 55.47
N SER G 67 -25.31 -52.96 56.48
CA SER G 67 -25.17 -53.42 57.86
C SER G 67 -26.18 -54.50 58.20
N VAL G 68 -27.35 -54.48 57.57
CA VAL G 68 -28.38 -55.49 57.80
C VAL G 68 -28.76 -56.24 56.55
N LYS G 69 -28.10 -55.98 55.42
CA LYS G 69 -28.40 -56.71 54.20
C LYS G 69 -27.97 -58.17 54.36
N GLY G 70 -28.80 -59.07 53.85
CA GLY G 70 -28.66 -60.49 54.12
C GLY G 70 -29.38 -60.95 55.36
N ARG G 71 -30.02 -60.04 56.09
CA ARG G 71 -30.78 -60.38 57.29
C ARG G 71 -32.25 -59.94 57.24
N PHE G 72 -32.57 -58.87 56.50
CA PHE G 72 -33.91 -58.33 56.45
C PHE G 72 -34.48 -58.44 55.04
N THR G 73 -35.77 -58.77 54.97
CA THR G 73 -36.49 -58.90 53.71
C THR G 73 -37.75 -58.04 53.77
N ILE G 74 -37.97 -57.25 52.73
CA ILE G 74 -39.08 -56.31 52.67
C ILE G 74 -40.02 -56.71 51.54
N SER G 75 -41.32 -56.51 51.77
CA SER G 75 -42.33 -56.88 50.79
C SER G 75 -43.54 -55.97 50.95
N ARG G 76 -44.36 -55.92 49.90
CA ARG G 76 -45.64 -55.23 49.94
C ARG G 76 -46.70 -56.10 49.28
N ASP G 77 -47.93 -55.96 49.74
CA ASP G 77 -49.06 -56.71 49.21
C ASP G 77 -50.15 -55.75 48.78
N ASN G 78 -50.65 -55.93 47.55
CA ASN G 78 -51.71 -55.07 47.04
C ASN G 78 -53.08 -55.39 47.65
N ALA G 79 -53.23 -56.58 48.24
CA ALA G 79 -54.50 -56.94 48.85
C ALA G 79 -54.80 -56.09 50.08
N LYS G 80 -53.78 -55.85 50.91
CA LYS G 80 -53.94 -55.06 52.13
C LYS G 80 -53.25 -53.71 52.05
N ASN G 81 -52.49 -53.46 50.99
CA ASN G 81 -51.76 -52.20 50.83
C ASN G 81 -50.84 -51.93 52.02
N THR G 82 -50.15 -52.98 52.46
CA THR G 82 -49.22 -52.90 53.58
C THR G 82 -47.80 -53.16 53.10
N VAL G 83 -46.84 -52.77 53.93
CA VAL G 83 -45.42 -53.01 53.66
C VAL G 83 -44.86 -53.80 54.83
N TYR G 84 -44.30 -54.97 54.53
CA TYR G 84 -43.82 -55.88 55.56
C TYR G 84 -42.30 -55.90 55.60
N LEU G 85 -41.75 -56.05 56.80
CA LEU G 85 -40.32 -56.26 57.00
C LEU G 85 -40.13 -57.58 57.73
N GLN G 86 -39.46 -58.52 57.09
CA GLN G 86 -39.14 -59.81 57.70
C GLN G 86 -37.72 -59.77 58.25
N MET G 87 -37.57 -60.23 59.48
CA MET G 87 -36.30 -60.14 60.21
C MET G 87 -35.85 -61.54 60.60
N ASN G 88 -34.58 -61.84 60.33
CA ASN G 88 -34.01 -63.15 60.64
C ASN G 88 -32.65 -62.99 61.28
N SER G 89 -32.30 -63.94 62.15
CA SER G 89 -31.04 -63.94 62.88
C SER G 89 -30.82 -62.62 63.62
N LEU G 90 -31.84 -62.22 64.37
CA LEU G 90 -31.80 -60.94 65.06
C LEU G 90 -30.71 -60.92 66.12
N LYS G 91 -30.19 -59.73 66.38
CA LYS G 91 -29.13 -59.52 67.37
C LYS G 91 -29.41 -58.23 68.12
N PRO G 92 -28.93 -58.11 69.36
CA PRO G 92 -29.17 -56.89 70.13
C PRO G 92 -28.50 -55.65 69.56
N GLU G 93 -27.77 -55.76 68.44
CA GLU G 93 -27.12 -54.58 67.86
C GLU G 93 -28.10 -53.71 67.09
N ASP G 94 -29.32 -54.19 66.86
CA ASP G 94 -30.33 -53.45 66.10
C ASP G 94 -31.54 -53.09 66.95
N THR G 95 -31.33 -52.68 68.20
CA THR G 95 -32.42 -52.22 69.05
C THR G 95 -32.71 -50.76 68.74
N ALA G 96 -33.81 -50.51 68.04
CA ALA G 96 -34.18 -49.15 67.65
C ALA G 96 -35.67 -49.13 67.31
N VAL G 97 -36.24 -47.93 67.34
CA VAL G 97 -37.63 -47.73 66.96
C VAL G 97 -37.69 -47.54 65.46
N TYR G 98 -38.47 -48.39 64.79
CA TYR G 98 -38.50 -48.43 63.33
C TYR G 98 -39.66 -47.61 62.81
N TYR G 99 -39.36 -46.72 61.86
CA TYR G 99 -40.33 -45.79 61.30
C TYR G 99 -40.69 -46.20 59.88
N CYS G 100 -41.92 -45.93 59.49
CA CYS G 100 -42.39 -46.10 58.12
C CYS G 100 -42.35 -44.74 57.45
N TYR G 101 -41.65 -44.64 56.32
CA TYR G 101 -41.46 -43.37 55.65
C TYR G 101 -41.98 -43.44 54.22
N VAL G 102 -42.67 -42.39 53.81
CA VAL G 102 -43.15 -42.24 52.44
C VAL G 102 -43.15 -40.76 52.10
N TYR G 103 -42.88 -40.44 50.83
CA TYR G 103 -42.90 -39.07 50.34
C TYR G 103 -43.91 -38.99 49.21
N VAL G 104 -45.14 -38.64 49.54
CA VAL G 104 -46.17 -38.38 48.54
C VAL G 104 -46.55 -36.91 48.62
N GLY G 105 -45.86 -36.07 47.84
CA GLY G 105 -46.08 -34.64 47.87
C GLY G 105 -45.40 -33.96 49.03
N ASN G 106 -45.28 -34.66 50.16
CA ASN G 106 -44.68 -34.11 51.36
C ASN G 106 -44.04 -35.23 52.16
N GLU G 107 -43.17 -34.86 53.09
CA GLU G 107 -42.53 -35.83 53.95
C GLU G 107 -43.51 -36.34 54.99
N TYR G 108 -43.62 -37.67 55.11
CA TYR G 108 -44.50 -38.28 56.10
C TYR G 108 -43.73 -39.33 56.88
N TRP G 109 -43.68 -39.17 58.20
CA TRP G 109 -43.04 -40.13 59.09
C TRP G 109 -44.09 -40.95 59.79
N GLY G 110 -43.89 -42.27 59.80
CA GLY G 110 -44.82 -43.16 60.46
C GLY G 110 -44.73 -43.06 61.98
N GLN G 111 -45.75 -43.62 62.64
CA GLN G 111 -45.78 -43.57 64.10
C GLN G 111 -44.62 -44.36 64.70
N GLY G 112 -44.34 -45.52 64.16
CA GLY G 112 -43.19 -46.29 64.61
C GLY G 112 -43.53 -47.34 65.63
N THR G 113 -42.67 -48.36 65.73
CA THR G 113 -42.78 -49.42 66.71
C THR G 113 -41.42 -49.64 67.35
N GLN G 114 -41.42 -50.08 68.61
CA GLN G 114 -40.18 -50.29 69.34
C GLN G 114 -39.73 -51.75 69.21
N VAL G 115 -38.51 -51.95 68.73
CA VAL G 115 -37.93 -53.27 68.53
C VAL G 115 -36.75 -53.40 69.49
N THR G 116 -36.88 -54.28 70.47
CA THR G 116 -35.85 -54.49 71.48
C THR G 116 -35.38 -55.94 71.43
N VAL G 117 -34.08 -56.14 71.36
CA VAL G 117 -33.45 -57.46 71.39
C VAL G 117 -32.46 -57.50 72.54
N SER G 118 -32.55 -58.54 73.37
CA SER G 118 -31.65 -58.70 74.50
C SER G 118 -30.62 -59.79 74.23
N GLN H 5 -79.66 0.20 44.88
CA GLN H 5 -80.67 -0.32 45.79
C GLN H 5 -80.43 -1.80 46.09
N VAL H 6 -79.16 -2.17 46.21
CA VAL H 6 -78.78 -3.54 46.51
C VAL H 6 -78.65 -3.71 48.02
N GLN H 7 -79.31 -4.74 48.55
CA GLN H 7 -79.25 -5.05 49.97
C GLN H 7 -78.54 -6.38 50.18
N LEU H 8 -77.51 -6.37 51.02
CA LEU H 8 -76.79 -7.58 51.41
C LEU H 8 -76.96 -7.76 52.91
N VAL H 9 -77.63 -8.85 53.30
CA VAL H 9 -77.91 -9.13 54.70
C VAL H 9 -77.68 -10.61 54.94
N GLU H 10 -76.97 -10.93 56.02
CA GLU H 10 -76.64 -12.30 56.37
C GLU H 10 -77.60 -12.84 57.43
N SER H 11 -77.76 -14.16 57.42
CA SER H 11 -78.52 -14.86 58.45
C SER H 11 -78.00 -16.29 58.54
N GLY H 12 -78.25 -16.92 59.68
CA GLY H 12 -77.82 -18.27 59.92
C GLY H 12 -76.59 -18.41 60.80
N GLY H 13 -76.07 -17.32 61.35
CA GLY H 13 -74.95 -17.39 62.26
C GLY H 13 -75.36 -17.75 63.68
N GLY H 14 -74.36 -17.93 64.52
CA GLY H 14 -74.63 -18.25 65.91
C GLY H 14 -73.39 -18.82 66.58
N LEU H 15 -73.62 -19.53 67.69
CA LEU H 15 -72.57 -20.15 68.47
C LEU H 15 -72.73 -21.67 68.39
N VAL H 16 -71.67 -22.35 67.96
CA VAL H 16 -71.73 -23.78 67.66
C VAL H 16 -70.42 -24.43 68.09
N GLN H 17 -70.52 -25.70 68.50
CA GLN H 17 -69.33 -26.44 68.92
C GLN H 17 -68.43 -26.74 67.71
N ALA H 18 -67.21 -27.17 68.02
CA ALA H 18 -66.27 -27.56 67.00
C ALA H 18 -66.65 -28.92 66.40
N GLY H 19 -66.19 -29.16 65.16
CA GLY H 19 -66.39 -30.43 64.52
C GLY H 19 -67.78 -30.67 63.97
N GLY H 20 -68.64 -29.67 63.97
CA GLY H 20 -70.01 -29.80 63.52
C GLY H 20 -70.22 -29.23 62.14
N SER H 21 -71.44 -28.74 61.90
CA SER H 21 -71.78 -28.09 60.63
C SER H 21 -72.60 -26.84 60.92
N LEU H 22 -72.32 -25.79 60.16
CA LEU H 22 -73.06 -24.55 60.27
C LEU H 22 -73.31 -24.00 58.87
N ARG H 23 -74.48 -23.39 58.68
CA ARG H 23 -74.88 -22.89 57.37
C ARG H 23 -75.27 -21.42 57.50
N LEU H 24 -74.80 -20.61 56.55
CA LEU H 24 -75.06 -19.18 56.53
C LEU H 24 -75.90 -18.83 55.31
N SER H 25 -76.68 -17.76 55.42
CA SER H 25 -77.51 -17.28 54.33
C SER H 25 -77.20 -15.82 54.05
N CYS H 26 -76.92 -15.49 52.80
CA CYS H 26 -76.74 -14.12 52.35
C CYS H 26 -77.87 -13.78 51.40
N ALA H 27 -78.62 -12.73 51.71
CA ALA H 27 -79.81 -12.36 50.95
C ALA H 27 -79.48 -11.22 50.01
N ALA H 28 -79.73 -11.42 48.72
CA ALA H 28 -79.48 -10.42 47.69
C ALA H 28 -80.81 -9.98 47.09
N SER H 29 -80.98 -8.67 46.95
CA SER H 29 -82.24 -8.10 46.49
C SER H 29 -82.12 -7.43 45.13
N GLY H 30 -81.20 -6.46 44.99
CA GLY H 30 -81.15 -5.62 43.81
C GLY H 30 -80.39 -6.16 42.61
N PHE H 31 -79.79 -7.35 42.72
CA PHE H 31 -79.03 -7.91 41.62
C PHE H 31 -79.25 -9.41 41.58
N PRO H 32 -79.21 -10.03 40.40
CA PRO H 32 -79.30 -11.49 40.34
C PRO H 32 -78.07 -12.14 40.93
N VAL H 33 -78.30 -13.14 41.79
CA VAL H 33 -77.19 -13.73 42.54
C VAL H 33 -76.26 -14.51 41.61
N GLY H 34 -76.82 -15.18 40.60
CA GLY H 34 -76.01 -16.02 39.74
C GLY H 34 -75.17 -15.27 38.72
N ARG H 35 -75.35 -13.95 38.61
CA ARG H 35 -74.68 -13.17 37.59
C ARG H 35 -73.55 -12.31 38.14
N HIS H 36 -73.28 -12.38 39.44
CA HIS H 36 -72.23 -11.58 40.06
C HIS H 36 -71.46 -12.45 41.05
N PHE H 37 -70.15 -12.26 41.08
CA PHE H 37 -69.31 -12.99 42.02
C PHE H 37 -69.72 -12.67 43.45
N MET H 38 -69.87 -13.72 44.26
CA MET H 38 -70.22 -13.56 45.66
C MET H 38 -69.06 -14.03 46.52
N TYR H 39 -68.60 -13.14 47.39
CA TYR H 39 -67.42 -13.40 48.21
C TYR H 39 -67.82 -13.45 49.67
N TRP H 40 -67.20 -14.35 50.42
CA TRP H 40 -67.36 -14.43 51.86
C TRP H 40 -66.08 -13.95 52.51
N TYR H 41 -66.21 -13.08 53.50
CA TYR H 41 -65.07 -12.54 54.25
C TYR H 41 -65.31 -12.75 55.74
N ARG H 42 -64.21 -12.93 56.47
CA ARG H 42 -64.26 -12.99 57.92
C ARG H 42 -63.25 -12.00 58.48
N GLN H 43 -63.60 -11.39 59.62
CA GLN H 43 -62.71 -10.46 60.30
C GLN H 43 -62.55 -10.89 61.74
N ALA H 44 -61.36 -11.40 62.08
CA ALA H 44 -61.20 -11.81 63.47
C ALA H 44 -60.96 -10.59 64.34
N PRO H 45 -61.44 -10.61 65.58
CA PRO H 45 -61.16 -9.51 66.51
C PRO H 45 -59.66 -9.34 66.69
N GLY H 46 -59.21 -8.08 66.70
CA GLY H 46 -57.79 -7.79 66.74
C GLY H 46 -57.03 -8.30 65.53
N LYS H 47 -57.67 -8.33 64.37
CA LYS H 47 -57.05 -8.87 63.17
C LYS H 47 -57.71 -8.25 61.95
N GLU H 48 -56.92 -8.12 60.88
CA GLU H 48 -57.44 -7.61 59.62
C GLU H 48 -58.38 -8.63 58.97
N ARG H 49 -59.35 -8.11 58.22
CA ARG H 49 -60.35 -8.97 57.59
C ARG H 49 -59.69 -9.98 56.66
N GLU H 50 -60.23 -11.21 56.67
CA GLU H 50 -59.69 -12.31 55.89
C GLU H 50 -60.77 -12.86 54.97
N TRP H 51 -60.40 -13.06 53.71
CA TRP H 51 -61.33 -13.62 52.73
C TRP H 51 -61.60 -15.08 53.02
N VAL H 52 -62.80 -15.55 52.70
CA VAL H 52 -63.22 -16.92 52.96
C VAL H 52 -63.39 -17.71 51.66
N ALA H 53 -64.31 -17.28 50.79
CA ALA H 53 -64.62 -18.06 49.61
C ALA H 53 -65.25 -17.16 48.55
N ALA H 54 -65.39 -17.70 47.34
CA ALA H 54 -65.99 -16.98 46.24
C ALA H 54 -66.65 -17.96 45.28
N ILE H 55 -67.63 -17.46 44.53
CA ILE H 55 -68.31 -18.22 43.48
C ILE H 55 -68.22 -17.41 42.19
N TYR H 56 -67.88 -18.08 41.10
CA TYR H 56 -67.80 -17.42 39.81
C TYR H 56 -69.20 -17.06 39.31
N SER H 57 -69.24 -16.17 38.32
CA SER H 57 -70.48 -15.81 37.65
C SER H 57 -70.90 -16.84 36.62
N TYR H 58 -70.05 -17.82 36.33
CA TYR H 58 -70.36 -18.86 35.35
C TYR H 58 -69.57 -20.11 35.71
N GLY H 59 -70.09 -21.25 35.26
CA GLY H 59 -69.39 -22.50 35.38
C GLY H 59 -69.30 -23.07 36.79
N GLU H 60 -69.90 -22.41 37.78
CA GLU H 60 -69.88 -22.86 39.17
C GLU H 60 -68.45 -23.10 39.65
N TYR H 61 -67.55 -22.17 39.30
CA TYR H 61 -66.17 -22.22 39.76
C TYR H 61 -66.09 -21.59 41.15
N THR H 62 -65.50 -22.32 42.10
CA THR H 62 -65.43 -21.90 43.49
C THR H 62 -63.99 -21.74 43.93
N GLU H 63 -63.76 -20.80 44.84
CA GLU H 63 -62.44 -20.51 45.38
C GLU H 63 -62.50 -20.56 46.90
N TYR H 64 -61.45 -21.12 47.52
CA TYR H 64 -61.39 -21.23 48.96
C TYR H 64 -60.00 -20.82 49.44
N ALA H 65 -59.95 -20.25 50.64
CA ALA H 65 -58.68 -19.88 51.23
C ALA H 65 -57.89 -21.13 51.62
N ASP H 66 -56.57 -20.96 51.75
CA ASP H 66 -55.70 -22.10 52.04
C ASP H 66 -56.03 -22.70 53.40
N SER H 67 -56.21 -21.86 54.42
CA SER H 67 -56.47 -22.36 55.77
C SER H 67 -57.84 -23.01 55.89
N VAL H 68 -58.80 -22.63 55.05
CA VAL H 68 -60.15 -23.16 55.12
C VAL H 68 -60.44 -24.09 53.94
N LYS H 69 -59.41 -24.48 53.19
CA LYS H 69 -59.61 -25.31 52.00
C LYS H 69 -60.16 -26.67 52.39
N GLY H 70 -61.21 -27.10 51.69
CA GLY H 70 -61.81 -28.39 51.92
C GLY H 70 -62.74 -28.48 53.10
N ARG H 71 -62.95 -27.39 53.84
CA ARG H 71 -63.80 -27.40 55.02
C ARG H 71 -65.11 -26.65 54.80
N PHE H 72 -65.10 -25.54 54.08
CA PHE H 72 -66.29 -24.74 53.84
C PHE H 72 -66.78 -24.95 52.42
N THR H 73 -68.04 -24.61 52.19
CA THR H 73 -68.69 -24.73 50.90
C THR H 73 -69.45 -23.45 50.58
N ILE H 74 -69.53 -23.11 49.29
CA ILE H 74 -70.25 -21.93 48.84
C ILE H 74 -71.23 -22.34 47.75
N SER H 75 -72.48 -21.91 47.88
CA SER H 75 -73.51 -22.20 46.88
C SER H 75 -74.49 -21.05 46.85
N ARG H 76 -75.25 -20.97 45.76
CA ARG H 76 -76.24 -19.91 45.62
C ARG H 76 -77.39 -20.42 44.76
N ASP H 77 -78.57 -19.82 44.98
CA ASP H 77 -79.78 -20.20 44.26
C ASP H 77 -80.40 -18.95 43.64
N ASN H 78 -80.61 -18.99 42.32
CA ASN H 78 -81.07 -17.81 41.60
C ASN H 78 -82.56 -17.55 41.81
N ALA H 79 -83.36 -18.60 41.97
CA ALA H 79 -84.80 -18.42 42.13
C ALA H 79 -85.12 -17.66 43.40
N LYS H 80 -84.40 -17.94 44.49
CA LYS H 80 -84.61 -17.26 45.76
C LYS H 80 -83.59 -16.16 46.03
N ASN H 81 -82.53 -16.07 45.21
CA ASN H 81 -81.54 -14.99 45.28
C ASN H 81 -80.85 -14.95 46.65
N THR H 82 -80.23 -16.08 47.00
CA THR H 82 -79.50 -16.19 48.26
C THR H 82 -78.16 -16.87 48.01
N VAL H 83 -77.20 -16.58 48.89
CA VAL H 83 -75.89 -17.21 48.85
C VAL H 83 -75.73 -18.03 50.12
N TYR H 84 -75.49 -19.33 49.96
CA TYR H 84 -75.35 -20.24 51.10
C TYR H 84 -73.89 -20.49 51.39
N LEU H 85 -73.51 -20.35 52.67
CA LEU H 85 -72.18 -20.66 53.14
C LEU H 85 -72.29 -21.83 54.11
N GLN H 86 -71.87 -23.01 53.69
CA GLN H 86 -71.94 -24.21 54.51
C GLN H 86 -70.58 -24.42 55.18
N MET H 87 -70.53 -24.17 56.49
CA MET H 87 -69.29 -24.28 57.24
C MET H 87 -69.25 -25.63 57.96
N ASN H 88 -68.14 -26.34 57.80
CA ASN H 88 -67.98 -27.67 58.37
C ASN H 88 -66.62 -27.77 59.06
N SER H 89 -66.49 -28.75 59.94
CA SER H 89 -65.26 -29.01 60.69
C SER H 89 -64.79 -27.74 61.40
N LEU H 90 -65.70 -27.13 62.14
CA LEU H 90 -65.43 -25.83 62.74
C LEU H 90 -64.40 -25.94 63.86
N LYS H 91 -63.70 -24.84 64.09
CA LYS H 91 -62.64 -24.73 65.07
C LYS H 91 -62.77 -23.39 65.78
N PRO H 92 -62.17 -23.25 66.96
CA PRO H 92 -62.11 -21.92 67.59
C PRO H 92 -61.37 -20.89 66.74
N GLU H 93 -60.50 -21.33 65.82
CA GLU H 93 -59.76 -20.40 64.98
C GLU H 93 -60.67 -19.69 63.99
N ASP H 94 -61.69 -20.38 63.48
CA ASP H 94 -62.60 -19.78 62.50
C ASP H 94 -63.69 -18.93 63.15
N THR H 95 -63.49 -18.49 64.39
CA THR H 95 -64.41 -17.56 65.03
C THR H 95 -64.13 -16.16 64.51
N ALA H 96 -65.08 -15.61 63.76
CA ALA H 96 -64.99 -14.25 63.22
C ALA H 96 -66.36 -13.85 62.71
N VAL H 97 -66.48 -12.59 62.30
CA VAL H 97 -67.72 -12.06 61.75
C VAL H 97 -67.68 -12.19 60.23
N TYR H 98 -68.72 -12.79 59.67
CA TYR H 98 -68.74 -13.13 58.25
C TYR H 98 -69.53 -12.09 57.46
N TYR H 99 -68.97 -11.68 56.32
CA TYR H 99 -69.60 -10.74 55.42
C TYR H 99 -69.67 -11.35 54.03
N CYS H 100 -70.75 -11.06 53.31
CA CYS H 100 -70.88 -11.42 51.91
C CYS H 100 -70.81 -10.16 51.07
N TYR H 101 -69.86 -10.13 50.13
CA TYR H 101 -69.49 -8.95 49.38
C TYR H 101 -69.83 -9.13 47.91
N VAL H 102 -70.18 -8.03 47.25
CA VAL H 102 -70.45 -8.00 45.81
C VAL H 102 -70.01 -6.65 45.27
N TYR H 103 -69.93 -6.56 43.94
CA TYR H 103 -69.69 -5.29 43.25
C TYR H 103 -70.71 -5.18 42.13
N VAL H 104 -71.76 -4.39 42.34
CA VAL H 104 -72.72 -4.06 41.31
C VAL H 104 -72.67 -2.54 41.16
N GLY H 105 -71.81 -2.06 40.28
CA GLY H 105 -71.65 -0.63 40.08
C GLY H 105 -70.79 0.03 41.14
N ASN H 106 -70.86 -0.47 42.37
CA ASN H 106 -70.08 0.04 43.48
C ASN H 106 -69.80 -1.10 44.45
N GLU H 107 -69.09 -0.78 45.52
CA GLU H 107 -68.80 -1.78 46.55
C GLU H 107 -69.97 -1.92 47.51
N TYR H 108 -70.38 -3.16 47.77
CA TYR H 108 -71.48 -3.45 48.68
C TYR H 108 -71.01 -4.48 49.70
N TRP H 109 -71.29 -4.22 50.98
CA TRP H 109 -70.96 -5.13 52.06
C TRP H 109 -72.22 -5.50 52.83
N GLY H 110 -72.25 -6.72 53.35
CA GLY H 110 -73.39 -7.22 54.09
C GLY H 110 -73.45 -6.71 55.52
N GLN H 111 -74.53 -7.10 56.21
CA GLN H 111 -74.71 -6.69 57.59
C GLN H 111 -73.73 -7.40 58.52
N GLY H 112 -73.42 -8.66 58.25
CA GLY H 112 -72.51 -9.41 59.08
C GLY H 112 -73.19 -10.25 60.13
N THR H 113 -72.88 -11.54 60.17
CA THR H 113 -73.39 -12.46 61.18
C THR H 113 -72.24 -12.87 62.09
N GLN H 114 -72.49 -12.83 63.39
CA GLN H 114 -71.48 -13.19 64.37
C GLN H 114 -71.38 -14.71 64.47
N VAL H 115 -70.15 -15.22 64.37
CA VAL H 115 -69.89 -16.65 64.44
C VAL H 115 -68.81 -16.90 65.49
N THR H 116 -69.12 -17.69 66.50
CA THR H 116 -68.19 -18.10 67.53
C THR H 116 -68.26 -19.60 67.70
N VAL H 117 -67.10 -20.23 67.85
CA VAL H 117 -66.99 -21.68 67.96
C VAL H 117 -66.20 -22.01 69.22
N SER H 118 -66.69 -22.99 69.98
CA SER H 118 -66.04 -23.41 71.21
C SER H 118 -64.89 -24.38 70.92
N GLN I 5 -10.01 68.19 49.35
CA GLN I 5 -10.59 69.50 49.61
C GLN I 5 -12.11 69.46 49.42
N VAL I 6 -12.64 68.26 49.22
CA VAL I 6 -14.07 68.08 49.03
C VAL I 6 -14.75 68.01 50.40
N GLN I 7 -15.69 68.91 50.63
CA GLN I 7 -16.43 68.95 51.89
C GLN I 7 -17.92 68.94 51.61
N LEU I 8 -18.65 68.08 52.31
CA LEU I 8 -20.10 68.02 52.25
C LEU I 8 -20.68 68.42 53.59
N VAL I 9 -21.65 69.32 53.57
CA VAL I 9 -22.35 69.76 54.77
C VAL I 9 -23.85 69.63 54.54
N GLU I 10 -24.53 68.98 55.48
CA GLU I 10 -25.97 68.82 55.42
C GLU I 10 -26.64 69.82 56.37
N SER I 11 -27.83 70.27 55.99
CA SER I 11 -28.57 71.23 56.80
C SER I 11 -30.06 70.92 56.70
N GLY I 12 -30.81 71.41 57.69
CA GLY I 12 -32.24 71.27 57.69
C GLY I 12 -32.80 70.17 58.55
N GLY I 13 -31.98 69.53 59.38
CA GLY I 13 -32.47 68.51 60.28
C GLY I 13 -33.30 69.11 61.41
N GLY I 14 -33.98 68.23 62.12
CA GLY I 14 -34.80 68.65 63.24
C GLY I 14 -35.95 67.69 63.44
N LEU I 15 -36.78 68.00 64.42
CA LEU I 15 -37.93 67.18 64.79
C LEU I 15 -39.19 67.74 64.14
N VAL I 16 -39.94 66.86 63.47
CA VAL I 16 -41.17 67.23 62.78
C VAL I 16 -42.18 66.12 62.99
N GLN I 17 -43.44 66.50 63.20
CA GLN I 17 -44.51 65.53 63.38
C GLN I 17 -44.77 64.79 62.08
N ALA I 18 -45.43 63.63 62.20
CA ALA I 18 -45.70 62.80 61.04
C ALA I 18 -46.57 63.54 60.03
N GLY I 19 -46.29 63.32 58.75
CA GLY I 19 -47.01 63.99 57.68
C GLY I 19 -46.49 65.36 57.32
N GLY I 20 -45.45 65.84 58.00
CA GLY I 20 -44.91 67.16 57.73
C GLY I 20 -43.95 67.18 56.57
N SER I 21 -43.38 68.37 56.34
CA SER I 21 -42.40 68.60 55.29
C SER I 21 -41.09 69.07 55.90
N LEU I 22 -40.00 68.41 55.52
CA LEU I 22 -38.67 68.75 56.01
C LEU I 22 -37.72 68.89 54.83
N ARG I 23 -36.87 69.92 54.87
CA ARG I 23 -35.93 70.21 53.81
C ARG I 23 -34.52 69.88 54.29
N LEU I 24 -33.82 69.04 53.54
CA LEU I 24 -32.44 68.70 53.82
C LEU I 24 -31.58 69.17 52.67
N SER I 25 -30.65 70.07 52.94
CA SER I 25 -29.81 70.70 51.93
C SER I 25 -28.36 70.28 52.14
N CYS I 26 -27.72 69.81 51.08
CA CYS I 26 -26.32 69.42 51.10
C CYS I 26 -25.55 70.31 50.14
N ALA I 27 -24.77 71.24 50.69
CA ALA I 27 -24.01 72.19 49.89
C ALA I 27 -22.60 71.68 49.69
N ALA I 28 -22.15 71.69 48.44
CA ALA I 28 -20.84 71.16 48.07
C ALA I 28 -19.93 72.29 47.63
N SER I 29 -18.67 72.22 48.05
CA SER I 29 -17.68 73.24 47.73
C SER I 29 -16.43 72.69 47.04
N GLY I 30 -15.97 71.51 47.44
CA GLY I 30 -14.74 70.95 46.91
C GLY I 30 -14.85 70.33 45.54
N PHE I 31 -16.05 70.28 44.95
CA PHE I 31 -16.25 69.72 43.63
C PHE I 31 -17.46 70.38 43.00
N PRO I 32 -17.55 70.43 41.67
CA PRO I 32 -18.78 70.90 41.03
C PRO I 32 -19.86 69.83 41.10
N VAL I 33 -21.01 70.20 41.67
CA VAL I 33 -22.12 69.25 41.76
C VAL I 33 -22.76 69.02 40.39
N GLY I 34 -22.49 69.90 39.43
CA GLY I 34 -23.12 69.77 38.12
C GLY I 34 -22.70 68.52 37.38
N ARG I 35 -21.44 68.10 37.54
CA ARG I 35 -20.90 66.99 36.79
C ARG I 35 -20.72 65.72 37.62
N HIS I 36 -21.24 65.69 38.85
CA HIS I 36 -21.01 64.56 39.74
C HIS I 36 -22.31 64.05 40.33
N PHE I 37 -22.32 62.76 40.64
CA PHE I 37 -23.45 62.13 41.29
C PHE I 37 -23.52 62.54 42.76
N MET I 38 -24.72 62.45 43.32
CA MET I 38 -24.94 62.71 44.73
C MET I 38 -25.83 61.61 45.31
N TYR I 39 -25.52 61.22 46.54
CA TYR I 39 -26.23 60.13 47.21
C TYR I 39 -26.61 60.55 48.61
N TRP I 40 -27.75 60.05 49.08
CA TRP I 40 -28.27 60.33 50.41
C TRP I 40 -28.55 59.02 51.12
N TYR I 41 -27.95 58.86 52.30
CA TYR I 41 -28.06 57.65 53.08
C TYR I 41 -28.66 57.95 54.45
N ARG I 42 -29.32 56.95 55.02
CA ARG I 42 -29.89 57.06 56.35
C ARG I 42 -29.36 55.93 57.22
N GLN I 43 -29.22 56.21 58.52
CA GLN I 43 -28.70 55.23 59.47
C GLN I 43 -29.54 55.31 60.75
N ALA I 44 -30.60 54.49 60.80
CA ALA I 44 -31.39 54.41 62.01
C ALA I 44 -30.57 53.75 63.11
N PRO I 45 -30.74 54.16 64.37
CA PRO I 45 -29.99 53.53 65.45
C PRO I 45 -30.25 52.03 65.51
N GLY I 46 -29.17 51.26 65.66
CA GLY I 46 -29.27 49.81 65.62
C GLY I 46 -29.75 49.28 64.28
N LYS I 47 -29.40 49.95 63.19
CA LYS I 47 -29.81 49.54 61.86
C LYS I 47 -28.68 49.80 60.87
N GLU I 48 -28.49 48.87 59.94
CA GLU I 48 -27.44 49.02 58.93
C GLU I 48 -27.74 50.21 58.02
N ARG I 49 -26.68 50.90 57.62
CA ARG I 49 -26.82 52.07 56.76
C ARG I 49 -27.53 51.70 55.47
N GLU I 50 -28.47 52.56 55.04
CA GLU I 50 -29.28 52.31 53.87
C GLU I 50 -29.27 53.54 52.95
N TRP I 51 -29.17 53.28 51.66
CA TRP I 51 -29.29 54.34 50.66
C TRP I 51 -30.75 54.77 50.53
N VAL I 52 -30.97 56.06 50.30
CA VAL I 52 -32.32 56.59 50.24
C VAL I 52 -32.62 57.15 48.85
N ALA I 53 -31.90 58.18 48.45
CA ALA I 53 -32.16 58.88 47.20
C ALA I 53 -30.85 59.13 46.47
N ALA I 54 -30.96 59.28 45.15
CA ALA I 54 -29.79 59.51 44.31
C ALA I 54 -30.21 60.34 43.11
N ILE I 55 -29.33 61.28 42.73
CA ILE I 55 -29.56 62.16 41.60
C ILE I 55 -28.40 62.02 40.63
N TYR I 56 -28.71 61.87 39.35
CA TYR I 56 -27.68 61.68 38.33
C TYR I 56 -26.99 63.01 38.02
N SER I 57 -25.93 62.92 37.22
CA SER I 57 -25.16 64.07 36.79
C SER I 57 -25.59 64.61 35.43
N TYR I 58 -26.64 64.05 34.83
CA TYR I 58 -27.06 64.46 33.51
C TYR I 58 -28.49 64.01 33.28
N GLY I 59 -29.29 64.88 32.67
CA GLY I 59 -30.66 64.56 32.39
C GLY I 59 -31.60 64.60 33.58
N GLU I 60 -31.11 65.04 34.74
CA GLU I 60 -31.94 65.15 35.95
C GLU I 60 -32.61 63.83 36.29
N TYR I 61 -31.88 62.74 36.13
CA TYR I 61 -32.41 61.42 36.45
C TYR I 61 -32.29 61.15 37.94
N THR I 62 -33.38 60.71 38.55
CA THR I 62 -33.46 60.51 39.99
C THR I 62 -33.86 59.09 40.31
N GLU I 63 -33.32 58.55 41.39
CA GLU I 63 -33.67 57.22 41.88
C GLU I 63 -33.96 57.28 43.37
N TYR I 64 -34.96 56.51 43.79
CA TYR I 64 -35.38 56.47 45.18
C TYR I 64 -35.61 55.02 45.60
N ALA I 65 -35.23 54.70 46.84
CA ALA I 65 -35.53 53.37 47.37
C ALA I 65 -37.03 53.17 47.44
N ASP I 66 -37.48 51.97 47.07
CA ASP I 66 -38.91 51.69 47.01
C ASP I 66 -39.60 51.84 48.37
N SER I 67 -38.84 51.74 49.46
CA SER I 67 -39.43 51.95 50.78
C SER I 67 -39.90 53.38 50.97
N VAL I 68 -39.24 54.35 50.32
CA VAL I 68 -39.60 55.75 50.44
C VAL I 68 -39.95 56.37 49.09
N LYS I 69 -39.92 55.61 48.01
CA LYS I 69 -40.28 56.17 46.71
C LYS I 69 -41.76 56.55 46.71
N GLY I 70 -42.05 57.70 46.11
CA GLY I 70 -43.36 58.31 46.24
C GLY I 70 -43.51 59.21 47.44
N ARG I 71 -42.49 59.31 48.29
CA ARG I 71 -42.50 60.18 49.46
C ARG I 71 -41.39 61.23 49.45
N PHE I 72 -40.23 60.91 48.89
CA PHE I 72 -39.08 61.80 48.88
C PHE I 72 -38.77 62.26 47.45
N THR I 73 -38.41 63.53 47.33
CA THR I 73 -38.04 64.13 46.05
C THR I 73 -36.70 64.82 46.20
N ILE I 74 -35.78 64.56 45.26
CA ILE I 74 -34.42 65.07 45.33
C ILE I 74 -34.19 66.01 44.15
N SER I 75 -33.40 67.06 44.38
CA SER I 75 -33.12 68.04 43.35
C SER I 75 -31.76 68.67 43.62
N ARG I 76 -31.21 69.30 42.59
CA ARG I 76 -29.99 70.08 42.72
C ARG I 76 -30.14 71.39 41.97
N ASP I 77 -29.43 72.42 42.44
CA ASP I 77 -29.45 73.73 41.81
C ASP I 77 -28.02 74.16 41.52
N ASN I 78 -27.79 74.63 40.30
CA ASN I 78 -26.46 75.07 39.90
C ASN I 78 -26.09 76.41 40.50
N ALA I 79 -27.07 77.24 40.88
CA ALA I 79 -26.76 78.56 41.44
C ALA I 79 -26.04 78.44 42.77
N LYS I 80 -26.47 77.53 43.64
CA LYS I 80 -25.88 77.33 44.94
C LYS I 80 -25.05 76.05 45.04
N ASN I 81 -25.08 75.21 44.01
CA ASN I 81 -24.36 73.94 43.99
C ASN I 81 -24.74 73.09 45.21
N THR I 82 -26.04 73.04 45.49
CA THR I 82 -26.56 72.30 46.63
C THR I 82 -27.44 71.16 46.14
N VAL I 83 -27.70 70.22 47.06
CA VAL I 83 -28.59 69.09 46.81
C VAL I 83 -29.70 69.13 47.84
N TYR I 84 -30.94 69.11 47.37
CA TYR I 84 -32.11 69.26 48.24
C TYR I 84 -32.89 67.95 48.32
N LEU I 85 -33.44 67.69 49.50
CA LEU I 85 -34.34 66.56 49.73
C LEU I 85 -35.66 67.10 50.25
N GLN I 86 -36.74 66.82 49.54
CA GLN I 86 -38.08 67.21 49.96
C GLN I 86 -38.81 65.99 50.51
N MET I 87 -39.38 66.14 51.70
CA MET I 87 -40.01 65.04 52.41
C MET I 87 -41.49 65.36 52.60
N ASN I 88 -42.35 64.40 52.24
CA ASN I 88 -43.79 64.58 52.36
C ASN I 88 -44.40 63.34 53.01
N SER I 89 -45.52 63.55 53.72
CA SER I 89 -46.24 62.49 54.41
C SER I 89 -45.30 61.67 55.30
N LEU I 90 -44.53 62.38 56.12
CA LEU I 90 -43.53 61.73 56.97
C LEU I 90 -44.19 60.83 58.00
N LYS I 91 -43.44 59.83 58.44
CA LYS I 91 -43.86 58.89 59.47
C LYS I 91 -42.66 58.61 60.38
N PRO I 92 -42.92 58.20 61.63
CA PRO I 92 -41.80 57.91 62.54
C PRO I 92 -40.96 56.71 62.12
N GLU I 93 -41.30 56.11 60.97
CA GLU I 93 -40.53 54.96 60.49
C GLU I 93 -39.18 55.38 59.91
N ASP I 94 -39.03 56.63 59.48
CA ASP I 94 -37.81 57.08 58.83
C ASP I 94 -36.94 57.94 59.76
N THR I 95 -36.91 57.63 61.05
CA THR I 95 -36.07 58.35 61.99
C THR I 95 -34.64 57.84 61.87
N ALA I 96 -33.79 58.59 61.17
CA ALA I 96 -32.42 58.18 60.94
C ALA I 96 -31.59 59.42 60.64
N VAL I 97 -30.28 59.30 60.82
CA VAL I 97 -29.34 60.37 60.52
C VAL I 97 -29.01 60.30 59.03
N TYR I 98 -29.21 61.41 58.33
CA TYR I 98 -29.08 61.46 56.89
C TYR I 98 -27.69 61.95 56.50
N TYR I 99 -27.00 61.18 55.67
CA TYR I 99 -25.66 61.51 55.20
C TYR I 99 -25.71 61.92 53.74
N CYS I 100 -24.84 62.84 53.37
CA CYS I 100 -24.63 63.23 51.99
C CYS I 100 -23.40 62.51 51.47
N TYR I 101 -23.53 61.83 50.34
CA TYR I 101 -22.46 61.01 49.80
C TYR I 101 -22.12 61.42 48.38
N VAL I 102 -20.83 61.44 48.08
CA VAL I 102 -20.34 61.70 46.72
C VAL I 102 -19.02 60.96 46.56
N TYR I 103 -18.78 60.43 45.37
CA TYR I 103 -17.52 59.75 45.05
C TYR I 103 -16.85 60.50 43.92
N VAL I 104 -15.94 61.42 44.26
CA VAL I 104 -15.10 62.10 43.29
C VAL I 104 -13.67 61.66 43.60
N GLY I 105 -13.24 60.57 42.96
CA GLY I 105 -11.91 60.04 43.19
C GLY I 105 -11.81 59.19 44.44
N ASN I 106 -12.54 59.57 45.48
CA ASN I 106 -12.51 58.87 46.76
C ASN I 106 -13.89 58.93 47.40
N GLU I 107 -14.10 58.06 48.37
CA GLU I 107 -15.37 58.04 49.09
C GLU I 107 -15.45 59.22 50.04
N TYR I 108 -16.55 59.98 49.96
CA TYR I 108 -16.75 61.16 50.79
C TYR I 108 -18.13 61.08 51.44
N TRP I 109 -18.15 61.14 52.77
CA TRP I 109 -19.38 61.14 53.54
C TRP I 109 -19.62 62.51 54.14
N GLY I 110 -20.86 62.98 54.05
CA GLY I 110 -21.20 64.27 54.60
C GLY I 110 -21.27 64.26 56.12
N GLN I 111 -21.31 65.46 56.69
CA GLN I 111 -21.36 65.60 58.14
C GLN I 111 -22.64 64.98 58.70
N GLY I 112 -23.76 65.22 58.05
CA GLY I 112 -24.99 64.54 58.41
C GLY I 112 -25.91 65.41 59.26
N THR I 113 -27.20 65.08 59.23
CA THR I 113 -28.21 65.73 60.05
C THR I 113 -29.11 64.65 60.64
N GLN I 114 -29.71 64.96 61.80
CA GLN I 114 -30.60 64.03 62.48
C GLN I 114 -32.05 64.39 62.20
N VAL I 115 -32.80 63.42 61.68
CA VAL I 115 -34.21 63.59 61.36
C VAL I 115 -35.01 62.70 62.30
N THR I 116 -35.77 63.33 63.20
CA THR I 116 -36.59 62.62 64.17
C THR I 116 -38.06 62.95 63.92
N VAL I 117 -38.89 61.92 63.85
CA VAL I 117 -40.33 62.06 63.65
C VAL I 117 -41.05 61.42 64.83
N SER I 118 -41.97 62.16 65.43
CA SER I 118 -42.73 61.65 66.56
C SER I 118 -44.17 61.31 66.15
N GLN J 5 35.08 71.91 43.78
CA GLN J 5 35.17 72.84 44.90
C GLN J 5 33.81 73.50 45.16
N VAL J 6 32.75 72.69 45.10
CA VAL J 6 31.40 73.17 45.33
C VAL J 6 31.11 73.21 46.82
N GLN J 7 30.51 74.30 47.28
CA GLN J 7 30.09 74.43 48.67
C GLN J 7 28.57 74.50 48.73
N LEU J 8 27.98 73.65 49.57
CA LEU J 8 26.55 73.65 49.81
C LEU J 8 26.29 73.97 51.27
N VAL J 9 25.69 75.14 51.53
CA VAL J 9 25.39 75.60 52.88
C VAL J 9 23.99 76.16 52.89
N GLU J 10 23.19 75.73 53.88
CA GLU J 10 21.81 76.18 54.00
C GLU J 10 21.71 77.35 54.98
N SER J 11 20.62 78.10 54.85
CA SER J 11 20.28 79.16 55.78
C SER J 11 18.79 79.42 55.71
N GLY J 12 18.26 80.07 56.74
CA GLY J 12 16.85 80.40 56.81
C GLY J 12 16.03 79.53 57.74
N GLY J 13 16.67 78.61 58.47
CA GLY J 13 15.93 77.76 59.40
C GLY J 13 15.59 78.46 60.70
N GLY J 14 14.80 77.78 61.51
CA GLY J 14 14.41 78.32 62.81
C GLY J 14 13.28 77.51 63.40
N LEU J 15 12.64 78.11 64.42
CA LEU J 15 11.53 77.49 65.13
C LEU J 15 10.28 78.34 64.90
N VAL J 16 9.23 77.71 64.37
CA VAL J 16 8.02 78.41 63.96
C VAL J 16 6.81 77.58 64.36
N GLN J 17 5.67 78.26 64.53
CA GLN J 17 4.44 77.58 64.87
C GLN J 17 3.88 76.82 63.67
N ALA J 18 2.86 76.01 63.93
CA ALA J 18 2.19 75.29 62.86
C ALA J 18 1.31 76.23 62.03
N GLY J 19 1.10 75.85 60.77
CA GLY J 19 0.24 76.61 59.89
C GLY J 19 0.80 77.92 59.39
N GLY J 20 2.08 78.16 59.58
CA GLY J 20 2.72 79.39 59.17
C GLY J 20 3.42 79.29 57.83
N SER J 21 4.45 80.11 57.67
CA SER J 21 5.28 80.09 56.47
C SER J 21 6.74 80.24 56.86
N LEU J 22 7.60 79.48 56.18
CA LEU J 22 9.03 79.53 56.41
C LEU J 22 9.76 79.38 55.09
N ARG J 23 10.95 79.98 55.01
CA ARG J 23 11.73 79.99 53.77
C ARG J 23 13.15 79.58 54.07
N LEU J 24 13.71 78.74 53.20
CA LEU J 24 15.07 78.23 53.32
C LEU J 24 15.91 78.76 52.17
N SER J 25 17.22 78.88 52.41
CA SER J 25 18.16 79.30 51.38
C SER J 25 19.30 78.30 51.31
N CYS J 26 19.57 77.79 50.12
CA CYS J 26 20.71 76.91 49.86
C CYS J 26 21.70 77.69 48.99
N ALA J 27 22.91 77.86 49.50
CA ALA J 27 23.92 78.67 48.82
C ALA J 27 24.80 77.79 47.95
N ALA J 28 24.83 78.11 46.65
CA ALA J 28 25.61 77.37 45.68
C ALA J 28 26.72 78.27 45.15
N SER J 29 27.95 77.76 45.16
CA SER J 29 29.12 78.53 44.76
C SER J 29 29.77 77.97 43.51
N GLY J 30 30.15 76.70 43.51
CA GLY J 30 30.97 76.12 42.46
C GLY J 30 30.25 75.65 41.21
N PHE J 31 28.92 75.72 41.16
CA PHE J 31 28.17 75.26 40.02
C PHE J 31 27.01 76.21 39.77
N PRO J 32 26.59 76.38 38.51
CA PRO J 32 25.40 77.19 38.25
C PRO J 32 24.16 76.49 38.77
N VAL J 33 23.35 77.22 39.53
CA VAL J 33 22.22 76.61 40.22
C VAL J 33 21.17 76.12 39.22
N GLY J 34 20.99 76.84 38.11
CA GLY J 34 19.96 76.51 37.15
C GLY J 34 20.27 75.34 36.25
N ARG J 35 21.48 74.78 36.34
CA ARG J 35 21.92 73.74 35.41
C ARG J 35 22.03 72.37 36.08
N HIS J 36 21.73 72.25 37.36
CA HIS J 36 21.82 70.98 38.06
C HIS J 36 20.56 70.78 38.88
N PHE J 37 20.11 69.52 38.94
CA PHE J 37 18.97 69.18 39.78
C PHE J 37 19.30 69.48 41.24
N MET J 38 18.40 70.18 41.91
CA MET J 38 18.56 70.52 43.32
C MET J 38 17.51 69.79 44.12
N TYR J 39 17.95 68.98 45.08
CA TYR J 39 17.06 68.14 45.87
C TYR J 39 17.08 68.61 47.32
N TRP J 40 15.90 68.68 47.92
CA TRP J 40 15.75 68.96 49.34
C TRP J 40 15.43 67.65 50.04
N TYR J 41 16.14 67.38 51.12
CA TYR J 41 15.91 66.19 51.94
C TYR J 41 15.67 66.61 53.38
N ARG J 42 14.90 65.79 54.09
CA ARG J 42 14.71 65.98 55.52
C ARG J 42 15.00 64.67 56.23
N GLN J 43 15.54 64.78 57.44
CA GLN J 43 15.87 63.61 58.25
C GLN J 43 15.27 63.79 59.63
N ALA J 44 14.20 63.03 59.93
CA ALA J 44 13.69 63.15 61.28
C ALA J 44 14.58 62.39 62.26
N PRO J 45 14.69 62.87 63.49
CA PRO J 45 15.44 62.12 64.50
C PRO J 45 14.84 60.74 64.70
N GLY J 46 15.72 59.74 64.81
CA GLY J 46 15.26 58.36 64.88
C GLY J 46 14.52 57.90 63.65
N LYS J 47 14.90 58.42 62.48
CA LYS J 47 14.22 58.09 61.23
C LYS J 47 15.18 58.27 60.08
N GLU J 48 14.98 57.48 59.02
CA GLU J 48 15.81 57.59 57.84
C GLU J 48 15.50 58.87 57.07
N ARG J 49 16.52 59.40 56.39
CA ARG J 49 16.38 60.64 55.65
C ARG J 49 15.29 60.52 54.59
N GLU J 50 14.49 61.57 54.45
CA GLU J 50 13.33 61.59 53.56
C GLU J 50 13.49 62.72 52.56
N TRP J 51 13.22 62.42 51.29
CA TRP J 51 13.27 63.43 50.25
C TRP J 51 12.13 64.42 50.40
N VAL J 52 12.37 65.67 50.03
CA VAL J 52 11.40 66.75 50.15
C VAL J 52 10.93 67.23 48.78
N ALA J 53 11.87 67.74 47.95
CA ALA J 53 11.49 68.35 46.69
C ALA J 53 12.68 68.33 45.74
N ALA J 54 12.41 68.69 44.48
CA ALA J 54 13.42 68.69 43.44
C ALA J 54 13.03 69.69 42.36
N ILE J 55 14.03 70.24 41.68
CA ILE J 55 13.85 71.12 40.54
C ILE J 55 14.64 70.56 39.37
N TYR J 56 14.02 70.53 38.19
CA TYR J 56 14.69 70.02 37.01
C TYR J 56 15.75 71.01 36.54
N SER J 57 16.62 70.53 35.65
CA SER J 57 17.62 71.38 35.02
C SER J 57 17.04 72.22 33.90
N TYR J 58 15.79 71.96 33.49
CA TYR J 58 15.16 72.68 32.41
C TYR J 58 13.65 72.62 32.61
N GLY J 59 12.96 73.60 32.03
CA GLY J 59 11.52 73.61 32.02
C GLY J 59 10.86 73.89 33.36
N GLU J 60 11.64 74.10 34.42
CA GLU J 60 11.12 74.38 35.75
C GLU J 60 10.15 73.29 36.20
N TYR J 61 10.49 72.04 35.90
CA TYR J 61 9.72 70.90 36.35
C TYR J 61 10.09 70.61 37.81
N THR J 62 9.07 70.59 38.68
CA THR J 62 9.28 70.44 40.12
C THR J 62 8.63 69.15 40.61
N GLU J 63 9.26 68.54 41.61
CA GLU J 63 8.78 67.30 42.21
C GLU J 63 8.61 67.50 43.70
N TYR J 64 7.59 66.88 44.27
CA TYR J 64 7.31 66.96 45.70
C TYR J 64 6.92 65.60 46.23
N ALA J 65 7.25 65.36 47.50
CA ALA J 65 6.88 64.11 48.14
C ALA J 65 5.37 64.06 48.37
N ASP J 66 4.85 62.84 48.48
CA ASP J 66 3.41 62.67 48.64
C ASP J 66 2.91 63.28 49.94
N SER J 67 3.62 63.04 51.04
CA SER J 67 3.18 63.57 52.33
C SER J 67 3.27 65.08 52.42
N VAL J 68 4.11 65.71 51.59
CA VAL J 68 4.30 67.15 51.62
C VAL J 68 3.77 67.81 50.35
N LYS J 69 3.04 67.07 49.52
CA LYS J 69 2.56 67.61 48.26
C LYS J 69 1.58 68.75 48.50
N GLY J 70 1.75 69.84 47.76
CA GLY J 70 0.87 70.98 47.86
C GLY J 70 1.16 71.93 49.01
N ARG J 71 2.18 71.66 49.81
CA ARG J 71 2.50 72.50 50.96
C ARG J 71 3.82 73.25 50.82
N PHE J 72 4.85 72.59 50.30
CA PHE J 72 6.16 73.22 50.14
C PHE J 72 6.36 73.67 48.70
N THR J 73 7.31 74.58 48.50
CA THR J 73 7.64 75.11 47.19
C THR J 73 9.14 75.11 47.02
N ILE J 74 9.60 74.93 45.78
CA ILE J 74 11.03 74.94 45.45
C ILE J 74 11.25 75.93 44.31
N SER J 75 12.28 76.77 44.46
CA SER J 75 12.66 77.71 43.42
C SER J 75 14.16 77.97 43.53
N ARG J 76 14.73 78.50 42.46
CA ARG J 76 16.15 78.81 42.44
C ARG J 76 16.39 80.01 41.52
N ASP J 77 17.46 80.75 41.80
CA ASP J 77 17.79 81.95 41.06
C ASP J 77 19.24 81.91 40.62
N ASN J 78 19.47 81.98 39.31
CA ASN J 78 20.82 81.95 38.76
C ASN J 78 21.56 83.26 38.95
N ALA J 79 20.85 84.35 39.26
CA ALA J 79 21.50 85.62 39.50
C ALA J 79 22.38 85.56 40.75
N LYS J 80 21.89 84.90 41.80
CA LYS J 80 22.62 84.79 43.06
C LYS J 80 23.04 83.37 43.39
N ASN J 81 22.63 82.39 42.57
CA ASN J 81 23.03 80.99 42.72
C ASN J 81 22.59 80.43 44.08
N THR J 82 21.28 80.46 44.30
CA THR J 82 20.69 79.96 45.53
C THR J 82 19.45 79.14 45.21
N VAL J 83 19.11 78.23 46.11
CA VAL J 83 17.92 77.40 46.01
C VAL J 83 16.99 77.76 47.16
N TYR J 84 15.75 78.10 46.85
CA TYR J 84 14.77 78.51 47.84
C TYR J 84 13.80 77.38 48.12
N LEU J 85 13.59 77.08 49.41
CA LEU J 85 12.56 76.15 49.85
C LEU J 85 11.58 76.92 50.70
N GLN J 86 10.39 77.18 50.17
CA GLN J 86 9.33 77.89 50.88
C GLN J 86 8.40 76.85 51.50
N MET J 87 8.34 76.83 52.82
CA MET J 87 7.52 75.87 53.54
C MET J 87 6.27 76.55 54.07
N ASN J 88 5.11 75.97 53.76
CA ASN J 88 3.82 76.52 54.17
C ASN J 88 3.02 75.43 54.87
N SER J 89 2.10 75.87 55.73
CA SER J 89 1.21 74.98 56.48
C SER J 89 2.02 73.94 57.25
N LEU J 90 2.92 74.43 58.10
CA LEU J 90 3.84 73.55 58.81
C LEU J 90 3.12 72.78 59.92
N LYS J 91 3.70 71.65 60.27
CA LYS J 91 3.16 70.74 61.28
C LYS J 91 4.30 70.20 62.11
N PRO J 92 4.03 69.70 63.31
CA PRO J 92 5.08 68.99 64.07
C PRO J 92 5.62 67.78 63.35
N GLU J 93 4.88 67.22 62.39
CA GLU J 93 5.37 66.08 61.63
C GLU J 93 6.55 66.45 60.73
N ASP J 94 6.54 67.67 60.16
CA ASP J 94 7.61 68.09 59.27
C ASP J 94 8.80 68.70 60.01
N THR J 95 8.96 68.39 61.30
CA THR J 95 10.15 68.81 62.05
C THR J 95 11.29 67.85 61.73
N ALA J 96 12.29 68.34 61.02
CA ALA J 96 13.46 67.55 60.65
C ALA J 96 14.56 68.51 60.19
N VAL J 97 15.76 67.96 59.99
CA VAL J 97 16.89 68.73 59.50
C VAL J 97 16.92 68.64 57.98
N TYR J 98 17.01 69.79 57.33
CA TYR J 98 16.89 69.88 55.87
C TYR J 98 18.25 70.00 55.22
N TYR J 99 18.44 69.28 54.12
CA TYR J 99 19.65 69.31 53.33
C TYR J 99 19.31 69.59 51.88
N CYS J 100 20.20 70.30 51.19
CA CYS J 100 20.10 70.49 49.75
C CYS J 100 21.24 69.76 49.08
N TYR J 101 20.89 68.87 48.15
CA TYR J 101 21.81 67.94 47.54
C TYR J 101 21.98 68.25 46.06
N VAL J 102 23.18 68.00 45.55
CA VAL J 102 23.50 68.16 44.13
C VAL J 102 24.50 67.06 43.76
N TYR J 103 24.67 66.83 42.47
CA TYR J 103 25.72 65.96 41.94
C TYR J 103 26.42 66.71 40.83
N VAL J 104 27.61 67.22 41.11
CA VAL J 104 28.48 67.80 40.10
C VAL J 104 29.78 67.01 40.15
N GLY J 105 29.85 65.93 39.37
CA GLY J 105 31.01 65.06 39.37
C GLY J 105 31.00 64.07 40.52
N ASN J 106 30.52 64.52 41.68
CA ASN J 106 30.44 63.69 42.88
C ASN J 106 29.28 64.18 43.73
N GLU J 107 28.89 63.35 44.69
CA GLU J 107 27.79 63.71 45.57
C GLU J 107 28.19 64.85 46.51
N TYR J 108 27.36 65.88 46.60
CA TYR J 108 27.57 66.99 47.50
C TYR J 108 26.35 67.11 48.42
N TRP J 109 26.60 67.27 49.71
CA TRP J 109 25.55 67.48 50.70
C TRP J 109 25.77 68.79 51.42
N GLY J 110 24.66 69.44 51.80
CA GLY J 110 24.71 70.72 52.47
C GLY J 110 25.07 70.60 53.94
N GLN J 111 25.15 71.76 54.59
CA GLN J 111 25.47 71.77 56.02
C GLN J 111 24.30 71.29 56.86
N GLY J 112 23.07 71.59 56.46
CA GLY J 112 21.90 71.23 57.23
C GLY J 112 21.42 72.35 58.12
N THR J 113 20.12 72.64 58.04
CA THR J 113 19.48 73.65 58.88
C THR J 113 18.41 72.98 59.74
N GLN J 114 18.38 73.35 61.01
CA GLN J 114 17.43 72.76 61.95
C GLN J 114 16.08 73.45 61.84
N VAL J 115 15.03 72.67 61.65
CA VAL J 115 13.66 73.17 61.53
C VAL J 115 12.80 72.46 62.56
N THR J 116 12.12 73.23 63.41
CA THR J 116 11.23 72.70 64.43
C THR J 116 9.90 73.44 64.38
N VAL J 117 8.81 72.69 64.52
CA VAL J 117 7.46 73.24 64.46
C VAL J 117 6.71 72.83 65.73
N SER J 118 6.01 73.78 66.34
CA SER J 118 5.24 73.51 67.54
C SER J 118 3.88 72.90 67.20
N GLN K 5 58.30 -21.71 57.48
CA GLN K 5 59.70 -21.90 57.78
C GLN K 5 60.48 -20.61 57.49
N VAL K 6 59.76 -19.56 57.14
CA VAL K 6 60.36 -18.26 56.87
C VAL K 6 60.50 -17.49 58.18
N GLN K 7 61.73 -17.12 58.52
CA GLN K 7 62.00 -16.40 59.76
C GLN K 7 62.77 -15.13 59.46
N LEU K 8 62.32 -14.02 60.03
CA LEU K 8 63.01 -12.73 59.94
C LEU K 8 63.47 -12.32 61.33
N VAL K 9 64.72 -11.94 61.45
CA VAL K 9 65.30 -11.50 62.70
C VAL K 9 65.94 -10.13 62.49
N GLU K 10 65.59 -9.16 63.33
CA GLU K 10 66.18 -7.83 63.29
C GLU K 10 67.25 -7.71 64.35
N SER K 11 68.30 -6.96 64.04
CA SER K 11 69.41 -6.77 64.97
C SER K 11 69.98 -5.37 64.78
N GLY K 12 70.70 -4.91 65.79
CA GLY K 12 71.35 -3.61 65.74
C GLY K 12 70.63 -2.48 66.43
N GLY K 13 69.59 -2.75 67.19
CA GLY K 13 68.91 -1.70 67.93
C GLY K 13 69.70 -1.25 69.13
N GLY K 14 69.22 -0.19 69.76
CA GLY K 14 69.83 0.35 70.95
C GLY K 14 69.59 1.84 71.03
N LEU K 15 70.21 2.45 72.05
CA LEU K 15 70.06 3.87 72.32
C LEU K 15 71.24 4.63 71.71
N VAL K 16 70.93 5.72 71.02
CA VAL K 16 71.94 6.53 70.34
C VAL K 16 71.52 7.98 70.42
N GLN K 17 72.49 8.86 70.65
CA GLN K 17 72.20 10.29 70.69
C GLN K 17 71.78 10.79 69.31
N ALA K 18 71.08 11.92 69.29
CA ALA K 18 70.57 12.47 68.05
C ALA K 18 71.72 12.82 67.11
N GLY K 19 71.50 12.59 65.82
CA GLY K 19 72.50 12.83 64.81
C GLY K 19 73.51 11.72 64.61
N GLY K 20 73.38 10.60 65.31
CA GLY K 20 74.32 9.51 65.21
C GLY K 20 73.98 8.56 64.08
N SER K 21 74.71 7.45 64.04
CA SER K 21 74.53 6.41 63.05
C SER K 21 74.17 5.10 63.73
N LEU K 22 73.15 4.43 63.21
CA LEU K 22 72.69 3.16 63.74
C LEU K 22 72.49 2.17 62.61
N ARG K 23 72.91 0.93 62.82
CA ARG K 23 72.81 -0.13 61.82
C ARG K 23 71.74 -1.11 62.26
N LEU K 24 70.81 -1.41 61.34
CA LEU K 24 69.78 -2.42 61.58
C LEU K 24 69.89 -3.49 60.51
N SER K 25 70.06 -4.73 60.94
CA SER K 25 70.28 -5.85 60.03
C SER K 25 69.14 -6.84 60.17
N CYS K 26 68.57 -7.26 59.04
CA CYS K 26 67.50 -8.25 59.00
C CYS K 26 67.97 -9.44 58.16
N ALA K 27 68.35 -10.52 58.83
CA ALA K 27 68.85 -11.71 58.17
C ALA K 27 67.70 -12.65 57.85
N ALA K 28 67.67 -13.17 56.63
CA ALA K 28 66.58 -14.00 56.15
C ALA K 28 67.06 -15.44 56.03
N SER K 29 66.23 -16.37 56.49
CA SER K 29 66.56 -17.79 56.50
C SER K 29 65.66 -18.63 55.62
N GLY K 30 64.35 -18.52 55.78
CA GLY K 30 63.41 -19.39 55.09
C GLY K 30 63.10 -19.02 53.65
N PHE K 31 63.71 -17.97 53.12
CA PHE K 31 63.49 -17.55 51.75
C PHE K 31 64.74 -16.85 51.24
N PRO K 32 64.98 -16.86 49.94
CA PRO K 32 66.08 -16.06 49.38
C PRO K 32 65.66 -14.60 49.27
N VAL K 33 66.50 -13.71 49.81
CA VAL K 33 66.25 -12.28 49.70
C VAL K 33 66.50 -11.79 48.27
N GLY K 34 67.21 -12.56 47.46
CA GLY K 34 67.57 -12.11 46.13
C GLY K 34 66.37 -11.95 45.20
N ARG K 35 65.29 -12.67 45.46
CA ARG K 35 64.12 -12.65 44.60
C ARG K 35 62.88 -12.06 45.26
N HIS K 36 63.01 -11.48 46.46
CA HIS K 36 61.85 -11.02 47.19
C HIS K 36 62.05 -9.60 47.69
N PHE K 37 60.93 -8.88 47.81
CA PHE K 37 60.95 -7.54 48.37
C PHE K 37 61.13 -7.60 49.89
N MET K 38 61.63 -6.51 50.45
CA MET K 38 61.77 -6.37 51.89
C MET K 38 61.24 -5.02 52.32
N TYR K 39 60.60 -4.99 53.50
CA TYR K 39 59.98 -3.80 54.01
C TYR K 39 60.39 -3.58 55.46
N TRP K 40 60.47 -2.32 55.86
CA TRP K 40 60.84 -1.94 57.22
C TRP K 40 59.77 -1.00 57.76
N TYR K 41 59.26 -1.31 58.94
CA TYR K 41 58.18 -0.55 59.57
C TYR K 41 58.64 -0.05 60.93
N ARG K 42 57.96 0.99 61.41
CA ARG K 42 58.20 1.53 62.73
C ARG K 42 56.88 1.66 63.48
N GLN K 43 56.95 1.49 64.80
CA GLN K 43 55.75 1.55 65.64
C GLN K 43 56.10 2.35 66.91
N ALA K 44 55.89 3.66 66.84
CA ALA K 44 56.04 4.48 68.03
C ALA K 44 54.94 4.15 69.02
N PRO K 45 55.22 4.14 70.33
CA PRO K 45 54.17 3.86 71.31
C PRO K 45 53.03 4.87 71.18
N GLY K 46 51.81 4.34 71.22
CA GLY K 46 50.64 5.17 70.97
C GLY K 46 50.60 5.75 69.58
N LYS K 47 51.12 5.03 68.59
CA LYS K 47 51.12 5.50 67.21
C LYS K 47 50.93 4.31 66.28
N GLU K 48 50.14 4.52 65.23
CA GLU K 48 49.85 3.46 64.28
C GLU K 48 51.11 3.05 63.52
N ARG K 49 51.22 1.76 63.23
CA ARG K 49 52.36 1.24 62.50
C ARG K 49 52.51 1.95 61.15
N GLU K 50 53.74 2.30 60.81
CA GLU K 50 54.02 3.03 59.59
C GLU K 50 55.18 2.39 58.85
N TRP K 51 55.06 2.30 57.52
CA TRP K 51 56.15 1.84 56.69
C TRP K 51 57.25 2.89 56.63
N VAL K 52 58.49 2.42 56.56
CA VAL K 52 59.63 3.32 56.57
C VAL K 52 60.40 3.23 55.27
N ALA K 53 60.97 2.05 54.99
CA ALA K 53 61.83 1.85 53.84
C ALA K 53 61.48 0.54 53.14
N ALA K 54 61.75 0.49 51.84
CA ALA K 54 61.47 -0.70 51.06
C ALA K 54 62.54 -0.85 49.98
N ILE K 55 62.93 -2.08 49.71
CA ILE K 55 63.94 -2.40 48.71
C ILE K 55 63.36 -3.40 47.73
N TYR K 56 63.55 -3.14 46.44
CA TYR K 56 63.02 -4.00 45.39
C TYR K 56 63.91 -5.23 45.23
N SER K 57 63.45 -6.17 44.41
CA SER K 57 64.17 -7.40 44.14
C SER K 57 65.01 -7.34 42.87
N TYR K 58 65.07 -6.20 42.20
CA TYR K 58 65.78 -6.10 40.94
C TYR K 58 66.13 -4.65 40.68
N GLY K 59 67.36 -4.43 40.20
CA GLY K 59 67.84 -3.09 39.95
C GLY K 59 68.14 -2.27 41.17
N GLU K 60 68.06 -2.87 42.37
CA GLU K 60 68.35 -2.18 43.63
C GLU K 60 67.48 -0.94 43.79
N TYR K 61 66.23 -1.03 43.35
CA TYR K 61 65.29 0.08 43.47
C TYR K 61 64.87 0.22 44.92
N THR K 62 64.84 1.46 45.41
CA THR K 62 64.57 1.74 46.81
C THR K 62 63.44 2.76 46.92
N GLU K 63 62.65 2.63 47.98
CA GLU K 63 61.58 3.58 48.30
C GLU K 63 61.64 3.93 49.77
N TYR K 64 61.53 5.22 50.06
CA TYR K 64 61.59 5.72 51.43
C TYR K 64 60.43 6.66 51.69
N ALA K 65 59.84 6.55 52.87
CA ALA K 65 58.79 7.49 53.27
C ALA K 65 59.36 8.90 53.37
N ASP K 66 58.59 9.87 52.89
CA ASP K 66 59.07 11.25 52.82
C ASP K 66 59.41 11.80 54.20
N SER K 67 58.87 11.23 55.27
CA SER K 67 59.22 11.68 56.61
C SER K 67 60.69 11.43 56.92
N VAL K 68 61.23 10.30 56.45
CA VAL K 68 62.61 9.94 56.70
C VAL K 68 63.43 9.83 55.42
N LYS K 69 62.85 10.14 54.26
CA LYS K 69 63.61 10.11 53.02
C LYS K 69 64.70 11.18 53.05
N GLY K 70 65.88 10.82 52.55
CA GLY K 70 67.05 11.65 52.70
C GLY K 70 67.82 11.42 53.98
N ARG K 71 67.32 10.57 54.87
CA ARG K 71 67.99 10.23 56.12
C ARG K 71 68.31 8.75 56.26
N PHE K 72 67.51 7.86 55.68
CA PHE K 72 67.70 6.43 55.80
C PHE K 72 68.02 5.82 54.44
N THR K 73 68.93 4.84 54.46
CA THR K 73 69.35 4.13 53.26
C THR K 73 69.22 2.63 53.51
N ILE K 74 68.60 1.93 52.57
CA ILE K 74 68.33 0.50 52.70
C ILE K 74 69.13 -0.26 51.65
N SER K 75 69.67 -1.41 52.04
CA SER K 75 70.50 -2.20 51.16
C SER K 75 70.36 -3.67 51.52
N ARG K 76 70.75 -4.53 50.58
CA ARG K 76 70.77 -5.97 50.80
C ARG K 76 72.06 -6.55 50.22
N ASP K 77 72.52 -7.63 50.83
CA ASP K 77 73.70 -8.36 50.34
C ASP K 77 73.34 -9.82 50.18
N ASN K 78 73.62 -10.37 48.99
CA ASN K 78 73.29 -11.76 48.71
C ASN K 78 74.19 -12.74 49.44
N ALA K 79 75.39 -12.31 49.85
CA ALA K 79 76.31 -13.20 50.54
C ALA K 79 75.75 -13.65 51.89
N LYS K 80 75.16 -12.72 52.65
CA LYS K 80 74.62 -13.02 53.96
C LYS K 80 73.10 -13.09 53.98
N ASN K 81 72.44 -12.79 52.85
CA ASN K 81 70.98 -12.78 52.76
C ASN K 81 70.38 -11.85 53.83
N THR K 82 71.01 -10.69 54.02
CA THR K 82 70.59 -9.72 55.00
C THR K 82 70.13 -8.44 54.33
N VAL K 83 69.28 -7.70 55.01
CA VAL K 83 68.79 -6.41 54.55
C VAL K 83 69.14 -5.37 55.59
N TYR K 84 69.93 -4.38 55.19
CA TYR K 84 70.48 -3.40 56.11
C TYR K 84 69.72 -2.07 56.01
N LEU K 85 69.63 -1.37 57.13
CA LEU K 85 69.12 -0.01 57.18
C LEU K 85 70.19 0.89 57.77
N GLN K 86 70.61 1.90 57.00
CA GLN K 86 71.59 2.87 57.46
C GLN K 86 70.88 4.14 57.90
N MET K 87 71.23 4.62 59.09
CA MET K 87 70.54 5.74 59.72
C MET K 87 71.53 6.87 59.94
N ASN K 88 71.19 8.06 59.48
CA ASN K 88 72.05 9.24 59.60
C ASN K 88 71.21 10.43 60.08
N SER K 89 71.88 11.32 60.83
CA SER K 89 71.25 12.52 61.38
C SER K 89 69.98 12.17 62.17
N LEU K 90 70.13 11.24 63.11
CA LEU K 90 68.99 10.75 63.88
C LEU K 90 68.41 11.84 64.77
N LYS K 91 67.13 11.71 65.08
CA LYS K 91 66.41 12.63 65.94
C LYS K 91 65.45 11.85 66.80
N PRO K 92 65.07 12.38 67.96
CA PRO K 92 64.10 11.67 68.82
C PRO K 92 62.71 11.52 68.21
N GLU K 93 62.43 12.20 67.10
CA GLU K 93 61.12 12.08 66.48
C GLU K 93 60.86 10.71 65.87
N ASP K 94 61.90 9.88 65.74
CA ASP K 94 61.78 8.55 65.14
C ASP K 94 62.09 7.45 66.15
N THR K 95 61.59 7.59 67.38
CA THR K 95 61.76 6.57 68.40
C THR K 95 60.62 5.55 68.26
N ALA K 96 60.95 4.38 67.74
CA ALA K 96 59.95 3.36 67.47
C ALA K 96 60.63 2.00 67.39
N VAL K 97 59.84 0.95 67.53
CA VAL K 97 60.31 -0.41 67.35
C VAL K 97 60.22 -0.76 65.88
N TYR K 98 61.35 -1.15 65.29
CA TYR K 98 61.45 -1.36 63.85
C TYR K 98 61.29 -2.83 63.51
N TYR K 99 60.42 -3.10 62.53
CA TYR K 99 60.08 -4.45 62.13
C TYR K 99 60.58 -4.72 60.72
N CYS K 100 60.93 -5.97 60.46
CA CYS K 100 61.28 -6.44 59.12
C CYS K 100 60.09 -7.20 58.55
N TYR K 101 59.64 -6.80 57.37
CA TYR K 101 58.44 -7.37 56.76
C TYR K 101 58.76 -7.96 55.40
N VAL K 102 58.13 -9.09 55.10
CA VAL K 102 58.24 -9.74 53.80
C VAL K 102 56.97 -10.54 53.57
N TYR K 103 56.56 -10.64 52.31
CA TYR K 103 55.39 -11.42 51.92
C TYR K 103 55.85 -12.46 50.89
N VAL K 104 56.11 -13.68 51.35
CA VAL K 104 56.42 -14.80 50.47
C VAL K 104 55.32 -15.83 50.70
N GLY K 105 54.24 -15.73 49.92
CA GLY K 105 53.11 -16.62 50.05
C GLY K 105 52.20 -16.25 51.21
N ASN K 106 52.78 -15.71 52.28
CA ASN K 106 52.04 -15.33 53.46
C ASN K 106 52.73 -14.15 54.11
N GLU K 107 51.99 -13.44 54.96
CA GLU K 107 52.54 -12.30 55.68
C GLU K 107 53.48 -12.77 56.77
N TYR K 108 54.68 -12.18 56.81
CA TYR K 108 55.67 -12.52 57.83
C TYR K 108 56.23 -11.24 58.43
N TRP K 109 56.06 -11.09 59.74
CA TRP K 109 56.61 -9.95 60.46
C TRP K 109 57.86 -10.38 61.22
N GLY K 110 58.89 -9.56 61.17
CA GLY K 110 60.11 -9.84 61.88
C GLY K 110 59.97 -9.65 63.37
N GLN K 111 60.94 -10.18 64.11
CA GLN K 111 60.90 -10.09 65.57
C GLN K 111 60.96 -8.64 66.03
N GLY K 112 61.83 -7.85 65.42
CA GLY K 112 61.86 -6.42 65.69
C GLY K 112 63.00 -6.02 66.61
N THR K 113 63.35 -4.74 66.55
CA THR K 113 64.35 -4.14 67.43
C THR K 113 63.82 -2.80 67.94
N GLN K 114 64.32 -2.37 69.09
CA GLN K 114 63.91 -1.11 69.69
C GLN K 114 64.95 -0.03 69.41
N VAL K 115 64.51 1.08 68.82
CA VAL K 115 65.37 2.20 68.48
C VAL K 115 64.93 3.39 69.31
N THR K 116 65.77 3.82 70.24
CA THR K 116 65.48 4.92 71.14
C THR K 116 66.50 6.03 70.94
N VAL K 117 66.01 7.26 70.75
CA VAL K 117 66.85 8.43 70.57
C VAL K 117 66.45 9.45 71.63
N SER K 118 67.44 9.95 72.36
CA SER K 118 67.19 10.94 73.40
C SER K 118 67.62 12.34 72.94
N GLN L 5 39.93 -63.24 52.58
CA GLN L 5 40.71 -63.72 53.71
C GLN L 5 41.89 -62.78 53.98
N VAL L 6 41.66 -61.49 53.81
CA VAL L 6 42.67 -60.46 54.02
C VAL L 6 42.68 -60.07 55.49
N GLN L 7 43.87 -60.02 56.08
CA GLN L 7 44.04 -59.59 57.46
C GLN L 7 44.87 -58.32 57.51
N LEU L 8 44.35 -57.30 58.19
CA LEU L 8 45.08 -56.06 58.43
C LEU L 8 45.31 -55.94 59.93
N VAL L 9 46.58 -55.88 60.33
CA VAL L 9 46.97 -55.80 61.73
C VAL L 9 48.14 -54.85 61.85
N GLU L 10 48.08 -53.96 62.83
CA GLU L 10 49.11 -52.96 63.04
C GLU L 10 50.06 -53.39 64.16
N SER L 11 51.28 -52.86 64.11
CA SER L 11 52.25 -53.05 65.18
C SER L 11 53.24 -51.89 65.13
N GLY L 12 53.93 -51.68 66.24
CA GLY L 12 54.91 -50.62 66.35
C GLY L 12 54.45 -49.39 67.09
N GLY L 13 53.22 -49.37 67.59
CA GLY L 13 52.72 -48.24 68.35
C GLY L 13 53.18 -48.27 69.80
N GLY L 14 52.85 -47.21 70.51
CA GLY L 14 53.21 -47.13 71.91
C GLY L 14 53.13 -45.69 72.41
N LEU L 15 53.89 -45.43 73.47
CA LEU L 15 53.94 -44.11 74.11
C LEU L 15 55.35 -43.55 73.97
N VAL L 16 55.45 -42.37 73.40
CA VAL L 16 56.74 -41.76 73.08
C VAL L 16 56.67 -40.27 73.38
N GLN L 17 57.84 -39.65 73.60
CA GLN L 17 57.91 -38.22 73.84
C GLN L 17 57.63 -37.44 72.56
N ALA L 18 57.42 -36.14 72.73
CA ALA L 18 57.21 -35.25 71.59
C ALA L 18 58.53 -34.93 70.91
N GLY L 19 58.45 -34.62 69.61
CA GLY L 19 59.61 -34.23 68.85
C GLY L 19 60.52 -35.36 68.44
N GLY L 20 60.13 -36.61 68.68
CA GLY L 20 60.94 -37.77 68.38
C GLY L 20 60.55 -38.42 67.07
N SER L 21 60.71 -39.75 67.02
CA SER L 21 60.32 -40.52 65.85
C SER L 21 59.70 -41.84 66.31
N LEU L 22 58.71 -42.29 65.54
CA LEU L 22 58.04 -43.56 65.82
C LEU L 22 57.65 -44.20 64.49
N ARG L 23 57.64 -45.53 64.48
CA ARG L 23 57.38 -46.29 63.26
C ARG L 23 56.28 -47.31 63.51
N LEU L 24 55.39 -47.44 62.54
CA LEU L 24 54.26 -48.37 62.60
C LEU L 24 54.39 -49.40 61.49
N SER L 25 53.90 -50.60 61.75
CA SER L 25 53.89 -51.68 60.77
C SER L 25 52.46 -52.16 60.56
N CYS L 26 52.03 -52.24 59.30
CA CYS L 26 50.74 -52.79 58.92
C CYS L 26 50.98 -54.07 58.14
N ALA L 27 50.52 -55.19 58.67
CA ALA L 27 50.79 -56.49 58.08
C ALA L 27 49.63 -56.88 57.16
N ALA L 28 49.95 -57.12 55.89
CA ALA L 28 48.98 -57.52 54.89
C ALA L 28 49.26 -58.95 54.47
N SER L 29 48.20 -59.77 54.43
CA SER L 29 48.35 -61.18 54.15
C SER L 29 47.71 -61.59 52.83
N GLY L 30 46.42 -61.30 52.63
CA GLY L 30 45.67 -61.80 51.51
C GLY L 30 45.76 -61.02 50.22
N PHE L 31 46.48 -59.91 50.19
CA PHE L 31 46.58 -59.10 48.98
C PHE L 31 48.00 -58.56 48.86
N PRO L 32 48.51 -58.37 47.64
CA PRO L 32 49.81 -57.71 47.48
C PRO L 32 49.71 -56.25 47.87
N VAL L 33 50.67 -55.80 48.69
CA VAL L 33 50.58 -54.46 49.26
C VAL L 33 50.76 -53.39 48.19
N GLY L 34 51.65 -53.64 47.22
CA GLY L 34 51.97 -52.62 46.23
C GLY L 34 50.90 -52.40 45.19
N ARG L 35 49.86 -53.24 45.18
CA ARG L 35 48.85 -53.18 44.14
C ARG L 35 47.54 -52.54 44.62
N HIS L 36 47.47 -52.13 45.88
CA HIS L 36 46.26 -51.52 46.42
C HIS L 36 46.63 -50.30 47.25
N PHE L 37 45.81 -49.27 47.15
CA PHE L 37 46.02 -48.07 47.94
C PHE L 37 45.95 -48.41 49.43
N MET L 38 46.92 -47.93 50.19
CA MET L 38 46.96 -48.14 51.63
C MET L 38 46.77 -46.82 52.33
N TYR L 39 45.74 -46.73 53.16
CA TYR L 39 45.37 -45.50 53.84
C TYR L 39 45.60 -45.65 55.33
N TRP L 40 46.22 -44.64 55.93
CA TRP L 40 46.38 -44.57 57.38
C TRP L 40 45.34 -43.62 57.93
N TYR L 41 44.62 -44.06 58.94
CA TYR L 41 43.59 -43.26 59.60
C TYR L 41 43.86 -43.20 61.09
N ARG L 42 43.49 -42.08 61.70
CA ARG L 42 43.59 -41.91 63.13
C ARG L 42 42.25 -41.44 63.68
N GLN L 43 41.95 -41.84 64.91
CA GLN L 43 40.73 -41.42 65.58
C GLN L 43 41.09 -40.90 66.96
N ALA L 44 40.98 -39.58 67.14
CA ALA L 44 41.25 -39.08 68.47
C ALA L 44 40.10 -39.43 69.42
N PRO L 45 40.41 -39.68 70.69
CA PRO L 45 39.33 -39.94 71.66
C PRO L 45 38.37 -38.77 71.72
N GLY L 46 37.08 -39.09 71.74
CA GLY L 46 36.06 -38.06 71.67
C GLY L 46 36.08 -37.25 70.38
N LYS L 47 36.44 -37.89 69.27
CA LYS L 47 36.58 -37.18 68.01
C LYS L 47 36.37 -38.17 66.86
N GLU L 48 35.88 -37.65 65.74
CA GLU L 48 35.68 -38.47 64.55
C GLU L 48 37.03 -38.86 63.95
N ARG L 49 37.05 -40.05 63.34
CA ARG L 49 38.28 -40.57 62.75
C ARG L 49 38.81 -39.63 61.68
N GLU L 50 40.13 -39.45 61.66
CA GLU L 50 40.80 -38.51 60.77
C GLU L 50 41.81 -39.27 59.91
N TRP L 51 41.78 -39.00 58.61
CA TRP L 51 42.73 -39.62 57.69
C TRP L 51 44.14 -39.09 57.94
N VAL L 52 45.13 -39.96 57.74
CA VAL L 52 46.53 -39.62 57.98
C VAL L 52 47.32 -39.53 56.68
N ALA L 53 47.39 -40.62 55.93
CA ALA L 53 48.22 -40.66 54.74
C ALA L 53 47.74 -41.77 53.82
N ALA L 54 48.23 -41.75 52.58
CA ALA L 54 47.87 -42.75 51.59
C ALA L 54 49.03 -42.94 50.62
N ILE L 55 49.11 -44.13 50.03
CA ILE L 55 50.08 -44.44 48.99
C ILE L 55 49.31 -44.92 47.77
N TYR L 56 49.70 -44.42 46.60
CA TYR L 56 49.06 -44.82 45.36
C TYR L 56 49.42 -46.27 45.01
N SER L 57 48.66 -46.83 44.09
CA SER L 57 48.94 -48.16 43.57
C SER L 57 50.06 -48.16 42.54
N TYR L 58 50.50 -46.98 42.10
CA TYR L 58 51.55 -46.86 41.10
C TYR L 58 52.25 -45.53 41.29
N GLY L 59 53.50 -45.46 40.83
CA GLY L 59 54.24 -44.22 40.80
C GLY L 59 54.68 -43.69 42.15
N GLU L 60 54.42 -44.40 43.23
CA GLU L 60 54.82 -43.99 44.58
C GLU L 60 54.30 -42.59 44.89
N TYR L 61 53.05 -42.32 44.48
CA TYR L 61 52.39 -41.07 44.80
C TYR L 61 51.83 -41.14 46.21
N THR L 62 52.21 -40.19 47.06
CA THR L 62 51.84 -40.18 48.47
C THR L 62 51.00 -38.96 48.79
N GLU L 63 50.08 -39.12 49.74
CA GLU L 63 49.19 -38.06 50.18
C GLU L 63 49.29 -37.92 51.69
N TYR L 64 49.16 -36.68 52.18
CA TYR L 64 49.23 -36.41 53.60
C TYR L 64 48.19 -35.36 53.97
N ALA L 65 47.74 -35.42 55.22
CA ALA L 65 46.79 -34.43 55.71
C ALA L 65 47.47 -33.08 55.89
N ASP L 66 46.67 -32.02 55.86
CA ASP L 66 47.21 -30.67 55.97
C ASP L 66 47.86 -30.46 57.33
N SER L 67 47.21 -30.89 58.41
CA SER L 67 47.74 -30.69 59.75
C SER L 67 48.99 -31.53 60.01
N VAL L 68 49.20 -32.60 59.26
CA VAL L 68 50.34 -33.49 59.47
C VAL L 68 51.30 -33.44 58.28
N LYS L 69 51.11 -32.50 57.36
CA LYS L 69 51.96 -32.44 56.18
C LYS L 69 53.40 -32.12 56.57
N GLY L 70 54.35 -32.83 55.97
CA GLY L 70 55.76 -32.63 56.24
C GLY L 70 56.27 -33.26 57.51
N ARG L 71 55.45 -34.03 58.23
CA ARG L 71 55.87 -34.66 59.46
C ARG L 71 55.85 -36.18 59.40
N PHE L 72 54.83 -36.77 58.79
CA PHE L 72 54.71 -38.22 58.72
C PHE L 72 55.16 -38.73 57.35
N THR L 73 55.45 -40.02 57.29
CA THR L 73 55.90 -40.68 56.06
C THR L 73 55.16 -41.99 55.90
N ILE L 74 55.00 -42.42 54.65
CA ILE L 74 54.34 -43.67 54.32
C ILE L 74 55.20 -44.44 53.32
N SER L 75 55.40 -45.73 53.56
CA SER L 75 56.14 -46.60 52.67
C SER L 75 55.63 -48.02 52.81
N ARG L 76 55.92 -48.84 51.81
CA ARG L 76 55.47 -50.23 51.82
C ARG L 76 56.50 -51.10 51.11
N ASP L 77 56.49 -52.39 51.43
CA ASP L 77 57.44 -53.36 50.88
C ASP L 77 56.67 -54.58 50.40
N ASN L 78 56.75 -54.87 49.10
CA ASN L 78 56.01 -55.99 48.52
C ASN L 78 56.65 -57.33 48.87
N ALA L 79 57.96 -57.35 49.10
CA ALA L 79 58.63 -58.61 49.43
C ALA L 79 58.11 -59.19 50.75
N LYS L 80 57.89 -58.33 51.75
CA LYS L 80 57.38 -58.76 53.04
C LYS L 80 55.91 -58.42 53.25
N ASN L 81 55.31 -57.67 52.32
CA ASN L 81 53.87 -57.35 52.35
C ASN L 81 53.48 -56.63 53.63
N THR L 82 54.10 -55.48 53.85
CA THR L 82 53.80 -54.63 55.00
C THR L 82 53.75 -53.18 54.55
N VAL L 83 53.09 -52.35 55.35
CA VAL L 83 53.01 -50.91 55.13
C VAL L 83 53.65 -50.22 56.32
N TYR L 84 54.59 -49.33 56.06
CA TYR L 84 55.30 -48.61 57.11
C TYR L 84 54.71 -47.21 57.26
N LEU L 85 54.41 -46.84 58.50
CA LEU L 85 54.02 -45.49 58.85
C LEU L 85 55.07 -44.95 59.81
N GLN L 86 55.83 -43.96 59.37
CA GLN L 86 56.88 -43.34 60.18
C GLN L 86 56.36 -42.00 60.69
N MET L 87 56.27 -41.86 62.01
CA MET L 87 55.77 -40.64 62.63
C MET L 87 56.93 -39.86 63.20
N ASN L 88 57.03 -38.59 62.83
CA ASN L 88 58.14 -37.73 63.22
C ASN L 88 57.60 -36.41 63.73
N SER L 89 58.41 -35.74 64.56
CA SER L 89 58.04 -34.47 65.18
C SER L 89 56.69 -34.57 65.89
N LEU L 90 56.58 -35.59 66.73
CA LEU L 90 55.31 -35.92 67.34
C LEU L 90 54.90 -34.87 68.37
N LYS L 91 53.60 -34.78 68.60
CA LYS L 91 53.00 -33.80 69.50
C LYS L 91 51.90 -34.49 70.28
N PRO L 92 51.48 -33.92 71.41
CA PRO L 92 50.30 -34.47 72.11
C PRO L 92 49.04 -34.45 71.27
N GLU L 93 48.99 -33.61 70.24
CA GLU L 93 47.79 -33.56 69.38
C GLU L 93 47.64 -34.82 68.56
N ASP L 94 48.73 -35.43 68.13
CA ASP L 94 48.66 -36.64 67.30
C ASP L 94 48.41 -37.90 68.11
N THR L 95 47.97 -37.76 69.36
CA THR L 95 47.58 -38.91 70.17
C THR L 95 46.24 -39.44 69.65
N ALA L 96 46.27 -40.57 68.96
CA ALA L 96 45.07 -41.19 68.42
C ALA L 96 45.42 -42.64 68.08
N VAL L 97 44.39 -43.43 67.82
CA VAL L 97 44.53 -44.83 67.43
C VAL L 97 44.62 -44.89 65.91
N TYR L 98 45.63 -45.57 65.40
CA TYR L 98 45.93 -45.57 63.97
C TYR L 98 45.45 -46.86 63.32
N TYR L 99 44.78 -46.72 62.18
CA TYR L 99 44.27 -47.83 61.41
C TYR L 99 44.80 -47.74 59.98
N CYS L 100 45.18 -48.90 59.43
CA CYS L 100 45.54 -48.99 58.01
C CYS L 100 44.38 -49.63 57.27
N TYR L 101 43.84 -48.91 56.29
CA TYR L 101 42.63 -49.28 55.59
C TYR L 101 42.94 -49.68 54.16
N VAL L 102 42.18 -50.64 53.64
CA VAL L 102 42.27 -51.09 52.26
C VAL L 102 40.87 -51.42 51.78
N TYR L 103 40.73 -51.58 50.46
CA TYR L 103 39.48 -52.04 49.84
C TYR L 103 39.84 -53.10 48.79
N VAL L 104 39.79 -54.36 49.19
CA VAL L 104 39.97 -55.48 48.26
C VAL L 104 38.63 -56.23 48.24
N GLY L 105 37.76 -55.84 47.31
CA GLY L 105 36.45 -56.45 47.22
C GLY L 105 35.46 -55.88 48.20
N ASN L 106 35.92 -55.58 49.41
CA ASN L 106 35.08 -54.99 50.45
C ASN L 106 35.95 -54.08 51.30
N GLU L 107 35.35 -53.50 52.34
CA GLU L 107 36.08 -52.63 53.24
C GLU L 107 36.80 -53.45 54.30
N TYR L 108 38.10 -53.17 54.48
CA TYR L 108 38.92 -53.85 55.47
C TYR L 108 39.57 -52.82 56.38
N TRP L 109 39.52 -53.06 57.69
CA TRP L 109 40.15 -52.21 58.68
C TRP L 109 41.10 -53.02 59.54
N GLY L 110 42.17 -52.37 60.00
CA GLY L 110 43.16 -53.01 60.82
C GLY L 110 42.73 -53.13 62.28
N GLN L 111 43.61 -53.73 63.08
CA GLN L 111 43.32 -53.89 64.50
C GLN L 111 43.38 -52.56 65.23
N GLY L 112 44.30 -51.68 64.86
CA GLY L 112 44.47 -50.41 65.53
C GLY L 112 45.51 -50.45 66.63
N THR L 113 46.55 -49.63 66.51
CA THR L 113 47.60 -49.50 67.51
C THR L 113 47.43 -48.19 68.25
N GLN L 114 47.46 -48.26 69.58
CA GLN L 114 47.31 -47.08 70.41
C GLN L 114 48.59 -46.26 70.40
N VAL L 115 48.45 -44.96 70.14
CA VAL L 115 49.59 -44.04 70.10
C VAL L 115 49.29 -42.88 71.03
N THR L 116 50.19 -42.65 71.99
CA THR L 116 50.09 -41.54 72.93
C THR L 116 51.43 -40.82 72.99
N VAL L 117 51.37 -39.49 72.98
CA VAL L 117 52.57 -38.64 72.99
C VAL L 117 52.44 -37.64 74.12
N SER L 118 53.52 -37.47 74.88
CA SER L 118 53.54 -36.53 76.00
C SER L 118 53.78 -35.10 75.49
#